data_2M04
#
_entry.id   2M04
#
loop_
_entity.id
_entity.type
_entity.pdbx_description
1 polymer 'Bcl-2-like protein 1'
2 polymer 'Bcl-2-binding component 3'
#
loop_
_entity_poly.entity_id
_entity_poly.type
_entity_poly.pdbx_seq_one_letter_code
_entity_poly.pdbx_strand_id
1 'polypeptide(L)'
;MSAMSQSNRELVVDFLSYKLSQKGYSWSQFSDVEENRTEAPEGTESEAVKQALREAGDEFELRYRRAFSDLTSQLHITPG
TAYQSFEQVVNELFRDGVNWGRIVAFFSFGGALCVESVDKEMQVLVSRIAAWMATYLNDHLEPWIQENGGWDTFVELYGN
NAAAESRKGQERLEHHHHHH
;
A
2 'polypeptide(L)' EEQWAREIGAQLRRMADDLNAQYER B
#
# COMPACT_ATOMS: atom_id res chain seq x y z
N MET A 1 5.82 17.03 -0.67
CA MET A 1 5.49 18.38 -0.14
C MET A 1 4.39 19.05 -0.96
N SER A 2 4.38 18.86 -2.29
CA SER A 2 3.46 19.54 -3.21
C SER A 2 3.68 19.06 -4.65
N ALA A 3 3.01 17.99 -5.03
CA ALA A 3 3.13 17.42 -6.37
C ALA A 3 1.88 16.59 -6.77
N MET A 4 0.69 16.97 -6.29
CA MET A 4 -0.55 16.22 -6.57
C MET A 4 -0.55 14.83 -5.91
N SER A 5 -0.75 14.79 -4.59
CA SER A 5 -0.71 13.53 -3.83
C SER A 5 -1.80 13.44 -2.76
N GLN A 6 -2.92 14.14 -3.00
CA GLN A 6 -4.03 14.21 -2.04
C GLN A 6 -4.85 12.92 -2.01
N SER A 7 -5.36 12.51 -3.18
CA SER A 7 -6.10 11.25 -3.35
C SER A 7 -5.28 10.03 -2.96
N ASN A 8 -3.95 10.08 -3.15
CA ASN A 8 -3.06 8.99 -2.75
C ASN A 8 -2.98 8.84 -1.22
N ARG A 9 -2.83 9.97 -0.52
CA ARG A 9 -2.81 10.01 0.94
C ARG A 9 -4.15 9.65 1.56
N GLU A 10 -5.24 10.06 0.94
CA GLU A 10 -6.59 9.72 1.40
C GLU A 10 -6.94 8.24 1.16
N LEU A 11 -6.41 7.65 0.08
CA LEU A 11 -6.62 6.24 -0.28
C LEU A 11 -5.95 5.29 0.69
N VAL A 12 -4.65 5.49 0.93
CA VAL A 12 -3.89 4.66 1.87
C VAL A 12 -4.54 4.67 3.24
N VAL A 13 -5.02 5.84 3.68
CA VAL A 13 -5.72 5.99 4.95
C VAL A 13 -7.06 5.27 4.95
N ASP A 14 -7.81 5.27 3.84
CA ASP A 14 -9.09 4.56 3.73
C ASP A 14 -8.94 3.07 4.07
N PHE A 15 -7.97 2.43 3.43
CA PHE A 15 -7.71 1.02 3.66
C PHE A 15 -7.07 0.76 5.02
N LEU A 16 -6.04 1.54 5.37
CA LEU A 16 -5.35 1.38 6.65
C LEU A 16 -6.33 1.54 7.82
N SER A 17 -7.24 2.51 7.71
CA SER A 17 -8.32 2.75 8.67
C SER A 17 -9.31 1.61 8.69
N TYR A 18 -9.55 0.91 7.57
CA TYR A 18 -10.47 -0.23 7.54
C TYR A 18 -9.99 -1.40 8.40
N LYS A 19 -8.71 -1.75 8.27
CA LYS A 19 -8.09 -2.82 9.08
C LYS A 19 -7.99 -2.43 10.55
N LEU A 20 -7.53 -1.20 10.82
CA LEU A 20 -7.43 -0.67 12.18
C LEU A 20 -8.80 -0.43 12.83
N SER A 21 -9.86 -0.30 12.02
CA SER A 21 -11.22 -0.06 12.48
C SER A 21 -11.75 -1.21 13.32
N GLN A 22 -11.32 -2.45 13.00
CA GLN A 22 -11.66 -3.63 13.79
C GLN A 22 -11.20 -3.51 15.25
N LYS A 23 -10.11 -2.78 15.49
CA LYS A 23 -9.58 -2.48 16.83
C LYS A 23 -10.11 -1.16 17.40
N GLY A 24 -10.64 -0.28 16.55
CA GLY A 24 -11.19 1.02 16.95
C GLY A 24 -10.09 2.07 17.11
N TYR A 25 -9.34 2.36 16.04
CA TYR A 25 -8.27 3.35 16.06
C TYR A 25 -8.26 4.10 14.75
N SER A 26 -8.33 5.44 14.84
CA SER A 26 -8.27 6.31 13.68
C SER A 26 -7.71 7.67 14.06
N TRP A 27 -6.77 8.17 13.27
CA TRP A 27 -6.17 9.50 13.50
C TRP A 27 -7.10 10.64 13.09
N SER A 28 -8.02 10.38 12.16
CA SER A 28 -8.95 11.37 11.59
C SER A 28 -9.98 11.79 12.63
N GLN A 29 -10.54 10.80 13.34
CA GLN A 29 -11.53 11.01 14.40
C GLN A 29 -11.92 9.71 15.13
N PHE A 30 -11.01 8.75 15.22
CA PHE A 30 -11.31 7.42 15.79
C PHE A 30 -12.36 6.62 14.99
N SER A 31 -12.70 7.07 13.78
CA SER A 31 -13.74 6.51 12.92
C SER A 31 -13.84 7.29 11.62
N ASP A 32 -13.83 6.58 10.49
CA ASP A 32 -13.86 7.17 9.15
C ASP A 32 -13.98 6.08 8.07
N VAL A 33 -12.87 5.36 7.79
CA VAL A 33 -12.81 4.28 6.79
C VAL A 33 -13.41 4.67 5.45
N GLU A 34 -12.86 5.73 4.86
CA GLU A 34 -13.33 6.20 3.56
C GLU A 34 -12.37 7.20 2.94
N GLU A 35 -12.18 8.34 3.61
CA GLU A 35 -11.30 9.41 3.12
C GLU A 35 -11.37 10.63 4.02
N ASN A 36 -12.58 11.09 4.35
CA ASN A 36 -12.81 12.28 5.21
C ASN A 36 -12.18 13.56 4.62
N ARG A 37 -12.18 13.68 3.29
CA ARG A 37 -11.57 14.83 2.58
C ARG A 37 -11.84 14.81 1.09
N THR A 38 -11.52 13.70 0.42
CA THR A 38 -11.69 13.58 -1.04
C THR A 38 -13.14 13.80 -1.45
N GLU A 39 -14.05 13.03 -0.85
CA GLU A 39 -15.50 13.12 -1.10
C GLU A 39 -15.86 12.88 -2.58
N ALA A 40 -15.39 11.75 -3.12
CA ALA A 40 -15.65 11.43 -4.51
C ALA A 40 -17.11 11.00 -4.75
N PRO A 41 -17.56 10.99 -6.02
CA PRO A 41 -18.89 10.50 -6.39
C PRO A 41 -19.04 8.98 -6.34
N GLU A 42 -17.92 8.25 -6.32
CA GLU A 42 -17.92 6.79 -6.23
C GLU A 42 -18.54 6.13 -7.48
N GLY A 43 -18.00 6.43 -8.66
CA GLY A 43 -18.55 5.85 -9.89
C GLY A 43 -18.03 6.46 -11.18
N THR A 44 -16.70 6.59 -11.28
CA THR A 44 -16.02 7.25 -12.43
C THR A 44 -14.51 7.04 -12.41
N GLU A 45 -13.92 7.03 -11.22
CA GLU A 45 -12.48 6.85 -11.02
C GLU A 45 -12.17 6.44 -9.58
N SER A 46 -12.85 7.06 -8.60
CA SER A 46 -12.63 6.77 -7.18
C SER A 46 -13.19 5.40 -6.79
N GLU A 47 -14.37 5.04 -7.28
CA GLU A 47 -14.92 3.71 -7.07
C GLU A 47 -14.15 2.63 -7.82
N ALA A 48 -13.61 2.96 -9.01
CA ALA A 48 -12.87 2.00 -9.82
C ALA A 48 -11.48 1.72 -9.24
N VAL A 49 -10.77 2.78 -8.84
CA VAL A 49 -9.46 2.66 -8.19
C VAL A 49 -9.62 2.06 -6.79
N LYS A 50 -10.64 2.43 -6.02
CA LYS A 50 -10.83 1.91 -4.67
C LYS A 50 -11.14 0.41 -4.69
N GLN A 51 -12.01 0.00 -5.60
CA GLN A 51 -12.39 -1.42 -5.73
C GLN A 51 -11.23 -2.27 -6.24
N ALA A 52 -10.46 -1.72 -7.18
CA ALA A 52 -9.27 -2.39 -7.71
C ALA A 52 -8.13 -2.48 -6.70
N LEU A 53 -7.97 -1.45 -5.87
CA LEU A 53 -6.97 -1.42 -4.81
C LEU A 53 -7.23 -2.49 -3.75
N ARG A 54 -8.50 -2.77 -3.46
CA ARG A 54 -8.87 -3.81 -2.50
C ARG A 54 -8.64 -5.20 -3.07
N GLU A 55 -9.09 -5.45 -4.30
CA GLU A 55 -8.96 -6.76 -4.94
C GLU A 55 -7.51 -7.24 -5.02
N ALA A 56 -6.63 -6.34 -5.44
CA ALA A 56 -5.20 -6.58 -5.47
C ALA A 56 -4.52 -6.37 -4.12
N GLY A 57 -5.15 -5.63 -3.21
CA GLY A 57 -4.66 -5.38 -1.85
C GLY A 57 -4.44 -6.64 -1.02
N ASP A 58 -4.98 -7.77 -1.47
CA ASP A 58 -4.78 -9.13 -0.92
C ASP A 58 -4.01 -10.06 -1.86
N GLU A 59 -3.82 -9.66 -3.12
CA GLU A 59 -3.03 -10.38 -4.12
C GLU A 59 -1.53 -10.08 -4.03
N PHE A 60 -1.11 -9.24 -3.07
CA PHE A 60 0.30 -8.90 -2.83
C PHE A 60 1.20 -10.13 -2.83
N GLU A 61 0.77 -11.18 -2.13
CA GLU A 61 1.52 -12.43 -2.04
C GLU A 61 0.84 -13.58 -2.79
N LEU A 62 -0.47 -13.44 -3.04
CA LEU A 62 -1.29 -14.38 -3.78
C LEU A 62 -1.35 -15.72 -3.05
N ARG A 63 -2.37 -15.93 -2.20
CA ARG A 63 -2.50 -17.17 -1.40
C ARG A 63 -1.26 -17.46 -0.55
N TYR A 64 -0.53 -16.41 -0.15
CA TYR A 64 0.73 -16.53 0.61
C TYR A 64 1.81 -17.37 -0.12
N ARG A 65 2.04 -17.10 -1.41
CA ARG A 65 2.95 -17.88 -2.26
C ARG A 65 4.23 -17.09 -2.55
N ARG A 66 4.96 -16.75 -1.49
CA ARG A 66 6.23 -16.01 -1.62
C ARG A 66 7.18 -16.22 -0.45
N ALA A 67 6.75 -15.90 0.76
CA ALA A 67 7.53 -16.05 1.98
C ALA A 67 6.69 -16.70 3.08
N PHE A 68 7.28 -16.80 4.26
CA PHE A 68 6.62 -17.34 5.45
C PHE A 68 6.14 -16.20 6.35
N SER A 69 5.57 -16.58 7.51
CA SER A 69 5.10 -15.66 8.53
C SER A 69 6.18 -14.66 8.92
N ASP A 70 5.86 -13.37 8.81
CA ASP A 70 6.80 -12.29 9.08
C ASP A 70 6.12 -10.91 9.19
N LEU A 71 4.83 -10.90 9.53
CA LEU A 71 3.98 -9.70 9.54
C LEU A 71 3.24 -9.51 10.87
N THR A 72 3.80 -10.06 11.94
CA THR A 72 3.17 -10.15 13.27
C THR A 72 4.09 -10.76 14.32
N SER A 73 4.88 -11.76 13.94
CA SER A 73 5.84 -12.38 14.85
C SER A 73 6.94 -11.40 15.16
N GLN A 74 7.46 -11.44 16.39
CA GLN A 74 8.52 -10.56 16.88
C GLN A 74 8.15 -9.07 16.80
N LEU A 75 8.27 -8.49 15.60
CA LEU A 75 8.01 -7.09 15.30
C LEU A 75 8.87 -6.15 16.17
N HIS A 76 9.97 -5.66 15.61
CA HIS A 76 10.85 -4.74 16.32
C HIS A 76 10.64 -3.34 15.80
N ILE A 77 10.66 -2.37 16.71
CA ILE A 77 10.53 -0.95 16.40
C ILE A 77 10.78 -0.18 17.68
N THR A 78 11.31 1.05 17.56
CA THR A 78 11.49 1.99 18.67
C THR A 78 12.03 3.34 18.18
N PRO A 79 11.94 4.41 19.01
CA PRO A 79 12.46 5.76 18.73
C PRO A 79 13.99 5.83 18.77
N GLY A 80 14.65 5.29 17.74
CA GLY A 80 16.11 5.26 17.65
C GLY A 80 16.66 4.20 16.71
N THR A 81 15.87 3.15 16.45
CA THR A 81 16.23 2.05 15.54
C THR A 81 15.25 1.91 14.39
N ALA A 82 14.03 2.45 14.54
CA ALA A 82 13.04 2.43 13.47
C ALA A 82 13.53 3.08 12.17
N TYR A 83 14.39 4.11 12.28
CA TYR A 83 15.05 4.76 11.14
C TYR A 83 15.75 3.77 10.20
N GLN A 84 16.37 2.73 10.76
CA GLN A 84 17.01 1.66 10.00
C GLN A 84 16.00 0.84 9.21
N SER A 85 14.83 0.54 9.81
CA SER A 85 13.73 -0.17 9.17
C SER A 85 13.19 0.59 7.97
N PHE A 86 12.85 1.87 8.15
CA PHE A 86 12.34 2.71 7.06
C PHE A 86 13.29 2.82 5.86
N GLU A 87 14.56 3.10 6.11
CA GLU A 87 15.60 3.13 5.07
C GLU A 87 15.70 1.79 4.33
N GLN A 88 15.60 0.67 5.06
CA GLN A 88 15.55 -0.65 4.47
C GLN A 88 14.29 -0.89 3.66
N VAL A 89 13.13 -0.41 4.11
CA VAL A 89 11.84 -0.60 3.44
C VAL A 89 11.93 -0.07 2.02
N VAL A 90 12.26 1.21 1.85
CA VAL A 90 12.35 1.85 0.53
C VAL A 90 13.44 1.23 -0.33
N ASN A 91 14.61 1.00 0.26
CA ASN A 91 15.73 0.39 -0.45
C ASN A 91 15.36 -0.98 -1.04
N GLU A 92 14.70 -1.81 -0.24
CA GLU A 92 14.23 -3.12 -0.66
C GLU A 92 13.03 -3.01 -1.62
N LEU A 93 12.12 -2.05 -1.41
CA LEU A 93 11.00 -1.76 -2.30
C LEU A 93 11.47 -1.37 -3.71
N PHE A 94 12.71 -0.92 -3.86
CA PHE A 94 13.32 -0.63 -5.15
C PHE A 94 13.99 -1.85 -5.79
N ARG A 95 13.73 -3.06 -5.28
CA ARG A 95 14.34 -4.29 -5.79
C ARG A 95 14.16 -4.46 -7.29
N ASP A 96 12.93 -4.78 -7.68
CA ASP A 96 12.54 -4.99 -9.08
C ASP A 96 12.04 -3.69 -9.72
N GLY A 97 11.68 -2.72 -8.87
CA GLY A 97 11.22 -1.41 -9.28
C GLY A 97 9.94 -1.08 -8.54
N VAL A 98 9.91 0.07 -7.88
CA VAL A 98 8.72 0.59 -7.22
C VAL A 98 7.51 0.63 -8.18
N ASN A 99 6.57 -0.29 -8.00
CA ASN A 99 5.38 -0.39 -8.85
C ASN A 99 4.11 -0.50 -7.98
N TRP A 100 2.99 -0.85 -8.61
CA TRP A 100 1.72 -1.12 -7.90
C TRP A 100 1.82 -2.21 -6.81
N GLY A 101 2.82 -3.10 -6.93
CA GLY A 101 3.10 -4.14 -5.95
C GLY A 101 3.46 -3.57 -4.58
N ARG A 102 4.11 -2.40 -4.55
CA ARG A 102 4.48 -1.71 -3.31
C ARG A 102 3.26 -1.26 -2.50
N ILE A 103 2.16 -0.96 -3.19
CA ILE A 103 0.91 -0.54 -2.56
C ILE A 103 0.20 -1.72 -1.92
N VAL A 104 0.10 -2.85 -2.62
CA VAL A 104 -0.54 -4.06 -2.10
C VAL A 104 0.24 -4.66 -0.93
N ALA A 105 1.56 -4.52 -0.97
CA ALA A 105 2.41 -5.05 0.06
C ALA A 105 2.30 -4.22 1.35
N PHE A 106 2.39 -2.89 1.21
CA PHE A 106 2.21 -1.99 2.33
C PHE A 106 0.77 -1.99 2.87
N PHE A 107 -0.22 -2.39 2.07
CA PHE A 107 -1.62 -2.46 2.48
C PHE A 107 -1.80 -3.46 3.62
N SER A 108 -1.61 -4.73 3.32
CA SER A 108 -1.75 -5.82 4.29
C SER A 108 -0.69 -5.75 5.38
N PHE A 109 0.58 -5.61 4.99
CA PHE A 109 1.71 -5.54 5.92
C PHE A 109 1.58 -4.34 6.83
N GLY A 110 1.37 -3.16 6.25
CA GLY A 110 1.22 -1.91 6.99
C GLY A 110 0.10 -1.99 8.01
N GLY A 111 -1.03 -2.63 7.67
CA GLY A 111 -2.11 -2.87 8.62
C GLY A 111 -1.79 -3.95 9.65
N ALA A 112 -1.09 -5.02 9.27
CA ALA A 112 -0.69 -6.12 10.16
C ALA A 112 0.43 -5.74 11.15
N LEU A 113 1.30 -4.81 10.76
CA LEU A 113 2.33 -4.25 11.61
C LEU A 113 1.77 -3.07 12.41
N CYS A 114 0.82 -2.31 11.87
CA CYS A 114 0.25 -1.14 12.52
C CYS A 114 -0.55 -1.54 13.75
N VAL A 115 -1.36 -2.60 13.66
CA VAL A 115 -2.16 -3.12 14.79
C VAL A 115 -1.31 -3.52 16.00
N GLU A 116 -0.09 -4.00 15.76
CA GLU A 116 0.89 -4.38 16.79
C GLU A 116 1.81 -3.20 17.16
N SER A 117 2.08 -2.31 16.21
CA SER A 117 2.92 -1.13 16.43
C SER A 117 2.21 -0.10 17.28
N VAL A 118 0.98 0.30 16.92
CA VAL A 118 0.16 1.22 17.73
C VAL A 118 -0.07 0.71 19.15
N ASP A 119 -0.27 -0.59 19.32
CA ASP A 119 -0.47 -1.19 20.64
C ASP A 119 0.83 -1.28 21.46
N LYS A 120 1.98 -1.06 20.80
CA LYS A 120 3.32 -1.06 21.38
C LYS A 120 4.03 0.30 21.31
N GLU A 121 3.34 1.32 20.84
CA GLU A 121 3.85 2.68 20.63
C GLU A 121 2.73 3.72 20.74
N MET A 122 1.62 3.39 21.42
CA MET A 122 0.46 4.27 21.53
C MET A 122 -0.15 4.64 20.15
N GLN A 123 -1.09 5.58 20.17
CA GLN A 123 -1.66 6.16 18.94
C GLN A 123 -0.77 7.19 18.24
N VAL A 124 0.48 7.35 18.68
CA VAL A 124 1.45 8.28 18.07
C VAL A 124 2.18 7.65 16.87
N LEU A 125 2.26 6.32 16.83
CA LEU A 125 3.04 5.61 15.82
C LEU A 125 2.33 5.61 14.47
N VAL A 126 1.13 5.04 14.45
CA VAL A 126 0.24 5.02 13.27
C VAL A 126 -0.01 6.42 12.71
N SER A 127 -0.14 7.41 13.60
CA SER A 127 -0.33 8.81 13.22
C SER A 127 0.80 9.32 12.32
N ARG A 128 2.02 8.82 12.56
CA ARG A 128 3.19 9.08 11.71
C ARG A 128 3.19 8.25 10.44
N ILE A 129 2.84 6.97 10.50
CA ILE A 129 2.78 6.08 9.33
C ILE A 129 1.95 6.68 8.22
N ALA A 130 0.83 7.35 8.55
CA ALA A 130 -0.03 8.00 7.55
C ALA A 130 0.69 9.15 6.81
N ALA A 131 1.39 10.00 7.55
CA ALA A 131 2.14 11.11 6.96
C ALA A 131 3.39 10.64 6.21
N TRP A 132 4.20 9.78 6.84
CA TRP A 132 5.38 9.19 6.22
C TRP A 132 5.08 8.41 4.96
N MET A 133 3.95 7.70 4.93
CA MET A 133 3.46 6.99 3.76
C MET A 133 3.32 7.92 2.56
N ALA A 134 2.80 9.13 2.77
CA ALA A 134 2.69 10.10 1.70
C ALA A 134 4.04 10.71 1.36
N THR A 135 4.83 11.10 2.36
CA THR A 135 6.16 11.71 2.13
C THR A 135 7.07 10.77 1.34
N TYR A 136 7.05 9.47 1.63
CA TYR A 136 7.87 8.45 0.98
C TYR A 136 7.37 8.12 -0.43
N LEU A 137 6.06 7.81 -0.54
CA LEU A 137 5.45 7.54 -1.84
C LEU A 137 5.58 8.75 -2.78
N ASN A 138 5.44 9.96 -2.26
CA ASN A 138 5.62 11.18 -3.06
C ASN A 138 7.11 11.47 -3.34
N ASP A 139 8.02 11.12 -2.42
CA ASP A 139 9.46 11.38 -2.54
C ASP A 139 10.02 10.76 -3.82
N HIS A 140 9.68 9.49 -4.09
CA HIS A 140 10.17 8.76 -5.26
C HIS A 140 9.39 7.48 -5.58
N LEU A 141 8.09 7.63 -5.83
CA LEU A 141 7.20 6.49 -6.07
C LEU A 141 5.94 6.89 -6.84
N GLU A 142 5.35 8.04 -6.56
CA GLU A 142 4.23 8.61 -7.33
C GLU A 142 4.53 8.60 -8.84
N PRO A 143 5.63 9.25 -9.28
CA PRO A 143 5.93 9.32 -10.69
C PRO A 143 6.42 7.98 -11.21
N TRP A 144 7.08 7.17 -10.38
CA TRP A 144 7.62 5.87 -10.77
C TRP A 144 6.53 4.84 -11.06
N ILE A 145 5.65 4.63 -10.08
CA ILE A 145 4.54 3.70 -10.19
C ILE A 145 3.62 4.12 -11.34
N GLN A 146 3.34 5.43 -11.45
CA GLN A 146 2.53 5.96 -12.54
C GLN A 146 3.23 5.87 -13.90
N GLU A 147 4.57 6.01 -13.95
CA GLU A 147 5.36 5.90 -15.19
C GLU A 147 5.22 4.50 -15.81
N ASN A 148 5.18 3.47 -14.97
CA ASN A 148 4.95 2.10 -15.45
C ASN A 148 3.46 1.74 -15.59
N GLY A 149 2.58 2.49 -14.95
CA GLY A 149 1.13 2.33 -15.02
C GLY A 149 0.47 2.41 -13.65
N GLY A 150 0.95 1.60 -12.70
CA GLY A 150 0.48 1.64 -11.33
C GLY A 150 -1.01 1.35 -11.20
N TRP A 151 -1.81 2.41 -11.08
CA TRP A 151 -3.27 2.33 -11.14
C TRP A 151 -3.81 1.63 -12.38
N ASP A 152 -3.09 1.72 -13.51
CA ASP A 152 -3.46 1.01 -14.75
C ASP A 152 -3.46 -0.51 -14.57
N THR A 153 -2.48 -1.03 -13.85
CA THR A 153 -2.45 -2.48 -13.56
C THR A 153 -3.47 -2.87 -12.50
N PHE A 154 -3.77 -1.99 -11.56
CA PHE A 154 -4.78 -2.24 -10.52
C PHE A 154 -6.17 -2.43 -11.13
N VAL A 155 -6.66 -1.44 -11.87
CA VAL A 155 -7.97 -1.50 -12.54
C VAL A 155 -8.07 -2.68 -13.50
N GLU A 156 -6.98 -3.00 -14.18
CA GLU A 156 -6.90 -4.16 -15.06
C GLU A 156 -6.93 -5.50 -14.31
N LEU A 157 -6.58 -5.50 -13.02
CA LEU A 157 -6.59 -6.66 -12.14
C LEU A 157 -8.00 -7.03 -11.68
N TYR A 158 -8.74 -6.04 -11.17
CA TYR A 158 -10.12 -6.22 -10.74
C TYR A 158 -11.11 -6.24 -11.91
N GLY A 159 -10.74 -5.58 -13.00
CA GLY A 159 -11.56 -5.49 -14.20
C GLY A 159 -11.27 -6.62 -15.19
N ASN A 160 -10.11 -7.27 -15.08
CA ASN A 160 -9.62 -8.31 -15.99
C ASN A 160 -9.62 -7.86 -17.47
N ASN A 161 -9.54 -6.55 -17.70
CA ASN A 161 -9.62 -5.94 -19.03
C ASN A 161 -8.22 -5.70 -19.64
N ALA A 162 -7.20 -6.38 -19.10
CA ALA A 162 -5.82 -6.26 -19.58
C ALA A 162 -5.64 -6.80 -21.01
N ALA A 163 -6.43 -7.82 -21.37
CA ALA A 163 -6.41 -8.43 -22.70
C ALA A 163 -7.62 -8.00 -23.56
N ALA A 164 -8.19 -6.82 -23.30
CA ALA A 164 -9.34 -6.32 -24.05
C ALA A 164 -8.92 -5.27 -25.10
N GLU A 165 -8.29 -4.20 -24.64
CA GLU A 165 -7.88 -3.06 -25.48
C GLU A 165 -6.82 -2.18 -24.83
N SER A 166 -6.12 -2.71 -23.82
CA SER A 166 -5.04 -2.00 -23.10
C SER A 166 -3.65 -2.40 -23.60
N ARG A 167 -3.53 -3.67 -24.05
CA ARG A 167 -2.25 -4.22 -24.52
C ARG A 167 -1.81 -3.58 -25.83
N LYS A 168 -2.71 -3.54 -26.81
CA LYS A 168 -2.47 -2.95 -28.13
C LYS A 168 -2.97 -1.50 -28.23
N GLY A 169 -3.20 -0.85 -27.09
CA GLY A 169 -3.77 0.48 -27.00
C GLY A 169 -2.75 1.54 -26.57
N GLN A 170 -2.02 1.28 -25.48
CA GLN A 170 -0.99 2.19 -24.93
C GLN A 170 0.41 1.55 -25.01
N GLU A 171 0.76 1.01 -26.18
CA GLU A 171 2.06 0.33 -26.36
C GLU A 171 2.67 0.59 -27.76
N ARG A 172 2.33 1.76 -28.33
CA ARG A 172 2.73 2.15 -29.70
C ARG A 172 2.40 3.59 -30.06
N LEU A 173 1.24 4.06 -29.60
CA LEU A 173 0.75 5.41 -29.84
C LEU A 173 0.91 6.30 -28.59
N GLU A 174 0.73 5.71 -27.40
CA GLU A 174 0.87 6.38 -26.10
C GLU A 174 2.06 5.82 -25.30
N GLU B 1 20.49 -0.27 16.75
CA GLU B 1 20.03 -0.46 15.37
C GLU B 1 18.85 -1.44 15.26
N GLU B 2 18.31 -1.58 14.05
CA GLU B 2 17.17 -2.47 13.79
C GLU B 2 17.65 -3.75 13.07
N GLN B 3 17.90 -4.80 13.84
CA GLN B 3 18.28 -6.10 13.28
C GLN B 3 17.10 -6.79 12.58
N TRP B 4 15.87 -6.58 13.06
CA TRP B 4 14.65 -7.15 12.49
C TRP B 4 14.20 -6.41 11.22
N ALA B 5 14.81 -5.25 10.93
CA ALA B 5 14.55 -4.50 9.70
C ALA B 5 14.79 -5.30 8.42
N ARG B 6 15.63 -6.34 8.51
CA ARG B 6 15.86 -7.31 7.44
C ARG B 6 14.57 -7.81 6.83
N GLU B 7 13.55 -8.06 7.63
CA GLU B 7 12.25 -8.54 7.15
C GLU B 7 11.30 -7.39 6.85
N ILE B 8 11.41 -6.28 7.59
CA ILE B 8 10.63 -5.04 7.35
C ILE B 8 10.83 -4.50 5.94
N GLY B 9 11.99 -4.74 5.34
CA GLY B 9 12.24 -4.36 3.95
C GLY B 9 12.21 -5.54 3.00
N ALA B 10 12.90 -6.65 3.31
CA ALA B 10 12.98 -7.80 2.42
C ALA B 10 11.63 -8.48 2.22
N GLN B 11 10.96 -8.85 3.32
CA GLN B 11 9.64 -9.44 3.31
C GLN B 11 8.58 -8.51 2.71
N LEU B 12 8.78 -7.20 2.84
CA LEU B 12 7.89 -6.20 2.24
C LEU B 12 8.04 -6.19 0.73
N ARG B 13 9.28 -6.09 0.24
CA ARG B 13 9.53 -6.12 -1.20
C ARG B 13 9.18 -7.46 -1.81
N ARG B 14 9.20 -8.53 -1.03
CA ARG B 14 9.01 -9.92 -1.49
C ARG B 14 7.68 -10.07 -2.20
N MET B 15 6.59 -9.86 -1.49
CA MET B 15 5.24 -9.88 -2.04
C MET B 15 5.02 -8.79 -3.07
N ALA B 16 5.49 -7.56 -2.76
CA ALA B 16 5.42 -6.46 -3.71
C ALA B 16 6.09 -6.77 -5.05
N ASP B 17 7.15 -7.59 -5.07
CA ASP B 17 7.82 -8.07 -6.29
C ASP B 17 6.89 -8.72 -7.30
N ASP B 18 5.72 -9.19 -6.86
CA ASP B 18 4.66 -9.67 -7.72
C ASP B 18 4.23 -8.66 -8.80
N LEU B 19 4.47 -7.38 -8.58
CA LEU B 19 4.28 -6.38 -9.62
C LEU B 19 4.94 -6.69 -10.97
N ASN B 20 6.09 -7.37 -10.95
CA ASN B 20 6.80 -7.78 -12.16
C ASN B 20 5.93 -8.67 -13.05
N ALA B 21 5.07 -9.49 -12.45
CA ALA B 21 4.10 -10.32 -13.15
C ALA B 21 3.10 -9.50 -13.99
N GLN B 22 2.92 -8.21 -13.65
CA GLN B 22 2.07 -7.27 -14.38
C GLN B 22 0.61 -7.74 -14.37
N TYR B 23 -0.03 -7.77 -13.20
CA TYR B 23 -1.40 -8.30 -13.00
C TYR B 23 -1.44 -9.85 -13.07
N GLU B 24 -0.83 -10.44 -14.09
CA GLU B 24 -0.81 -11.88 -14.36
C GLU B 24 0.26 -12.59 -13.53
N ARG B 25 -0.13 -12.98 -12.31
CA ARG B 25 0.76 -13.70 -11.39
C ARG B 25 1.05 -15.16 -11.80
N MET A 1 4.07 21.58 5.61
CA MET A 1 2.72 22.12 5.89
C MET A 1 1.62 21.33 5.20
N SER A 2 1.84 20.90 3.96
CA SER A 2 0.86 20.13 3.17
C SER A 2 1.56 19.30 2.10
N ALA A 3 2.55 19.92 1.41
CA ALA A 3 3.25 19.28 0.30
C ALA A 3 2.30 18.70 -0.75
N MET A 4 2.85 17.98 -1.73
CA MET A 4 2.06 17.24 -2.72
C MET A 4 1.32 16.05 -2.09
N SER A 5 0.71 15.20 -2.93
CA SER A 5 0.03 13.98 -2.50
C SER A 5 -1.21 14.27 -1.64
N GLN A 6 -2.13 15.08 -2.18
CA GLN A 6 -3.31 15.51 -1.43
C GLN A 6 -4.34 14.38 -1.28
N SER A 7 -4.81 13.84 -2.42
CA SER A 7 -5.75 12.71 -2.44
C SER A 7 -5.09 11.39 -2.06
N ASN A 8 -3.77 11.28 -2.28
CA ASN A 8 -2.99 10.10 -1.90
C ASN A 8 -3.00 9.86 -0.38
N ARG A 9 -2.96 10.95 0.40
CA ARG A 9 -3.05 10.90 1.85
C ARG A 9 -4.42 10.44 2.33
N GLU A 10 -5.48 10.77 1.62
CA GLU A 10 -6.83 10.29 1.93
C GLU A 10 -7.01 8.79 1.59
N LEU A 11 -6.28 8.30 0.59
CA LEU A 11 -6.33 6.90 0.17
C LEU A 11 -5.64 5.98 1.17
N VAL A 12 -4.39 6.27 1.50
CA VAL A 12 -3.63 5.46 2.47
C VAL A 12 -4.39 5.33 3.78
N VAL A 13 -5.05 6.40 4.22
CA VAL A 13 -5.83 6.43 5.45
C VAL A 13 -7.10 5.60 5.34
N ASP A 14 -7.82 5.67 4.22
CA ASP A 14 -9.02 4.86 3.94
C ASP A 14 -8.72 3.35 4.11
N PHE A 15 -7.60 2.91 3.55
CA PHE A 15 -7.19 1.52 3.67
C PHE A 15 -6.74 1.15 5.08
N LEU A 16 -5.88 1.99 5.70
CA LEU A 16 -5.39 1.76 7.05
C LEU A 16 -6.52 1.67 8.08
N SER A 17 -7.50 2.58 7.94
CA SER A 17 -8.70 2.57 8.75
C SER A 17 -9.49 1.27 8.58
N TYR A 18 -9.50 0.68 7.39
CA TYR A 18 -10.21 -0.58 7.14
C TYR A 18 -9.55 -1.76 7.87
N LYS A 19 -8.21 -1.76 7.91
CA LYS A 19 -7.43 -2.80 8.60
C LYS A 19 -7.59 -2.71 10.12
N LEU A 20 -7.51 -1.48 10.67
CA LEU A 20 -7.70 -1.21 12.09
C LEU A 20 -9.17 -1.27 12.54
N SER A 21 -10.12 -1.05 11.61
CA SER A 21 -11.55 -1.18 11.84
C SER A 21 -11.96 -2.58 12.31
N GLN A 22 -11.18 -3.60 11.91
CA GLN A 22 -11.39 -4.98 12.37
C GLN A 22 -11.36 -5.11 13.91
N LYS A 23 -10.60 -4.23 14.58
CA LYS A 23 -10.50 -4.16 16.04
C LYS A 23 -11.45 -3.14 16.65
N GLY A 24 -11.73 -2.04 15.93
CA GLY A 24 -12.67 -1.00 16.37
C GLY A 24 -11.98 0.32 16.66
N TYR A 25 -11.10 0.78 15.75
CA TYR A 25 -10.36 2.02 15.90
C TYR A 25 -9.93 2.55 14.53
N SER A 26 -10.08 3.85 14.31
CA SER A 26 -9.65 4.52 13.08
C SER A 26 -9.30 5.98 13.36
N TRP A 27 -8.45 6.55 12.51
CA TRP A 27 -8.08 7.97 12.55
C TRP A 27 -8.93 8.86 11.63
N SER A 28 -9.46 8.30 10.56
CA SER A 28 -10.35 9.01 9.62
C SER A 28 -11.82 8.89 10.00
N GLN A 29 -12.11 8.55 11.26
CA GLN A 29 -13.49 8.36 11.72
C GLN A 29 -14.15 7.17 11.03
N PHE A 30 -13.63 5.96 11.19
CA PHE A 30 -14.22 4.79 10.52
C PHE A 30 -14.13 4.83 8.99
N SER A 31 -13.01 5.37 8.49
CA SER A 31 -12.73 5.55 7.06
C SER A 31 -13.58 6.67 6.49
N ASP A 32 -14.89 6.44 6.35
CA ASP A 32 -15.86 7.39 5.80
C ASP A 32 -15.40 7.97 4.44
N VAL A 33 -14.57 7.22 3.71
CA VAL A 33 -13.98 7.63 2.43
C VAL A 33 -14.53 6.79 1.30
N GLU A 34 -14.93 5.54 1.56
CA GLU A 34 -15.54 4.66 0.57
C GLU A 34 -17.08 4.78 0.49
N GLU A 35 -17.63 5.92 0.91
CA GLU A 35 -19.08 6.11 1.00
C GLU A 35 -19.61 6.94 -0.18
N ASN A 36 -19.28 8.23 -0.19
CA ASN A 36 -19.66 9.17 -1.25
C ASN A 36 -18.45 9.79 -1.94
N ARG A 37 -17.31 9.84 -1.23
CA ARG A 37 -16.04 10.41 -1.73
C ARG A 37 -16.20 11.85 -2.19
N THR A 38 -17.13 12.58 -1.59
CA THR A 38 -17.48 13.97 -1.93
C THR A 38 -18.36 14.03 -3.18
N GLU A 39 -17.84 13.50 -4.30
CA GLU A 39 -18.49 13.53 -5.62
C GLU A 39 -17.75 12.62 -6.63
N ALA A 40 -17.28 11.45 -6.15
CA ALA A 40 -16.60 10.51 -7.04
C ALA A 40 -17.42 10.16 -8.30
N PRO A 41 -16.75 9.65 -9.33
CA PRO A 41 -17.41 9.23 -10.56
C PRO A 41 -18.26 7.97 -10.42
N GLU A 42 -17.86 7.06 -9.52
CA GLU A 42 -18.60 5.80 -9.26
C GLU A 42 -18.65 4.86 -10.49
N GLY A 43 -17.48 4.55 -11.04
CA GLY A 43 -17.37 3.64 -12.20
C GLY A 43 -16.69 4.27 -13.40
N THR A 44 -15.49 4.83 -13.19
CA THR A 44 -14.72 5.53 -14.25
C THR A 44 -13.22 5.46 -14.00
N GLU A 45 -12.80 5.60 -12.74
CA GLU A 45 -11.38 5.59 -12.33
C GLU A 45 -11.24 5.39 -10.83
N SER A 46 -12.08 6.03 -10.02
CA SER A 46 -12.06 5.86 -8.55
C SER A 46 -12.66 4.53 -8.12
N GLU A 47 -13.78 4.11 -8.72
CA GLU A 47 -14.39 2.82 -8.40
C GLU A 47 -13.54 1.64 -8.90
N ALA A 48 -12.87 1.82 -10.05
CA ALA A 48 -12.00 0.81 -10.61
C ALA A 48 -10.71 0.68 -9.80
N VAL A 49 -10.06 1.80 -9.44
CA VAL A 49 -8.81 1.75 -8.67
C VAL A 49 -9.10 1.30 -7.26
N LYS A 50 -10.23 1.71 -6.67
CA LYS A 50 -10.59 1.33 -5.30
C LYS A 50 -10.88 -0.16 -5.21
N GLN A 51 -11.64 -0.71 -6.16
CA GLN A 51 -11.98 -2.13 -6.19
C GLN A 51 -10.77 -2.99 -6.53
N ALA A 52 -9.99 -2.58 -7.54
CA ALA A 52 -8.81 -3.29 -7.96
C ALA A 52 -7.73 -3.28 -6.88
N LEU A 53 -7.61 -2.18 -6.12
CA LEU A 53 -6.67 -2.09 -5.00
C LEU A 53 -7.07 -2.97 -3.81
N ARG A 54 -8.36 -3.00 -3.49
CA ARG A 54 -8.87 -3.82 -2.39
C ARG A 54 -8.64 -5.30 -2.63
N GLU A 55 -8.96 -5.77 -3.84
CA GLU A 55 -8.71 -7.15 -4.25
C GLU A 55 -7.22 -7.45 -4.39
N ALA A 56 -6.41 -6.45 -4.73
CA ALA A 56 -4.96 -6.60 -4.84
C ALA A 56 -4.32 -7.00 -3.51
N GLY A 57 -4.75 -6.41 -2.40
CA GLY A 57 -4.17 -6.68 -1.09
C GLY A 57 -4.26 -8.15 -0.70
N ASP A 58 -5.40 -8.75 -1.00
CA ASP A 58 -5.64 -10.17 -0.84
C ASP A 58 -5.41 -10.96 -2.15
N GLU A 59 -4.64 -10.44 -3.11
CA GLU A 59 -4.37 -11.13 -4.38
C GLU A 59 -3.18 -12.10 -4.25
N PHE A 60 -2.06 -11.55 -3.78
CA PHE A 60 -0.84 -12.35 -3.63
C PHE A 60 -0.82 -13.05 -2.26
N GLU A 61 -0.70 -12.25 -1.20
CA GLU A 61 -0.62 -12.77 0.17
C GLU A 61 -1.92 -13.46 0.57
N LEU A 62 -3.04 -12.74 0.40
CA LEU A 62 -4.38 -13.23 0.73
C LEU A 62 -4.54 -13.55 2.23
N ARG A 63 -3.58 -13.10 3.05
CA ARG A 63 -3.46 -13.47 4.45
C ARG A 63 -3.47 -14.99 4.68
N TYR A 64 -2.99 -15.77 3.69
CA TYR A 64 -3.03 -17.23 3.73
C TYR A 64 -1.91 -17.87 2.91
N ARG A 65 -1.63 -17.33 1.72
CA ARG A 65 -0.55 -17.76 0.82
C ARG A 65 0.70 -16.89 0.97
N ARG A 66 0.80 -16.18 2.09
CA ARG A 66 1.97 -15.38 2.50
C ARG A 66 3.24 -16.20 2.38
N ALA A 67 3.98 -16.00 1.29
CA ALA A 67 5.22 -16.71 1.05
C ALA A 67 6.21 -16.56 2.22
N PHE A 68 6.13 -15.44 2.93
CA PHE A 68 6.93 -15.10 4.10
C PHE A 68 5.99 -14.60 5.19
N SER A 69 5.53 -15.54 6.03
CA SER A 69 4.77 -15.21 7.23
C SER A 69 5.52 -14.24 8.15
N ASP A 70 5.00 -14.00 9.35
CA ASP A 70 5.69 -13.17 10.34
C ASP A 70 5.68 -11.69 9.91
N LEU A 71 4.49 -11.20 9.56
CA LEU A 71 4.35 -9.81 9.11
C LEU A 71 4.61 -8.80 10.23
N THR A 72 4.63 -9.26 11.48
CA THR A 72 4.81 -8.45 12.69
C THR A 72 5.38 -9.27 13.86
N SER A 73 5.96 -10.44 13.57
CA SER A 73 6.51 -11.28 14.63
C SER A 73 7.66 -10.55 15.33
N GLN A 74 7.77 -10.70 16.65
CA GLN A 74 8.82 -10.09 17.47
C GLN A 74 8.75 -8.56 17.49
N LEU A 75 9.13 -7.93 16.37
CA LEU A 75 9.19 -6.49 16.16
C LEU A 75 10.17 -5.81 17.13
N HIS A 76 11.25 -5.25 16.58
CA HIS A 76 12.26 -4.57 17.39
C HIS A 76 12.15 -3.08 17.19
N ILE A 77 12.06 -2.35 18.30
CA ILE A 77 11.97 -0.89 18.35
C ILE A 77 12.20 -0.44 19.78
N THR A 78 13.06 0.57 19.91
CA THR A 78 13.44 1.21 21.18
C THR A 78 14.50 2.31 20.96
N PRO A 79 15.68 2.02 20.39
CA PRO A 79 16.75 3.01 20.19
C PRO A 79 16.42 3.99 19.07
N GLY A 80 15.94 3.46 17.94
CA GLY A 80 15.66 4.24 16.75
C GLY A 80 15.56 3.39 15.47
N THR A 81 15.11 2.14 15.61
CA THR A 81 14.92 1.23 14.46
C THR A 81 13.89 1.77 13.47
N ALA A 82 12.96 2.63 13.89
CA ALA A 82 11.98 3.27 13.02
C ALA A 82 12.62 3.97 11.80
N TYR A 83 13.83 4.51 11.97
CA TYR A 83 14.60 5.10 10.87
C TYR A 83 15.15 4.06 9.90
N GLN A 84 15.78 3.00 10.43
CA GLN A 84 16.31 1.92 9.61
C GLN A 84 15.18 1.18 8.89
N SER A 85 14.10 0.83 9.58
CA SER A 85 12.95 0.15 8.98
C SER A 85 12.38 0.92 7.81
N PHE A 86 12.30 2.25 7.91
CA PHE A 86 11.84 3.09 6.82
C PHE A 86 12.76 3.00 5.59
N GLU A 87 14.05 3.28 5.76
CA GLU A 87 15.03 3.23 4.66
C GLU A 87 15.13 1.82 4.05
N GLN A 88 14.94 0.80 4.89
CA GLN A 88 14.94 -0.60 4.46
C GLN A 88 13.71 -0.90 3.64
N VAL A 89 12.51 -0.60 4.14
CA VAL A 89 11.26 -0.83 3.41
C VAL A 89 11.28 -0.14 2.06
N VAL A 90 11.84 1.07 2.01
CA VAL A 90 11.90 1.84 0.77
C VAL A 90 12.82 1.17 -0.26
N ASN A 91 14.06 0.88 0.11
CA ASN A 91 14.97 0.18 -0.79
C ASN A 91 14.51 -1.25 -1.13
N GLU A 92 13.81 -1.89 -0.20
CA GLU A 92 13.28 -3.23 -0.38
C GLU A 92 12.09 -3.23 -1.33
N LEU A 93 11.15 -2.30 -1.19
CA LEU A 93 10.01 -2.19 -2.11
C LEU A 93 10.47 -1.87 -3.53
N PHE A 94 11.62 -1.21 -3.68
CA PHE A 94 12.16 -0.87 -4.98
C PHE A 94 12.42 -2.13 -5.84
N ARG A 95 12.51 -3.31 -5.21
CA ARG A 95 12.71 -4.59 -5.87
C ARG A 95 11.69 -4.83 -6.99
N ASP A 96 10.40 -4.76 -6.65
CA ASP A 96 9.29 -4.92 -7.59
C ASP A 96 9.31 -3.85 -8.70
N GLY A 97 9.95 -2.72 -8.40
CA GLY A 97 10.10 -1.62 -9.31
C GLY A 97 9.19 -0.45 -8.94
N VAL A 98 9.09 -0.13 -7.64
CA VAL A 98 8.26 0.98 -7.12
C VAL A 98 6.84 1.02 -7.71
N ASN A 99 6.30 -0.14 -8.01
CA ASN A 99 5.04 -0.22 -8.72
C ASN A 99 3.89 -0.46 -7.75
N TRP A 100 2.75 -0.89 -8.29
CA TRP A 100 1.60 -1.29 -7.47
C TRP A 100 1.97 -2.34 -6.43
N GLY A 101 3.00 -3.17 -6.68
CA GLY A 101 3.49 -4.16 -5.74
C GLY A 101 3.68 -3.60 -4.33
N ARG A 102 4.22 -2.40 -4.21
CA ARG A 102 4.37 -1.76 -2.91
C ARG A 102 3.04 -1.41 -2.25
N ILE A 103 2.04 -1.02 -3.05
CA ILE A 103 0.71 -0.64 -2.57
C ILE A 103 0.11 -1.74 -1.70
N VAL A 104 0.08 -2.97 -2.22
CA VAL A 104 -0.43 -4.14 -1.49
C VAL A 104 0.50 -4.58 -0.37
N ALA A 105 1.81 -4.38 -0.56
CA ALA A 105 2.82 -4.73 0.42
C ALA A 105 2.71 -3.85 1.66
N PHE A 106 2.66 -2.53 1.49
CA PHE A 106 2.44 -1.61 2.60
C PHE A 106 1.03 -1.71 3.18
N PHE A 107 0.03 -2.12 2.39
CA PHE A 107 -1.32 -2.31 2.90
C PHE A 107 -1.46 -3.56 3.79
N SER A 108 -0.96 -4.70 3.30
CA SER A 108 -1.06 -5.98 3.99
C SER A 108 -0.10 -6.05 5.16
N PHE A 109 1.18 -5.71 4.90
CA PHE A 109 2.25 -5.71 5.89
C PHE A 109 2.10 -4.54 6.85
N GLY A 110 2.07 -3.30 6.33
CA GLY A 110 1.89 -2.09 7.12
C GLY A 110 0.57 -2.09 7.89
N GLY A 111 -0.46 -2.78 7.41
CA GLY A 111 -1.70 -2.98 8.16
C GLY A 111 -1.53 -3.90 9.36
N ALA A 112 -0.97 -5.10 9.18
CA ALA A 112 -0.71 -6.03 10.29
C ALA A 112 0.42 -5.58 11.23
N LEU A 113 1.36 -4.77 10.74
CA LEU A 113 2.42 -4.20 11.56
C LEU A 113 1.92 -3.00 12.34
N CYS A 114 1.12 -2.13 11.71
CA CYS A 114 0.57 -0.94 12.37
C CYS A 114 -0.32 -1.32 13.53
N VAL A 115 -1.21 -2.30 13.35
CA VAL A 115 -2.11 -2.80 14.39
C VAL A 115 -1.37 -3.39 15.59
N GLU A 116 -0.15 -3.89 15.39
CA GLU A 116 0.69 -4.44 16.46
C GLU A 116 1.60 -3.36 17.07
N SER A 117 2.08 -2.44 16.25
CA SER A 117 2.97 -1.37 16.71
C SER A 117 2.19 -0.32 17.48
N VAL A 118 1.01 0.11 16.99
CA VAL A 118 0.11 1.02 17.71
C VAL A 118 -0.30 0.48 19.08
N ASP A 119 -0.49 -0.83 19.21
CA ASP A 119 -0.84 -1.45 20.50
C ASP A 119 0.36 -1.50 21.47
N LYS A 120 1.57 -1.28 20.95
CA LYS A 120 2.81 -1.25 21.73
C LYS A 120 3.49 0.13 21.74
N GLU A 121 2.85 1.13 21.16
CA GLU A 121 3.40 2.50 20.98
C GLU A 121 2.30 3.55 20.88
N MET A 122 1.09 3.21 21.37
CA MET A 122 -0.08 4.07 21.28
C MET A 122 -0.42 4.50 19.84
N GLN A 123 -1.33 5.46 19.71
CA GLN A 123 -1.60 6.11 18.41
C GLN A 123 -0.46 6.99 17.88
N VAL A 124 0.64 7.11 18.63
CA VAL A 124 1.83 7.87 18.20
C VAL A 124 2.57 7.14 17.08
N LEU A 125 2.41 5.82 17.00
CA LEU A 125 3.12 5.02 16.00
C LEU A 125 2.47 5.09 14.63
N VAL A 126 1.18 4.77 14.56
CA VAL A 126 0.36 4.87 13.33
C VAL A 126 0.48 6.23 12.67
N SER A 127 0.52 7.29 13.49
CA SER A 127 0.67 8.66 13.00
C SER A 127 1.99 8.84 12.24
N ARG A 128 3.06 8.16 12.68
CA ARG A 128 4.35 8.13 12.01
C ARG A 128 4.36 7.26 10.76
N ILE A 129 3.68 6.12 10.78
CA ILE A 129 3.58 5.19 9.64
C ILE A 129 3.05 5.91 8.39
N ALA A 130 1.91 6.58 8.53
CA ALA A 130 1.34 7.35 7.43
C ALA A 130 2.15 8.62 7.11
N ALA A 131 2.97 9.09 8.06
CA ALA A 131 3.82 10.28 7.87
C ALA A 131 4.92 10.02 6.84
N TRP A 132 5.72 8.97 7.07
CA TRP A 132 6.78 8.59 6.14
C TRP A 132 6.21 8.07 4.82
N MET A 133 5.03 7.45 4.85
CA MET A 133 4.39 6.88 3.66
C MET A 133 4.24 7.92 2.55
N ALA A 134 3.71 9.10 2.91
CA ALA A 134 3.56 10.21 1.98
C ALA A 134 4.91 10.85 1.63
N THR A 135 5.86 10.84 2.57
CA THR A 135 7.23 11.34 2.35
C THR A 135 7.94 10.56 1.24
N TYR A 136 7.85 9.23 1.23
CA TYR A 136 8.46 8.39 0.20
C TYR A 136 7.77 8.53 -1.15
N LEU A 137 6.42 8.46 -1.14
CA LEU A 137 5.65 8.63 -2.37
C LEU A 137 5.95 9.99 -3.03
N ASN A 138 6.12 11.03 -2.23
CA ASN A 138 6.50 12.33 -2.77
C ASN A 138 7.96 12.41 -3.22
N ASP A 139 8.88 11.73 -2.53
CA ASP A 139 10.31 11.71 -2.85
C ASP A 139 10.57 11.32 -4.31
N HIS A 140 10.03 10.15 -4.70
CA HIS A 140 10.19 9.64 -6.06
C HIS A 140 9.13 8.62 -6.43
N LEU A 141 7.88 9.07 -6.52
CA LEU A 141 6.76 8.20 -6.86
C LEU A 141 5.58 8.96 -7.44
N GLU A 142 5.27 10.15 -6.92
CA GLU A 142 4.22 11.04 -7.43
C GLU A 142 4.43 11.40 -8.92
N PRO A 143 5.59 11.98 -9.29
CA PRO A 143 5.87 12.29 -10.70
C PRO A 143 6.12 11.02 -11.52
N TRP A 144 6.60 9.95 -10.88
CA TRP A 144 6.93 8.70 -11.55
C TRP A 144 5.69 7.92 -11.99
N ILE A 145 4.84 7.57 -11.03
CA ILE A 145 3.56 6.90 -11.26
C ILE A 145 2.68 7.70 -12.22
N GLN A 146 2.74 9.03 -12.17
CA GLN A 146 1.97 9.89 -13.06
C GLN A 146 2.41 9.71 -14.51
N GLU A 147 3.70 9.82 -14.79
CA GLU A 147 4.22 9.69 -16.15
C GLU A 147 4.04 8.27 -16.71
N ASN A 148 4.37 7.26 -15.90
CA ASN A 148 4.15 5.86 -16.26
C ASN A 148 2.66 5.50 -16.35
N GLY A 149 1.78 6.30 -15.74
CA GLY A 149 0.34 6.07 -15.70
C GLY A 149 -0.02 4.86 -14.83
N GLY A 150 0.56 4.76 -13.63
CA GLY A 150 0.36 3.61 -12.76
C GLY A 150 -1.12 3.36 -12.45
N TRP A 151 -1.80 4.32 -11.82
CA TRP A 151 -3.24 4.22 -11.60
C TRP A 151 -4.05 3.99 -12.87
N ASP A 152 -3.59 4.56 -13.99
CA ASP A 152 -4.19 4.38 -15.33
C ASP A 152 -4.23 2.89 -15.73
N THR A 153 -3.15 2.17 -15.43
CA THR A 153 -3.07 0.74 -15.73
C THR A 153 -3.99 -0.06 -14.82
N PHE A 154 -4.01 0.26 -13.52
CA PHE A 154 -4.85 -0.44 -12.53
C PHE A 154 -6.32 -0.48 -12.94
N VAL A 155 -6.86 0.71 -13.23
CA VAL A 155 -8.23 0.89 -13.71
C VAL A 155 -8.41 0.39 -15.13
N GLU A 156 -7.38 0.38 -15.95
CA GLU A 156 -7.40 -0.17 -17.30
C GLU A 156 -7.58 -1.69 -17.27
N LEU A 157 -7.13 -2.35 -16.21
CA LEU A 157 -7.24 -3.81 -16.11
C LEU A 157 -8.59 -4.21 -15.55
N TYR A 158 -8.96 -3.64 -14.40
CA TYR A 158 -10.27 -3.90 -13.79
C TYR A 158 -11.43 -3.17 -14.50
N GLY A 159 -11.13 -2.35 -15.51
CA GLY A 159 -12.10 -1.54 -16.25
C GLY A 159 -12.21 -1.96 -17.71
N ASN A 160 -11.09 -2.28 -18.37
CA ASN A 160 -11.07 -2.74 -19.76
C ASN A 160 -10.88 -4.27 -19.86
N ASN A 161 -10.00 -4.83 -19.02
CA ASN A 161 -9.74 -6.26 -18.92
C ASN A 161 -10.59 -6.94 -17.84
N ALA A 162 -11.82 -6.44 -17.58
CA ALA A 162 -12.72 -6.99 -16.57
C ALA A 162 -13.93 -7.68 -17.21
N ALA A 163 -14.78 -6.92 -17.90
CA ALA A 163 -15.95 -7.49 -18.57
C ALA A 163 -15.56 -8.49 -19.67
N ALA A 164 -14.40 -8.26 -20.31
CA ALA A 164 -13.83 -9.13 -21.32
C ALA A 164 -12.67 -9.99 -20.79
N GLU A 165 -12.61 -10.27 -19.48
CA GLU A 165 -11.54 -11.06 -18.88
C GLU A 165 -11.73 -12.57 -19.09
N SER A 166 -12.98 -13.02 -18.95
CA SER A 166 -13.36 -14.44 -19.11
C SER A 166 -14.16 -14.68 -20.38
N ARG A 167 -13.97 -13.81 -21.40
CA ARG A 167 -14.76 -13.81 -22.63
C ARG A 167 -13.92 -13.57 -23.86
N LYS A 168 -12.81 -14.31 -23.98
CA LYS A 168 -11.82 -14.22 -25.07
C LYS A 168 -10.91 -12.99 -24.91
N GLY A 169 -11.50 -11.79 -24.80
CA GLY A 169 -10.81 -10.51 -24.61
C GLY A 169 -10.85 -9.62 -25.85
N GLN A 170 -10.28 -10.14 -26.94
CA GLN A 170 -10.24 -9.44 -28.24
C GLN A 170 -11.44 -9.78 -29.14
N GLU A 171 -12.65 -9.74 -28.57
CA GLU A 171 -13.87 -10.00 -29.32
C GLU A 171 -14.34 -8.81 -30.17
N ARG A 172 -14.16 -7.59 -29.66
CA ARG A 172 -14.59 -6.34 -30.30
C ARG A 172 -14.10 -5.07 -29.59
N LEU A 173 -12.99 -5.19 -28.85
CA LEU A 173 -12.43 -4.10 -28.05
C LEU A 173 -11.02 -4.39 -27.54
N GLU A 174 -10.74 -5.66 -27.22
CA GLU A 174 -9.42 -6.06 -26.69
C GLU A 174 -8.91 -5.19 -25.53
N GLU B 1 17.34 -2.87 17.42
CA GLU B 1 18.73 -2.50 17.11
C GLU B 1 18.94 -2.26 15.62
N GLU B 2 17.88 -1.85 14.93
CA GLU B 2 17.91 -1.63 13.47
C GLU B 2 18.12 -2.95 12.69
N GLN B 3 17.91 -4.09 13.36
CA GLN B 3 18.13 -5.40 12.77
C GLN B 3 16.87 -5.95 12.12
N TRP B 4 15.72 -5.74 12.77
CA TRP B 4 14.41 -6.14 12.23
C TRP B 4 14.02 -5.31 11.01
N ALA B 5 14.71 -4.20 10.76
CA ALA B 5 14.54 -3.43 9.54
C ALA B 5 14.74 -4.25 8.27
N ARG B 6 15.52 -5.33 8.33
CA ARG B 6 15.65 -6.25 7.21
C ARG B 6 14.38 -7.06 6.93
N GLU B 7 13.57 -7.32 7.95
CA GLU B 7 12.34 -8.10 7.82
C GLU B 7 11.18 -7.21 7.39
N ILE B 8 10.99 -6.05 8.03
CA ILE B 8 9.92 -5.12 7.67
C ILE B 8 9.98 -4.68 6.22
N GLY B 9 11.17 -4.70 5.61
CA GLY B 9 11.36 -4.34 4.22
C GLY B 9 11.38 -5.56 3.32
N ALA B 10 12.23 -6.57 3.59
CA ALA B 10 12.33 -7.74 2.73
C ALA B 10 11.04 -8.56 2.69
N GLN B 11 10.49 -8.85 3.86
CA GLN B 11 9.23 -9.57 3.97
C GLN B 11 8.04 -8.76 3.41
N LEU B 12 8.14 -7.43 3.42
CA LEU B 12 7.16 -6.55 2.80
C LEU B 12 7.23 -6.60 1.28
N ARG B 13 8.43 -6.41 0.73
CA ARG B 13 8.65 -6.44 -0.72
C ARG B 13 8.41 -7.83 -1.32
N ARG B 14 8.32 -8.85 -0.44
CA ARG B 14 8.21 -10.26 -0.80
C ARG B 14 7.08 -10.46 -1.79
N MET B 15 5.87 -10.11 -1.37
CA MET B 15 4.67 -10.16 -2.21
C MET B 15 4.61 -9.01 -3.22
N ALA B 16 5.19 -7.86 -2.88
CA ALA B 16 5.27 -6.71 -3.78
C ALA B 16 5.92 -7.06 -5.13
N ASP B 17 6.87 -8.00 -5.12
CA ASP B 17 7.54 -8.56 -6.30
C ASP B 17 6.62 -9.48 -7.14
N ASP B 18 5.39 -9.05 -7.41
CA ASP B 18 4.45 -9.77 -8.26
C ASP B 18 3.35 -8.87 -8.83
N LEU B 19 2.55 -8.24 -7.95
CA LEU B 19 1.47 -7.33 -8.35
C LEU B 19 2.00 -6.13 -9.16
N ASN B 20 3.27 -5.78 -8.96
CA ASN B 20 3.97 -4.79 -9.77
C ASN B 20 3.83 -4.96 -11.27
N ALA B 21 3.63 -6.19 -11.77
CA ALA B 21 3.46 -6.39 -13.19
C ALA B 21 2.26 -5.61 -13.71
N GLN B 22 1.17 -5.56 -12.93
CA GLN B 22 -0.06 -4.83 -13.25
C GLN B 22 -1.07 -4.83 -12.10
N TYR B 23 -1.72 -5.97 -11.85
CA TYR B 23 -2.76 -6.15 -10.82
C TYR B 23 -3.01 -7.62 -10.45
N GLU B 24 -2.80 -8.54 -11.39
CA GLU B 24 -3.04 -9.98 -11.20
C GLU B 24 -2.03 -10.84 -11.99
N ARG B 25 -0.81 -10.31 -12.12
CA ARG B 25 0.27 -10.94 -12.87
C ARG B 25 1.52 -11.16 -12.02
N MET A 1 8.22 19.59 -3.61
CA MET A 1 8.14 18.55 -2.56
C MET A 1 6.83 18.67 -1.79
N SER A 2 6.53 19.82 -1.17
CA SER A 2 5.32 19.97 -0.36
C SER A 2 4.10 20.43 -1.16
N ALA A 3 3.66 19.60 -2.10
CA ALA A 3 2.52 19.89 -2.98
C ALA A 3 2.06 18.63 -3.71
N MET A 4 0.92 18.74 -4.41
CA MET A 4 0.32 17.63 -5.15
C MET A 4 -0.03 16.45 -4.23
N SER A 5 -0.59 15.38 -4.80
CA SER A 5 -0.85 14.14 -4.05
C SER A 5 -1.83 14.36 -2.88
N GLN A 6 -2.85 15.18 -3.13
CA GLN A 6 -3.81 15.58 -2.10
C GLN A 6 -4.78 14.44 -1.76
N SER A 7 -5.33 13.79 -2.81
CA SER A 7 -6.23 12.65 -2.67
C SER A 7 -5.50 11.38 -2.21
N ASN A 8 -4.20 11.29 -2.49
CA ASN A 8 -3.35 10.17 -2.06
C ASN A 8 -3.29 10.06 -0.54
N ARG A 9 -3.25 11.19 0.17
CA ARG A 9 -3.29 11.26 1.63
C ARG A 9 -4.62 10.77 2.20
N GLU A 10 -5.73 11.10 1.56
CA GLU A 10 -7.04 10.58 1.97
C GLU A 10 -7.21 9.09 1.66
N LEU A 11 -6.56 8.62 0.59
CA LEU A 11 -6.63 7.22 0.16
C LEU A 11 -5.87 6.31 1.10
N VAL A 12 -4.59 6.61 1.35
CA VAL A 12 -3.75 5.81 2.25
C VAL A 12 -4.41 5.67 3.61
N VAL A 13 -5.07 6.72 4.09
CA VAL A 13 -5.77 6.72 5.38
C VAL A 13 -7.00 5.83 5.31
N ASP A 14 -7.84 5.94 4.29
CA ASP A 14 -9.03 5.10 4.10
C ASP A 14 -8.68 3.60 4.10
N PHE A 15 -7.60 3.24 3.41
CA PHE A 15 -7.16 1.85 3.34
C PHE A 15 -6.52 1.37 4.64
N LEU A 16 -5.58 2.16 5.18
CA LEU A 16 -4.94 1.86 6.46
C LEU A 16 -5.97 1.77 7.58
N SER A 17 -7.03 2.58 7.51
CA SER A 17 -8.10 2.56 8.48
C SER A 17 -8.99 1.34 8.35
N TYR A 18 -9.16 0.81 7.13
CA TYR A 18 -9.98 -0.36 6.86
C TYR A 18 -9.36 -1.61 7.48
N LYS A 19 -8.03 -1.74 7.36
CA LYS A 19 -7.29 -2.86 7.96
C LYS A 19 -7.20 -2.77 9.47
N LEU A 20 -6.95 -1.57 10.00
CA LEU A 20 -6.92 -1.30 11.45
C LEU A 20 -8.31 -1.34 12.11
N SER A 21 -9.38 -1.13 11.32
CA SER A 21 -10.78 -1.16 11.79
C SER A 21 -11.15 -2.54 12.33
N GLN A 22 -10.55 -3.59 11.77
CA GLN A 22 -10.71 -4.96 12.28
C GLN A 22 -10.25 -5.12 13.74
N LYS A 23 -9.28 -4.30 14.17
CA LYS A 23 -8.79 -4.30 15.54
C LYS A 23 -9.65 -3.44 16.47
N GLY A 24 -10.15 -2.31 15.96
CA GLY A 24 -11.00 -1.38 16.70
C GLY A 24 -10.34 -0.03 16.97
N TYR A 25 -9.42 0.39 16.10
CA TYR A 25 -8.68 1.64 16.28
C TYR A 25 -8.02 2.09 14.98
N SER A 26 -8.60 3.08 14.32
CA SER A 26 -8.10 3.55 13.03
C SER A 26 -8.45 5.02 12.82
N TRP A 27 -7.77 5.69 11.90
CA TRP A 27 -8.03 7.10 11.60
C TRP A 27 -9.47 7.36 11.13
N SER A 28 -9.92 6.62 10.11
CA SER A 28 -11.31 6.70 9.65
C SER A 28 -12.33 6.18 10.67
N GLN A 29 -11.88 5.40 11.65
CA GLN A 29 -12.72 4.98 12.77
C GLN A 29 -12.90 6.06 13.84
N PHE A 30 -11.84 6.80 14.16
CA PHE A 30 -11.82 7.85 15.18
C PHE A 30 -11.85 9.27 14.57
N SER A 31 -12.28 9.38 13.31
CA SER A 31 -12.27 10.64 12.57
C SER A 31 -13.24 10.63 11.40
N ASP A 32 -13.32 9.51 10.67
CA ASP A 32 -14.23 9.35 9.54
C ASP A 32 -13.96 10.41 8.46
N VAL A 33 -12.79 10.27 7.82
CA VAL A 33 -12.42 11.19 6.72
C VAL A 33 -13.51 11.35 5.67
N GLU A 34 -14.19 10.25 5.33
CA GLU A 34 -15.22 10.17 4.30
C GLU A 34 -16.52 9.62 4.88
N GLU A 35 -16.56 8.30 5.14
CA GLU A 35 -17.72 7.62 5.79
C GLU A 35 -17.32 6.33 6.55
N ASN A 36 -16.03 6.14 6.83
CA ASN A 36 -15.49 4.93 7.45
C ASN A 36 -15.78 3.64 6.65
N ARG A 37 -15.81 3.79 5.33
CA ARG A 37 -16.15 2.71 4.39
C ARG A 37 -15.66 2.99 2.99
N THR A 38 -15.96 4.18 2.47
CA THR A 38 -15.66 4.59 1.09
C THR A 38 -16.10 6.00 0.79
N GLU A 39 -17.42 6.25 0.67
CA GLU A 39 -17.97 7.58 0.32
C GLU A 39 -17.44 8.18 -0.99
N ALA A 40 -17.31 7.31 -2.00
CA ALA A 40 -16.83 7.74 -3.30
C ALA A 40 -17.69 8.87 -3.92
N PRO A 41 -17.12 9.63 -4.88
CA PRO A 41 -17.82 10.72 -5.56
C PRO A 41 -18.92 10.22 -6.51
N GLU A 42 -18.62 9.18 -7.30
CA GLU A 42 -19.54 8.60 -8.27
C GLU A 42 -19.76 7.11 -7.99
N GLY A 43 -18.75 6.29 -8.28
CA GLY A 43 -18.81 4.84 -8.09
C GLY A 43 -18.46 4.03 -9.35
N THR A 44 -18.45 4.67 -10.52
CA THR A 44 -18.07 4.03 -11.79
C THR A 44 -16.57 4.12 -12.11
N GLU A 45 -15.75 4.37 -11.10
CA GLU A 45 -14.30 4.56 -11.24
C GLU A 45 -13.60 4.59 -9.88
N SER A 46 -14.24 5.22 -8.89
CA SER A 46 -13.69 5.33 -7.53
C SER A 46 -14.00 4.10 -6.68
N GLU A 47 -15.18 3.51 -6.81
CA GLU A 47 -15.51 2.25 -6.12
C GLU A 47 -14.72 1.07 -6.66
N ALA A 48 -14.41 1.07 -7.97
CA ALA A 48 -13.65 0.00 -8.60
C ALA A 48 -12.17 0.10 -8.24
N VAL A 49 -11.54 1.28 -8.39
CA VAL A 49 -10.13 1.50 -8.02
C VAL A 49 -9.88 1.27 -6.54
N LYS A 50 -10.83 1.67 -5.67
CA LYS A 50 -10.73 1.47 -4.23
C LYS A 50 -10.85 -0.01 -3.87
N GLN A 51 -11.79 -0.71 -4.47
CA GLN A 51 -11.96 -2.15 -4.22
C GLN A 51 -10.81 -2.97 -4.80
N ALA A 52 -10.27 -2.59 -5.97
CA ALA A 52 -9.18 -3.30 -6.63
C ALA A 52 -7.95 -3.40 -5.71
N LEU A 53 -7.58 -2.27 -5.11
CA LEU A 53 -6.44 -2.21 -4.18
C LEU A 53 -6.61 -3.16 -3.00
N ARG A 54 -7.84 -3.31 -2.51
CA ARG A 54 -8.19 -4.25 -1.46
C ARG A 54 -8.22 -5.70 -1.93
N GLU A 55 -8.65 -5.94 -3.18
CA GLU A 55 -8.75 -7.27 -3.80
C GLU A 55 -7.37 -7.94 -3.84
N ALA A 56 -6.43 -7.34 -4.56
CA ALA A 56 -5.08 -7.87 -4.59
C ALA A 56 -4.25 -7.47 -3.37
N GLY A 57 -4.70 -6.46 -2.61
CA GLY A 57 -4.03 -6.00 -1.40
C GLY A 57 -3.78 -7.10 -0.37
N ASP A 58 -4.58 -8.16 -0.39
CA ASP A 58 -4.39 -9.36 0.44
C ASP A 58 -4.17 -10.63 -0.41
N GLU A 59 -4.45 -10.56 -1.72
CA GLU A 59 -4.25 -11.69 -2.63
C GLU A 59 -2.83 -11.78 -3.18
N PHE A 60 -2.07 -10.68 -3.13
CA PHE A 60 -0.67 -10.60 -3.57
C PHE A 60 0.19 -11.67 -2.91
N GLU A 61 -0.10 -12.01 -1.66
CA GLU A 61 0.58 -13.06 -0.94
C GLU A 61 -0.15 -14.41 -1.00
N LEU A 62 -1.49 -14.35 -1.04
CA LEU A 62 -2.40 -15.48 -1.05
C LEU A 62 -2.49 -16.11 -2.45
N ARG A 63 -1.34 -16.52 -2.97
CA ARG A 63 -1.23 -17.09 -4.32
C ARG A 63 0.06 -17.84 -4.57
N TYR A 64 1.14 -17.34 -3.99
CA TYR A 64 2.47 -17.94 -4.09
C TYR A 64 2.99 -18.40 -2.72
N ARG A 65 2.50 -17.79 -1.62
CA ARG A 65 2.93 -18.10 -0.25
C ARG A 65 4.46 -18.12 -0.11
N ARG A 66 5.06 -16.94 -0.07
CA ARG A 66 6.52 -16.81 0.05
C ARG A 66 7.01 -16.66 1.48
N ALA A 67 6.14 -16.16 2.34
CA ALA A 67 6.40 -15.96 3.77
C ALA A 67 5.23 -16.41 4.65
N PHE A 68 4.37 -17.28 4.11
CA PHE A 68 3.15 -17.72 4.79
C PHE A 68 2.26 -16.54 5.23
N SER A 69 1.27 -16.81 6.07
CA SER A 69 0.44 -15.78 6.71
C SER A 69 1.23 -14.80 7.60
N ASP A 70 2.42 -15.22 8.04
CA ASP A 70 3.35 -14.35 8.79
C ASP A 70 3.65 -13.06 8.02
N LEU A 71 3.00 -11.98 8.45
CA LEU A 71 3.17 -10.64 7.89
C LEU A 71 4.08 -9.80 8.79
N THR A 72 3.98 -10.01 10.09
CA THR A 72 4.69 -9.18 11.06
C THR A 72 4.87 -9.94 12.37
N SER A 73 5.56 -11.08 12.35
CA SER A 73 5.81 -11.85 13.58
C SER A 73 6.75 -11.06 14.48
N GLN A 74 6.39 -10.98 15.77
CA GLN A 74 7.16 -10.31 16.82
C GLN A 74 7.25 -8.79 16.64
N LEU A 75 8.01 -8.37 15.63
CA LEU A 75 8.26 -6.98 15.28
C LEU A 75 8.91 -6.19 16.43
N HIS A 76 10.23 -6.07 16.34
CA HIS A 76 10.98 -5.33 17.36
C HIS A 76 11.58 -4.08 16.75
N ILE A 77 11.36 -2.95 17.43
CA ILE A 77 11.80 -1.64 16.99
C ILE A 77 11.80 -0.66 18.17
N THR A 78 12.87 0.13 18.26
CA THR A 78 13.10 1.07 19.37
C THR A 78 14.41 1.86 19.17
N PRO A 79 15.58 1.19 19.08
CA PRO A 79 16.89 1.83 18.92
C PRO A 79 17.10 2.40 17.52
N GLY A 80 16.49 3.54 17.22
CA GLY A 80 16.54 4.13 15.88
C GLY A 80 16.02 3.20 14.79
N THR A 81 15.13 2.27 15.14
CA THR A 81 14.62 1.27 14.21
C THR A 81 13.25 1.66 13.67
N ALA A 82 12.52 2.52 14.38
CA ALA A 82 11.22 3.02 13.96
C ALA A 82 11.28 3.69 12.57
N TYR A 83 12.24 4.61 12.39
CA TYR A 83 12.43 5.31 11.12
C TYR A 83 13.15 4.44 10.08
N GLN A 84 14.11 3.64 10.53
CA GLN A 84 14.88 2.73 9.68
C GLN A 84 13.99 1.67 9.06
N SER A 85 12.96 1.21 9.78
CA SER A 85 11.99 0.25 9.28
C SER A 85 11.34 0.75 7.98
N PHE A 86 10.83 1.99 7.99
CA PHE A 86 10.22 2.60 6.80
C PHE A 86 11.22 2.75 5.64
N GLU A 87 12.40 3.30 5.94
CA GLU A 87 13.47 3.47 4.93
C GLU A 87 13.92 2.13 4.33
N GLN A 88 13.96 1.09 5.15
CA GLN A 88 14.27 -0.28 4.73
C GLN A 88 13.16 -0.87 3.88
N VAL A 89 11.90 -0.66 4.26
CA VAL A 89 10.75 -1.15 3.49
C VAL A 89 10.84 -0.66 2.06
N VAL A 90 10.91 0.66 1.88
CA VAL A 90 10.96 1.26 0.54
C VAL A 90 12.21 0.83 -0.22
N ASN A 91 13.33 0.64 0.49
CA ASN A 91 14.59 0.20 -0.11
C ASN A 91 14.49 -1.22 -0.68
N GLU A 92 13.98 -2.16 0.12
CA GLU A 92 13.82 -3.54 -0.30
C GLU A 92 12.70 -3.68 -1.35
N LEU A 93 11.69 -2.81 -1.32
CA LEU A 93 10.63 -2.71 -2.33
C LEU A 93 11.13 -2.13 -3.64
N PHE A 94 12.21 -1.36 -3.64
CA PHE A 94 12.78 -0.84 -4.88
C PHE A 94 13.32 -1.96 -5.77
N ARG A 95 13.53 -3.17 -5.23
CA ARG A 95 14.05 -4.35 -5.93
C ARG A 95 13.27 -4.65 -7.21
N ASP A 96 12.06 -5.16 -7.06
CA ASP A 96 11.14 -5.43 -8.17
C ASP A 96 10.87 -4.21 -9.05
N GLY A 97 10.98 -3.02 -8.47
CA GLY A 97 10.84 -1.74 -9.16
C GLY A 97 9.75 -0.86 -8.57
N VAL A 98 9.45 -1.01 -7.26
CA VAL A 98 8.41 -0.25 -6.54
C VAL A 98 7.07 -0.16 -7.28
N ASN A 99 6.74 -1.21 -8.04
CA ASN A 99 5.61 -1.18 -8.94
C ASN A 99 4.30 -1.32 -8.14
N TRP A 100 3.22 -1.74 -8.80
CA TRP A 100 1.96 -2.11 -8.14
C TRP A 100 2.14 -3.04 -6.92
N GLY A 101 3.13 -3.94 -6.96
CA GLY A 101 3.47 -4.80 -5.83
C GLY A 101 3.70 -4.03 -4.53
N ARG A 102 4.49 -2.95 -4.57
CA ARG A 102 4.67 -2.10 -3.39
C ARG A 102 3.34 -1.66 -2.77
N ILE A 103 2.30 -1.48 -3.56
CA ILE A 103 0.98 -1.09 -3.10
C ILE A 103 0.31 -2.19 -2.29
N VAL A 104 0.26 -3.41 -2.81
CA VAL A 104 -0.34 -4.58 -2.12
C VAL A 104 0.49 -5.03 -0.92
N ALA A 105 1.80 -4.90 -1.03
CA ALA A 105 2.72 -5.27 0.04
C ALA A 105 2.66 -4.25 1.18
N PHE A 106 2.79 -2.96 0.88
CA PHE A 106 2.61 -1.92 1.90
C PHE A 106 1.19 -1.85 2.44
N PHE A 107 0.19 -2.35 1.72
CA PHE A 107 -1.19 -2.34 2.16
C PHE A 107 -1.43 -3.34 3.30
N SER A 108 -1.26 -4.63 3.00
CA SER A 108 -1.51 -5.70 3.96
C SER A 108 -0.61 -5.60 5.17
N PHE A 109 0.69 -5.44 4.92
CA PHE A 109 1.68 -5.22 5.96
C PHE A 109 1.49 -3.87 6.64
N GLY A 110 0.97 -2.85 5.94
CA GLY A 110 0.76 -1.52 6.49
C GLY A 110 -0.16 -1.52 7.68
N GLY A 111 -1.39 -2.01 7.50
CA GLY A 111 -2.33 -2.13 8.61
C GLY A 111 -2.03 -3.33 9.52
N ALA A 112 -1.40 -4.39 9.02
CA ALA A 112 -0.96 -5.53 9.85
C ALA A 112 0.21 -5.23 10.79
N LEU A 113 1.05 -4.26 10.46
CA LEU A 113 2.15 -3.79 11.30
C LEU A 113 1.69 -2.63 12.16
N CYS A 114 0.87 -1.73 11.63
CA CYS A 114 0.42 -0.57 12.39
C CYS A 114 -0.25 -0.97 13.70
N VAL A 115 -1.09 -2.02 13.65
CA VAL A 115 -1.78 -2.60 14.82
C VAL A 115 -0.81 -3.14 15.88
N GLU A 116 0.39 -3.55 15.48
CA GLU A 116 1.45 -4.03 16.37
C GLU A 116 2.37 -2.90 16.84
N SER A 117 2.59 -1.90 15.99
CA SER A 117 3.43 -0.74 16.30
C SER A 117 2.74 0.20 17.28
N VAL A 118 1.48 0.55 17.03
CA VAL A 118 0.66 1.41 17.90
C VAL A 118 0.41 0.77 19.27
N ASP A 119 0.37 -0.55 19.32
CA ASP A 119 0.23 -1.29 20.58
C ASP A 119 1.50 -1.22 21.45
N LYS A 120 2.64 -0.92 20.83
CA LYS A 120 3.94 -0.75 21.48
C LYS A 120 4.49 0.67 21.43
N GLU A 121 3.73 1.61 20.90
CA GLU A 121 4.13 3.01 20.68
C GLU A 121 2.92 3.94 20.79
N MET A 122 1.88 3.53 21.50
CA MET A 122 0.63 4.29 21.65
C MET A 122 -0.08 4.55 20.30
N GLN A 123 -1.12 5.37 20.33
CA GLN A 123 -1.80 5.85 19.11
C GLN A 123 -1.04 6.96 18.35
N VAL A 124 0.18 7.30 18.76
CA VAL A 124 1.01 8.31 18.09
C VAL A 124 1.82 7.71 16.94
N LEU A 125 2.12 6.41 16.97
CA LEU A 125 2.97 5.79 15.97
C LEU A 125 2.36 5.86 14.57
N VAL A 126 1.11 5.39 14.46
CA VAL A 126 0.31 5.46 13.24
C VAL A 126 0.21 6.88 12.70
N SER A 127 0.06 7.86 13.58
CA SER A 127 0.00 9.29 13.22
C SER A 127 1.22 9.73 12.41
N ARG A 128 2.38 9.11 12.68
CA ARG A 128 3.60 9.30 11.92
C ARG A 128 3.60 8.53 10.62
N ILE A 129 3.27 7.24 10.64
CA ILE A 129 3.22 6.39 9.43
C ILE A 129 2.28 6.98 8.39
N ALA A 130 1.15 7.56 8.80
CA ALA A 130 0.17 8.15 7.90
C ALA A 130 0.79 9.26 7.03
N ALA A 131 1.54 10.17 7.67
CA ALA A 131 2.24 11.23 6.96
C ALA A 131 3.49 10.71 6.25
N TRP A 132 4.33 9.91 6.92
CA TRP A 132 5.56 9.34 6.37
C TRP A 132 5.33 8.53 5.09
N MET A 133 4.27 7.74 5.06
CA MET A 133 3.86 6.97 3.89
C MET A 133 3.65 7.88 2.69
N ALA A 134 2.82 8.92 2.86
CA ALA A 134 2.60 9.90 1.80
C ALA A 134 3.85 10.74 1.52
N THR A 135 4.72 10.94 2.50
CA THR A 135 5.97 11.71 2.35
C THR A 135 6.87 11.04 1.33
N TYR A 136 7.13 9.72 1.46
CA TYR A 136 7.99 9.00 0.52
C TYR A 136 7.32 8.77 -0.83
N LEU A 137 6.02 8.43 -0.80
CA LEU A 137 5.24 8.24 -2.02
C LEU A 137 5.23 9.50 -2.87
N ASN A 138 4.97 10.65 -2.27
CA ASN A 138 4.99 11.93 -2.98
C ASN A 138 6.41 12.40 -3.30
N ASP A 139 7.39 12.12 -2.42
CA ASP A 139 8.79 12.52 -2.57
C ASP A 139 9.33 12.11 -3.95
N HIS A 140 9.16 10.84 -4.29
CA HIS A 140 9.63 10.30 -5.56
C HIS A 140 8.98 8.96 -5.89
N LEU A 141 7.66 8.95 -6.06
CA LEU A 141 6.92 7.72 -6.37
C LEU A 141 5.61 7.99 -7.10
N GLU A 142 4.87 9.02 -6.73
CA GLU A 142 3.64 9.49 -7.40
C GLU A 142 3.81 9.64 -8.92
N PRO A 143 4.78 10.45 -9.38
CA PRO A 143 5.05 10.61 -10.80
C PRO A 143 5.74 9.39 -11.42
N TRP A 144 6.36 8.54 -10.61
CA TRP A 144 7.02 7.32 -11.06
C TRP A 144 6.03 6.19 -11.39
N ILE A 145 4.94 6.09 -10.62
CA ILE A 145 3.89 5.07 -10.84
C ILE A 145 3.34 5.16 -12.26
N GLN A 146 3.22 6.38 -12.80
CA GLN A 146 2.79 6.62 -14.18
C GLN A 146 3.78 6.09 -15.21
N GLU A 147 5.08 6.39 -15.03
CA GLU A 147 6.14 5.93 -15.94
C GLU A 147 6.17 4.41 -16.07
N ASN A 148 6.04 3.70 -14.94
CA ASN A 148 5.95 2.23 -14.92
C ASN A 148 4.55 1.72 -15.33
N GLY A 149 3.52 2.56 -15.16
CA GLY A 149 2.13 2.18 -15.41
C GLY A 149 1.54 1.31 -14.31
N GLY A 150 2.03 1.42 -13.06
CA GLY A 150 1.60 0.54 -11.96
C GLY A 150 0.09 0.55 -11.74
N TRP A 151 -0.46 1.72 -11.37
CA TRP A 151 -1.92 1.91 -11.27
C TRP A 151 -2.69 1.62 -12.57
N ASP A 152 -2.09 1.89 -13.72
CA ASP A 152 -2.64 1.60 -15.05
C ASP A 152 -2.83 0.09 -15.27
N THR A 153 -1.93 -0.73 -14.73
CA THR A 153 -2.07 -2.19 -14.83
C THR A 153 -3.16 -2.70 -13.91
N PHE A 154 -3.36 -2.07 -12.75
CA PHE A 154 -4.37 -2.48 -11.77
C PHE A 154 -5.79 -2.28 -12.31
N VAL A 155 -6.11 -1.07 -12.76
CA VAL A 155 -7.42 -0.76 -13.37
C VAL A 155 -7.69 -1.63 -14.60
N GLU A 156 -6.67 -1.91 -15.40
CA GLU A 156 -6.76 -2.83 -16.54
C GLU A 156 -6.81 -4.30 -16.12
N LEU A 157 -6.45 -4.64 -14.89
CA LEU A 157 -6.51 -6.00 -14.36
C LEU A 157 -7.94 -6.41 -14.08
N TYR A 158 -8.60 -5.64 -13.22
CA TYR A 158 -9.99 -5.93 -12.82
C TYR A 158 -11.00 -5.36 -13.81
N GLY A 159 -10.61 -4.31 -14.55
CA GLY A 159 -11.43 -3.65 -15.55
C GLY A 159 -11.23 -4.21 -16.94
N ASN A 160 -10.16 -4.97 -17.19
CA ASN A 160 -9.83 -5.57 -18.49
C ASN A 160 -9.68 -4.53 -19.62
N ASN A 161 -9.35 -3.28 -19.25
CA ASN A 161 -9.31 -2.15 -20.17
C ASN A 161 -10.68 -1.80 -20.78
N ALA A 162 -11.77 -2.03 -20.03
CA ALA A 162 -13.14 -1.79 -20.50
C ALA A 162 -13.76 -0.52 -19.92
N ALA A 163 -13.28 -0.08 -18.74
CA ALA A 163 -13.72 1.17 -18.11
C ALA A 163 -13.51 2.40 -19.02
N ALA A 164 -12.46 2.36 -19.84
CA ALA A 164 -12.12 3.39 -20.83
C ALA A 164 -12.74 3.13 -22.22
N GLU A 165 -13.87 2.43 -22.27
CA GLU A 165 -14.54 2.04 -23.52
C GLU A 165 -15.98 2.58 -23.58
N SER A 166 -16.67 2.54 -22.44
CA SER A 166 -18.04 3.09 -22.32
C SER A 166 -18.05 4.60 -22.13
N ARG A 167 -16.98 5.16 -21.53
CA ARG A 167 -16.79 6.60 -21.31
C ARG A 167 -15.78 7.22 -22.26
N LYS A 168 -14.87 6.40 -22.80
CA LYS A 168 -13.79 6.87 -23.68
C LYS A 168 -12.86 7.90 -23.03
N GLY A 169 -12.84 7.98 -21.69
CA GLY A 169 -12.02 8.93 -20.95
C GLY A 169 -12.67 9.37 -19.64
N GLN A 170 -13.63 10.29 -19.75
CA GLN A 170 -14.38 10.81 -18.59
C GLN A 170 -15.87 10.49 -18.67
N GLU A 171 -16.42 10.43 -19.89
CA GLU A 171 -17.83 10.10 -20.09
C GLU A 171 -18.19 9.92 -21.57
N ARG A 172 -17.62 10.81 -22.41
CA ARG A 172 -17.74 10.79 -23.87
C ARG A 172 -16.87 11.84 -24.54
N LEU A 173 -16.84 13.05 -23.96
CA LEU A 173 -16.08 14.17 -24.51
C LEU A 173 -14.58 14.03 -24.30
N GLU A 174 -14.17 13.40 -23.18
CA GLU A 174 -12.76 13.15 -22.81
C GLU A 174 -11.92 14.42 -22.56
N GLU B 1 20.45 -0.42 15.74
CA GLU B 1 20.17 -1.86 15.84
C GLU B 1 19.06 -2.34 14.90
N GLU B 2 19.20 -2.08 13.59
CA GLU B 2 18.28 -2.55 12.55
C GLU B 2 18.31 -4.07 12.34
N GLN B 3 17.68 -4.81 13.26
CA GLN B 3 17.66 -6.27 13.21
C GLN B 3 16.46 -6.79 12.43
N TRP B 4 15.26 -6.34 12.83
CA TRP B 4 14.01 -6.69 12.17
C TRP B 4 13.73 -5.80 10.96
N ALA B 5 14.45 -4.67 10.84
CA ALA B 5 14.34 -3.78 9.69
C ALA B 5 14.74 -4.46 8.36
N ARG B 6 15.48 -5.57 8.43
CA ARG B 6 15.76 -6.40 7.26
C ARG B 6 14.58 -7.27 6.83
N GLU B 7 13.74 -7.71 7.77
CA GLU B 7 12.59 -8.56 7.48
C GLU B 7 11.37 -7.74 7.09
N ILE B 8 11.17 -6.58 7.73
CA ILE B 8 10.06 -5.66 7.39
C ILE B 8 10.12 -5.20 5.94
N GLY B 9 11.30 -5.13 5.33
CA GLY B 9 11.42 -4.77 3.93
C GLY B 9 11.55 -6.01 3.05
N ALA B 10 12.23 -7.05 3.51
CA ALA B 10 12.44 -8.26 2.72
C ALA B 10 11.15 -9.08 2.55
N GLN B 11 10.43 -9.34 3.64
CA GLN B 11 9.17 -10.06 3.64
C GLN B 11 8.07 -9.31 2.86
N LEU B 12 8.15 -7.98 2.85
CA LEU B 12 7.21 -7.12 2.14
C LEU B 12 7.42 -7.16 0.63
N ARG B 13 8.66 -6.91 0.19
CA ARG B 13 9.03 -7.02 -1.24
C ARG B 13 8.88 -8.45 -1.74
N ARG B 14 8.83 -9.43 -0.84
CA ARG B 14 8.78 -10.85 -1.17
C ARG B 14 7.61 -11.16 -2.10
N MET B 15 6.40 -10.86 -1.65
CA MET B 15 5.17 -11.09 -2.41
C MET B 15 4.95 -9.98 -3.44
N ALA B 16 5.25 -8.74 -3.05
CA ALA B 16 5.24 -7.62 -3.99
C ALA B 16 6.08 -7.85 -5.23
N ASP B 17 7.16 -8.64 -5.15
CA ASP B 17 8.01 -9.02 -6.28
C ASP B 17 7.24 -9.61 -7.46
N ASP B 18 6.09 -10.23 -7.16
CA ASP B 18 5.18 -10.77 -8.15
C ASP B 18 4.62 -9.71 -9.11
N LEU B 19 4.73 -8.42 -8.77
CA LEU B 19 4.43 -7.29 -9.64
C LEU B 19 5.14 -7.34 -10.99
N ASN B 20 6.31 -7.98 -11.04
CA ASN B 20 7.08 -8.16 -12.27
C ASN B 20 6.26 -8.86 -13.35
N ALA B 21 5.32 -9.70 -12.93
CA ALA B 21 4.36 -10.35 -13.82
C ALA B 21 3.60 -9.34 -14.69
N GLN B 22 3.45 -8.09 -14.24
CA GLN B 22 2.82 -7.00 -14.98
C GLN B 22 1.34 -7.29 -15.23
N TYR B 23 0.53 -7.34 -14.16
CA TYR B 23 -0.88 -7.75 -14.25
C TYR B 23 -1.07 -9.28 -14.50
N GLU B 24 0.03 -10.01 -14.74
CA GLU B 24 0.00 -11.44 -15.09
C GLU B 24 0.04 -12.35 -13.83
N ARG B 25 -0.60 -11.90 -12.75
CA ARG B 25 -0.59 -12.61 -11.47
C ARG B 25 -1.86 -12.28 -10.66
N MET A 1 -0.65 17.63 -14.80
CA MET A 1 -1.12 17.25 -13.45
C MET A 1 -0.24 16.13 -12.90
N SER A 2 1.07 16.34 -12.93
CA SER A 2 2.03 15.34 -12.41
C SER A 2 2.49 15.76 -11.01
N ALA A 3 3.12 14.84 -10.29
CA ALA A 3 3.64 15.07 -8.94
C ALA A 3 2.54 15.54 -7.96
N MET A 4 1.76 14.60 -7.41
CA MET A 4 0.69 14.94 -6.48
C MET A 4 0.36 13.76 -5.56
N SER A 5 0.36 14.01 -4.25
CA SER A 5 0.05 12.96 -3.26
C SER A 5 -1.25 13.26 -2.50
N GLN A 6 -2.18 13.97 -3.15
CA GLN A 6 -3.42 14.42 -2.52
C GLN A 6 -4.38 13.26 -2.22
N SER A 7 -4.78 12.54 -3.26
CA SER A 7 -5.60 11.31 -3.17
C SER A 7 -4.88 10.19 -2.42
N ASN A 8 -3.55 10.20 -2.44
CA ASN A 8 -2.75 9.25 -1.67
C ASN A 8 -3.10 9.32 -0.18
N ARG A 9 -3.28 10.52 0.37
CA ARG A 9 -3.63 10.69 1.78
C ARG A 9 -4.90 9.92 2.14
N GLU A 10 -5.99 10.19 1.43
CA GLU A 10 -7.29 9.57 1.67
C GLU A 10 -7.30 8.07 1.38
N LEU A 11 -6.54 7.67 0.35
CA LEU A 11 -6.31 6.28 0.03
C LEU A 11 -5.71 5.53 1.23
N VAL A 12 -4.67 6.10 1.84
CA VAL A 12 -3.98 5.45 2.96
C VAL A 12 -4.89 5.44 4.16
N VAL A 13 -5.68 6.50 4.35
CA VAL A 13 -6.63 6.61 5.46
C VAL A 13 -7.60 5.43 5.45
N ASP A 14 -8.26 5.15 4.33
CA ASP A 14 -9.13 3.99 4.22
C ASP A 14 -8.38 2.67 4.42
N PHE A 15 -7.20 2.52 3.82
CA PHE A 15 -6.44 1.28 3.95
C PHE A 15 -6.04 0.98 5.39
N LEU A 16 -5.46 1.96 6.06
CA LEU A 16 -5.08 1.86 7.46
C LEU A 16 -6.31 1.68 8.33
N SER A 17 -7.34 2.49 8.12
CA SER A 17 -8.58 2.41 8.89
C SER A 17 -9.31 1.09 8.74
N TYR A 18 -9.18 0.43 7.59
CA TYR A 18 -9.75 -0.90 7.34
C TYR A 18 -9.03 -1.98 8.12
N LYS A 19 -7.69 -1.92 8.16
CA LYS A 19 -6.88 -2.87 8.93
C LYS A 19 -6.94 -2.63 10.43
N LEU A 20 -6.86 -1.37 10.86
CA LEU A 20 -6.99 -0.95 12.25
C LEU A 20 -8.44 -1.09 12.77
N SER A 21 -9.43 -1.12 11.88
CA SER A 21 -10.85 -1.31 12.23
C SER A 21 -11.06 -2.62 12.98
N GLN A 22 -10.34 -3.68 12.58
CA GLN A 22 -10.38 -4.97 13.30
C GLN A 22 -10.06 -4.85 14.79
N LYS A 23 -9.22 -3.87 15.17
CA LYS A 23 -8.92 -3.57 16.56
C LYS A 23 -10.03 -2.73 17.23
N GLY A 24 -10.53 -1.71 16.54
CA GLY A 24 -11.56 -0.81 17.07
C GLY A 24 -11.08 0.61 17.32
N TYR A 25 -10.18 1.11 16.47
CA TYR A 25 -9.61 2.45 16.65
C TYR A 25 -8.97 2.92 15.34
N SER A 26 -9.42 4.05 14.79
CA SER A 26 -8.81 4.62 13.59
C SER A 26 -8.91 6.15 13.62
N TRP A 27 -7.94 6.83 13.01
CA TRP A 27 -7.94 8.28 12.86
C TRP A 27 -9.12 8.85 12.04
N SER A 28 -9.68 8.01 11.16
CA SER A 28 -10.83 8.28 10.29
C SER A 28 -12.15 7.87 10.93
N GLN A 29 -12.16 7.72 12.26
CA GLN A 29 -13.38 7.39 13.01
C GLN A 29 -13.88 5.98 12.68
N PHE A 30 -13.03 4.98 12.89
CA PHE A 30 -13.35 3.59 12.53
C PHE A 30 -13.58 3.40 11.01
N SER A 31 -12.86 4.15 10.17
CA SER A 31 -13.07 4.13 8.72
C SER A 31 -14.47 4.63 8.35
N ASP A 32 -14.64 5.95 8.25
CA ASP A 32 -15.95 6.52 7.92
C ASP A 32 -16.54 5.89 6.66
N VAL A 33 -15.74 5.78 5.59
CA VAL A 33 -16.10 5.15 4.31
C VAL A 33 -14.92 5.16 3.33
N GLU A 34 -14.22 6.29 3.25
CA GLU A 34 -13.13 6.54 2.29
C GLU A 34 -12.52 7.93 2.45
N GLU A 35 -13.36 8.93 2.71
CA GLU A 35 -12.96 10.35 2.77
C GLU A 35 -13.86 11.13 3.72
N ASN A 36 -15.18 10.89 3.67
CA ASN A 36 -16.21 11.56 4.48
C ASN A 36 -16.45 13.02 4.08
N ARG A 37 -15.36 13.79 3.97
CA ARG A 37 -15.36 15.21 3.62
C ARG A 37 -14.04 15.64 2.97
N THR A 38 -13.69 14.99 1.87
CA THR A 38 -12.43 15.29 1.17
C THR A 38 -12.65 15.59 -0.31
N GLU A 39 -13.39 14.73 -1.00
CA GLU A 39 -13.64 14.85 -2.44
C GLU A 39 -12.35 14.96 -3.25
N ALA A 40 -11.51 13.91 -3.23
CA ALA A 40 -10.27 13.89 -4.00
C ALA A 40 -10.47 14.40 -5.46
N PRO A 41 -9.38 14.87 -6.10
CA PRO A 41 -9.44 15.33 -7.49
C PRO A 41 -9.70 14.22 -8.51
N GLU A 42 -9.61 12.95 -8.08
CA GLU A 42 -9.84 11.78 -8.90
C GLU A 42 -11.34 11.58 -9.14
N GLY A 43 -12.07 11.11 -8.12
CA GLY A 43 -13.50 10.83 -8.19
C GLY A 43 -13.83 9.72 -9.18
N THR A 44 -14.41 8.61 -8.70
CA THR A 44 -14.74 7.46 -9.57
C THR A 44 -13.50 6.78 -10.18
N GLU A 45 -12.32 7.00 -9.58
CA GLU A 45 -11.03 6.48 -10.06
C GLU A 45 -10.11 6.13 -8.88
N SER A 46 -10.02 7.02 -7.88
CA SER A 46 -9.26 6.78 -6.64
C SER A 46 -10.00 5.89 -5.65
N GLU A 47 -11.31 6.02 -5.55
CA GLU A 47 -12.12 5.17 -4.70
C GLU A 47 -12.23 3.75 -5.25
N ALA A 48 -12.19 3.59 -6.57
CA ALA A 48 -12.28 2.29 -7.22
C ALA A 48 -10.95 1.54 -7.16
N VAL A 49 -9.83 2.21 -7.50
CA VAL A 49 -8.49 1.62 -7.41
C VAL A 49 -8.12 1.24 -5.99
N LYS A 50 -8.44 2.09 -4.99
CA LYS A 50 -8.15 1.80 -3.60
C LYS A 50 -8.99 0.63 -3.09
N GLN A 51 -10.24 0.52 -3.55
CA GLN A 51 -11.16 -0.53 -3.12
C GLN A 51 -10.83 -1.87 -3.76
N ALA A 52 -10.56 -1.87 -5.07
CA ALA A 52 -10.14 -3.05 -5.82
C ALA A 52 -8.78 -3.55 -5.33
N LEU A 53 -7.88 -2.64 -4.93
CA LEU A 53 -6.59 -3.02 -4.38
C LEU A 53 -6.70 -3.60 -2.98
N ARG A 54 -7.71 -3.19 -2.21
CA ARG A 54 -7.92 -3.72 -0.87
C ARG A 54 -8.42 -5.15 -0.89
N GLU A 55 -9.40 -5.43 -1.74
CA GLU A 55 -9.99 -6.76 -1.88
C GLU A 55 -9.06 -7.74 -2.61
N ALA A 56 -8.59 -7.34 -3.80
CA ALA A 56 -7.65 -8.14 -4.58
C ALA A 56 -6.25 -8.16 -3.98
N GLY A 57 -5.90 -7.18 -3.15
CA GLY A 57 -4.61 -7.10 -2.47
C GLY A 57 -4.29 -8.34 -1.64
N ASP A 58 -5.27 -8.78 -0.85
CA ASP A 58 -5.16 -10.04 -0.11
C ASP A 58 -5.35 -11.27 -1.02
N GLU A 59 -5.86 -11.14 -2.23
CA GLU A 59 -5.98 -12.22 -3.22
C GLU A 59 -4.65 -12.55 -3.94
N PHE A 60 -3.57 -11.81 -3.65
CA PHE A 60 -2.29 -11.97 -4.33
C PHE A 60 -1.33 -12.86 -3.55
N GLU A 61 -0.88 -12.35 -2.39
CA GLU A 61 -0.01 -13.10 -1.49
C GLU A 61 -0.63 -14.41 -1.05
N LEU A 62 -1.96 -14.51 -1.01
CA LEU A 62 -2.73 -15.69 -0.64
C LEU A 62 -2.23 -16.95 -1.34
N ARG A 63 -2.13 -16.87 -2.67
CA ARG A 63 -1.62 -17.96 -3.49
C ARG A 63 -0.18 -18.22 -3.09
N TYR A 64 0.08 -19.43 -2.60
CA TYR A 64 1.41 -19.87 -2.15
C TYR A 64 1.84 -19.25 -0.83
N ARG A 65 1.75 -17.91 -0.71
CA ARG A 65 2.10 -17.12 0.48
C ARG A 65 3.47 -17.47 1.01
N ARG A 66 4.51 -16.94 0.36
CA ARG A 66 5.91 -17.27 0.72
C ARG A 66 6.16 -17.12 2.21
N ALA A 67 5.79 -15.95 2.74
CA ALA A 67 5.97 -15.59 4.14
C ALA A 67 7.43 -15.81 4.61
N PHE A 68 7.68 -15.50 5.87
CA PHE A 68 8.98 -15.73 6.49
C PHE A 68 8.87 -16.15 7.95
N SER A 69 7.72 -16.71 8.33
CA SER A 69 7.45 -17.06 9.73
C SER A 69 7.48 -15.87 10.70
N ASP A 70 7.41 -14.63 10.18
CA ASP A 70 7.50 -13.39 10.96
C ASP A 70 7.28 -12.15 10.07
N LEU A 71 6.08 -11.56 10.12
CA LEU A 71 5.67 -10.44 9.26
C LEU A 71 4.61 -9.52 9.92
N THR A 72 4.48 -9.63 11.25
CA THR A 72 3.40 -8.98 12.02
C THR A 72 3.60 -9.11 13.52
N SER A 73 4.01 -10.31 13.96
CA SER A 73 4.33 -10.60 15.35
C SER A 73 5.67 -9.98 15.70
N GLN A 74 5.98 -9.99 17.00
CA GLN A 74 7.20 -9.46 17.59
C GLN A 74 7.34 -7.95 17.36
N LEU A 75 7.72 -7.56 16.14
CA LEU A 75 7.95 -6.20 15.69
C LEU A 75 8.83 -5.43 16.69
N HIS A 76 10.15 -5.49 16.48
CA HIS A 76 11.10 -4.83 17.38
C HIS A 76 11.74 -3.65 16.68
N ILE A 77 11.69 -2.49 17.34
CA ILE A 77 12.16 -1.22 16.80
C ILE A 77 12.42 -0.24 17.95
N THR A 78 13.61 -0.31 18.52
CA THR A 78 14.02 0.64 19.57
C THR A 78 13.74 2.12 19.21
N PRO A 79 13.68 3.01 20.22
CA PRO A 79 13.41 4.44 20.07
C PRO A 79 14.56 5.19 19.37
N GLY A 80 14.68 5.04 18.05
CA GLY A 80 15.76 5.63 17.25
C GLY A 80 16.17 4.82 16.02
N THR A 81 15.77 3.55 15.97
CA THR A 81 15.99 2.67 14.81
C THR A 81 14.71 2.40 14.02
N ALA A 82 13.55 2.79 14.54
CA ALA A 82 12.28 2.62 13.85
C ALA A 82 12.26 3.24 12.44
N TYR A 83 13.01 4.33 12.25
CA TYR A 83 13.19 4.95 10.94
C TYR A 83 13.86 4.02 9.91
N GLN A 84 14.75 3.14 10.36
CA GLN A 84 15.44 2.15 9.53
C GLN A 84 14.45 1.15 8.93
N SER A 85 13.41 0.76 9.68
CA SER A 85 12.35 -0.09 9.14
C SER A 85 11.80 0.49 7.84
N PHE A 86 11.27 1.70 7.86
CA PHE A 86 10.65 2.30 6.69
C PHE A 86 11.62 2.50 5.53
N GLU A 87 12.82 2.99 5.84
CA GLU A 87 13.89 3.15 4.86
C GLU A 87 14.28 1.81 4.20
N GLN A 88 14.29 0.73 4.98
CA GLN A 88 14.56 -0.62 4.49
C GLN A 88 13.42 -1.17 3.63
N VAL A 89 12.17 -0.86 3.99
CA VAL A 89 11.00 -1.29 3.24
C VAL A 89 11.11 -0.82 1.81
N VAL A 90 11.22 0.49 1.61
CA VAL A 90 11.30 1.09 0.28
C VAL A 90 12.55 0.63 -0.46
N ASN A 91 13.67 0.46 0.26
CA ASN A 91 14.92 -0.01 -0.31
C ASN A 91 14.76 -1.36 -1.01
N GLU A 92 14.21 -2.35 -0.30
CA GLU A 92 13.96 -3.67 -0.88
C GLU A 92 12.79 -3.65 -1.86
N LEU A 93 11.77 -2.82 -1.64
CA LEU A 93 10.62 -2.65 -2.54
C LEU A 93 11.04 -2.10 -3.91
N PHE A 94 12.21 -1.46 -3.97
CA PHE A 94 12.81 -0.94 -5.20
C PHE A 94 13.63 -2.00 -5.94
N ARG A 95 13.50 -3.29 -5.58
CA ARG A 95 14.21 -4.36 -6.27
C ARG A 95 13.61 -4.69 -7.62
N ASP A 96 12.28 -4.62 -7.71
CA ASP A 96 11.54 -4.93 -8.94
C ASP A 96 11.27 -3.68 -9.78
N GLY A 97 11.28 -2.52 -9.12
CA GLY A 97 11.08 -1.23 -9.76
C GLY A 97 9.99 -0.41 -9.10
N VAL A 98 9.42 -0.84 -7.97
CA VAL A 98 8.33 -0.15 -7.27
C VAL A 98 7.08 0.00 -8.15
N ASN A 99 6.03 -0.72 -7.81
CA ASN A 99 4.77 -0.63 -8.55
C ASN A 99 3.57 -0.92 -7.66
N TRP A 100 2.40 -1.20 -8.25
CA TRP A 100 1.20 -1.65 -7.53
C TRP A 100 1.48 -2.69 -6.42
N GLY A 101 2.47 -3.56 -6.63
CA GLY A 101 2.82 -4.60 -5.65
C GLY A 101 3.26 -4.02 -4.31
N ARG A 102 4.11 -2.98 -4.35
CA ARG A 102 4.56 -2.24 -3.15
C ARG A 102 3.37 -1.78 -2.31
N ILE A 103 2.27 -1.43 -2.98
CA ILE A 103 1.05 -0.89 -2.38
C ILE A 103 0.31 -1.98 -1.61
N VAL A 104 0.24 -3.19 -2.18
CA VAL A 104 -0.38 -4.35 -1.53
C VAL A 104 0.42 -4.81 -0.32
N ALA A 105 1.74 -4.83 -0.45
CA ALA A 105 2.58 -5.20 0.67
C ALA A 105 2.51 -4.18 1.79
N PHE A 106 2.48 -2.89 1.47
CA PHE A 106 2.37 -1.85 2.48
C PHE A 106 1.00 -1.86 3.16
N PHE A 107 -0.04 -2.35 2.48
CA PHE A 107 -1.37 -2.45 3.02
C PHE A 107 -1.50 -3.57 4.06
N SER A 108 -1.30 -4.83 3.63
CA SER A 108 -1.45 -6.02 4.48
C SER A 108 -0.50 -5.96 5.66
N PHE A 109 0.77 -5.68 5.37
CA PHE A 109 1.80 -5.52 6.39
C PHE A 109 1.60 -4.22 7.20
N GLY A 110 1.09 -3.15 6.58
CA GLY A 110 0.84 -1.87 7.22
C GLY A 110 -0.05 -2.00 8.45
N GLY A 111 -1.15 -2.74 8.34
CA GLY A 111 -1.98 -3.04 9.51
C GLY A 111 -1.41 -4.12 10.40
N ALA A 112 -0.73 -5.11 9.83
CA ALA A 112 -0.09 -6.17 10.60
C ALA A 112 1.01 -5.68 11.54
N LEU A 113 1.70 -4.59 11.19
CA LEU A 113 2.71 -3.96 12.04
C LEU A 113 2.10 -2.82 12.85
N CYS A 114 1.09 -2.14 12.32
CA CYS A 114 0.49 -0.96 12.94
C CYS A 114 -0.31 -1.36 14.18
N VAL A 115 -1.05 -2.46 14.12
CA VAL A 115 -1.80 -3.02 15.26
C VAL A 115 -0.89 -3.32 16.46
N GLU A 116 0.35 -3.73 16.20
CA GLU A 116 1.33 -4.04 17.24
C GLU A 116 2.19 -2.81 17.58
N SER A 117 2.41 -1.92 16.62
CA SER A 117 3.20 -0.69 16.78
C SER A 117 2.42 0.33 17.61
N VAL A 118 1.16 0.61 17.27
CA VAL A 118 0.32 1.56 18.03
C VAL A 118 0.17 1.11 19.48
N ASP A 119 -0.01 -0.19 19.70
CA ASP A 119 -0.12 -0.77 21.05
C ASP A 119 1.24 -0.79 21.80
N LYS A 120 2.35 -0.52 21.10
CA LYS A 120 3.72 -0.44 21.64
C LYS A 120 4.37 0.95 21.49
N GLU A 121 3.59 1.94 21.05
CA GLU A 121 4.05 3.31 20.76
C GLU A 121 2.90 4.33 20.77
N MET A 122 1.82 4.01 21.46
CA MET A 122 0.62 4.82 21.52
C MET A 122 -0.01 5.07 20.12
N GLN A 123 -1.01 5.95 20.08
CA GLN A 123 -1.59 6.43 18.82
C GLN A 123 -0.73 7.46 18.06
N VAL A 124 0.50 7.68 18.49
CA VAL A 124 1.41 8.65 17.88
C VAL A 124 2.26 7.99 16.78
N LEU A 125 2.42 6.66 16.84
CA LEU A 125 3.22 5.93 15.86
C LEU A 125 2.55 5.92 14.49
N VAL A 126 1.36 5.31 14.40
CA VAL A 126 0.58 5.24 13.16
C VAL A 126 0.38 6.62 12.53
N SER A 127 0.17 7.63 13.38
CA SER A 127 -0.02 9.01 12.93
C SER A 127 1.14 9.51 12.06
N ARG A 128 2.36 9.02 12.33
CA ARG A 128 3.54 9.26 11.51
C ARG A 128 3.58 8.39 10.26
N ILE A 129 3.39 7.07 10.39
CA ILE A 129 3.40 6.13 9.24
C ILE A 129 2.44 6.58 8.13
N ALA A 130 1.28 7.12 8.51
CA ALA A 130 0.29 7.62 7.56
C ALA A 130 0.87 8.71 6.64
N ALA A 131 1.53 9.71 7.23
CA ALA A 131 2.21 10.76 6.47
C ALA A 131 3.49 10.24 5.80
N TRP A 132 4.22 9.33 6.45
CA TRP A 132 5.47 8.76 5.94
C TRP A 132 5.28 8.07 4.60
N MET A 133 4.20 7.28 4.46
CA MET A 133 3.86 6.69 3.15
C MET A 133 3.68 7.75 2.07
N ALA A 134 2.87 8.78 2.33
CA ALA A 134 2.62 9.83 1.35
C ALA A 134 3.89 10.61 0.97
N THR A 135 4.66 11.01 1.98
CA THR A 135 5.95 11.71 1.80
C THR A 135 6.96 10.89 1.02
N TYR A 136 7.09 9.59 1.33
CA TYR A 136 7.96 8.67 0.60
C TYR A 136 7.52 8.45 -0.84
N LEU A 137 6.21 8.30 -1.05
CA LEU A 137 5.66 8.17 -2.40
C LEU A 137 6.05 9.39 -3.26
N ASN A 138 5.86 10.60 -2.75
CA ASN A 138 6.24 11.80 -3.50
C ASN A 138 7.77 11.89 -3.72
N ASP A 139 8.55 11.42 -2.74
CA ASP A 139 10.01 11.46 -2.78
C ASP A 139 10.56 10.76 -4.04
N HIS A 140 10.07 9.54 -4.32
CA HIS A 140 10.51 8.76 -5.48
C HIS A 140 9.57 7.60 -5.83
N LEU A 141 8.32 7.93 -6.15
CA LEU A 141 7.30 6.92 -6.44
C LEU A 141 6.15 7.45 -7.26
N GLU A 142 5.65 8.66 -6.99
CA GLU A 142 4.62 9.37 -7.75
C GLU A 142 5.01 9.60 -9.21
N PRO A 143 6.15 10.28 -9.49
CA PRO A 143 6.61 10.47 -10.85
C PRO A 143 7.11 9.18 -11.50
N TRP A 144 7.51 8.20 -10.69
CA TRP A 144 8.02 6.92 -11.16
C TRP A 144 6.90 5.99 -11.64
N ILE A 145 5.96 5.66 -10.75
CA ILE A 145 4.82 4.80 -11.06
C ILE A 145 4.02 5.32 -12.26
N GLN A 146 3.96 6.65 -12.42
CA GLN A 146 3.29 7.32 -13.52
C GLN A 146 3.86 6.88 -14.87
N GLU A 147 5.17 7.00 -15.06
CA GLU A 147 5.84 6.55 -16.29
C GLU A 147 5.83 5.02 -16.45
N ASN A 148 5.80 4.30 -15.33
CA ASN A 148 5.68 2.84 -15.34
C ASN A 148 4.29 2.36 -15.76
N GLY A 149 3.27 3.20 -15.58
CA GLY A 149 1.86 2.85 -15.82
C GLY A 149 1.32 1.76 -14.88
N GLY A 150 1.98 1.54 -13.74
CA GLY A 150 1.63 0.46 -12.80
C GLY A 150 0.24 0.63 -12.20
N TRP A 151 -0.08 1.86 -11.79
CA TRP A 151 -1.41 2.21 -11.34
C TRP A 151 -2.47 2.05 -12.44
N ASP A 152 -2.08 2.30 -13.69
CA ASP A 152 -2.96 2.22 -14.87
C ASP A 152 -3.24 0.77 -15.26
N THR A 153 -2.29 -0.11 -14.98
CA THR A 153 -2.48 -1.55 -15.16
C THR A 153 -3.29 -2.19 -14.04
N PHE A 154 -3.28 -1.63 -12.82
CA PHE A 154 -4.09 -2.14 -11.72
C PHE A 154 -5.57 -1.72 -11.82
N VAL A 155 -5.83 -0.45 -12.13
CA VAL A 155 -7.20 0.07 -12.34
C VAL A 155 -7.91 -0.65 -13.48
N GLU A 156 -7.20 -0.95 -14.56
CA GLU A 156 -7.74 -1.70 -15.69
C GLU A 156 -7.76 -3.20 -15.46
N LEU A 157 -6.97 -3.71 -14.52
CA LEU A 157 -6.94 -5.12 -14.18
C LEU A 157 -8.25 -5.56 -13.53
N TYR A 158 -8.81 -4.70 -12.69
CA TYR A 158 -10.04 -5.01 -11.94
C TYR A 158 -11.24 -4.24 -12.48
N GLY A 159 -10.98 -3.09 -13.12
CA GLY A 159 -12.00 -2.23 -13.70
C GLY A 159 -12.22 -2.51 -15.18
N ASN A 160 -11.31 -3.21 -15.86
CA ASN A 160 -11.35 -3.51 -17.30
C ASN A 160 -11.57 -2.27 -18.18
N ASN A 161 -11.17 -1.10 -17.67
CA ASN A 161 -11.44 0.19 -18.28
C ASN A 161 -10.15 0.96 -18.56
N ALA A 162 -9.11 0.28 -19.04
CA ALA A 162 -7.81 0.89 -19.34
C ALA A 162 -7.92 2.10 -20.29
N ALA A 163 -8.84 2.01 -21.26
CA ALA A 163 -9.13 3.13 -22.15
C ALA A 163 -9.64 4.40 -21.43
N ALA A 164 -10.27 4.24 -20.26
CA ALA A 164 -10.70 5.31 -19.37
C ALA A 164 -9.63 5.70 -18.33
N GLU A 165 -8.35 5.53 -18.65
CA GLU A 165 -7.25 5.95 -17.77
C GLU A 165 -6.62 7.27 -18.20
N SER A 166 -6.60 7.51 -19.52
CA SER A 166 -5.98 8.73 -20.10
C SER A 166 -6.57 10.01 -19.50
N ARG A 167 -7.91 9.99 -19.33
CA ARG A 167 -8.67 11.07 -18.68
C ARG A 167 -10.11 10.68 -18.36
N LYS A 168 -10.89 10.54 -19.44
CA LYS A 168 -12.34 10.25 -19.38
C LYS A 168 -12.72 9.08 -20.28
N GLY A 169 -12.12 9.05 -21.48
CA GLY A 169 -12.40 8.02 -22.49
C GLY A 169 -13.40 8.48 -23.56
N GLN A 170 -13.53 9.80 -23.77
CA GLN A 170 -14.42 10.34 -24.80
C GLN A 170 -13.86 10.20 -26.22
N GLU A 171 -12.54 10.27 -26.37
CA GLU A 171 -11.85 10.16 -27.67
C GLU A 171 -12.11 11.37 -28.61
N ARG A 172 -12.74 12.41 -28.06
CA ARG A 172 -13.25 13.60 -28.77
C ARG A 172 -13.08 14.87 -27.94
N LEU A 173 -12.00 14.93 -27.17
CA LEU A 173 -11.70 16.09 -26.31
C LEU A 173 -12.74 16.24 -25.19
N GLU A 174 -13.10 15.12 -24.54
CA GLU A 174 -14.14 15.15 -23.49
C GLU A 174 -15.46 15.67 -24.06
N GLU B 1 18.70 -0.65 16.52
CA GLU B 1 18.93 -2.07 16.24
C GLU B 1 19.17 -2.41 14.76
N GLU B 2 18.32 -1.92 13.85
CA GLU B 2 18.41 -2.19 12.41
C GLU B 2 18.37 -3.69 12.06
N GLN B 3 17.85 -4.51 12.98
CA GLN B 3 17.89 -5.98 12.88
C GLN B 3 16.60 -6.49 12.23
N TRP B 4 15.46 -6.04 12.78
CA TRP B 4 14.14 -6.35 12.24
C TRP B 4 13.83 -5.51 11.00
N ALA B 5 14.58 -4.42 10.78
CA ALA B 5 14.48 -3.61 9.56
C ALA B 5 14.68 -4.42 8.27
N ARG B 6 15.40 -5.54 8.34
CA ARG B 6 15.55 -6.45 7.22
C ARG B 6 14.27 -7.24 6.92
N GLU B 7 13.45 -7.52 7.93
CA GLU B 7 12.26 -8.35 7.80
C GLU B 7 11.05 -7.53 7.38
N ILE B 8 10.92 -6.34 7.96
CA ILE B 8 9.89 -5.37 7.57
C ILE B 8 9.98 -5.03 6.08
N GLY B 9 11.14 -5.13 5.44
CA GLY B 9 11.25 -4.80 4.03
C GLY B 9 11.29 -6.04 3.14
N ALA B 10 12.01 -7.08 3.57
CA ALA B 10 12.09 -8.32 2.82
C ALA B 10 10.73 -9.02 2.70
N GLN B 11 10.03 -9.19 3.82
CA GLN B 11 8.72 -9.82 3.84
C GLN B 11 7.68 -8.99 3.11
N LEU B 12 7.87 -7.68 3.04
CA LEU B 12 7.00 -6.78 2.27
C LEU B 12 7.21 -6.96 0.78
N ARG B 13 8.47 -6.87 0.32
CA ARG B 13 8.84 -7.06 -1.08
C ARG B 13 8.51 -8.47 -1.54
N ARG B 14 8.35 -9.42 -0.64
CA ARG B 14 8.02 -10.81 -0.98
C ARG B 14 6.85 -10.89 -1.96
N MET B 15 5.67 -10.48 -1.51
CA MET B 15 4.45 -10.50 -2.32
C MET B 15 4.37 -9.29 -3.23
N ALA B 16 4.89 -8.15 -2.78
CA ALA B 16 4.95 -6.97 -3.62
C ALA B 16 5.74 -7.20 -4.91
N ASP B 17 6.75 -8.08 -4.89
CA ASP B 17 7.54 -8.46 -6.06
C ASP B 17 6.69 -8.95 -7.23
N ASP B 18 5.47 -9.42 -6.97
CA ASP B 18 4.49 -9.81 -7.97
C ASP B 18 4.16 -8.66 -8.95
N LEU B 19 4.51 -7.41 -8.57
CA LEU B 19 4.49 -6.25 -9.46
C LEU B 19 5.24 -6.43 -10.78
N ASN B 20 6.26 -7.30 -10.82
CA ASN B 20 6.98 -7.66 -12.03
C ASN B 20 6.04 -8.10 -13.16
N ALA B 21 4.91 -8.72 -12.82
CA ALA B 21 3.90 -9.11 -13.81
C ALA B 21 3.46 -7.93 -14.68
N GLN B 22 3.56 -6.70 -14.16
CA GLN B 22 3.21 -5.43 -14.80
C GLN B 22 1.73 -5.10 -14.62
N TYR B 23 0.95 -6.05 -14.09
CA TYR B 23 -0.51 -6.00 -13.97
C TYR B 23 -1.04 -7.23 -13.20
N GLU B 24 -0.23 -7.89 -12.37
CA GLU B 24 -0.67 -9.11 -11.67
C GLU B 24 -1.30 -10.21 -12.56
N ARG B 25 -0.70 -10.53 -13.69
CA ARG B 25 -1.25 -11.53 -14.67
C ARG B 25 -2.71 -11.25 -15.10
N MET A 1 2.32 20.23 3.25
CA MET A 1 1.41 19.76 4.32
C MET A 1 -0.03 19.79 3.86
N SER A 2 -0.46 20.82 3.12
CA SER A 2 -1.84 20.97 2.62
C SER A 2 -1.98 20.62 1.13
N ALA A 3 -1.02 19.88 0.58
CA ALA A 3 -0.93 19.48 -0.82
C ALA A 3 -0.03 18.24 -0.94
N MET A 4 0.23 17.81 -2.17
CA MET A 4 1.08 16.66 -2.56
C MET A 4 0.45 15.32 -2.14
N SER A 5 0.43 15.09 -0.84
CA SER A 5 -0.17 13.91 -0.22
C SER A 5 -1.64 14.11 0.16
N GLN A 6 -2.37 14.94 -0.60
CA GLN A 6 -3.76 15.26 -0.28
C GLN A 6 -4.68 14.08 -0.58
N SER A 7 -4.68 13.62 -1.83
CA SER A 7 -5.51 12.48 -2.28
C SER A 7 -4.96 11.13 -1.84
N ASN A 8 -3.63 11.02 -1.79
CA ASN A 8 -2.94 9.82 -1.31
C ASN A 8 -3.30 9.52 0.15
N ARG A 9 -3.59 10.58 0.93
CA ARG A 9 -4.02 10.43 2.31
C ARG A 9 -5.35 9.69 2.39
N GLU A 10 -6.36 10.15 1.65
CA GLU A 10 -7.68 9.53 1.66
C GLU A 10 -7.64 8.05 1.29
N LEU A 11 -6.78 7.68 0.32
CA LEU A 11 -6.57 6.29 -0.08
C LEU A 11 -5.99 5.44 1.05
N VAL A 12 -4.88 5.92 1.64
CA VAL A 12 -4.20 5.19 2.70
C VAL A 12 -5.13 5.10 3.90
N VAL A 13 -5.64 6.24 4.37
CA VAL A 13 -6.58 6.31 5.50
C VAL A 13 -7.81 5.45 5.29
N ASP A 14 -8.34 5.36 4.06
CA ASP A 14 -9.49 4.50 3.70
C ASP A 14 -9.22 3.04 4.09
N PHE A 15 -8.08 2.52 3.65
CA PHE A 15 -7.74 1.12 3.86
C PHE A 15 -7.24 0.87 5.29
N LEU A 16 -6.36 1.75 5.77
CA LEU A 16 -5.81 1.68 7.12
C LEU A 16 -6.91 1.73 8.17
N SER A 17 -7.82 2.71 8.05
CA SER A 17 -8.98 2.83 8.91
C SER A 17 -9.87 1.59 8.86
N TYR A 18 -9.91 0.87 7.72
CA TYR A 18 -10.64 -0.38 7.59
C TYR A 18 -10.05 -1.51 8.47
N LYS A 19 -8.72 -1.67 8.44
CA LYS A 19 -8.04 -2.70 9.25
C LYS A 19 -7.99 -2.31 10.72
N LEU A 20 -7.59 -1.07 11.01
CA LEU A 20 -7.58 -0.52 12.37
C LEU A 20 -8.97 -0.43 13.00
N SER A 21 -10.03 -0.42 12.19
CA SER A 21 -11.42 -0.39 12.65
C SER A 21 -11.78 -1.58 13.49
N GLN A 22 -11.34 -2.78 13.08
CA GLN A 22 -11.53 -3.99 13.86
C GLN A 22 -10.92 -3.90 15.27
N LYS A 23 -9.82 -3.15 15.41
CA LYS A 23 -9.17 -2.87 16.69
C LYS A 23 -9.93 -1.84 17.53
N GLY A 24 -10.67 -0.94 16.88
CA GLY A 24 -11.46 0.11 17.52
C GLY A 24 -10.62 1.32 17.91
N TYR A 25 -9.61 1.67 17.10
CA TYR A 25 -8.69 2.77 17.39
C TYR A 25 -7.91 3.19 16.15
N SER A 26 -8.31 4.30 15.54
CA SER A 26 -7.71 4.80 14.30
C SER A 26 -7.81 6.32 14.27
N TRP A 27 -6.93 7.00 13.53
CA TRP A 27 -7.04 8.46 13.32
C TRP A 27 -8.38 8.93 12.75
N SER A 28 -9.09 8.02 12.06
CA SER A 28 -10.40 8.27 11.47
C SER A 28 -11.52 7.97 12.46
N GLN A 29 -11.40 6.89 13.24
CA GLN A 29 -12.41 6.49 14.24
C GLN A 29 -13.84 6.40 13.66
N PHE A 30 -13.95 5.99 12.39
CA PHE A 30 -15.21 5.95 11.66
C PHE A 30 -15.10 5.28 10.31
N SER A 31 -13.94 5.45 9.66
CA SER A 31 -13.67 4.87 8.34
C SER A 31 -14.65 5.45 7.32
N ASP A 32 -14.38 6.68 6.87
CA ASP A 32 -15.24 7.31 5.87
C ASP A 32 -15.33 6.49 4.57
N VAL A 33 -14.34 5.61 4.34
CA VAL A 33 -14.25 4.72 3.17
C VAL A 33 -14.04 5.50 1.86
N GLU A 34 -13.71 6.78 1.97
CA GLU A 34 -13.57 7.70 0.85
C GLU A 34 -13.12 9.08 1.34
N GLU A 35 -13.98 9.80 2.06
CA GLU A 35 -13.73 11.19 2.52
C GLU A 35 -13.23 12.13 1.40
N ASN A 36 -13.60 11.83 0.15
CA ASN A 36 -13.09 12.56 -1.02
C ASN A 36 -13.97 13.78 -1.34
N ARG A 37 -14.86 14.20 -0.41
CA ARG A 37 -15.85 15.26 -0.63
C ARG A 37 -16.78 14.99 -1.82
N THR A 38 -17.30 13.77 -1.90
CA THR A 38 -18.17 13.34 -2.99
C THR A 38 -18.81 12.01 -2.63
N GLU A 39 -20.12 12.02 -2.32
CA GLU A 39 -20.84 10.76 -2.07
C GLU A 39 -20.80 9.78 -3.27
N ALA A 40 -20.67 10.34 -4.48
CA ALA A 40 -20.54 9.57 -5.71
C ALA A 40 -19.06 9.27 -6.04
N PRO A 41 -18.81 8.26 -6.91
CA PRO A 41 -17.47 7.89 -7.34
C PRO A 41 -16.85 8.95 -8.26
N GLU A 42 -17.10 8.85 -9.57
CA GLU A 42 -16.60 9.78 -10.59
C GLU A 42 -17.23 9.47 -11.95
N GLY A 43 -16.88 8.32 -12.55
CA GLY A 43 -17.34 7.95 -13.88
C GLY A 43 -16.38 7.03 -14.63
N THR A 44 -16.37 5.73 -14.27
CA THR A 44 -15.50 4.72 -14.94
C THR A 44 -14.02 5.12 -14.92
N GLU A 45 -13.49 5.37 -13.73
CA GLU A 45 -12.10 5.80 -13.56
C GLU A 45 -11.67 5.80 -12.11
N SER A 46 -12.61 6.13 -11.20
CA SER A 46 -12.38 6.20 -9.75
C SER A 46 -13.03 5.04 -9.01
N GLU A 47 -14.25 4.65 -9.41
CA GLU A 47 -14.89 3.46 -8.83
C GLU A 47 -14.14 2.18 -9.17
N ALA A 48 -13.56 2.11 -10.37
CA ALA A 48 -12.87 0.93 -10.86
C ALA A 48 -11.51 0.80 -10.19
N VAL A 49 -10.73 1.89 -10.15
CA VAL A 49 -9.43 1.90 -9.47
C VAL A 49 -9.57 1.69 -7.98
N LYS A 50 -10.62 2.21 -7.34
CA LYS A 50 -10.84 2.15 -5.90
C LYS A 50 -11.20 0.72 -5.51
N GLN A 51 -12.02 0.07 -6.33
CA GLN A 51 -12.42 -1.30 -6.11
C GLN A 51 -11.28 -2.29 -6.42
N ALA A 52 -10.53 -2.07 -7.50
CA ALA A 52 -9.39 -2.91 -7.86
C ALA A 52 -8.23 -2.73 -6.89
N LEU A 53 -8.04 -1.51 -6.36
CA LEU A 53 -7.00 -1.24 -5.39
C LEU A 53 -7.34 -1.88 -4.05
N ARG A 54 -8.57 -1.67 -3.56
CA ARG A 54 -8.95 -2.12 -2.23
C ARG A 54 -8.97 -3.64 -2.19
N GLU A 55 -9.60 -4.24 -3.19
CA GLU A 55 -9.65 -5.69 -3.37
C GLU A 55 -8.26 -6.28 -3.54
N ALA A 56 -7.51 -5.87 -4.57
CA ALA A 56 -6.16 -6.40 -4.81
C ALA A 56 -5.19 -6.17 -3.64
N GLY A 57 -5.46 -5.13 -2.85
CA GLY A 57 -4.76 -4.78 -1.63
C GLY A 57 -4.76 -5.88 -0.56
N ASP A 58 -5.78 -6.73 -0.58
CA ASP A 58 -5.92 -7.90 0.29
C ASP A 58 -6.13 -9.23 -0.49
N GLU A 59 -6.26 -9.16 -1.81
CA GLU A 59 -6.49 -10.33 -2.67
C GLU A 59 -5.18 -10.99 -3.09
N PHE A 60 -4.08 -10.28 -2.95
CA PHE A 60 -2.76 -10.82 -3.24
C PHE A 60 -1.99 -11.15 -1.95
N GLU A 61 -1.47 -10.12 -1.28
CA GLU A 61 -0.62 -10.28 -0.08
C GLU A 61 -1.39 -11.08 1.00
N LEU A 62 -2.53 -10.52 1.45
CA LEU A 62 -3.43 -11.13 2.43
C LEU A 62 -4.31 -12.24 1.83
N ARG A 63 -3.69 -13.15 1.10
CA ARG A 63 -4.41 -14.23 0.41
C ARG A 63 -3.55 -15.44 0.18
N TYR A 64 -2.29 -15.21 -0.19
CA TYR A 64 -1.32 -16.28 -0.38
C TYR A 64 -0.30 -16.34 0.74
N ARG A 65 0.07 -15.20 1.32
CA ARG A 65 1.07 -15.10 2.39
C ARG A 65 2.35 -15.88 2.05
N ARG A 66 2.69 -15.97 0.75
CA ARG A 66 3.87 -16.70 0.25
C ARG A 66 5.15 -16.22 0.93
N ALA A 67 5.13 -15.00 1.48
CA ALA A 67 6.20 -14.41 2.25
C ALA A 67 6.71 -15.34 3.36
N PHE A 68 5.82 -16.13 3.96
CA PHE A 68 6.16 -17.11 4.99
C PHE A 68 6.98 -16.50 6.14
N SER A 69 6.53 -15.33 6.58
CA SER A 69 7.22 -14.51 7.59
C SER A 69 6.30 -14.27 8.78
N ASP A 70 6.75 -13.41 9.70
CA ASP A 70 6.04 -13.11 10.94
C ASP A 70 5.89 -11.60 11.12
N LEU A 71 5.18 -10.94 10.20
CA LEU A 71 4.90 -9.48 10.24
C LEU A 71 3.99 -9.03 11.38
N THR A 72 4.34 -9.40 12.61
CA THR A 72 3.51 -9.18 13.81
C THR A 72 4.18 -9.70 15.06
N SER A 73 4.88 -10.82 14.98
CA SER A 73 5.57 -11.38 16.14
C SER A 73 6.77 -10.51 16.48
N GLN A 74 7.04 -10.34 17.78
CA GLN A 74 8.13 -9.52 18.31
C GLN A 74 8.03 -8.07 17.86
N LEU A 75 8.53 -7.79 16.65
CA LEU A 75 8.57 -6.48 16.03
C LEU A 75 9.44 -5.47 16.80
N HIS A 76 10.44 -4.87 16.13
CA HIS A 76 11.33 -3.92 16.81
C HIS A 76 11.06 -2.50 16.32
N ILE A 77 10.78 -1.60 17.25
CA ILE A 77 10.51 -0.20 16.94
C ILE A 77 11.03 0.63 18.10
N THR A 78 11.71 1.72 17.76
CA THR A 78 12.10 2.74 18.71
C THR A 78 12.59 4.03 18.03
N PRO A 79 12.67 5.17 18.76
CA PRO A 79 13.17 6.46 18.28
C PRO A 79 14.69 6.45 17.99
N GLY A 80 15.10 5.79 16.92
CA GLY A 80 16.51 5.65 16.55
C GLY A 80 16.82 4.39 15.76
N THR A 81 16.00 3.35 15.92
CA THR A 81 16.16 2.08 15.21
C THR A 81 15.06 1.86 14.20
N ALA A 82 13.81 2.27 14.49
CA ALA A 82 12.68 2.14 13.56
C ALA A 82 12.92 2.81 12.20
N TYR A 83 13.78 3.83 12.17
CA TYR A 83 14.23 4.46 10.94
C TYR A 83 14.85 3.49 9.94
N GLN A 84 15.51 2.44 10.44
CA GLN A 84 16.06 1.37 9.63
C GLN A 84 14.96 0.55 8.98
N SER A 85 13.83 0.28 9.66
CA SER A 85 12.71 -0.48 9.07
C SER A 85 12.22 0.19 7.81
N PHE A 86 11.82 1.46 7.90
CA PHE A 86 11.31 2.22 6.75
C PHE A 86 12.32 2.32 5.61
N GLU A 87 13.53 2.76 5.94
CA GLU A 87 14.63 2.81 4.98
C GLU A 87 14.87 1.47 4.30
N GLN A 88 14.78 0.37 5.05
CA GLN A 88 14.98 -0.98 4.54
C GLN A 88 13.81 -1.42 3.66
N VAL A 89 12.59 -1.03 4.02
CA VAL A 89 11.40 -1.34 3.24
C VAL A 89 11.59 -0.84 1.82
N VAL A 90 11.70 0.48 1.65
CA VAL A 90 11.83 1.09 0.32
C VAL A 90 13.10 0.65 -0.39
N ASN A 91 14.18 0.42 0.36
CA ASN A 91 15.45 -0.05 -0.18
C ASN A 91 15.31 -1.44 -0.82
N GLU A 92 14.78 -2.40 -0.07
CA GLU A 92 14.57 -3.76 -0.56
C GLU A 92 13.42 -3.83 -1.58
N LEU A 93 12.46 -2.92 -1.48
CA LEU A 93 11.35 -2.78 -2.42
C LEU A 93 11.78 -2.25 -3.79
N PHE A 94 12.89 -1.53 -3.84
CA PHE A 94 13.49 -1.08 -5.08
C PHE A 94 14.00 -2.24 -5.94
N ARG A 95 14.09 -3.45 -5.37
CA ARG A 95 14.55 -4.65 -6.08
C ARG A 95 13.83 -4.84 -7.40
N ASP A 96 12.55 -5.18 -7.32
CA ASP A 96 11.72 -5.48 -8.50
C ASP A 96 11.59 -4.24 -9.39
N GLY A 97 11.05 -3.17 -8.79
CA GLY A 97 10.85 -1.94 -9.51
C GLY A 97 9.77 -1.07 -8.92
N VAL A 98 9.61 -1.10 -7.57
CA VAL A 98 8.67 -0.24 -6.83
C VAL A 98 7.40 0.08 -7.62
N ASN A 99 6.46 -0.84 -7.59
CA ASN A 99 5.23 -0.67 -8.35
C ASN A 99 4.02 -0.94 -7.47
N TRP A 100 2.89 -1.25 -8.10
CA TRP A 100 1.68 -1.72 -7.42
C TRP A 100 1.89 -2.74 -6.32
N GLY A 101 2.87 -3.62 -6.50
CA GLY A 101 3.31 -4.56 -5.47
C GLY A 101 3.57 -3.91 -4.13
N ARG A 102 4.18 -2.72 -4.09
CA ARG A 102 4.38 -2.00 -2.84
C ARG A 102 3.07 -1.65 -2.17
N ILE A 103 2.14 -1.07 -2.92
CA ILE A 103 0.84 -0.68 -2.37
C ILE A 103 0.13 -1.90 -1.78
N VAL A 104 -0.02 -2.97 -2.56
CA VAL A 104 -0.74 -4.20 -2.12
C VAL A 104 -0.03 -4.88 -0.95
N ALA A 105 1.30 -4.79 -0.89
CA ALA A 105 2.10 -5.38 0.16
C ALA A 105 1.99 -4.53 1.43
N PHE A 106 2.22 -3.23 1.32
CA PHE A 106 2.09 -2.30 2.43
C PHE A 106 0.67 -2.25 3.00
N PHE A 107 -0.34 -2.61 2.21
CA PHE A 107 -1.71 -2.73 2.67
C PHE A 107 -1.85 -3.79 3.75
N SER A 108 -1.51 -5.02 3.39
CA SER A 108 -1.68 -6.13 4.31
C SER A 108 -0.59 -6.12 5.36
N PHE A 109 0.67 -6.05 4.96
CA PHE A 109 1.82 -6.00 5.85
C PHE A 109 1.84 -4.77 6.73
N GLY A 110 1.75 -3.57 6.14
CA GLY A 110 1.72 -2.32 6.89
C GLY A 110 0.56 -2.28 7.87
N GLY A 111 -0.66 -2.66 7.47
CA GLY A 111 -1.80 -2.75 8.37
C GLY A 111 -1.64 -3.83 9.45
N ALA A 112 -1.07 -4.99 9.11
CA ALA A 112 -0.75 -6.08 10.06
C ALA A 112 0.37 -5.71 11.04
N LEU A 113 1.31 -4.87 10.64
CA LEU A 113 2.38 -4.39 11.49
C LEU A 113 1.89 -3.21 12.33
N CYS A 114 0.98 -2.40 11.80
CA CYS A 114 0.48 -1.19 12.45
C CYS A 114 -0.39 -1.56 13.64
N VAL A 115 -1.29 -2.53 13.50
CA VAL A 115 -2.17 -3.03 14.58
C VAL A 115 -1.41 -3.49 15.84
N GLU A 116 -0.20 -4.02 15.67
CA GLU A 116 0.70 -4.44 16.76
C GLU A 116 1.63 -3.31 17.21
N SER A 117 2.01 -2.44 16.27
CA SER A 117 2.83 -1.26 16.55
C SER A 117 2.09 -0.25 17.41
N VAL A 118 0.85 0.11 17.04
CA VAL A 118 0.04 1.07 17.80
C VAL A 118 -0.17 0.63 19.24
N ASP A 119 -0.36 -0.68 19.45
CA ASP A 119 -0.53 -1.28 20.77
C ASP A 119 0.79 -1.35 21.56
N LYS A 120 1.92 -1.14 20.88
CA LYS A 120 3.25 -1.15 21.47
C LYS A 120 3.95 0.22 21.41
N GLU A 121 3.24 1.24 20.95
CA GLU A 121 3.77 2.59 20.74
C GLU A 121 2.69 3.67 20.72
N MET A 122 1.54 3.38 21.34
CA MET A 122 0.39 4.27 21.34
C MET A 122 -0.11 4.61 19.93
N GLN A 123 -1.07 5.53 19.83
CA GLN A 123 -1.53 6.09 18.55
C GLN A 123 -0.55 7.07 17.87
N VAL A 124 0.65 7.21 18.41
CA VAL A 124 1.69 8.11 17.88
C VAL A 124 2.56 7.42 16.83
N LEU A 125 2.56 6.09 16.82
CA LEU A 125 3.38 5.33 15.88
C LEU A 125 2.82 5.37 14.47
N VAL A 126 1.57 4.95 14.33
CA VAL A 126 0.85 4.93 13.06
C VAL A 126 0.88 6.31 12.41
N SER A 127 0.86 7.38 13.23
CA SER A 127 0.93 8.77 12.77
C SER A 127 2.20 9.02 11.95
N ARG A 128 3.32 8.40 12.32
CA ARG A 128 4.58 8.49 11.58
C ARG A 128 4.53 7.60 10.35
N ILE A 129 4.08 6.35 10.48
CA ILE A 129 4.02 5.40 9.36
C ILE A 129 3.13 5.92 8.22
N ALA A 130 1.93 6.39 8.54
CA ALA A 130 0.97 6.87 7.56
C ALA A 130 1.52 8.07 6.79
N ALA A 131 2.08 9.05 7.52
CA ALA A 131 2.73 10.20 6.91
C ALA A 131 3.93 9.77 6.07
N TRP A 132 4.76 8.86 6.57
CA TRP A 132 5.92 8.36 5.84
C TRP A 132 5.54 7.64 4.55
N MET A 133 4.43 6.89 4.55
CA MET A 133 3.93 6.17 3.39
C MET A 133 3.72 7.12 2.21
N ALA A 134 3.00 8.22 2.45
CA ALA A 134 2.78 9.25 1.46
C ALA A 134 4.04 10.07 1.22
N THR A 135 4.82 10.41 2.25
CA THR A 135 6.07 11.17 2.09
C THR A 135 6.99 10.49 1.09
N TYR A 136 7.23 9.18 1.24
CA TYR A 136 8.11 8.43 0.35
C TYR A 136 7.53 8.28 -1.06
N LEU A 137 6.26 7.87 -1.14
CA LEU A 137 5.56 7.73 -2.41
C LEU A 137 5.54 9.06 -3.19
N ASN A 138 5.36 10.17 -2.50
CA ASN A 138 5.38 11.49 -3.11
C ASN A 138 6.79 11.99 -3.41
N ASP A 139 7.78 11.62 -2.59
CA ASP A 139 9.19 12.01 -2.74
C ASP A 139 9.72 11.65 -4.13
N HIS A 140 9.54 10.38 -4.53
CA HIS A 140 9.99 9.90 -5.84
C HIS A 140 9.31 8.59 -6.25
N LEU A 141 7.99 8.58 -6.39
CA LEU A 141 7.23 7.37 -6.74
C LEU A 141 5.94 7.72 -7.49
N GLU A 142 5.22 8.75 -7.08
CA GLU A 142 4.02 9.25 -7.77
C GLU A 142 4.24 9.47 -9.27
N PRO A 143 5.23 10.29 -9.67
CA PRO A 143 5.52 10.53 -11.08
C PRO A 143 6.20 9.32 -11.73
N TRP A 144 7.08 8.64 -10.98
CA TRP A 144 7.81 7.47 -11.46
C TRP A 144 6.87 6.36 -11.89
N ILE A 145 5.99 5.91 -10.99
CA ILE A 145 5.00 4.84 -11.24
C ILE A 145 4.13 5.20 -12.44
N GLN A 146 3.67 6.46 -12.50
CA GLN A 146 2.83 6.94 -13.60
C GLN A 146 3.49 6.74 -14.96
N GLU A 147 4.74 7.22 -15.10
CA GLU A 147 5.55 7.01 -16.31
C GLU A 147 6.00 5.55 -16.50
N ASN A 148 6.05 4.77 -15.41
CA ASN A 148 6.40 3.35 -15.43
C ASN A 148 5.26 2.49 -16.01
N GLY A 149 4.02 2.99 -15.93
CA GLY A 149 2.85 2.26 -16.40
C GLY A 149 2.31 1.31 -15.32
N GLY A 150 1.91 1.89 -14.17
CA GLY A 150 1.34 1.11 -13.07
C GLY A 150 -0.15 1.40 -12.86
N TRP A 151 -0.49 2.61 -12.42
CA TRP A 151 -1.90 3.02 -12.22
C TRP A 151 -2.76 2.81 -13.46
N ASP A 152 -2.20 3.02 -14.65
CA ASP A 152 -2.86 2.79 -15.94
C ASP A 152 -3.18 1.31 -16.19
N THR A 153 -2.36 0.40 -15.68
CA THR A 153 -2.57 -1.04 -15.82
C THR A 153 -3.64 -1.53 -14.86
N PHE A 154 -3.59 -1.07 -13.61
CA PHE A 154 -4.61 -1.39 -12.60
C PHE A 154 -6.03 -1.06 -13.05
N VAL A 155 -6.23 0.17 -13.50
CA VAL A 155 -7.51 0.64 -14.03
C VAL A 155 -7.93 -0.12 -15.29
N GLU A 156 -6.98 -0.48 -16.15
CA GLU A 156 -7.21 -1.24 -17.36
C GLU A 156 -7.71 -2.66 -17.07
N LEU A 157 -7.39 -3.21 -15.90
CA LEU A 157 -7.83 -4.54 -15.47
C LEU A 157 -9.27 -4.50 -14.98
N TYR A 158 -9.58 -3.62 -14.02
CA TYR A 158 -10.94 -3.48 -13.46
C TYR A 158 -11.92 -2.85 -14.46
N GLY A 159 -11.39 -2.08 -15.40
CA GLY A 159 -12.15 -1.42 -16.46
C GLY A 159 -12.23 -2.25 -17.74
N ASN A 160 -11.33 -3.22 -17.94
CA ASN A 160 -11.23 -4.04 -19.14
C ASN A 160 -11.04 -3.21 -20.44
N ASN A 161 -10.51 -1.99 -20.30
CA ASN A 161 -10.36 -1.05 -21.42
C ASN A 161 -8.97 -1.15 -22.09
N ALA A 162 -8.28 -2.29 -21.91
CA ALA A 162 -6.91 -2.49 -22.39
C ALA A 162 -6.81 -2.44 -23.92
N ALA A 163 -7.60 -3.29 -24.58
CA ALA A 163 -7.69 -3.35 -26.04
C ALA A 163 -9.04 -2.80 -26.56
N ALA A 164 -9.71 -1.93 -25.79
CA ALA A 164 -11.01 -1.39 -26.17
C ALA A 164 -10.88 -0.26 -27.20
N GLU A 165 -10.26 0.86 -26.79
CA GLU A 165 -10.00 2.02 -27.66
C GLU A 165 -8.60 1.99 -28.27
N SER A 166 -8.00 0.79 -28.41
CA SER A 166 -6.63 0.63 -28.92
C SER A 166 -5.61 1.46 -28.12
N ARG A 167 -5.73 1.47 -26.77
CA ARG A 167 -4.84 2.22 -25.88
C ARG A 167 -3.38 1.78 -25.96
N LYS A 168 -3.19 0.47 -26.10
CA LYS A 168 -1.88 -0.18 -26.25
C LYS A 168 -1.72 -0.87 -27.61
N GLY A 169 -2.51 -0.45 -28.60
CA GLY A 169 -2.49 -1.07 -29.93
C GLY A 169 -1.18 -0.84 -30.67
N GLN A 170 -0.76 0.43 -30.80
CA GLN A 170 0.52 0.78 -31.41
C GLN A 170 1.72 0.54 -30.50
N GLU A 171 1.58 0.85 -29.20
CA GLU A 171 2.62 0.64 -28.18
C GLU A 171 3.90 1.46 -28.46
N ARG A 172 3.70 2.72 -28.87
CA ARG A 172 4.80 3.62 -29.24
C ARG A 172 4.41 5.08 -29.25
N LEU A 173 3.20 5.36 -29.74
CA LEU A 173 2.66 6.71 -29.87
C LEU A 173 1.12 6.74 -29.92
N GLU A 174 0.46 5.71 -29.36
CA GLU A 174 -1.01 5.61 -29.38
C GLU A 174 -1.59 5.76 -30.80
N GLU B 1 20.83 0.30 13.13
CA GLU B 1 21.07 -0.57 14.29
C GLU B 1 19.96 -1.61 14.47
N GLU B 2 18.76 -1.29 13.98
CA GLU B 2 17.60 -2.17 14.04
C GLU B 2 17.93 -3.56 13.47
N GLN B 3 17.61 -4.58 14.26
CA GLN B 3 17.83 -5.96 13.84
C GLN B 3 16.63 -6.53 13.10
N TRP B 4 15.42 -6.01 13.33
CA TRP B 4 14.20 -6.45 12.67
C TRP B 4 13.96 -5.71 11.35
N ALA B 5 14.74 -4.66 11.08
CA ALA B 5 14.63 -3.90 9.84
C ALA B 5 14.96 -4.75 8.61
N ARG B 6 15.93 -5.65 8.75
CA ARG B 6 16.26 -6.63 7.72
C ARG B 6 15.09 -7.56 7.36
N GLU B 7 14.15 -7.71 8.28
CA GLU B 7 12.98 -8.57 8.13
C GLU B 7 11.88 -7.80 7.40
N ILE B 8 11.48 -6.63 7.91
CA ILE B 8 10.46 -5.78 7.27
C ILE B 8 10.82 -5.44 5.82
N GLY B 9 12.12 -5.36 5.51
CA GLY B 9 12.62 -4.98 4.19
C GLY B 9 12.25 -6.02 3.14
N ALA B 10 12.73 -7.24 3.34
CA ALA B 10 12.39 -8.35 2.46
C ALA B 10 10.94 -8.80 2.62
N GLN B 11 10.32 -8.58 3.79
CA GLN B 11 8.93 -8.95 4.09
C GLN B 11 7.92 -8.05 3.39
N LEU B 12 8.17 -6.74 3.33
CA LEU B 12 7.30 -5.82 2.60
C LEU B 12 7.47 -6.01 1.11
N ARG B 13 8.73 -6.14 0.66
CA ARG B 13 8.99 -6.34 -0.77
C ARG B 13 8.69 -7.77 -1.24
N ARG B 14 8.48 -8.71 -0.31
CA ARG B 14 8.35 -10.14 -0.58
C ARG B 14 7.26 -10.40 -1.60
N MET B 15 6.04 -10.03 -1.24
CA MET B 15 4.89 -10.15 -2.14
C MET B 15 4.92 -9.04 -3.17
N ALA B 16 5.32 -7.83 -2.79
CA ALA B 16 5.45 -6.76 -3.75
C ALA B 16 6.35 -7.10 -4.95
N ASP B 17 7.31 -8.01 -4.82
CA ASP B 17 8.15 -8.52 -5.92
C ASP B 17 7.33 -9.07 -7.09
N ASP B 18 6.09 -9.50 -6.85
CA ASP B 18 5.22 -9.94 -7.92
C ASP B 18 4.81 -8.78 -8.86
N LEU B 19 5.06 -7.51 -8.46
CA LEU B 19 4.83 -6.29 -9.27
C LEU B 19 5.39 -6.34 -10.69
N ASN B 20 6.40 -7.17 -10.91
CA ASN B 20 6.95 -7.49 -12.23
C ASN B 20 5.87 -7.84 -13.25
N ALA B 21 4.77 -8.46 -12.82
CA ALA B 21 3.63 -8.73 -13.66
C ALA B 21 3.09 -7.47 -14.35
N GLN B 22 3.30 -6.30 -13.74
CA GLN B 22 2.85 -4.99 -14.22
C GLN B 22 1.34 -4.77 -14.02
N TYR B 23 0.64 -5.77 -13.46
CA TYR B 23 -0.81 -5.81 -13.36
C TYR B 23 -1.30 -7.07 -12.62
N GLU B 24 -0.64 -8.21 -12.88
CA GLU B 24 -1.04 -9.52 -12.34
C GLU B 24 -0.42 -9.80 -10.96
N ARG B 25 -0.75 -8.95 -9.98
CA ARG B 25 -0.17 -8.92 -8.63
C ARG B 25 1.31 -8.51 -8.69
N MET A 1 7.20 13.42 -10.00
CA MET A 1 7.68 14.56 -10.83
C MET A 1 6.78 15.77 -10.63
N SER A 2 5.45 15.59 -10.67
CA SER A 2 4.47 16.66 -10.51
C SER A 2 3.08 16.06 -10.36
N ALA A 3 2.54 16.04 -9.16
CA ALA A 3 1.20 15.54 -8.86
C ALA A 3 0.57 16.36 -7.72
N MET A 4 -0.72 16.15 -7.51
CA MET A 4 -1.47 16.80 -6.43
C MET A 4 -1.41 16.01 -5.13
N SER A 5 -1.41 14.67 -5.23
CA SER A 5 -1.39 13.77 -4.08
C SER A 5 -2.54 14.05 -3.11
N GLN A 6 -3.63 14.64 -3.58
CA GLN A 6 -4.78 15.05 -2.76
C GLN A 6 -5.59 13.84 -2.32
N SER A 7 -6.02 13.07 -3.32
CA SER A 7 -6.83 11.86 -3.11
C SER A 7 -5.95 10.68 -2.70
N ASN A 8 -4.70 10.64 -3.17
CA ASN A 8 -3.73 9.62 -2.79
C ASN A 8 -3.44 9.64 -1.29
N ARG A 9 -3.25 10.84 -0.72
CA ARG A 9 -2.96 10.99 0.69
C ARG A 9 -4.08 10.45 1.56
N GLU A 10 -5.33 10.74 1.23
CA GLU A 10 -6.49 10.17 1.92
C GLU A 10 -6.70 8.69 1.61
N LEU A 11 -6.34 8.25 0.40
CA LEU A 11 -6.51 6.87 -0.04
C LEU A 11 -5.82 5.89 0.93
N VAL A 12 -4.54 6.15 1.18
CA VAL A 12 -3.74 5.32 2.09
C VAL A 12 -4.24 5.42 3.53
N VAL A 13 -4.73 6.59 3.94
CA VAL A 13 -5.30 6.85 5.26
C VAL A 13 -6.60 6.09 5.46
N ASP A 14 -7.36 5.89 4.39
CA ASP A 14 -8.66 5.22 4.43
C ASP A 14 -8.49 3.72 4.54
N PHE A 15 -7.65 3.15 3.66
CA PHE A 15 -7.33 1.73 3.68
C PHE A 15 -6.71 1.30 5.01
N LEU A 16 -5.82 2.11 5.57
CA LEU A 16 -5.21 1.82 6.86
C LEU A 16 -6.27 1.56 7.94
N SER A 17 -7.29 2.41 7.98
CA SER A 17 -8.43 2.28 8.89
C SER A 17 -9.20 0.99 8.67
N TYR A 18 -9.28 0.52 7.42
CA TYR A 18 -9.93 -0.74 7.08
C TYR A 18 -9.16 -1.96 7.56
N LYS A 19 -7.83 -1.91 7.48
CA LYS A 19 -6.94 -2.99 7.93
C LYS A 19 -6.87 -3.04 9.44
N LEU A 20 -6.71 -1.89 10.08
CA LEU A 20 -6.71 -1.79 11.54
C LEU A 20 -8.03 -2.24 12.16
N SER A 21 -9.13 -2.17 11.41
CA SER A 21 -10.45 -2.66 11.85
C SER A 21 -10.46 -4.13 12.27
N GLN A 22 -9.51 -4.92 11.76
CA GLN A 22 -9.32 -6.31 12.14
C GLN A 22 -8.98 -6.49 13.63
N LYS A 23 -8.53 -5.42 14.30
CA LYS A 23 -8.20 -5.43 15.72
C LYS A 23 -8.31 -4.05 16.40
N GLY A 24 -9.11 -3.14 15.85
CA GLY A 24 -9.23 -1.75 16.33
C GLY A 24 -8.86 -0.73 15.27
N TYR A 25 -9.80 -0.40 14.38
CA TYR A 25 -9.61 0.65 13.36
C TYR A 25 -9.19 1.96 14.05
N SER A 26 -8.19 2.62 13.48
CA SER A 26 -7.75 3.94 13.95
C SER A 26 -8.00 4.96 12.87
N TRP A 27 -8.00 6.24 13.23
CA TRP A 27 -8.21 7.40 12.34
C TRP A 27 -9.65 7.58 11.92
N SER A 28 -10.24 6.50 11.37
CA SER A 28 -11.64 6.46 11.00
C SER A 28 -12.53 6.66 12.20
N GLN A 29 -12.21 6.05 13.35
CA GLN A 29 -13.06 6.18 14.54
C GLN A 29 -14.48 5.61 14.37
N PHE A 30 -14.74 4.91 13.25
CA PHE A 30 -16.02 4.30 12.89
C PHE A 30 -15.94 3.42 11.64
N SER A 31 -14.75 2.86 11.35
CA SER A 31 -14.50 2.12 10.10
C SER A 31 -14.92 2.92 8.86
N ASP A 32 -14.84 4.26 8.86
CA ASP A 32 -15.32 5.14 7.78
C ASP A 32 -14.70 4.79 6.43
N VAL A 33 -13.37 4.66 6.40
CA VAL A 33 -12.57 4.26 5.23
C VAL A 33 -13.04 5.00 3.99
N GLU A 34 -12.53 6.21 3.79
CA GLU A 34 -12.91 7.06 2.65
C GLU A 34 -14.36 7.54 2.78
N GLU A 35 -14.91 7.55 4.00
CA GLU A 35 -16.31 7.92 4.23
C GLU A 35 -17.28 7.06 3.40
N ASN A 36 -17.02 5.76 3.34
CA ASN A 36 -17.81 4.82 2.55
C ASN A 36 -18.04 3.53 3.29
N ARG A 37 -17.01 2.67 3.38
CA ARG A 37 -17.10 1.33 3.99
C ARG A 37 -18.28 0.48 3.47
N THR A 38 -18.66 0.72 2.23
CA THR A 38 -19.83 0.11 1.58
C THR A 38 -19.43 -0.74 0.40
N GLU A 39 -18.29 -0.44 -0.22
CA GLU A 39 -17.75 -1.21 -1.34
C GLU A 39 -18.69 -1.19 -2.57
N ALA A 40 -19.49 -0.11 -2.68
CA ALA A 40 -20.46 0.07 -3.75
C ALA A 40 -19.80 0.55 -5.05
N PRO A 41 -20.48 0.34 -6.20
CA PRO A 41 -20.03 0.83 -7.50
C PRO A 41 -20.13 2.36 -7.60
N GLU A 42 -19.77 2.89 -8.76
CA GLU A 42 -19.84 4.33 -9.08
C GLU A 42 -20.06 4.58 -10.57
N GLY A 43 -19.05 4.29 -11.40
CA GLY A 43 -19.07 4.56 -12.84
C GLY A 43 -18.38 3.46 -13.63
N THR A 44 -17.37 3.83 -14.43
CA THR A 44 -16.69 2.84 -15.29
C THR A 44 -15.17 3.03 -15.30
N GLU A 45 -14.65 3.51 -14.18
CA GLU A 45 -13.22 3.80 -14.04
C GLU A 45 -12.84 3.98 -12.57
N SER A 46 -13.69 4.68 -11.80
CA SER A 46 -13.49 4.93 -10.37
C SER A 46 -13.88 3.74 -9.51
N GLU A 47 -14.99 3.06 -9.84
CA GLU A 47 -15.44 1.88 -9.10
C GLU A 47 -14.50 0.69 -9.30
N ALA A 48 -13.91 0.59 -10.49
CA ALA A 48 -13.01 -0.48 -10.84
C ALA A 48 -11.65 -0.27 -10.18
N VAL A 49 -11.08 0.94 -10.29
CA VAL A 49 -9.79 1.25 -9.64
C VAL A 49 -9.88 1.13 -8.12
N LYS A 50 -11.02 1.53 -7.54
CA LYS A 50 -11.23 1.54 -6.09
C LYS A 50 -11.34 0.12 -5.57
N GLN A 51 -12.09 -0.73 -6.28
CA GLN A 51 -12.26 -2.12 -5.91
C GLN A 51 -10.97 -2.92 -6.14
N ALA A 52 -10.25 -2.63 -7.24
CA ALA A 52 -9.02 -3.31 -7.57
C ALA A 52 -7.95 -3.12 -6.51
N LEU A 53 -7.88 -1.91 -5.92
CA LEU A 53 -6.97 -1.61 -4.83
C LEU A 53 -7.12 -2.59 -3.67
N ARG A 54 -8.36 -2.80 -3.24
CA ARG A 54 -8.69 -3.70 -2.13
C ARG A 54 -8.50 -5.16 -2.54
N GLU A 55 -9.01 -5.53 -3.71
CA GLU A 55 -8.92 -6.88 -4.27
C GLU A 55 -7.46 -7.36 -4.37
N ALA A 56 -6.58 -6.44 -4.79
CA ALA A 56 -5.15 -6.70 -4.87
C ALA A 56 -4.47 -6.54 -3.51
N GLY A 57 -5.09 -5.84 -2.56
CA GLY A 57 -4.61 -5.63 -1.19
C GLY A 57 -4.22 -6.91 -0.45
N ASP A 58 -4.83 -8.04 -0.82
CA ASP A 58 -4.54 -9.40 -0.33
C ASP A 58 -4.09 -10.35 -1.47
N GLU A 59 -3.75 -9.79 -2.64
CA GLU A 59 -3.24 -10.55 -3.78
C GLU A 59 -1.74 -10.80 -3.69
N PHE A 60 -1.00 -9.98 -2.96
CA PHE A 60 0.45 -10.16 -2.76
C PHE A 60 0.79 -11.56 -2.25
N GLU A 61 -0.03 -12.09 -1.32
CA GLU A 61 0.12 -13.45 -0.80
C GLU A 61 -0.03 -14.54 -1.86
N LEU A 62 -0.60 -14.19 -3.00
CA LEU A 62 -0.84 -15.06 -4.14
C LEU A 62 -1.85 -16.16 -3.79
N ARG A 63 -2.54 -15.99 -2.64
CA ARG A 63 -3.40 -17.02 -2.05
C ARG A 63 -2.70 -18.38 -1.87
N TYR A 64 -1.38 -18.38 -1.69
CA TYR A 64 -0.55 -19.59 -1.64
C TYR A 64 0.48 -19.53 -0.50
N ARG A 65 1.23 -18.44 -0.41
CA ARG A 65 2.23 -18.24 0.65
C ARG A 65 1.95 -16.95 1.40
N ARG A 66 2.54 -16.77 2.58
CA ARG A 66 2.32 -15.60 3.46
C ARG A 66 3.62 -15.05 4.03
N ALA A 67 4.63 -14.93 3.15
CA ALA A 67 6.00 -14.58 3.53
C ALA A 67 6.66 -15.66 4.43
N PHE A 68 7.99 -15.59 4.53
CA PHE A 68 8.72 -16.51 5.43
C PHE A 68 8.50 -16.19 6.91
N SER A 69 8.37 -14.90 7.24
CA SER A 69 8.05 -14.44 8.61
C SER A 69 6.57 -14.67 8.93
N ASP A 70 6.14 -14.16 10.09
CA ASP A 70 4.76 -14.21 10.57
C ASP A 70 4.04 -12.86 10.42
N LEU A 71 4.78 -11.76 10.29
CA LEU A 71 4.22 -10.42 10.04
C LEU A 71 3.36 -9.89 11.19
N THR A 72 3.73 -10.26 12.41
CA THR A 72 2.94 -9.99 13.63
C THR A 72 3.67 -10.42 14.89
N SER A 73 4.43 -11.52 14.82
CA SER A 73 5.24 -11.95 15.96
C SER A 73 6.41 -10.99 16.17
N GLN A 74 6.75 -10.74 17.44
CA GLN A 74 7.83 -9.85 17.86
C GLN A 74 7.61 -8.41 17.44
N LEU A 75 7.82 -8.12 16.16
CA LEU A 75 7.71 -6.81 15.54
C LEU A 75 8.36 -5.73 16.40
N HIS A 76 9.69 -5.69 16.39
CA HIS A 76 10.43 -4.70 17.15
C HIS A 76 11.82 -4.54 16.57
N ILE A 77 12.39 -3.38 16.83
CA ILE A 77 13.70 -2.96 16.32
C ILE A 77 14.48 -2.39 17.49
N THR A 78 14.18 -1.13 17.83
CA THR A 78 14.92 -0.40 18.87
C THR A 78 14.40 1.03 19.06
N PRO A 79 14.66 1.62 20.25
CA PRO A 79 14.26 2.98 20.63
C PRO A 79 15.04 4.06 19.87
N GLY A 80 14.72 4.28 18.59
CA GLY A 80 15.40 5.25 17.74
C GLY A 80 15.66 4.75 16.32
N THR A 81 15.50 3.45 16.10
CA THR A 81 15.69 2.80 14.80
C THR A 81 14.36 2.41 14.18
N ALA A 82 13.25 2.87 14.75
CA ALA A 82 11.91 2.70 14.17
C ALA A 82 11.81 3.21 12.73
N TYR A 83 12.55 4.27 12.41
CA TYR A 83 12.60 4.84 11.06
C TYR A 83 13.40 3.98 10.07
N GLN A 84 14.34 3.18 10.58
CA GLN A 84 15.13 2.27 9.76
C GLN A 84 14.26 1.24 9.09
N SER A 85 13.27 0.68 9.80
CA SER A 85 12.35 -0.28 9.19
C SER A 85 11.65 0.31 7.98
N PHE A 86 11.00 1.47 8.12
CA PHE A 86 10.30 2.13 7.03
C PHE A 86 11.19 2.45 5.83
N GLU A 87 12.34 3.09 6.09
CA GLU A 87 13.34 3.39 5.07
C GLU A 87 13.87 2.13 4.37
N GLN A 88 14.00 1.04 5.14
CA GLN A 88 14.46 -0.25 4.65
C GLN A 88 13.42 -0.90 3.76
N VAL A 89 12.14 -0.86 4.17
CA VAL A 89 11.03 -1.38 3.38
C VAL A 89 11.04 -0.78 1.98
N VAL A 90 11.13 0.54 1.90
CA VAL A 90 11.13 1.25 0.62
C VAL A 90 12.34 0.84 -0.21
N ASN A 91 13.53 0.78 0.38
CA ASN A 91 14.75 0.36 -0.32
C ASN A 91 14.61 -1.04 -0.92
N GLU A 92 14.14 -2.00 -0.12
CA GLU A 92 14.00 -3.38 -0.56
C GLU A 92 12.90 -3.52 -1.61
N LEU A 93 11.83 -2.72 -1.50
CA LEU A 93 10.76 -2.59 -2.49
C LEU A 93 11.17 -1.87 -3.77
N PHE A 94 12.28 -1.13 -3.73
CA PHE A 94 12.86 -0.45 -4.88
C PHE A 94 13.81 -1.34 -5.68
N ARG A 95 13.80 -2.65 -5.41
CA ARG A 95 14.70 -3.61 -6.06
C ARG A 95 14.69 -3.45 -7.58
N ASP A 96 13.50 -3.57 -8.16
CA ASP A 96 13.26 -3.46 -9.61
C ASP A 96 11.76 -3.45 -9.95
N GLY A 97 10.95 -3.02 -8.98
CA GLY A 97 9.51 -3.06 -9.12
C GLY A 97 8.90 -1.66 -9.08
N VAL A 98 8.71 -1.13 -7.87
CA VAL A 98 8.12 0.20 -7.66
C VAL A 98 6.76 0.36 -8.37
N ASN A 99 5.74 -0.27 -7.81
CA ASN A 99 4.38 -0.15 -8.34
C ASN A 99 3.35 -0.43 -7.26
N TRP A 100 2.13 -0.80 -7.68
CA TRP A 100 1.06 -1.29 -6.82
C TRP A 100 1.52 -2.28 -5.75
N GLY A 101 2.50 -3.14 -6.05
CA GLY A 101 3.06 -4.07 -5.07
C GLY A 101 3.53 -3.41 -3.79
N ARG A 102 4.36 -2.37 -3.88
CA ARG A 102 4.79 -1.61 -2.69
C ARG A 102 3.62 -1.13 -1.85
N ILE A 103 2.54 -0.73 -2.50
CA ILE A 103 1.30 -0.27 -1.85
C ILE A 103 0.53 -1.43 -1.22
N VAL A 104 0.49 -2.59 -1.88
CA VAL A 104 -0.18 -3.79 -1.39
C VAL A 104 0.53 -4.37 -0.17
N ALA A 105 1.87 -4.42 -0.21
CA ALA A 105 2.66 -4.89 0.92
C ALA A 105 2.52 -3.96 2.11
N PHE A 106 2.68 -2.64 1.89
CA PHE A 106 2.54 -1.67 2.95
C PHE A 106 1.10 -1.61 3.49
N PHE A 107 0.10 -1.99 2.71
CA PHE A 107 -1.29 -2.00 3.12
C PHE A 107 -1.57 -3.11 4.14
N SER A 108 -1.52 -4.37 3.70
CA SER A 108 -1.84 -5.52 4.54
C SER A 108 -0.90 -5.63 5.73
N PHE A 109 0.40 -5.48 5.46
CA PHE A 109 1.41 -5.43 6.50
C PHE A 109 1.28 -4.17 7.37
N GLY A 110 0.82 -3.05 6.80
CA GLY A 110 0.65 -1.79 7.51
C GLY A 110 -0.30 -1.92 8.68
N GLY A 111 -1.46 -2.55 8.51
CA GLY A 111 -2.37 -2.79 9.63
C GLY A 111 -1.92 -3.92 10.55
N ALA A 112 -1.29 -4.97 10.02
CA ALA A 112 -0.73 -6.08 10.81
C ALA A 112 0.47 -5.69 11.69
N LEU A 113 1.26 -4.71 11.26
CA LEU A 113 2.34 -4.13 12.02
C LEU A 113 1.85 -2.97 12.87
N CYS A 114 0.85 -2.21 12.43
CA CYS A 114 0.35 -1.05 13.14
C CYS A 114 -0.30 -1.49 14.45
N VAL A 115 -1.14 -2.53 14.44
CA VAL A 115 -1.75 -3.08 15.66
C VAL A 115 -0.75 -3.50 16.73
N GLU A 116 0.44 -3.94 16.34
CA GLU A 116 1.51 -4.33 17.26
C GLU A 116 2.46 -3.16 17.58
N SER A 117 2.68 -2.27 16.61
CA SER A 117 3.53 -1.09 16.77
C SER A 117 2.89 -0.07 17.69
N VAL A 118 1.65 0.33 17.41
CA VAL A 118 0.91 1.26 18.28
C VAL A 118 0.67 0.72 19.69
N ASP A 119 0.54 -0.60 19.84
CA ASP A 119 0.39 -1.25 21.14
C ASP A 119 1.70 -1.26 21.95
N LYS A 120 2.82 -0.99 21.27
CA LYS A 120 4.16 -0.93 21.86
C LYS A 120 4.82 0.44 21.77
N GLU A 121 4.10 1.41 21.22
CA GLU A 121 4.57 2.79 20.97
C GLU A 121 3.44 3.81 21.02
N MET A 122 2.35 3.48 21.75
CA MET A 122 1.17 4.32 21.88
C MET A 122 0.47 4.57 20.52
N GLN A 123 -0.51 5.47 20.51
CA GLN A 123 -1.16 5.90 19.28
C GLN A 123 -0.35 6.93 18.47
N VAL A 124 0.91 7.18 18.85
CA VAL A 124 1.79 8.17 18.22
C VAL A 124 2.63 7.51 17.12
N LEU A 125 2.89 6.20 17.22
CA LEU A 125 3.66 5.49 16.22
C LEU A 125 3.01 5.56 14.84
N VAL A 126 1.80 5.05 14.71
CA VAL A 126 1.01 5.12 13.48
C VAL A 126 0.89 6.52 12.90
N SER A 127 0.92 7.54 13.76
CA SER A 127 0.88 8.95 13.36
C SER A 127 2.01 9.30 12.39
N ARG A 128 3.22 8.79 12.67
CA ARG A 128 4.36 8.94 11.75
C ARG A 128 4.31 7.96 10.57
N ILE A 129 3.67 6.80 10.73
CA ILE A 129 3.58 5.76 9.69
C ILE A 129 2.71 6.25 8.52
N ALA A 130 1.51 6.72 8.82
CA ALA A 130 0.58 7.23 7.79
C ALA A 130 1.19 8.41 7.02
N ALA A 131 1.89 9.30 7.72
CA ALA A 131 2.59 10.42 7.08
C ALA A 131 3.73 9.94 6.16
N TRP A 132 4.46 8.91 6.59
CA TRP A 132 5.50 8.29 5.78
C TRP A 132 4.95 7.65 4.51
N MET A 133 3.75 7.08 4.56
CA MET A 133 3.11 6.46 3.39
C MET A 133 3.04 7.41 2.20
N ALA A 134 2.54 8.62 2.43
CA ALA A 134 2.42 9.66 1.40
C ALA A 134 3.76 10.33 1.10
N THR A 135 4.55 10.64 2.13
CA THR A 135 5.88 11.25 1.98
C THR A 135 6.78 10.40 1.08
N TYR A 136 6.78 9.08 1.30
CA TYR A 136 7.56 8.15 0.49
C TYR A 136 7.02 8.00 -0.93
N LEU A 137 5.69 7.97 -1.08
CA LEU A 137 5.04 7.94 -2.39
C LEU A 137 5.51 9.09 -3.28
N ASN A 138 5.59 10.30 -2.72
CA ASN A 138 6.08 11.45 -3.47
C ASN A 138 7.59 11.41 -3.69
N ASP A 139 8.34 10.90 -2.71
CA ASP A 139 9.80 10.81 -2.75
C ASP A 139 10.29 10.14 -4.04
N HIS A 140 9.75 8.96 -4.33
CA HIS A 140 10.11 8.18 -5.52
C HIS A 140 9.08 7.10 -5.86
N LEU A 141 7.86 7.49 -6.18
CA LEU A 141 6.79 6.54 -6.50
C LEU A 141 5.72 7.19 -7.37
N GLU A 142 5.37 8.45 -7.09
CA GLU A 142 4.43 9.22 -7.90
C GLU A 142 4.79 9.17 -9.40
N PRO A 143 6.01 9.58 -9.81
CA PRO A 143 6.40 9.52 -11.22
C PRO A 143 6.63 8.09 -11.71
N TRP A 144 7.31 7.28 -10.91
CA TRP A 144 7.71 5.94 -11.31
C TRP A 144 6.51 5.02 -11.58
N ILE A 145 5.58 4.97 -10.63
CA ILE A 145 4.32 4.24 -10.76
C ILE A 145 3.54 4.75 -11.96
N GLN A 146 3.51 6.08 -12.16
CA GLN A 146 2.82 6.69 -13.30
C GLN A 146 3.41 6.26 -14.63
N GLU A 147 4.74 6.20 -14.73
CA GLU A 147 5.45 5.73 -15.93
C GLU A 147 5.08 4.29 -16.28
N ASN A 148 4.87 3.44 -15.27
CA ASN A 148 4.43 2.07 -15.46
C ASN A 148 2.91 1.94 -15.67
N GLY A 149 2.13 2.90 -15.17
CA GLY A 149 0.68 2.96 -15.26
C GLY A 149 -0.01 2.96 -13.88
N GLY A 150 0.49 2.14 -12.94
CA GLY A 150 -0.05 2.02 -11.59
C GLY A 150 -1.51 1.65 -11.54
N TRP A 151 -2.39 2.66 -11.45
CA TRP A 151 -3.84 2.50 -11.55
C TRP A 151 -4.31 1.80 -12.81
N ASP A 152 -3.57 1.97 -13.92
CA ASP A 152 -3.84 1.26 -15.18
C ASP A 152 -3.73 -0.27 -15.03
N THR A 153 -2.72 -0.71 -14.26
CA THR A 153 -2.56 -2.14 -13.97
C THR A 153 -3.60 -2.65 -13.00
N PHE A 154 -4.04 -1.83 -12.04
CA PHE A 154 -5.05 -2.20 -11.06
C PHE A 154 -6.37 -2.63 -11.71
N VAL A 155 -6.92 -1.76 -12.54
CA VAL A 155 -8.15 -2.05 -13.30
C VAL A 155 -7.95 -3.18 -14.30
N GLU A 156 -6.77 -3.30 -14.91
CA GLU A 156 -6.44 -4.41 -15.80
C GLU A 156 -6.27 -5.74 -15.06
N LEU A 157 -6.10 -5.71 -13.74
CA LEU A 157 -5.94 -6.91 -12.91
C LEU A 157 -7.30 -7.49 -12.50
N TYR A 158 -8.15 -6.63 -11.94
CA TYR A 158 -9.50 -7.02 -11.54
C TYR A 158 -10.52 -6.94 -12.68
N GLY A 159 -10.07 -6.54 -13.87
CA GLY A 159 -10.91 -6.34 -15.05
C GLY A 159 -10.41 -7.14 -16.25
N ASN A 160 -9.11 -7.45 -16.32
CA ASN A 160 -8.49 -8.20 -17.42
C ASN A 160 -8.66 -7.55 -18.80
N ASN A 161 -9.06 -6.26 -18.83
CA ASN A 161 -9.46 -5.51 -20.01
C ASN A 161 -9.71 -4.03 -19.66
N ALA A 162 -8.64 -3.28 -19.37
CA ALA A 162 -8.78 -1.84 -19.09
C ALA A 162 -9.26 -1.05 -20.32
N ALA A 163 -8.46 -1.07 -21.40
CA ALA A 163 -8.77 -0.33 -22.63
C ALA A 163 -9.09 -1.27 -23.79
N ALA A 164 -8.06 -1.94 -24.32
CA ALA A 164 -8.19 -2.89 -25.42
C ALA A 164 -7.97 -4.31 -24.91
N GLU A 165 -6.73 -4.68 -24.64
CA GLU A 165 -6.38 -6.03 -24.16
C GLU A 165 -4.93 -6.11 -23.67
N SER A 166 -4.02 -5.42 -24.38
CA SER A 166 -2.60 -5.40 -24.02
C SER A 166 -2.27 -4.25 -23.07
N ARG A 167 -2.78 -3.05 -23.38
CA ARG A 167 -2.53 -1.83 -22.58
C ARG A 167 -1.06 -1.45 -22.40
N LYS A 168 -0.27 -1.91 -23.37
CA LYS A 168 1.19 -1.73 -23.40
C LYS A 168 1.69 -1.32 -24.78
N GLY A 169 0.77 -0.89 -25.64
CA GLY A 169 1.06 -0.46 -26.99
C GLY A 169 1.21 1.05 -27.13
N GLN A 170 1.45 1.75 -26.01
CA GLN A 170 1.56 3.21 -25.97
C GLN A 170 0.27 3.94 -26.37
N GLU A 171 -0.87 3.21 -26.38
CA GLU A 171 -2.15 3.70 -26.90
C GLU A 171 -2.14 3.98 -28.42
N ARG A 172 -1.10 3.50 -29.12
CA ARG A 172 -0.91 3.74 -30.55
C ARG A 172 -0.71 2.45 -31.34
N LEU A 173 -1.35 1.37 -30.87
CA LEU A 173 -1.32 0.04 -31.48
C LEU A 173 0.05 -0.62 -31.36
N GLU A 174 0.78 -0.32 -30.28
CA GLU A 174 2.18 -0.73 -30.11
C GLU A 174 3.04 -0.40 -31.34
N GLU B 1 21.05 -0.21 9.74
CA GLU B 1 20.79 -1.52 9.13
C GLU B 1 19.76 -2.33 9.92
N GLU B 2 19.90 -2.37 11.26
CA GLU B 2 19.06 -3.19 12.14
C GLU B 2 19.02 -4.70 11.77
N GLN B 3 18.39 -5.51 12.63
CA GLN B 3 18.27 -6.95 12.41
C GLN B 3 16.92 -7.30 11.80
N TRP B 4 15.83 -7.02 12.53
CA TRP B 4 14.47 -7.26 12.07
C TRP B 4 14.12 -6.39 10.85
N ALA B 5 14.81 -5.26 10.69
CA ALA B 5 14.68 -4.41 9.52
C ALA B 5 15.06 -5.12 8.21
N ARG B 6 15.81 -6.21 8.28
CA ARG B 6 16.04 -7.06 7.10
C ARG B 6 14.75 -7.74 6.68
N GLU B 7 13.95 -8.27 7.61
CA GLU B 7 12.73 -8.98 7.25
C GLU B 7 11.56 -8.03 6.98
N ILE B 8 11.47 -6.93 7.73
CA ILE B 8 10.43 -5.92 7.51
C ILE B 8 10.44 -5.37 6.08
N GLY B 9 11.57 -5.42 5.39
CA GLY B 9 11.70 -4.92 4.04
C GLY B 9 11.82 -6.04 3.01
N ALA B 10 12.65 -7.06 3.26
CA ALA B 10 12.76 -8.18 2.32
C ALA B 10 11.50 -9.04 2.31
N GLN B 11 11.00 -9.47 3.47
CA GLN B 11 9.78 -10.28 3.57
C GLN B 11 8.55 -9.56 3.03
N LEU B 12 8.51 -8.22 3.15
CA LEU B 12 7.43 -7.39 2.65
C LEU B 12 7.50 -7.22 1.14
N ARG B 13 8.66 -6.75 0.65
CA ARG B 13 8.91 -6.62 -0.78
C ARG B 13 8.81 -7.96 -1.48
N ARG B 14 8.97 -9.07 -0.76
CA ARG B 14 9.00 -10.41 -1.32
C ARG B 14 7.76 -10.69 -2.16
N MET B 15 6.60 -10.43 -1.60
CA MET B 15 5.32 -10.63 -2.24
C MET B 15 4.95 -9.45 -3.12
N ALA B 16 5.13 -8.22 -2.63
CA ALA B 16 4.93 -7.04 -3.43
C ALA B 16 5.76 -7.00 -4.72
N ASP B 17 6.94 -7.62 -4.75
CA ASP B 17 7.78 -7.77 -5.94
C ASP B 17 7.03 -8.39 -7.13
N ASP B 18 5.97 -9.16 -6.85
CA ASP B 18 5.07 -9.68 -7.88
C ASP B 18 4.43 -8.58 -8.74
N LEU B 19 4.48 -7.33 -8.29
CA LEU B 19 4.08 -6.21 -9.12
C LEU B 19 4.73 -6.18 -10.50
N ASN B 20 5.99 -6.62 -10.59
CA ASN B 20 6.77 -6.59 -11.82
C ASN B 20 6.15 -7.48 -12.89
N ALA B 21 5.45 -8.53 -12.44
CA ALA B 21 4.66 -9.40 -13.30
C ALA B 21 3.64 -8.64 -14.14
N GLN B 22 3.21 -7.46 -13.69
CA GLN B 22 2.32 -6.56 -14.42
C GLN B 22 0.96 -7.23 -14.66
N TYR B 23 0.17 -7.47 -13.60
CA TYR B 23 -1.09 -8.21 -13.65
C TYR B 23 -0.91 -9.73 -13.81
N GLU B 24 -0.03 -10.15 -14.73
CA GLU B 24 0.25 -11.54 -15.07
C GLU B 24 0.68 -12.35 -13.84
N ARG B 25 -0.25 -13.09 -13.25
CA ARG B 25 -0.02 -13.89 -12.04
C ARG B 25 0.38 -15.34 -12.37
N MET A 1 -6.94 12.38 -10.28
CA MET A 1 -6.96 13.05 -11.59
C MET A 1 -5.57 13.53 -11.96
N SER A 2 -4.99 14.46 -11.18
CA SER A 2 -3.69 15.10 -11.50
C SER A 2 -3.29 16.11 -10.40
N ALA A 3 -3.09 15.62 -9.18
CA ALA A 3 -2.67 16.44 -8.05
C ALA A 3 -1.40 15.90 -7.41
N MET A 4 -0.88 16.59 -6.39
CA MET A 4 0.31 16.16 -5.64
C MET A 4 0.09 14.79 -4.96
N SER A 5 -0.85 14.73 -4.01
CA SER A 5 -1.09 13.51 -3.22
C SER A 5 -2.34 13.64 -2.34
N GLN A 6 -3.33 14.42 -2.79
CA GLN A 6 -4.55 14.68 -2.03
C GLN A 6 -5.41 13.41 -1.89
N SER A 7 -5.74 12.80 -3.03
CA SER A 7 -6.53 11.55 -3.08
C SER A 7 -5.75 10.37 -2.50
N ASN A 8 -4.41 10.42 -2.60
CA ASN A 8 -3.54 9.41 -2.02
C ASN A 8 -3.64 9.39 -0.49
N ARG A 9 -3.80 10.56 0.15
CA ARG A 9 -3.90 10.67 1.60
C ARG A 9 -5.01 9.80 2.16
N GLU A 10 -6.22 9.94 1.62
CA GLU A 10 -7.39 9.14 1.99
C GLU A 10 -7.24 7.67 1.61
N LEU A 11 -6.49 7.39 0.54
CA LEU A 11 -6.19 6.03 0.08
C LEU A 11 -5.46 5.23 1.18
N VAL A 12 -4.46 5.86 1.81
CA VAL A 12 -3.70 5.22 2.89
C VAL A 12 -4.59 4.95 4.10
N VAL A 13 -5.43 5.92 4.47
CA VAL A 13 -6.34 5.80 5.61
C VAL A 13 -7.22 4.58 5.44
N ASP A 14 -7.83 4.40 4.27
CA ASP A 14 -8.70 3.24 3.99
C ASP A 14 -7.92 1.94 4.02
N PHE A 15 -6.71 1.91 3.47
CA PHE A 15 -5.83 0.73 3.50
C PHE A 15 -5.49 0.29 4.93
N LEU A 16 -5.00 1.23 5.73
CA LEU A 16 -4.69 0.96 7.14
C LEU A 16 -5.94 0.64 7.94
N SER A 17 -7.05 1.28 7.60
CA SER A 17 -8.35 1.05 8.24
C SER A 17 -8.93 -0.31 7.92
N TYR A 18 -8.68 -0.84 6.71
CA TYR A 18 -9.15 -2.15 6.28
C TYR A 18 -8.33 -3.28 6.91
N LYS A 19 -7.00 -3.09 7.00
CA LYS A 19 -6.11 -4.08 7.60
C LYS A 19 -6.37 -4.25 9.09
N LEU A 20 -6.51 -3.13 9.81
CA LEU A 20 -6.83 -3.12 11.24
C LEU A 20 -8.30 -3.51 11.50
N SER A 21 -9.18 -3.28 10.52
CA SER A 21 -10.62 -3.63 10.63
C SER A 21 -10.84 -5.12 10.80
N GLN A 22 -9.88 -5.93 10.34
CA GLN A 22 -9.89 -7.38 10.54
C GLN A 22 -9.97 -7.78 12.03
N LYS A 23 -9.45 -6.93 12.93
CA LYS A 23 -9.53 -7.12 14.38
C LYS A 23 -10.64 -6.28 15.01
N GLY A 24 -10.87 -5.07 14.52
CA GLY A 24 -11.92 -4.17 15.03
C GLY A 24 -11.43 -2.76 15.31
N TYR A 25 -10.68 -2.17 14.38
CA TYR A 25 -10.14 -0.83 14.52
C TYR A 25 -9.80 -0.25 13.16
N SER A 26 -9.67 1.07 13.07
CA SER A 26 -9.28 1.74 11.84
C SER A 26 -8.56 3.04 12.17
N TRP A 27 -7.75 3.56 11.24
CA TRP A 27 -7.08 4.85 11.41
C TRP A 27 -8.07 5.98 11.74
N SER A 28 -9.28 5.90 11.17
CA SER A 28 -10.36 6.86 11.43
C SER A 28 -11.21 6.49 12.64
N GLN A 29 -11.24 5.21 13.04
CA GLN A 29 -11.98 4.71 14.20
C GLN A 29 -13.48 4.90 14.04
N PHE A 30 -14.07 4.31 12.99
CA PHE A 30 -15.51 4.47 12.68
C PHE A 30 -15.91 5.95 12.48
N SER A 31 -14.98 6.77 11.96
CA SER A 31 -15.22 8.20 11.75
C SER A 31 -15.82 8.46 10.35
N ASP A 32 -15.01 8.21 9.31
CA ASP A 32 -15.40 8.55 7.94
C ASP A 32 -15.21 7.36 7.02
N VAL A 33 -13.95 6.95 6.81
CA VAL A 33 -13.56 5.77 6.00
C VAL A 33 -13.84 6.00 4.51
N GLU A 34 -15.10 6.28 4.18
CA GLU A 34 -15.61 6.49 2.82
C GLU A 34 -16.88 7.35 2.83
N GLU A 35 -17.04 8.25 3.81
CA GLU A 35 -18.21 9.13 3.95
C GLU A 35 -19.51 8.34 4.16
N ASN A 36 -19.37 7.12 4.70
CA ASN A 36 -20.45 6.15 4.85
C ASN A 36 -21.20 5.90 3.53
N ARG A 37 -20.54 6.04 2.37
CA ARG A 37 -21.11 5.93 1.02
C ARG A 37 -22.45 6.69 0.86
N THR A 38 -22.59 7.83 1.54
CA THR A 38 -23.89 8.52 1.68
C THR A 38 -24.53 8.79 0.33
N GLU A 39 -23.87 9.58 -0.51
CA GLU A 39 -24.31 9.93 -1.87
C GLU A 39 -23.14 9.89 -2.85
N ALA A 40 -22.31 8.85 -2.74
CA ALA A 40 -21.16 8.66 -3.61
C ALA A 40 -21.45 7.61 -4.72
N PRO A 41 -20.66 7.66 -5.82
CA PRO A 41 -20.76 6.71 -6.93
C PRO A 41 -20.33 5.29 -6.52
N GLU A 42 -20.20 4.39 -7.50
CA GLU A 42 -19.81 2.99 -7.28
C GLU A 42 -19.01 2.41 -8.47
N GLY A 43 -17.97 3.12 -8.91
CA GLY A 43 -17.16 2.67 -10.04
C GLY A 43 -16.98 3.73 -11.12
N THR A 44 -16.83 4.98 -10.70
CA THR A 44 -16.66 6.11 -11.64
C THR A 44 -15.20 6.47 -11.86
N GLU A 45 -14.40 6.40 -10.79
CA GLU A 45 -12.97 6.72 -10.82
C GLU A 45 -12.30 6.49 -9.47
N SER A 46 -13.01 6.74 -8.36
CA SER A 46 -12.52 6.58 -6.98
C SER A 46 -13.10 5.32 -6.33
N GLU A 47 -14.39 5.04 -6.55
CA GLU A 47 -14.99 3.82 -6.02
C GLU A 47 -14.49 2.56 -6.73
N ALA A 48 -14.11 2.68 -8.00
CA ALA A 48 -13.57 1.58 -8.80
C ALA A 48 -12.11 1.28 -8.43
N VAL A 49 -11.26 2.32 -8.36
CA VAL A 49 -9.86 2.16 -7.96
C VAL A 49 -9.74 1.71 -6.51
N LYS A 50 -10.53 2.26 -5.59
CA LYS A 50 -10.47 1.86 -4.18
C LYS A 50 -10.97 0.44 -3.98
N GLN A 51 -11.97 0.02 -4.77
CA GLN A 51 -12.56 -1.32 -4.69
C GLN A 51 -11.60 -2.35 -5.25
N ALA A 52 -11.00 -2.06 -6.40
CA ALA A 52 -10.02 -2.95 -7.00
C ALA A 52 -8.73 -3.01 -6.19
N LEU A 53 -8.41 -1.96 -5.42
CA LEU A 53 -7.19 -1.93 -4.63
C LEU A 53 -7.26 -2.88 -3.45
N ARG A 54 -8.37 -2.82 -2.70
CA ARG A 54 -8.59 -3.74 -1.58
C ARG A 54 -8.85 -5.17 -2.05
N GLU A 55 -9.54 -5.33 -3.17
CA GLU A 55 -9.83 -6.64 -3.76
C GLU A 55 -8.56 -7.32 -4.28
N ALA A 56 -7.69 -6.56 -4.94
CA ALA A 56 -6.42 -7.05 -5.47
C ALA A 56 -5.32 -7.16 -4.39
N GLY A 57 -5.44 -6.39 -3.31
CA GLY A 57 -4.49 -6.39 -2.20
C GLY A 57 -4.35 -7.76 -1.51
N ASP A 58 -5.48 -8.41 -1.25
CA ASP A 58 -5.52 -9.77 -0.73
C ASP A 58 -5.73 -10.80 -1.87
N GLU A 59 -5.50 -10.44 -3.14
CA GLU A 59 -5.66 -11.36 -4.29
C GLU A 59 -4.40 -12.17 -4.60
N PHE A 60 -3.22 -11.62 -4.24
CA PHE A 60 -1.95 -12.29 -4.46
C PHE A 60 -1.40 -12.84 -3.14
N GLU A 61 -1.00 -11.95 -2.23
CA GLU A 61 -0.42 -12.33 -0.93
C GLU A 61 -1.38 -13.25 -0.15
N LEU A 62 -2.63 -12.79 -0.01
CA LEU A 62 -3.69 -13.49 0.72
C LEU A 62 -4.46 -14.45 -0.19
N ARG A 63 -3.72 -15.30 -0.90
CA ARG A 63 -4.32 -16.25 -1.85
C ARG A 63 -3.33 -17.22 -2.45
N TYR A 64 -2.10 -16.75 -2.62
CA TYR A 64 -1.00 -17.55 -3.15
C TYR A 64 0.03 -17.86 -2.09
N ARG A 65 0.21 -16.96 -1.09
CA ARG A 65 1.18 -17.12 -0.01
C ARG A 65 2.54 -17.52 -0.58
N ARG A 66 3.30 -16.55 -1.07
CA ARG A 66 4.65 -16.81 -1.63
C ARG A 66 5.50 -17.64 -0.68
N ALA A 67 5.48 -17.26 0.60
CA ALA A 67 6.18 -17.97 1.67
C ALA A 67 5.83 -17.44 3.06
N PHE A 68 5.48 -16.16 3.17
CA PHE A 68 5.16 -15.46 4.42
C PHE A 68 6.36 -15.36 5.36
N SER A 69 6.83 -16.49 5.89
CA SER A 69 7.94 -16.62 6.84
C SER A 69 7.68 -15.86 8.14
N ASP A 70 7.72 -14.53 8.10
CA ASP A 70 7.52 -13.65 9.25
C ASP A 70 7.09 -12.24 8.81
N LEU A 71 5.78 -12.02 8.66
CA LEU A 71 5.24 -10.74 8.18
C LEU A 71 4.29 -10.09 9.20
N THR A 72 4.46 -10.43 10.48
CA THR A 72 3.55 -10.03 11.56
C THR A 72 4.08 -10.42 12.94
N SER A 73 4.69 -11.60 13.05
CA SER A 73 5.33 -12.01 14.30
C SER A 73 6.54 -11.15 14.61
N GLN A 74 7.04 -11.27 15.84
CA GLN A 74 8.19 -10.52 16.37
C GLN A 74 7.97 -9.01 16.34
N LEU A 75 8.14 -8.39 15.17
CA LEU A 75 7.98 -6.97 14.92
C LEU A 75 8.74 -6.10 15.94
N HIS A 76 10.00 -5.81 15.63
CA HIS A 76 10.86 -5.05 16.55
C HIS A 76 11.06 -3.64 16.01
N ILE A 77 10.85 -2.65 16.88
CA ILE A 77 10.93 -1.24 16.55
C ILE A 77 11.48 -0.45 17.75
N THR A 78 12.75 -0.65 18.06
CA THR A 78 13.41 0.12 19.13
C THR A 78 13.16 1.64 19.02
N PRO A 79 13.27 2.38 20.14
CA PRO A 79 13.04 3.82 20.23
C PRO A 79 14.11 4.65 19.49
N GLY A 80 14.03 4.66 18.16
CA GLY A 80 15.02 5.31 17.30
C GLY A 80 15.35 4.54 16.01
N THR A 81 14.87 3.29 15.91
CA THR A 81 15.10 2.43 14.75
C THR A 81 13.87 2.34 13.86
N ALA A 82 12.73 2.86 14.32
CA ALA A 82 11.50 2.93 13.53
C ALA A 82 11.68 3.58 12.16
N TYR A 83 12.62 4.52 12.08
CA TYR A 83 12.95 5.17 10.82
C TYR A 83 13.69 4.26 9.84
N GLN A 84 14.56 3.40 10.37
CA GLN A 84 15.32 2.44 9.58
C GLN A 84 14.42 1.41 8.91
N SER A 85 13.36 0.95 9.62
CA SER A 85 12.35 0.05 9.05
C SER A 85 11.75 0.63 7.77
N PHE A 86 11.29 1.88 7.81
CA PHE A 86 10.70 2.54 6.64
C PHE A 86 11.68 2.59 5.46
N GLU A 87 12.90 3.05 5.73
CA GLU A 87 13.96 3.15 4.73
C GLU A 87 14.30 1.79 4.12
N GLN A 88 14.26 0.73 4.94
CA GLN A 88 14.46 -0.63 4.49
C GLN A 88 13.30 -1.16 3.65
N VAL A 89 12.06 -0.85 4.05
CA VAL A 89 10.87 -1.28 3.34
C VAL A 89 10.93 -0.80 1.91
N VAL A 90 10.97 0.51 1.74
CA VAL A 90 10.99 1.13 0.41
C VAL A 90 12.25 0.73 -0.36
N ASN A 91 13.38 0.55 0.33
CA ASN A 91 14.64 0.10 -0.29
C ASN A 91 14.47 -1.25 -1.00
N GLU A 92 13.97 -2.26 -0.26
CA GLU A 92 13.77 -3.59 -0.83
C GLU A 92 12.61 -3.58 -1.81
N LEU A 93 11.51 -2.87 -1.52
CA LEU A 93 10.37 -2.71 -2.43
C LEU A 93 10.73 -2.05 -3.76
N PHE A 94 11.83 -1.32 -3.80
CA PHE A 94 12.37 -0.70 -5.00
C PHE A 94 13.33 -1.63 -5.77
N ARG A 95 13.37 -2.92 -5.43
CA ARG A 95 14.25 -3.91 -6.06
C ARG A 95 14.12 -3.92 -7.58
N ASP A 96 12.97 -4.38 -8.06
CA ASP A 96 12.65 -4.42 -9.49
C ASP A 96 11.94 -3.13 -9.94
N GLY A 97 11.43 -2.34 -8.99
CA GLY A 97 10.77 -1.07 -9.26
C GLY A 97 9.39 -1.04 -8.63
N VAL A 98 9.15 -0.08 -7.72
CA VAL A 98 7.85 0.14 -7.09
C VAL A 98 6.70 0.10 -8.10
N ASN A 99 5.94 -0.99 -8.11
CA ASN A 99 4.83 -1.16 -9.03
C ASN A 99 3.57 -1.62 -8.29
N TRP A 100 2.56 -2.08 -9.02
CA TRP A 100 1.34 -2.70 -8.45
C TRP A 100 1.63 -3.64 -7.26
N GLY A 101 2.71 -4.42 -7.37
CA GLY A 101 3.10 -5.38 -6.33
C GLY A 101 3.49 -4.69 -5.02
N ARG A 102 4.21 -3.57 -5.09
CA ARG A 102 4.52 -2.73 -3.92
C ARG A 102 3.28 -2.33 -3.15
N ILE A 103 2.28 -1.78 -3.84
CA ILE A 103 1.02 -1.35 -3.19
C ILE A 103 0.36 -2.49 -2.43
N VAL A 104 0.39 -3.70 -2.99
CA VAL A 104 -0.18 -4.89 -2.36
C VAL A 104 0.56 -5.26 -1.08
N ALA A 105 1.89 -5.24 -1.13
CA ALA A 105 2.70 -5.48 0.06
C ALA A 105 2.54 -4.36 1.08
N PHE A 106 2.38 -3.11 0.63
CA PHE A 106 2.19 -1.97 1.51
C PHE A 106 0.95 -2.12 2.39
N PHE A 107 -0.15 -2.66 1.86
CA PHE A 107 -1.36 -2.90 2.63
C PHE A 107 -1.10 -3.73 3.89
N SER A 108 -0.44 -4.87 3.71
CA SER A 108 -0.09 -5.75 4.82
C SER A 108 1.05 -5.17 5.66
N PHE A 109 1.97 -4.42 5.06
CA PHE A 109 3.06 -3.74 5.76
C PHE A 109 2.53 -2.70 6.73
N GLY A 110 1.88 -1.64 6.23
CA GLY A 110 1.34 -0.58 7.06
C GLY A 110 0.38 -1.15 8.09
N GLY A 111 -0.46 -2.12 7.74
CA GLY A 111 -1.42 -2.70 8.68
C GLY A 111 -0.79 -3.55 9.77
N ALA A 112 0.04 -4.54 9.40
CA ALA A 112 0.79 -5.39 10.32
C ALA A 112 1.82 -4.61 11.15
N LEU A 113 2.34 -3.51 10.61
CA LEU A 113 3.24 -2.63 11.35
C LEU A 113 2.44 -1.67 12.24
N CYS A 114 1.22 -1.27 11.87
CA CYS A 114 0.39 -0.34 12.62
C CYS A 114 -0.14 -0.99 13.91
N VAL A 115 -0.61 -2.23 13.84
CA VAL A 115 -1.06 -2.99 15.01
C VAL A 115 0.00 -3.13 16.10
N GLU A 116 1.26 -3.21 15.68
CA GLU A 116 2.41 -3.31 16.59
C GLU A 116 3.01 -1.94 16.90
N SER A 117 2.85 -0.97 16.00
CA SER A 117 3.31 0.41 16.20
C SER A 117 2.47 1.15 17.22
N VAL A 118 1.15 1.03 17.14
CA VAL A 118 0.22 1.65 18.10
C VAL A 118 0.49 1.14 19.52
N ASP A 119 0.70 -0.16 19.69
CA ASP A 119 1.02 -0.72 20.99
C ASP A 119 2.48 -0.44 21.41
N LYS A 120 3.32 0.00 20.47
CA LYS A 120 4.71 0.39 20.71
C LYS A 120 4.85 1.86 21.10
N GLU A 121 3.83 2.69 20.88
CA GLU A 121 3.91 4.12 21.17
C GLU A 121 2.53 4.81 21.22
N MET A 122 1.56 4.14 21.84
CA MET A 122 0.16 4.57 21.84
C MET A 122 -0.42 4.80 20.42
N GLN A 123 -1.60 5.40 20.36
CA GLN A 123 -2.19 5.85 19.09
C GLN A 123 -1.48 7.07 18.48
N VAL A 124 -0.45 7.59 19.14
CA VAL A 124 0.35 8.70 18.63
C VAL A 124 1.35 8.23 17.55
N LEU A 125 1.65 6.92 17.50
CA LEU A 125 2.61 6.38 16.55
C LEU A 125 2.13 6.51 15.10
N VAL A 126 0.90 6.05 14.85
CA VAL A 126 0.25 6.13 13.54
C VAL A 126 0.20 7.56 13.02
N SER A 127 0.14 8.55 13.92
CA SER A 127 0.16 9.97 13.57
C SER A 127 1.43 10.36 12.82
N ARG A 128 2.56 9.73 13.17
CA ARG A 128 3.85 9.92 12.51
C ARG A 128 3.93 9.12 11.21
N ILE A 129 3.63 7.82 11.25
CA ILE A 129 3.68 6.94 10.08
C ILE A 129 2.75 7.44 8.97
N ALA A 130 1.53 7.85 9.31
CA ALA A 130 0.55 8.37 8.37
C ALA A 130 1.11 9.54 7.55
N ALA A 131 1.90 10.41 8.19
CA ALA A 131 2.58 11.50 7.50
C ALA A 131 3.77 11.00 6.66
N TRP A 132 4.51 9.99 7.14
CA TRP A 132 5.64 9.41 6.43
C TRP A 132 5.24 8.66 5.17
N MET A 133 4.07 8.02 5.17
CA MET A 133 3.52 7.35 3.99
C MET A 133 3.40 8.29 2.80
N ALA A 134 2.77 9.45 3.01
CA ALA A 134 2.65 10.47 1.98
C ALA A 134 3.99 11.18 1.69
N THR A 135 4.87 11.26 2.69
CA THR A 135 6.20 11.84 2.53
C THR A 135 7.06 11.01 1.58
N TYR A 136 7.12 9.69 1.78
CA TYR A 136 7.92 8.78 0.96
C TYR A 136 7.34 8.59 -0.44
N LEU A 137 6.01 8.46 -0.51
CA LEU A 137 5.33 8.35 -1.79
C LEU A 137 5.63 9.56 -2.69
N ASN A 138 5.51 10.76 -2.15
CA ASN A 138 5.81 11.97 -2.91
C ASN A 138 7.32 12.18 -3.10
N ASP A 139 8.14 11.80 -2.11
CA ASP A 139 9.61 11.92 -2.14
C ASP A 139 10.19 11.31 -3.41
N HIS A 140 9.86 10.05 -3.68
CA HIS A 140 10.37 9.30 -4.83
C HIS A 140 9.50 8.07 -5.15
N LEU A 141 8.26 8.31 -5.54
CA LEU A 141 7.32 7.24 -5.88
C LEU A 141 6.19 7.71 -6.79
N GLU A 142 5.61 8.89 -6.55
CA GLU A 142 4.60 9.55 -7.39
C GLU A 142 4.97 9.58 -8.88
N PRO A 143 6.13 10.18 -9.24
CA PRO A 143 6.60 10.21 -10.61
C PRO A 143 7.11 8.83 -11.09
N TRP A 144 7.47 7.95 -10.17
CA TRP A 144 7.93 6.61 -10.47
C TRP A 144 6.81 5.68 -10.90
N ILE A 145 5.66 5.72 -10.21
CA ILE A 145 4.50 4.89 -10.50
C ILE A 145 4.06 5.09 -11.95
N GLN A 146 4.18 6.31 -12.48
CA GLN A 146 3.86 6.61 -13.86
C GLN A 146 4.78 5.90 -14.85
N GLU A 147 6.09 6.08 -14.70
CA GLU A 147 7.08 5.41 -15.56
C GLU A 147 7.07 3.88 -15.40
N ASN A 148 6.78 3.39 -14.19
CA ASN A 148 6.65 1.97 -13.90
C ASN A 148 5.33 1.37 -14.41
N GLY A 149 4.32 2.23 -14.62
CA GLY A 149 2.98 1.83 -15.01
C GLY A 149 2.16 1.26 -13.86
N GLY A 150 2.40 1.64 -12.60
CA GLY A 150 1.74 1.03 -11.45
C GLY A 150 0.22 1.09 -11.50
N TRP A 151 -0.36 2.29 -11.38
CA TRP A 151 -1.80 2.48 -11.56
C TRP A 151 -2.33 2.08 -12.94
N ASP A 152 -1.52 2.26 -13.99
CA ASP A 152 -1.85 1.83 -15.35
C ASP A 152 -2.05 0.32 -15.44
N THR A 153 -1.21 -0.46 -14.77
CA THR A 153 -1.31 -1.92 -14.74
C THR A 153 -2.34 -2.39 -13.72
N PHE A 154 -2.55 -1.61 -12.66
CA PHE A 154 -3.54 -1.89 -11.62
C PHE A 154 -4.96 -2.01 -12.19
N VAL A 155 -5.32 -1.12 -13.10
CA VAL A 155 -6.61 -1.17 -13.79
C VAL A 155 -6.59 -2.19 -14.92
N GLU A 156 -5.49 -2.28 -15.68
CA GLU A 156 -5.34 -3.21 -16.81
C GLU A 156 -5.70 -4.65 -16.40
N LEU A 157 -5.26 -5.05 -15.21
CA LEU A 157 -5.51 -6.38 -14.65
C LEU A 157 -6.87 -6.49 -13.98
N TYR A 158 -7.29 -5.42 -13.31
CA TYR A 158 -8.60 -5.39 -12.64
C TYR A 158 -9.75 -5.59 -13.63
N GLY A 159 -9.51 -5.25 -14.89
CA GLY A 159 -10.48 -5.43 -15.97
C GLY A 159 -10.71 -4.13 -16.72
N ASN A 160 -9.66 -3.33 -16.99
CA ASN A 160 -9.77 -2.07 -17.74
C ASN A 160 -10.56 -2.23 -19.06
N ASN A 161 -10.54 -3.45 -19.62
CA ASN A 161 -11.20 -3.81 -20.84
C ASN A 161 -11.53 -5.32 -20.87
N ALA A 162 -10.55 -6.16 -21.19
CA ALA A 162 -10.73 -7.60 -21.36
C ALA A 162 -9.91 -8.38 -20.34
N ALA A 163 -8.61 -8.54 -20.59
CA ALA A 163 -7.69 -9.25 -19.71
C ALA A 163 -6.65 -8.32 -19.09
N ALA A 164 -5.66 -7.89 -19.88
CA ALA A 164 -4.59 -6.99 -19.43
C ALA A 164 -4.70 -5.61 -20.10
N GLU A 165 -4.40 -5.54 -21.40
CA GLU A 165 -4.47 -4.25 -22.13
C GLU A 165 -5.04 -4.44 -23.54
N SER A 166 -4.51 -5.45 -24.25
CA SER A 166 -4.95 -5.77 -25.61
C SER A 166 -5.13 -7.26 -25.82
N ARG A 167 -4.09 -8.03 -25.50
CA ARG A 167 -4.11 -9.50 -25.62
C ARG A 167 -3.28 -10.18 -24.56
N LYS A 168 -2.01 -9.77 -24.48
CA LYS A 168 -1.01 -10.30 -23.54
C LYS A 168 0.32 -9.55 -23.56
N GLY A 169 0.77 -9.19 -24.75
CA GLY A 169 2.05 -8.48 -24.96
C GLY A 169 1.87 -7.10 -25.56
N GLN A 170 0.71 -6.82 -26.18
CA GLN A 170 0.41 -5.50 -26.77
C GLN A 170 1.41 -5.09 -27.87
N GLU A 171 1.89 -6.07 -28.64
CA GLU A 171 2.89 -5.80 -29.67
C GLU A 171 2.22 -5.74 -31.05
N ARG A 172 1.54 -6.84 -31.41
CA ARG A 172 0.84 -6.98 -32.70
C ARG A 172 0.00 -8.24 -32.80
N LEU A 173 0.51 -9.34 -32.24
CA LEU A 173 -0.14 -10.67 -32.28
C LEU A 173 0.39 -11.61 -31.18
N GLU A 174 0.88 -11.06 -30.07
CA GLU A 174 1.49 -11.80 -28.97
C GLU A 174 1.62 -10.92 -27.72
N GLU B 1 18.99 -0.40 16.12
CA GLU B 1 19.19 -1.82 15.86
C GLU B 1 18.35 -2.32 14.68
N GLU B 2 18.87 -2.18 13.46
CA GLU B 2 18.24 -2.62 12.21
C GLU B 2 18.25 -4.15 12.04
N GLN B 3 17.65 -4.87 12.99
CA GLN B 3 17.61 -6.34 12.98
C GLN B 3 16.39 -6.85 12.21
N TRP B 4 15.21 -6.40 12.61
CA TRP B 4 13.96 -6.77 11.93
C TRP B 4 13.67 -5.88 10.72
N ALA B 5 14.38 -4.75 10.58
CA ALA B 5 14.30 -3.90 9.42
C ALA B 5 14.67 -4.64 8.12
N ARG B 6 15.41 -5.73 8.20
CA ARG B 6 15.68 -6.58 7.04
C ARG B 6 14.49 -7.41 6.61
N GLU B 7 13.63 -7.82 7.54
CA GLU B 7 12.47 -8.67 7.26
C GLU B 7 11.26 -7.83 6.84
N ILE B 8 11.06 -6.67 7.47
CA ILE B 8 9.98 -5.75 7.11
C ILE B 8 10.06 -5.26 5.66
N GLY B 9 11.25 -5.27 5.07
CA GLY B 9 11.43 -4.91 3.66
C GLY B 9 11.57 -6.13 2.77
N ALA B 10 12.38 -7.12 3.15
CA ALA B 10 12.60 -8.30 2.33
C ALA B 10 11.36 -9.22 2.28
N GLN B 11 10.83 -9.56 3.45
CA GLN B 11 9.63 -10.37 3.60
C GLN B 11 8.42 -9.73 2.92
N LEU B 12 8.36 -8.40 2.88
CA LEU B 12 7.31 -7.64 2.21
C LEU B 12 7.48 -7.58 0.71
N ARG B 13 8.71 -7.32 0.26
CA ARG B 13 9.07 -7.38 -1.15
C ARG B 13 8.89 -8.79 -1.72
N ARG B 14 8.78 -9.82 -0.89
CA ARG B 14 8.59 -11.20 -1.36
C ARG B 14 7.44 -11.32 -2.34
N MET B 15 6.24 -10.98 -1.87
CA MET B 15 5.04 -11.01 -2.69
C MET B 15 4.97 -9.82 -3.61
N ALA B 16 5.35 -8.63 -3.13
CA ALA B 16 5.37 -7.43 -3.96
C ALA B 16 6.26 -7.55 -5.21
N ASP B 17 7.30 -8.38 -5.17
CA ASP B 17 8.14 -8.71 -6.32
C ASP B 17 7.36 -9.29 -7.51
N ASP B 18 6.15 -9.78 -7.27
CA ASP B 18 5.25 -10.23 -8.33
C ASP B 18 4.95 -9.15 -9.37
N LEU B 19 5.21 -7.88 -9.05
CA LEU B 19 5.11 -6.76 -9.99
C LEU B 19 5.79 -7.00 -11.33
N ASN B 20 6.82 -7.85 -11.37
CA ASN B 20 7.48 -8.26 -12.60
C ASN B 20 6.50 -8.84 -13.64
N ALA B 21 5.41 -9.45 -13.18
CA ALA B 21 4.34 -9.93 -14.05
C ALA B 21 3.84 -8.85 -14.99
N GLN B 22 3.97 -7.57 -14.61
CA GLN B 22 3.53 -6.36 -15.31
C GLN B 22 2.08 -6.06 -14.98
N TYR B 23 1.34 -6.98 -14.36
CA TYR B 23 -0.12 -6.93 -14.19
C TYR B 23 -0.62 -7.99 -13.21
N GLU B 24 0.27 -8.58 -12.39
CA GLU B 24 -0.08 -9.69 -11.48
C GLU B 24 -0.84 -10.85 -12.16
N ARG B 25 -0.29 -11.37 -13.27
CA ARG B 25 -0.90 -12.48 -14.05
C ARG B 25 -2.39 -12.33 -14.44
N MET A 1 -3.01 8.25 -12.58
CA MET A 1 -3.02 9.40 -13.53
C MET A 1 -3.66 10.64 -12.92
N SER A 2 -4.78 10.50 -12.20
CA SER A 2 -5.46 11.62 -11.56
C SER A 2 -4.55 12.26 -10.50
N ALA A 3 -4.35 13.57 -10.61
CA ALA A 3 -3.43 14.33 -9.75
C ALA A 3 -2.01 13.71 -9.68
N MET A 4 -1.13 14.31 -8.87
CA MET A 4 0.21 13.80 -8.62
C MET A 4 0.20 12.60 -7.65
N SER A 5 -0.13 12.86 -6.39
CA SER A 5 -0.13 11.84 -5.33
C SER A 5 -0.95 12.26 -4.11
N GLN A 6 -1.96 13.13 -4.32
CA GLN A 6 -2.75 13.68 -3.23
C GLN A 6 -3.71 12.64 -2.64
N SER A 7 -4.53 12.05 -3.51
CA SER A 7 -5.48 11.01 -3.13
C SER A 7 -4.78 9.75 -2.62
N ASN A 8 -3.52 9.54 -3.03
CA ASN A 8 -2.68 8.46 -2.53
C ASN A 8 -2.59 8.45 -0.99
N ARG A 9 -2.50 9.63 -0.38
CA ARG A 9 -2.46 9.75 1.09
C ARG A 9 -3.75 9.25 1.73
N GLU A 10 -4.87 9.87 1.37
CA GLU A 10 -6.21 9.49 1.85
C GLU A 10 -6.53 8.02 1.57
N LEU A 11 -6.07 7.49 0.44
CA LEU A 11 -6.23 6.09 0.09
C LEU A 11 -5.52 5.15 1.07
N VAL A 12 -4.27 5.46 1.42
CA VAL A 12 -3.50 4.61 2.33
C VAL A 12 -4.19 4.58 3.70
N VAL A 13 -4.51 5.76 4.24
CA VAL A 13 -5.20 5.89 5.53
C VAL A 13 -6.61 5.28 5.50
N ASP A 14 -7.31 5.35 4.36
CA ASP A 14 -8.64 4.80 4.15
C ASP A 14 -8.67 3.30 4.46
N PHE A 15 -7.72 2.60 3.85
CA PHE A 15 -7.60 1.16 4.04
C PHE A 15 -7.04 0.82 5.42
N LEU A 16 -6.02 1.57 5.87
CA LEU A 16 -5.43 1.38 7.19
C LEU A 16 -6.48 1.45 8.29
N SER A 17 -7.44 2.37 8.17
CA SER A 17 -8.55 2.54 9.09
C SER A 17 -9.48 1.32 9.09
N TYR A 18 -9.67 0.65 7.95
CA TYR A 18 -10.47 -0.57 7.86
C TYR A 18 -9.83 -1.75 8.62
N LYS A 19 -8.51 -1.93 8.49
CA LYS A 19 -7.79 -3.00 9.19
C LYS A 19 -7.64 -2.70 10.69
N LEU A 20 -7.26 -1.47 11.03
CA LEU A 20 -7.13 -1.00 12.42
C LEU A 20 -8.50 -0.92 13.13
N SER A 21 -9.59 -0.74 12.38
CA SER A 21 -10.95 -0.71 12.90
C SER A 21 -11.27 -2.00 13.65
N GLN A 22 -10.85 -3.15 13.12
CA GLN A 22 -11.09 -4.45 13.76
C GLN A 22 -10.45 -4.53 15.16
N LYS A 23 -9.37 -3.77 15.37
CA LYS A 23 -8.69 -3.64 16.67
C LYS A 23 -9.38 -2.63 17.59
N GLY A 24 -10.05 -1.63 17.03
CA GLY A 24 -10.77 -0.61 17.79
C GLY A 24 -9.93 0.63 18.06
N TYR A 25 -8.98 0.95 17.18
CA TYR A 25 -8.08 2.10 17.36
C TYR A 25 -7.44 2.42 16.03
N SER A 26 -7.63 3.61 15.46
CA SER A 26 -6.98 4.00 14.20
C SER A 26 -6.62 5.47 14.24
N TRP A 27 -5.65 5.90 13.42
CA TRP A 27 -5.26 7.31 13.33
C TRP A 27 -6.39 8.19 12.78
N SER A 28 -7.24 7.62 11.93
CA SER A 28 -8.40 8.33 11.38
C SER A 28 -9.61 8.26 12.29
N GLN A 29 -9.75 7.18 13.06
CA GLN A 29 -10.86 6.98 13.98
C GLN A 29 -12.20 6.87 13.24
N PHE A 30 -12.28 5.95 12.27
CA PHE A 30 -13.49 5.82 11.43
C PHE A 30 -13.83 7.11 10.68
N SER A 31 -12.81 7.89 10.27
CA SER A 31 -12.98 9.17 9.57
C SER A 31 -12.47 9.13 8.13
N ASP A 32 -12.41 7.93 7.54
CA ASP A 32 -11.86 7.73 6.20
C ASP A 32 -12.65 6.68 5.41
N VAL A 33 -12.64 5.44 5.92
CA VAL A 33 -13.39 4.33 5.30
C VAL A 33 -14.89 4.40 5.57
N GLU A 34 -15.24 4.89 6.76
CA GLU A 34 -16.63 5.08 7.18
C GLU A 34 -17.29 6.26 6.44
N GLU A 35 -16.50 7.24 6.02
CA GLU A 35 -17.00 8.40 5.27
C GLU A 35 -17.48 7.99 3.87
N ASN A 36 -16.58 7.47 3.04
CA ASN A 36 -16.86 7.05 1.67
C ASN A 36 -17.70 8.07 0.87
N ARG A 37 -17.03 9.11 0.35
CA ARG A 37 -17.71 10.22 -0.36
C ARG A 37 -17.32 10.31 -1.81
N THR A 38 -16.01 10.32 -2.07
CA THR A 38 -15.44 10.41 -3.43
C THR A 38 -15.02 9.03 -3.94
N GLU A 39 -15.78 7.98 -3.61
CA GLU A 39 -15.40 6.59 -3.95
C GLU A 39 -16.63 5.65 -4.10
N ALA A 40 -17.60 6.08 -4.90
CA ALA A 40 -18.83 5.32 -5.11
C ALA A 40 -18.73 4.33 -6.29
N PRO A 41 -19.61 3.30 -6.28
CA PRO A 41 -19.68 2.31 -7.37
C PRO A 41 -20.24 2.95 -8.66
N GLU A 42 -19.36 3.54 -9.46
CA GLU A 42 -19.71 4.12 -10.77
C GLU A 42 -19.66 3.09 -11.91
N GLY A 43 -18.47 2.59 -12.25
CA GLY A 43 -18.29 1.56 -13.28
C GLY A 43 -17.62 2.08 -14.56
N THR A 44 -16.35 2.49 -14.46
CA THR A 44 -15.60 3.13 -15.56
C THR A 44 -14.13 3.39 -15.20
N GLU A 45 -13.88 3.75 -13.94
CA GLU A 45 -12.54 4.08 -13.44
C GLU A 45 -12.50 4.06 -11.91
N SER A 46 -13.52 4.63 -11.26
CA SER A 46 -13.64 4.69 -9.79
C SER A 46 -14.10 3.36 -9.20
N GLU A 47 -15.04 2.69 -9.85
CA GLU A 47 -15.47 1.36 -9.39
C GLU A 47 -14.40 0.29 -9.65
N ALA A 48 -13.66 0.43 -10.75
CA ALA A 48 -12.58 -0.46 -11.07
C ALA A 48 -11.42 -0.25 -10.10
N VAL A 49 -10.93 0.99 -9.90
CA VAL A 49 -9.80 1.28 -8.99
C VAL A 49 -10.11 0.93 -7.55
N LYS A 50 -11.37 1.11 -7.13
CA LYS A 50 -11.80 0.85 -5.77
C LYS A 50 -11.86 -0.66 -5.50
N GLN A 51 -12.42 -1.41 -6.46
CA GLN A 51 -12.52 -2.87 -6.36
C GLN A 51 -11.19 -3.58 -6.58
N ALA A 52 -10.41 -3.14 -7.56
CA ALA A 52 -9.10 -3.71 -7.85
C ALA A 52 -8.21 -3.63 -6.61
N LEU A 53 -8.29 -2.53 -5.85
CA LEU A 53 -7.53 -2.32 -4.60
C LEU A 53 -8.08 -3.13 -3.44
N ARG A 54 -9.38 -3.39 -3.44
CA ARG A 54 -10.03 -4.22 -2.42
C ARG A 54 -9.45 -5.62 -2.37
N GLU A 55 -9.32 -6.26 -3.53
CA GLU A 55 -8.76 -7.61 -3.63
C GLU A 55 -7.23 -7.58 -3.61
N ALA A 56 -6.61 -6.59 -4.26
CA ALA A 56 -5.15 -6.40 -4.23
C ALA A 56 -4.64 -6.17 -2.81
N GLY A 57 -5.30 -5.31 -2.04
CA GLY A 57 -4.87 -5.00 -0.67
C GLY A 57 -4.75 -6.25 0.20
N ASP A 58 -5.63 -7.23 0.01
CA ASP A 58 -5.59 -8.53 0.68
C ASP A 58 -4.95 -9.64 -0.19
N GLU A 59 -4.15 -9.26 -1.20
CA GLU A 59 -3.47 -10.20 -2.08
C GLU A 59 -2.14 -10.61 -1.48
N PHE A 60 -1.18 -9.67 -1.41
CA PHE A 60 0.18 -9.92 -0.93
C PHE A 60 0.71 -11.32 -1.33
N GLU A 61 0.49 -11.72 -2.58
CA GLU A 61 0.85 -13.06 -3.05
C GLU A 61 2.03 -13.01 -3.97
N LEU A 62 2.12 -11.96 -4.79
CA LEU A 62 3.13 -11.78 -5.82
C LEU A 62 3.13 -12.93 -6.86
N ARG A 63 3.98 -12.81 -7.87
CA ARG A 63 4.34 -13.92 -8.79
C ARG A 63 5.24 -15.01 -8.18
N TYR A 64 4.78 -15.63 -7.11
CA TYR A 64 5.49 -16.74 -6.45
C TYR A 64 4.66 -17.39 -5.36
N ARG A 65 3.84 -16.59 -4.66
CA ARG A 65 3.05 -17.01 -3.50
C ARG A 65 3.96 -17.45 -2.35
N ARG A 66 3.37 -17.65 -1.15
CA ARG A 66 4.12 -18.17 0.02
C ARG A 66 5.37 -17.34 0.32
N ALA A 67 5.16 -16.07 0.64
CA ALA A 67 6.27 -15.17 0.95
C ALA A 67 6.75 -15.33 2.40
N PHE A 68 5.83 -15.18 3.36
CA PHE A 68 6.09 -15.27 4.79
C PHE A 68 4.78 -15.14 5.55
N SER A 69 4.66 -15.87 6.66
CA SER A 69 3.52 -15.77 7.56
C SER A 69 3.81 -14.76 8.67
N ASP A 70 2.86 -14.61 9.59
CA ASP A 70 2.93 -13.68 10.74
C ASP A 70 2.93 -12.24 10.27
N LEU A 71 4.07 -11.76 9.75
CA LEU A 71 4.28 -10.39 9.24
C LEU A 71 4.04 -9.30 10.31
N THR A 72 4.07 -9.70 11.59
CA THR A 72 3.75 -8.87 12.76
C THR A 72 4.12 -9.55 14.07
N SER A 73 5.00 -10.55 14.02
CA SER A 73 5.42 -11.29 15.22
C SER A 73 6.54 -10.52 15.91
N GLN A 74 6.47 -10.38 17.24
CA GLN A 74 7.47 -9.69 18.05
C GLN A 74 7.62 -8.23 17.69
N LEU A 75 8.31 -7.98 16.57
CA LEU A 75 8.68 -6.69 16.04
C LEU A 75 9.52 -5.88 17.04
N HIS A 76 10.76 -5.57 16.68
CA HIS A 76 11.63 -4.79 17.57
C HIS A 76 11.99 -3.47 16.92
N ILE A 77 11.76 -2.38 17.66
CA ILE A 77 11.97 -1.02 17.21
C ILE A 77 12.40 -0.17 18.41
N THR A 78 13.66 -0.28 18.80
CA THR A 78 14.26 0.60 19.81
C THR A 78 14.00 2.09 19.55
N PRO A 79 14.11 2.93 20.60
CA PRO A 79 13.89 4.38 20.56
C PRO A 79 14.97 5.14 19.77
N GLY A 80 14.92 5.05 18.45
CA GLY A 80 15.91 5.66 17.56
C GLY A 80 16.27 4.80 16.34
N THR A 81 15.82 3.54 16.32
CA THR A 81 16.08 2.62 15.20
C THR A 81 14.87 2.49 14.28
N ALA A 82 13.73 3.06 14.67
CA ALA A 82 12.52 3.04 13.85
C ALA A 82 12.71 3.65 12.46
N TYR A 83 13.45 4.75 12.40
CA TYR A 83 13.84 5.39 11.15
C TYR A 83 14.58 4.44 10.20
N GLN A 84 15.37 3.54 10.77
CA GLN A 84 16.08 2.51 10.01
C GLN A 84 15.12 1.56 9.31
N SER A 85 14.03 1.18 9.97
CA SER A 85 13.00 0.30 9.39
C SER A 85 12.49 0.88 8.09
N PHE A 86 11.99 2.12 8.09
CA PHE A 86 11.47 2.78 6.89
C PHE A 86 12.49 2.86 5.76
N GLU A 87 13.72 3.26 6.08
CA GLU A 87 14.83 3.35 5.12
C GLU A 87 15.19 1.98 4.52
N GLN A 88 15.17 0.94 5.36
CA GLN A 88 15.41 -0.46 4.97
C GLN A 88 14.28 -1.01 4.10
N VAL A 89 13.03 -0.65 4.40
CA VAL A 89 11.87 -1.05 3.61
C VAL A 89 12.08 -0.62 2.17
N VAL A 90 12.20 0.68 1.95
CA VAL A 90 12.31 1.24 0.60
C VAL A 90 13.55 0.70 -0.10
N ASN A 91 14.62 0.40 0.64
CA ASN A 91 15.85 -0.20 0.11
C ASN A 91 15.58 -1.52 -0.63
N GLU A 92 14.89 -2.44 0.03
CA GLU A 92 14.53 -3.72 -0.57
C GLU A 92 13.37 -3.60 -1.57
N LEU A 93 12.54 -2.57 -1.41
CA LEU A 93 11.47 -2.23 -2.34
C LEU A 93 11.95 -1.56 -3.63
N PHE A 94 13.20 -1.08 -3.65
CA PHE A 94 13.82 -0.50 -4.83
C PHE A 94 14.19 -1.55 -5.87
N ARG A 95 14.01 -2.84 -5.55
CA ARG A 95 14.28 -3.95 -6.46
C ARG A 95 13.54 -3.78 -7.77
N ASP A 96 12.24 -4.05 -7.75
CA ASP A 96 11.35 -4.04 -8.91
C ASP A 96 9.88 -4.13 -8.47
N GLY A 97 9.54 -3.55 -7.31
CA GLY A 97 8.19 -3.56 -6.78
C GLY A 97 7.67 -2.17 -6.46
N VAL A 98 8.37 -1.11 -6.87
CA VAL A 98 7.97 0.29 -6.66
C VAL A 98 6.58 0.65 -7.18
N ASN A 99 6.08 -0.11 -8.15
CA ASN A 99 4.76 0.06 -8.74
C ASN A 99 3.65 -0.26 -7.73
N TRP A 100 2.48 -0.56 -8.27
CA TRP A 100 1.35 -1.06 -7.49
C TRP A 100 1.71 -2.15 -6.47
N GLY A 101 2.65 -3.05 -6.82
CA GLY A 101 3.14 -4.12 -5.96
C GLY A 101 3.53 -3.64 -4.56
N ARG A 102 4.29 -2.55 -4.46
CA ARG A 102 4.62 -1.91 -3.18
C ARG A 102 3.39 -1.57 -2.38
N ILE A 103 2.48 -0.83 -3.01
CA ILE A 103 1.22 -0.41 -2.42
C ILE A 103 0.39 -1.61 -1.97
N VAL A 104 0.42 -2.72 -2.72
CA VAL A 104 -0.31 -3.95 -2.36
C VAL A 104 0.19 -4.53 -1.03
N ALA A 105 1.51 -4.62 -0.88
CA ALA A 105 2.08 -5.15 0.36
C ALA A 105 1.92 -4.16 1.51
N PHE A 106 2.31 -2.90 1.31
CA PHE A 106 2.15 -1.85 2.31
C PHE A 106 0.71 -1.71 2.81
N PHE A 107 -0.28 -2.09 2.02
CA PHE A 107 -1.68 -2.09 2.39
C PHE A 107 -1.99 -3.13 3.47
N SER A 108 -1.96 -4.41 3.09
CA SER A 108 -2.24 -5.50 4.02
C SER A 108 -1.24 -5.48 5.14
N PHE A 109 0.06 -5.53 4.82
CA PHE A 109 1.13 -5.55 5.80
C PHE A 109 1.07 -4.34 6.72
N GLY A 110 0.82 -3.15 6.15
CA GLY A 110 0.75 -1.90 6.90
C GLY A 110 -0.25 -1.98 8.02
N GLY A 111 -1.52 -2.22 7.70
CA GLY A 111 -2.54 -2.44 8.72
C GLY A 111 -2.31 -3.72 9.52
N ALA A 112 -1.67 -4.75 8.97
CA ALA A 112 -1.40 -6.00 9.70
C ALA A 112 -0.35 -5.85 10.80
N LEU A 113 0.54 -4.86 10.68
CA LEU A 113 1.57 -4.55 11.65
C LEU A 113 1.14 -3.38 12.52
N CYS A 114 0.55 -2.34 11.93
CA CYS A 114 0.11 -1.15 12.65
C CYS A 114 -0.76 -1.50 13.85
N VAL A 115 -1.61 -2.53 13.73
CA VAL A 115 -2.40 -3.08 14.84
C VAL A 115 -1.58 -3.43 16.07
N GLU A 116 -0.41 -4.04 15.90
CA GLU A 116 0.47 -4.41 17.01
C GLU A 116 1.48 -3.29 17.30
N SER A 117 1.78 -2.44 16.32
CA SER A 117 2.68 -1.30 16.43
C SER A 117 2.08 -0.19 17.28
N VAL A 118 0.86 0.26 16.96
CA VAL A 118 0.14 1.29 17.72
C VAL A 118 -0.07 0.88 19.19
N ASP A 119 -0.33 -0.40 19.42
CA ASP A 119 -0.54 -0.94 20.76
C ASP A 119 0.77 -1.11 21.53
N LYS A 120 1.91 -0.97 20.83
CA LYS A 120 3.27 -1.05 21.38
C LYS A 120 4.06 0.25 21.22
N GLU A 121 3.44 1.31 20.71
CA GLU A 121 4.05 2.62 20.40
C GLU A 121 3.04 3.76 20.44
N MET A 122 1.93 3.55 21.16
CA MET A 122 0.83 4.51 21.25
C MET A 122 0.22 4.86 19.88
N GLN A 123 -0.64 5.87 19.86
CA GLN A 123 -1.19 6.41 18.61
C GLN A 123 -0.21 7.31 17.83
N VAL A 124 1.06 7.36 18.24
CA VAL A 124 2.07 8.22 17.61
C VAL A 124 2.77 7.49 16.47
N LEU A 125 2.74 6.15 16.48
CA LEU A 125 3.39 5.37 15.45
C LEU A 125 2.60 5.33 14.15
N VAL A 126 1.36 4.85 14.22
CA VAL A 126 0.46 4.79 13.06
C VAL A 126 0.34 6.16 12.38
N SER A 127 0.31 7.22 13.20
CA SER A 127 0.17 8.60 12.73
C SER A 127 1.34 9.00 11.84
N ARG A 128 2.53 8.46 12.14
CA ARG A 128 3.73 8.64 11.37
C ARG A 128 3.69 7.82 10.09
N ILE A 129 3.39 6.53 10.18
CA ILE A 129 3.34 5.62 9.01
C ILE A 129 2.43 6.17 7.92
N ALA A 130 1.29 6.72 8.30
CA ALA A 130 0.32 7.33 7.39
C ALA A 130 0.97 8.41 6.51
N ALA A 131 1.74 9.30 7.13
CA ALA A 131 2.48 10.34 6.41
C ALA A 131 3.71 9.76 5.69
N TRP A 132 4.42 8.83 6.31
CA TRP A 132 5.60 8.17 5.74
C TRP A 132 5.32 7.50 4.40
N MET A 133 4.14 6.90 4.27
CA MET A 133 3.71 6.27 3.03
C MET A 133 3.71 7.24 1.86
N ALA A 134 3.06 8.39 2.05
CA ALA A 134 3.05 9.47 1.07
C ALA A 134 4.42 10.14 0.91
N THR A 135 5.25 10.15 1.95
CA THR A 135 6.60 10.73 1.92
C THR A 135 7.47 9.99 0.90
N TYR A 136 7.49 8.65 0.95
CA TYR A 136 8.27 7.86 0.01
C TYR A 136 7.70 7.85 -1.39
N LEU A 137 6.38 7.71 -1.50
CA LEU A 137 5.70 7.80 -2.78
C LEU A 137 6.02 9.12 -3.50
N ASN A 138 6.07 10.23 -2.78
CA ASN A 138 6.44 11.51 -3.38
C ASN A 138 7.93 11.57 -3.74
N ASP A 139 8.80 10.92 -2.97
CA ASP A 139 10.26 10.93 -3.18
C ASP A 139 10.62 10.41 -4.58
N HIS A 140 10.10 9.23 -4.94
CA HIS A 140 10.37 8.61 -6.23
C HIS A 140 9.32 7.56 -6.60
N LEU A 141 8.08 8.00 -6.82
CA LEU A 141 6.97 7.12 -7.17
C LEU A 141 5.84 7.87 -7.84
N GLU A 142 5.48 9.07 -7.38
CA GLU A 142 4.52 9.97 -8.02
C GLU A 142 4.71 10.05 -9.55
N PRO A 143 5.92 10.39 -10.01
CA PRO A 143 6.18 10.52 -11.44
C PRO A 143 6.21 9.17 -12.13
N TRP A 144 6.68 8.13 -11.43
CA TRP A 144 6.75 6.75 -11.92
C TRP A 144 5.37 6.14 -12.16
N ILE A 145 4.39 6.45 -11.29
CA ILE A 145 3.03 5.92 -11.40
C ILE A 145 2.47 6.31 -12.76
N GLN A 146 2.45 7.60 -13.08
CA GLN A 146 1.96 8.03 -14.38
C GLN A 146 2.86 7.59 -15.54
N GLU A 147 4.17 7.40 -15.30
CA GLU A 147 5.13 6.95 -16.30
C GLU A 147 4.73 5.63 -16.97
N ASN A 148 4.17 4.71 -16.17
CA ASN A 148 3.68 3.42 -16.66
C ASN A 148 2.18 3.26 -16.43
N GLY A 149 1.47 4.35 -16.08
CA GLY A 149 0.04 4.31 -15.74
C GLY A 149 -0.26 3.93 -14.29
N GLY A 150 0.50 2.99 -13.71
CA GLY A 150 0.46 2.57 -12.30
C GLY A 150 -0.93 2.10 -11.88
N TRP A 151 -1.78 3.03 -11.42
CA TRP A 151 -3.19 2.73 -11.21
C TRP A 151 -3.89 2.15 -12.43
N ASP A 152 -3.54 2.58 -13.64
CA ASP A 152 -4.12 2.01 -14.87
C ASP A 152 -3.75 0.52 -15.06
N THR A 153 -2.56 0.14 -14.62
CA THR A 153 -2.01 -1.21 -14.78
C THR A 153 -2.54 -2.16 -13.72
N PHE A 154 -2.55 -1.68 -12.48
CA PHE A 154 -3.06 -2.40 -11.33
C PHE A 154 -4.56 -2.66 -11.47
N VAL A 155 -5.29 -1.69 -12.04
CA VAL A 155 -6.72 -1.86 -12.30
C VAL A 155 -6.96 -2.69 -13.56
N GLU A 156 -6.03 -2.68 -14.51
CA GLU A 156 -6.19 -3.39 -15.79
C GLU A 156 -6.09 -4.88 -15.57
N LEU A 157 -5.22 -5.33 -14.65
CA LEU A 157 -5.12 -6.74 -14.29
C LEU A 157 -6.23 -7.19 -13.34
N TYR A 158 -6.48 -6.42 -12.28
CA TYR A 158 -7.46 -6.78 -11.26
C TYR A 158 -8.90 -6.45 -11.70
N GLY A 159 -9.03 -5.79 -12.84
CA GLY A 159 -10.28 -5.34 -13.44
C GLY A 159 -10.54 -5.97 -14.81
N ASN A 160 -9.51 -6.57 -15.44
CA ASN A 160 -9.65 -7.31 -16.69
C ASN A 160 -10.69 -8.44 -16.61
N ASN A 161 -10.86 -9.00 -15.40
CA ASN A 161 -11.82 -10.05 -15.11
C ASN A 161 -11.51 -11.32 -15.91
N ALA A 162 -10.30 -11.84 -15.76
CA ALA A 162 -9.88 -13.06 -16.43
C ALA A 162 -10.27 -14.35 -15.67
N ALA A 163 -11.25 -14.25 -14.78
CA ALA A 163 -11.78 -15.37 -14.00
C ALA A 163 -12.98 -16.04 -14.68
N ALA A 164 -13.08 -15.96 -15.99
CA ALA A 164 -14.16 -16.57 -16.78
C ALA A 164 -13.83 -18.01 -17.21
N GLU A 165 -13.03 -18.74 -16.41
CA GLU A 165 -12.59 -20.10 -16.76
C GLU A 165 -11.66 -20.13 -17.99
N SER A 166 -11.02 -19.00 -18.29
CA SER A 166 -10.13 -18.83 -19.46
C SER A 166 -8.68 -18.61 -19.05
N ARG A 167 -8.46 -18.06 -17.84
CA ARG A 167 -7.13 -17.82 -17.30
C ARG A 167 -6.99 -18.27 -15.86
N LYS A 168 -7.75 -17.67 -14.94
CA LYS A 168 -7.73 -18.04 -13.53
C LYS A 168 -8.48 -19.35 -13.29
N GLY A 169 -9.81 -19.29 -13.44
CA GLY A 169 -10.68 -20.43 -13.17
C GLY A 169 -11.87 -20.14 -12.28
N GLN A 170 -12.45 -18.93 -12.37
CA GLN A 170 -13.61 -18.53 -11.56
C GLN A 170 -13.35 -18.63 -10.06
N GLU A 171 -12.39 -17.86 -9.56
CA GLU A 171 -12.02 -17.89 -8.14
C GLU A 171 -12.95 -16.99 -7.31
N ARG A 172 -12.83 -15.67 -7.51
CA ARG A 172 -13.56 -14.65 -6.75
C ARG A 172 -13.76 -13.39 -7.57
N LEU A 173 -14.37 -13.52 -8.75
CA LEU A 173 -14.59 -12.36 -9.63
C LEU A 173 -13.27 -11.66 -10.04
N GLU A 174 -12.18 -12.42 -10.09
CA GLU A 174 -10.84 -11.87 -10.34
C GLU A 174 -10.47 -10.76 -9.34
N GLU B 1 17.38 -2.40 17.33
CA GLU B 1 18.82 -2.34 17.06
C GLU B 1 19.11 -2.52 15.57
N GLU B 2 18.10 -2.21 14.75
CA GLU B 2 18.17 -2.35 13.30
C GLU B 2 18.34 -3.82 12.87
N GLN B 3 18.07 -4.74 13.81
CA GLN B 3 18.30 -6.17 13.62
C GLN B 3 17.05 -6.85 13.07
N TRP B 4 15.88 -6.38 13.51
CA TRP B 4 14.57 -6.86 13.05
C TRP B 4 14.15 -6.20 11.74
N ALA B 5 14.70 -5.01 11.43
CA ALA B 5 14.46 -4.30 10.18
C ALA B 5 14.77 -5.13 8.92
N ARG B 6 15.67 -6.13 9.07
CA ARG B 6 15.96 -7.12 8.03
C ARG B 6 14.68 -7.75 7.49
N GLU B 7 13.73 -8.06 8.36
CA GLU B 7 12.46 -8.64 7.97
C GLU B 7 11.44 -7.58 7.53
N ILE B 8 11.47 -6.40 8.13
CA ILE B 8 10.61 -5.27 7.75
C ILE B 8 10.81 -4.85 6.30
N GLY B 9 12.00 -5.07 5.74
CA GLY B 9 12.26 -4.77 4.34
C GLY B 9 12.26 -6.03 3.47
N ALA B 10 12.74 -7.18 3.95
CA ALA B 10 12.74 -8.42 3.16
C ALA B 10 11.37 -9.08 3.08
N GLN B 11 10.72 -9.31 4.23
CA GLN B 11 9.39 -9.91 4.30
C GLN B 11 8.33 -8.99 3.69
N LEU B 12 8.55 -7.68 3.73
CA LEU B 12 7.62 -6.74 3.13
C LEU B 12 7.79 -6.62 1.62
N ARG B 13 9.04 -6.45 1.17
CA ARG B 13 9.36 -6.44 -0.26
C ARG B 13 8.97 -7.71 -0.98
N ARG B 14 8.87 -8.80 -0.22
CA ARG B 14 8.53 -10.12 -0.72
C ARG B 14 7.27 -10.06 -1.56
N MET B 15 6.16 -9.70 -0.93
CA MET B 15 4.86 -9.61 -1.59
C MET B 15 4.72 -8.35 -2.41
N ALA B 16 5.38 -7.28 -1.97
CA ALA B 16 5.43 -6.04 -2.71
C ALA B 16 6.04 -6.17 -4.11
N ASP B 17 6.87 -7.19 -4.34
CA ASP B 17 7.41 -7.54 -5.65
C ASP B 17 6.37 -8.16 -6.58
N ASP B 18 5.21 -7.50 -6.71
CA ASP B 18 4.14 -7.93 -7.62
C ASP B 18 4.02 -7.07 -8.88
N LEU B 19 4.80 -5.99 -8.95
CA LEU B 19 4.96 -5.20 -10.17
C LEU B 19 5.28 -6.07 -11.38
N ASN B 20 6.08 -7.13 -11.25
CA ASN B 20 6.36 -8.02 -12.39
C ASN B 20 5.09 -8.54 -13.11
N ALA B 21 3.98 -8.67 -12.37
CA ALA B 21 2.67 -9.04 -12.87
C ALA B 21 1.69 -7.86 -12.99
N GLN B 22 2.20 -6.64 -13.16
CA GLN B 22 1.40 -5.42 -13.35
C GLN B 22 0.66 -5.39 -14.70
N TYR B 23 0.94 -6.34 -15.59
CA TYR B 23 0.38 -6.44 -16.93
C TYR B 23 1.09 -5.52 -17.93
N GLU B 24 0.94 -4.21 -17.73
CA GLU B 24 1.52 -3.15 -18.56
C GLU B 24 3.03 -3.03 -18.33
N ARG B 25 3.81 -3.81 -19.09
CA ARG B 25 5.28 -3.78 -19.02
C ARG B 25 5.84 -2.72 -19.99
N MET A 1 -4.22 16.08 -6.70
CA MET A 1 -3.29 16.96 -7.43
C MET A 1 -3.17 18.35 -6.77
N SER A 2 -3.19 18.43 -5.43
CA SER A 2 -3.15 19.72 -4.73
C SER A 2 -1.72 20.09 -4.33
N ALA A 3 -1.10 19.28 -3.48
CA ALA A 3 0.28 19.45 -3.04
C ALA A 3 0.75 18.14 -2.42
N MET A 4 1.96 17.70 -2.79
CA MET A 4 2.60 16.46 -2.32
C MET A 4 1.82 15.20 -2.75
N SER A 5 0.64 14.98 -2.16
CA SER A 5 -0.17 13.79 -2.34
C SER A 5 -1.49 13.91 -1.58
N GLN A 6 -2.37 14.84 -1.99
CA GLN A 6 -3.68 15.01 -1.34
C GLN A 6 -4.64 13.86 -1.70
N SER A 7 -4.76 13.56 -3.00
CA SER A 7 -5.63 12.49 -3.51
C SER A 7 -5.06 11.08 -3.21
N ASN A 8 -3.72 10.98 -3.16
CA ASN A 8 -3.05 9.73 -2.81
C ASN A 8 -3.16 9.44 -1.31
N ARG A 9 -2.98 10.46 -0.46
CA ARG A 9 -3.10 10.30 0.99
C ARG A 9 -4.50 9.85 1.40
N GLU A 10 -5.54 10.37 0.76
CA GLU A 10 -6.92 9.94 1.01
C GLU A 10 -7.10 8.43 0.90
N LEU A 11 -6.53 7.83 -0.14
CA LEU A 11 -6.54 6.38 -0.31
C LEU A 11 -5.70 5.68 0.77
N VAL A 12 -4.56 6.26 1.13
CA VAL A 12 -3.64 5.64 2.10
C VAL A 12 -4.27 5.56 3.48
N VAL A 13 -4.77 6.70 3.96
CA VAL A 13 -5.40 6.81 5.28
C VAL A 13 -6.70 6.01 5.33
N ASP A 14 -7.55 6.13 4.30
CA ASP A 14 -8.81 5.37 4.18
C ASP A 14 -8.58 3.86 4.31
N PHE A 15 -7.54 3.38 3.62
CA PHE A 15 -7.17 1.97 3.69
C PHE A 15 -6.56 1.58 5.03
N LEU A 16 -5.57 2.33 5.50
CA LEU A 16 -4.92 2.06 6.78
C LEU A 16 -5.94 2.00 7.93
N SER A 17 -6.88 2.93 7.93
CA SER A 17 -7.98 2.96 8.89
C SER A 17 -8.86 1.72 8.82
N TYR A 18 -8.98 1.10 7.64
CA TYR A 18 -9.76 -0.11 7.42
C TYR A 18 -9.11 -1.30 8.12
N LYS A 19 -7.79 -1.45 7.98
CA LYS A 19 -7.05 -2.55 8.60
C LYS A 19 -6.97 -2.41 10.12
N LEU A 20 -6.64 -1.20 10.60
CA LEU A 20 -6.64 -0.86 12.01
C LEU A 20 -8.06 -0.83 12.63
N SER A 21 -9.10 -0.67 11.82
CA SER A 21 -10.50 -0.65 12.28
C SER A 21 -10.90 -1.97 12.92
N GLN A 22 -10.40 -3.09 12.38
CA GLN A 22 -10.60 -4.41 12.97
C GLN A 22 -10.09 -4.50 14.42
N LYS A 23 -9.07 -3.70 14.76
CA LYS A 23 -8.54 -3.62 16.11
C LYS A 23 -9.40 -2.80 17.04
N GLY A 24 -9.84 -1.63 16.60
CA GLY A 24 -10.69 -0.72 17.36
C GLY A 24 -10.12 0.68 17.57
N TYR A 25 -9.15 1.08 16.74
CA TYR A 25 -8.43 2.35 16.86
C TYR A 25 -7.68 2.64 15.56
N SER A 26 -7.90 3.80 14.96
CA SER A 26 -7.21 4.21 13.74
C SER A 26 -7.00 5.72 13.71
N TRP A 27 -6.02 6.17 12.93
CA TRP A 27 -5.74 7.60 12.78
C TRP A 27 -6.84 8.36 12.06
N SER A 28 -7.43 7.74 11.02
CA SER A 28 -8.55 8.32 10.27
C SER A 28 -9.77 8.59 11.14
N GLN A 29 -9.85 7.92 12.31
CA GLN A 29 -10.93 8.12 13.27
C GLN A 29 -12.29 7.78 12.67
N PHE A 30 -12.46 6.49 12.31
CA PHE A 30 -13.71 6.02 11.67
C PHE A 30 -13.94 6.66 10.30
N SER A 31 -12.88 6.80 9.50
CA SER A 31 -12.92 7.46 8.21
C SER A 31 -13.28 8.95 8.34
N ASP A 32 -12.28 9.83 8.18
CA ASP A 32 -12.52 11.29 8.23
C ASP A 32 -13.33 11.79 7.01
N VAL A 33 -13.36 11.00 5.93
CA VAL A 33 -14.16 11.28 4.72
C VAL A 33 -15.57 10.69 4.78
N GLU A 34 -16.02 10.24 5.95
CA GLU A 34 -17.34 9.63 6.14
C GLU A 34 -18.45 10.68 6.37
N GLU A 35 -18.23 11.90 5.89
CA GLU A 35 -19.15 13.03 6.11
C GLU A 35 -20.23 13.13 5.01
N ASN A 36 -20.56 11.99 4.38
CA ASN A 36 -21.51 11.90 3.27
C ASN A 36 -21.00 12.65 2.01
N ARG A 37 -20.27 11.92 1.16
CA ARG A 37 -19.71 12.49 -0.07
C ARG A 37 -19.58 11.47 -1.19
N THR A 38 -19.09 10.28 -0.85
CA THR A 38 -18.85 9.20 -1.82
C THR A 38 -18.77 7.86 -1.10
N GLU A 39 -19.90 7.16 -0.96
CA GLU A 39 -19.94 5.84 -0.31
C GLU A 39 -19.22 4.77 -1.15
N ALA A 40 -19.76 4.46 -2.33
CA ALA A 40 -19.20 3.48 -3.23
C ALA A 40 -18.66 4.15 -4.51
N PRO A 41 -17.71 3.47 -5.18
CA PRO A 41 -17.16 3.95 -6.44
C PRO A 41 -18.20 3.94 -7.55
N GLU A 42 -17.98 4.73 -8.61
CA GLU A 42 -18.89 4.83 -9.77
C GLU A 42 -18.31 5.69 -10.91
N GLY A 43 -17.03 5.47 -11.24
CA GLY A 43 -16.32 6.27 -12.25
C GLY A 43 -15.55 5.42 -13.26
N THR A 44 -15.84 4.12 -13.37
CA THR A 44 -15.14 3.21 -14.30
C THR A 44 -13.62 3.12 -14.04
N GLU A 45 -13.23 3.18 -12.77
CA GLU A 45 -11.82 3.26 -12.34
C GLU A 45 -11.68 3.06 -10.84
N SER A 46 -12.63 3.62 -10.07
CA SER A 46 -12.62 3.51 -8.61
C SER A 46 -13.14 2.16 -8.15
N GLU A 47 -14.11 1.57 -8.84
CA GLU A 47 -14.65 0.25 -8.54
C GLU A 47 -13.69 -0.87 -8.91
N ALA A 48 -12.89 -0.64 -9.96
CA ALA A 48 -11.93 -1.62 -10.44
C ALA A 48 -10.66 -1.60 -9.58
N VAL A 49 -10.19 -0.42 -9.18
CA VAL A 49 -9.03 -0.26 -8.28
C VAL A 49 -9.37 -0.66 -6.85
N LYS A 50 -10.57 -0.33 -6.36
CA LYS A 50 -11.01 -0.67 -5.01
C LYS A 50 -11.21 -2.17 -4.87
N GLN A 51 -11.80 -2.82 -5.87
CA GLN A 51 -12.01 -4.27 -5.83
C GLN A 51 -10.70 -5.05 -5.96
N ALA A 52 -9.77 -4.55 -6.79
CA ALA A 52 -8.47 -5.21 -6.97
C ALA A 52 -7.53 -5.03 -5.77
N LEU A 53 -7.41 -3.78 -5.28
CA LEU A 53 -6.64 -3.46 -4.08
C LEU A 53 -7.20 -4.16 -2.85
N ARG A 54 -8.49 -4.46 -2.82
CA ARG A 54 -9.10 -5.24 -1.74
C ARG A 54 -8.64 -6.68 -1.77
N GLU A 55 -8.73 -7.33 -2.92
CA GLU A 55 -8.41 -8.76 -3.05
C GLU A 55 -6.96 -9.05 -2.65
N ALA A 56 -6.01 -8.31 -3.23
CA ALA A 56 -4.60 -8.50 -2.91
C ALA A 56 -4.25 -7.91 -1.55
N GLY A 57 -4.81 -6.72 -1.26
CA GLY A 57 -4.65 -5.99 -0.01
C GLY A 57 -5.02 -6.80 1.24
N ASP A 58 -5.84 -7.84 1.06
CA ASP A 58 -6.23 -8.76 2.13
C ASP A 58 -5.01 -9.38 2.83
N GLU A 59 -4.30 -10.27 2.14
CA GLU A 59 -3.06 -10.88 2.62
C GLU A 59 -1.87 -10.03 2.21
N PHE A 60 -1.38 -10.18 0.97
CA PHE A 60 -0.17 -9.53 0.46
C PHE A 60 0.14 -9.94 -0.99
N GLU A 61 0.02 -11.23 -1.30
CA GLU A 61 0.27 -11.78 -2.65
C GLU A 61 -0.97 -12.51 -3.19
N LEU A 62 -2.11 -12.31 -2.51
CA LEU A 62 -3.36 -12.95 -2.88
C LEU A 62 -3.28 -14.48 -2.74
N ARG A 63 -4.29 -15.15 -3.29
CA ARG A 63 -4.28 -16.62 -3.48
C ARG A 63 -3.01 -17.14 -4.15
N TYR A 64 -2.42 -16.37 -5.05
CA TYR A 64 -1.19 -16.73 -5.77
C TYR A 64 -0.06 -17.10 -4.81
N ARG A 65 0.08 -16.32 -3.74
CA ARG A 65 1.11 -16.51 -2.72
C ARG A 65 2.52 -16.43 -3.32
N ARG A 66 3.53 -16.39 -2.45
CA ARG A 66 4.94 -16.38 -2.86
C ARG A 66 5.90 -16.61 -1.70
N ALA A 67 5.58 -16.00 -0.56
CA ALA A 67 6.33 -16.17 0.67
C ALA A 67 5.89 -17.41 1.46
N PHE A 68 6.48 -17.59 2.64
CA PHE A 68 6.14 -18.66 3.57
C PHE A 68 5.07 -18.21 4.58
N SER A 69 5.46 -17.42 5.59
CA SER A 69 4.60 -17.01 6.70
C SER A 69 5.36 -16.15 7.71
N ASP A 70 5.47 -14.85 7.45
CA ASP A 70 6.16 -13.91 8.35
C ASP A 70 5.89 -12.44 8.00
N LEU A 71 4.89 -11.83 8.64
CA LEU A 71 4.45 -10.46 8.33
C LEU A 71 3.52 -9.80 9.37
N THR A 72 3.74 -10.12 10.64
CA THR A 72 2.85 -9.71 11.75
C THR A 72 3.38 -10.16 13.10
N SER A 73 3.99 -11.34 13.15
CA SER A 73 4.61 -11.89 14.36
C SER A 73 5.84 -11.07 14.73
N GLN A 74 6.27 -11.21 16.00
CA GLN A 74 7.41 -10.48 16.55
C GLN A 74 7.24 -8.97 16.47
N LEU A 75 7.60 -8.39 15.32
CA LEU A 75 7.56 -6.97 15.02
C LEU A 75 8.43 -6.16 15.98
N HIS A 76 9.51 -5.60 15.45
CA HIS A 76 10.44 -4.80 16.24
C HIS A 76 10.25 -3.34 15.88
N ILE A 77 10.40 -2.49 16.89
CA ILE A 77 10.26 -1.06 16.76
C ILE A 77 10.62 -0.43 18.11
N THR A 78 11.11 0.81 18.09
CA THR A 78 11.41 1.61 19.30
C THR A 78 11.83 3.04 18.94
N PRO A 79 11.80 3.99 19.90
CA PRO A 79 12.24 5.39 19.74
C PRO A 79 13.76 5.54 19.57
N GLY A 80 14.28 5.14 18.41
CA GLY A 80 15.72 5.20 18.12
C GLY A 80 16.16 4.27 17.00
N THR A 81 15.40 3.19 16.76
CA THR A 81 15.69 2.18 15.72
C THR A 81 14.51 2.03 14.75
N ALA A 82 13.32 2.51 15.13
CA ALA A 82 12.14 2.47 14.26
C ALA A 82 12.35 3.19 12.93
N TYR A 83 13.06 4.33 12.96
CA TYR A 83 13.42 5.07 11.75
C TYR A 83 14.21 4.22 10.74
N GLN A 84 15.06 3.33 11.23
CA GLN A 84 15.84 2.41 10.42
C GLN A 84 14.93 1.39 9.73
N SER A 85 13.87 0.92 10.39
CA SER A 85 12.88 0.01 9.81
C SER A 85 12.29 0.57 8.51
N PHE A 86 11.86 1.84 8.52
CA PHE A 86 11.29 2.50 7.35
C PHE A 86 12.30 2.71 6.22
N GLU A 87 13.50 3.21 6.55
CA GLU A 87 14.60 3.37 5.60
C GLU A 87 14.98 2.03 4.94
N GLN A 88 14.95 0.94 5.71
CA GLN A 88 15.25 -0.39 5.22
C GLN A 88 14.15 -0.95 4.30
N VAL A 89 12.90 -0.64 4.62
CA VAL A 89 11.75 -1.02 3.81
C VAL A 89 11.93 -0.51 2.40
N VAL A 90 12.11 0.81 2.26
CA VAL A 90 12.27 1.46 0.96
C VAL A 90 13.50 0.95 0.25
N ASN A 91 14.60 0.69 0.97
CA ASN A 91 15.84 0.18 0.39
C ASN A 91 15.62 -1.10 -0.43
N GLU A 92 14.86 -2.04 0.12
CA GLU A 92 14.52 -3.30 -0.55
C GLU A 92 13.35 -3.10 -1.54
N LEU A 93 12.42 -2.20 -1.23
CA LEU A 93 11.29 -1.82 -2.10
C LEU A 93 11.75 -1.03 -3.35
N PHE A 94 13.01 -0.65 -3.42
CA PHE A 94 13.57 0.09 -4.55
C PHE A 94 14.12 -0.85 -5.65
N ARG A 95 13.56 -2.06 -5.76
CA ARG A 95 14.04 -3.11 -6.69
C ARG A 95 12.97 -3.53 -7.68
N ASP A 96 11.96 -4.22 -7.14
CA ASP A 96 10.85 -4.76 -7.93
C ASP A 96 9.52 -4.40 -7.24
N GLY A 97 9.57 -3.83 -6.03
CA GLY A 97 8.39 -3.40 -5.29
C GLY A 97 8.21 -1.89 -5.36
N VAL A 98 7.90 -1.38 -6.55
CA VAL A 98 7.63 0.06 -6.73
C VAL A 98 6.14 0.38 -6.84
N ASN A 99 5.33 -0.56 -7.32
CA ASN A 99 3.91 -0.40 -7.56
C ASN A 99 3.28 -1.78 -7.64
N TRP A 100 1.96 -1.86 -7.65
CA TRP A 100 1.18 -3.11 -7.77
C TRP A 100 1.39 -4.07 -6.60
N GLY A 101 2.58 -4.62 -6.45
CA GLY A 101 2.95 -5.54 -5.39
C GLY A 101 3.31 -4.80 -4.12
N ARG A 102 4.20 -3.80 -4.21
CA ARG A 102 4.55 -2.99 -3.02
C ARG A 102 3.35 -2.34 -2.40
N ILE A 103 2.46 -1.80 -3.22
CA ILE A 103 1.25 -1.15 -2.74
C ILE A 103 0.43 -2.10 -1.87
N VAL A 104 0.33 -3.36 -2.30
CA VAL A 104 -0.44 -4.39 -1.60
C VAL A 104 0.22 -4.76 -0.29
N ALA A 105 1.55 -4.91 -0.31
CA ALA A 105 2.30 -5.26 0.88
C ALA A 105 2.33 -4.09 1.87
N PHE A 106 2.54 -2.86 1.41
CA PHE A 106 2.53 -1.67 2.25
C PHE A 106 1.18 -1.49 2.94
N PHE A 107 0.08 -1.78 2.25
CA PHE A 107 -1.25 -1.69 2.82
C PHE A 107 -1.51 -2.78 3.86
N SER A 108 -1.44 -4.05 3.44
CA SER A 108 -1.71 -5.20 4.30
C SER A 108 -0.81 -5.23 5.54
N PHE A 109 0.49 -5.06 5.30
CA PHE A 109 1.51 -4.99 6.33
C PHE A 109 1.38 -3.69 7.12
N GLY A 110 0.99 -2.58 6.47
CA GLY A 110 0.82 -1.27 7.08
C GLY A 110 -0.09 -1.28 8.28
N GLY A 111 -1.23 -1.98 8.17
CA GLY A 111 -2.12 -2.16 9.30
C GLY A 111 -1.77 -3.36 10.19
N ALA A 112 -1.14 -4.39 9.64
CA ALA A 112 -0.67 -5.55 10.41
C ALA A 112 0.53 -5.26 11.32
N LEU A 113 1.31 -4.21 11.02
CA LEU A 113 2.42 -3.74 11.84
C LEU A 113 1.94 -2.64 12.78
N CYS A 114 0.98 -1.82 12.33
CA CYS A 114 0.47 -0.71 13.11
C CYS A 114 -0.18 -1.21 14.39
N VAL A 115 -0.90 -2.33 14.33
CA VAL A 115 -1.54 -2.96 15.50
C VAL A 115 -0.56 -3.25 16.63
N GLU A 116 0.70 -3.58 16.31
CA GLU A 116 1.75 -3.88 17.29
C GLU A 116 2.64 -2.66 17.56
N SER A 117 2.75 -1.74 16.59
CA SER A 117 3.50 -0.50 16.70
C SER A 117 2.77 0.51 17.59
N VAL A 118 1.50 0.81 17.31
CA VAL A 118 0.69 1.69 18.16
C VAL A 118 0.53 1.17 19.59
N ASP A 119 0.55 -0.16 19.78
CA ASP A 119 0.47 -0.79 21.10
C ASP A 119 1.77 -0.62 21.92
N LYS A 120 2.87 -0.26 21.23
CA LYS A 120 4.20 0.00 21.82
C LYS A 120 4.68 1.43 21.65
N GLU A 121 3.85 2.27 21.03
CA GLU A 121 4.17 3.66 20.73
C GLU A 121 2.93 4.55 20.79
N MET A 122 1.92 4.15 21.56
CA MET A 122 0.64 4.87 21.69
C MET A 122 -0.10 4.99 20.33
N GLN A 123 -1.19 5.76 20.32
CA GLN A 123 -1.91 6.07 19.09
C GLN A 123 -1.22 7.12 18.19
N VAL A 124 -0.01 7.57 18.55
CA VAL A 124 0.76 8.54 17.77
C VAL A 124 1.60 7.86 16.68
N LEU A 125 1.90 6.57 16.81
CA LEU A 125 2.76 5.86 15.87
C LEU A 125 2.12 5.77 14.48
N VAL A 126 0.90 5.27 14.42
CA VAL A 126 0.10 5.19 13.19
C VAL A 126 -0.02 6.54 12.49
N SER A 127 -0.15 7.62 13.28
CA SER A 127 -0.23 8.99 12.78
C SER A 127 0.97 9.37 11.92
N ARG A 128 2.14 8.83 12.27
CA ARG A 128 3.36 8.95 11.47
C ARG A 128 3.33 8.05 10.25
N ILE A 129 3.11 6.74 10.42
CA ILE A 129 3.09 5.76 9.30
C ILE A 129 2.17 6.20 8.17
N ALA A 130 1.03 6.80 8.52
CA ALA A 130 0.06 7.30 7.57
C ALA A 130 0.67 8.33 6.59
N ALA A 131 1.40 9.31 7.13
CA ALA A 131 2.12 10.27 6.31
C ALA A 131 3.39 9.68 5.68
N TRP A 132 4.08 8.76 6.36
CA TRP A 132 5.30 8.11 5.85
C TRP A 132 5.09 7.41 4.51
N MET A 133 3.97 6.70 4.37
CA MET A 133 3.63 6.05 3.10
C MET A 133 3.55 7.04 1.94
N ALA A 134 2.82 8.15 2.14
CA ALA A 134 2.73 9.22 1.15
C ALA A 134 4.05 9.96 0.98
N THR A 135 4.88 10.04 2.03
CA THR A 135 6.20 10.68 2.02
C THR A 135 7.12 9.92 1.09
N TYR A 136 7.15 8.58 1.15
CA TYR A 136 8.01 7.79 0.26
C TYR A 136 7.55 7.77 -1.18
N LEU A 137 6.25 7.53 -1.38
CA LEU A 137 5.66 7.57 -2.70
C LEU A 137 5.90 8.91 -3.39
N ASN A 138 5.72 10.02 -2.68
CA ASN A 138 5.98 11.34 -3.24
C ASN A 138 7.48 11.66 -3.34
N ASP A 139 8.31 11.13 -2.43
CA ASP A 139 9.75 11.40 -2.34
C ASP A 139 10.43 11.10 -3.67
N HIS A 140 10.17 9.91 -4.21
CA HIS A 140 10.73 9.49 -5.50
C HIS A 140 9.94 8.35 -6.16
N LEU A 141 8.61 8.44 -6.16
CA LEU A 141 7.73 7.40 -6.71
C LEU A 141 6.45 7.97 -7.35
N GLU A 142 6.36 9.29 -7.48
CA GLU A 142 5.25 10.03 -8.09
C GLU A 142 5.14 9.74 -9.60
N PRO A 143 6.20 9.99 -10.39
CA PRO A 143 6.19 9.69 -11.82
C PRO A 143 6.26 8.19 -12.07
N TRP A 144 6.70 7.40 -11.09
CA TRP A 144 6.86 5.96 -11.26
C TRP A 144 5.52 5.26 -11.50
N ILE A 145 4.56 5.43 -10.59
CA ILE A 145 3.21 4.88 -10.77
C ILE A 145 2.56 5.35 -12.06
N GLN A 146 2.84 6.58 -12.48
CA GLN A 146 2.28 7.17 -13.69
C GLN A 146 2.87 6.53 -14.94
N GLU A 147 4.19 6.48 -15.06
CA GLU A 147 4.92 5.89 -16.18
C GLU A 147 4.70 4.39 -16.29
N ASN A 148 4.86 3.68 -15.17
CA ASN A 148 4.59 2.25 -15.10
C ASN A 148 3.10 1.93 -15.24
N GLY A 149 2.23 2.93 -15.06
CA GLY A 149 0.77 2.78 -15.08
C GLY A 149 0.27 1.70 -14.11
N GLY A 150 0.81 1.64 -12.90
CA GLY A 150 0.50 0.56 -11.96
C GLY A 150 -1.00 0.41 -11.68
N TRP A 151 -1.69 1.53 -11.47
CA TRP A 151 -3.15 1.58 -11.37
C TRP A 151 -3.89 1.04 -12.60
N ASP A 152 -3.33 1.21 -13.80
CA ASP A 152 -3.86 0.68 -15.06
C ASP A 152 -3.91 -0.85 -15.06
N THR A 153 -2.90 -1.49 -14.45
CA THR A 153 -2.92 -2.93 -14.29
C THR A 153 -3.96 -3.38 -13.25
N PHE A 154 -4.10 -2.66 -12.14
CA PHE A 154 -5.07 -2.99 -11.09
C PHE A 154 -6.51 -2.99 -11.56
N VAL A 155 -6.94 -1.90 -12.18
CA VAL A 155 -8.28 -1.80 -12.78
C VAL A 155 -8.50 -2.85 -13.86
N GLU A 156 -7.49 -3.16 -14.66
CA GLU A 156 -7.56 -4.24 -15.66
C GLU A 156 -7.47 -5.64 -15.02
N LEU A 157 -7.12 -5.74 -13.74
CA LEU A 157 -7.03 -7.02 -13.05
C LEU A 157 -8.42 -7.50 -12.62
N TYR A 158 -9.13 -6.64 -11.88
CA TYR A 158 -10.46 -6.95 -11.36
C TYR A 158 -11.58 -6.31 -12.19
N GLY A 159 -11.24 -5.72 -13.33
CA GLY A 159 -12.16 -4.99 -14.18
C GLY A 159 -12.23 -5.54 -15.60
N ASN A 160 -11.13 -6.14 -16.11
CA ASN A 160 -11.14 -6.83 -17.40
C ASN A 160 -12.17 -7.96 -17.49
N ASN A 161 -12.52 -8.57 -16.34
CA ASN A 161 -13.50 -9.63 -16.25
C ASN A 161 -13.08 -10.89 -17.05
N ALA A 162 -11.89 -11.42 -16.75
CA ALA A 162 -11.37 -12.61 -17.43
C ALA A 162 -11.87 -13.94 -16.81
N ALA A 163 -12.92 -13.88 -15.99
CA ALA A 163 -13.50 -15.03 -15.29
C ALA A 163 -14.79 -15.53 -15.97
N ALA A 164 -15.56 -14.63 -16.58
CA ALA A 164 -16.79 -14.96 -17.30
C ALA A 164 -16.55 -15.22 -18.81
N GLU A 165 -15.32 -15.59 -19.17
CA GLU A 165 -14.90 -15.82 -20.56
C GLU A 165 -13.72 -16.81 -20.65
N SER A 166 -13.56 -17.64 -19.62
CA SER A 166 -12.47 -18.63 -19.57
C SER A 166 -12.99 -20.06 -19.65
N ARG A 167 -14.24 -20.29 -19.23
CA ARG A 167 -14.88 -21.61 -19.26
C ARG A 167 -14.09 -22.66 -18.47
N LYS A 168 -13.76 -22.34 -17.22
CA LYS A 168 -12.93 -23.21 -16.36
C LYS A 168 -11.50 -23.35 -16.89
N GLY A 169 -11.02 -22.38 -17.68
CA GLY A 169 -9.71 -22.43 -18.34
C GLY A 169 -8.54 -22.49 -17.36
N GLN A 170 -8.56 -21.62 -16.35
CA GLN A 170 -7.59 -21.67 -15.26
C GLN A 170 -7.76 -22.87 -14.32
N GLU A 171 -8.99 -23.41 -14.23
CA GLU A 171 -9.30 -24.58 -13.40
C GLU A 171 -9.11 -24.32 -11.89
N ARG A 172 -9.39 -23.09 -11.46
CA ARG A 172 -9.17 -22.67 -10.07
C ARG A 172 -9.87 -21.36 -9.72
N LEU A 173 -9.83 -20.42 -10.67
CA LEU A 173 -10.48 -19.11 -10.53
C LEU A 173 -11.89 -19.10 -11.11
N GLU A 174 -12.15 -19.94 -12.12
CA GLU A 174 -13.44 -19.96 -12.79
C GLU A 174 -13.88 -18.54 -13.18
N GLU B 1 19.45 -1.07 16.95
CA GLU B 1 19.54 -2.49 16.62
C GLU B 1 19.50 -2.80 15.14
N GLU B 2 18.42 -2.37 14.45
CA GLU B 2 18.20 -2.62 13.02
C GLU B 2 18.21 -4.12 12.65
N GLN B 3 18.00 -4.99 13.64
CA GLN B 3 18.09 -6.43 13.46
C GLN B 3 16.91 -6.96 12.63
N TRP B 4 15.71 -6.50 13.00
CA TRP B 4 14.49 -6.85 12.27
C TRP B 4 14.23 -5.92 11.09
N ALA B 5 14.98 -4.81 10.97
CA ALA B 5 14.91 -3.93 9.80
C ALA B 5 15.20 -4.67 8.48
N ARG B 6 15.92 -5.80 8.55
CA ARG B 6 16.13 -6.67 7.39
C ARG B 6 14.89 -7.45 6.99
N GLU B 7 14.03 -7.79 7.94
CA GLU B 7 12.81 -8.54 7.68
C GLU B 7 11.67 -7.62 7.25
N ILE B 8 11.50 -6.47 7.91
CA ILE B 8 10.47 -5.47 7.53
C ILE B 8 10.62 -5.00 6.08
N GLY B 9 11.83 -5.05 5.50
CA GLY B 9 12.05 -4.65 4.12
C GLY B 9 12.13 -5.83 3.17
N ALA B 10 12.89 -6.88 3.52
CA ALA B 10 13.00 -8.07 2.69
C ALA B 10 11.67 -8.80 2.56
N GLN B 11 10.91 -8.97 3.65
CA GLN B 11 9.58 -9.59 3.67
C GLN B 11 8.55 -8.73 2.95
N LEU B 12 8.70 -7.40 2.98
CA LEU B 12 7.80 -6.50 2.28
C LEU B 12 7.98 -6.60 0.77
N ARG B 13 9.21 -6.38 0.29
CA ARG B 13 9.52 -6.51 -1.14
C ARG B 13 9.48 -7.96 -1.58
N ARG B 14 9.50 -8.93 -0.66
CA ARG B 14 9.54 -10.35 -0.99
C ARG B 14 8.42 -10.69 -1.95
N MET B 15 7.18 -10.51 -1.50
CA MET B 15 5.99 -10.84 -2.28
C MET B 15 5.64 -9.73 -3.25
N ALA B 16 5.78 -8.47 -2.80
CA ALA B 16 5.60 -7.31 -3.65
C ALA B 16 6.48 -7.26 -4.92
N ASP B 17 7.63 -7.94 -4.90
CA ASP B 17 8.48 -8.18 -6.08
C ASP B 17 7.75 -8.84 -7.25
N ASP B 18 6.64 -9.53 -7.00
CA ASP B 18 5.74 -10.09 -8.02
C ASP B 18 5.14 -9.03 -8.93
N LEU B 19 5.28 -7.74 -8.61
CA LEU B 19 4.95 -6.64 -9.52
C LEU B 19 5.47 -6.86 -10.94
N ASN B 20 6.68 -7.40 -11.10
CA ASN B 20 7.26 -7.70 -12.41
C ASN B 20 6.34 -8.54 -13.30
N ALA B 21 5.56 -9.45 -12.69
CA ALA B 21 4.54 -10.25 -13.36
C ALA B 21 3.52 -9.42 -14.15
N GLN B 22 3.33 -8.16 -13.75
CA GLN B 22 2.50 -7.17 -14.42
C GLN B 22 1.06 -7.64 -14.46
N TYR B 23 0.35 -7.60 -13.33
CA TYR B 23 -1.01 -8.16 -13.20
C TYR B 23 -1.07 -9.70 -13.27
N GLU B 24 0.06 -10.38 -13.46
CA GLU B 24 0.12 -11.84 -13.67
C GLU B 24 -0.42 -12.25 -15.05
N ARG B 25 0.20 -11.73 -16.12
CA ARG B 25 -0.16 -12.10 -17.52
C ARG B 25 0.04 -13.59 -17.87
N MET A 1 7.02 14.19 -12.26
CA MET A 1 7.18 14.75 -10.89
C MET A 1 5.99 15.64 -10.54
N SER A 2 4.77 15.09 -10.57
CA SER A 2 3.57 15.88 -10.22
C SER A 2 3.57 16.40 -8.79
N ALA A 3 4.27 15.70 -7.86
CA ALA A 3 4.42 16.10 -6.46
C ALA A 3 3.07 16.44 -5.80
N MET A 4 2.13 15.49 -5.85
CA MET A 4 0.78 15.68 -5.33
C MET A 4 0.50 14.74 -4.17
N SER A 5 0.36 13.43 -4.45
CA SER A 5 0.00 12.42 -3.44
C SER A 5 -1.28 12.77 -2.67
N GLN A 6 -2.19 13.57 -3.26
CA GLN A 6 -3.41 14.04 -2.58
C GLN A 6 -4.45 12.93 -2.46
N SER A 7 -4.71 12.26 -3.59
CA SER A 7 -5.62 11.11 -3.64
C SER A 7 -5.03 9.87 -2.96
N ASN A 8 -3.71 9.70 -3.01
CA ASN A 8 -3.04 8.58 -2.35
C ASN A 8 -3.06 8.71 -0.83
N ARG A 9 -3.01 9.95 -0.32
CA ARG A 9 -3.07 10.24 1.10
C ARG A 9 -4.34 9.72 1.74
N GLU A 10 -5.49 9.92 1.11
CA GLU A 10 -6.76 9.37 1.57
C GLU A 10 -6.89 7.87 1.33
N LEU A 11 -6.21 7.35 0.29
CA LEU A 11 -6.23 5.93 -0.04
C LEU A 11 -5.75 5.06 1.15
N VAL A 12 -4.58 5.39 1.66
CA VAL A 12 -4.01 4.70 2.83
C VAL A 12 -4.85 4.95 4.07
N VAL A 13 -5.42 6.14 4.23
CA VAL A 13 -6.26 6.47 5.38
C VAL A 13 -7.52 5.63 5.41
N ASP A 14 -8.20 5.47 4.28
CA ASP A 14 -9.42 4.67 4.15
C ASP A 14 -9.15 3.20 4.47
N PHE A 15 -8.00 2.69 3.99
CA PHE A 15 -7.61 1.31 4.25
C PHE A 15 -7.19 1.07 5.70
N LEU A 16 -6.32 1.94 6.22
CA LEU A 16 -5.84 1.86 7.60
C LEU A 16 -6.98 2.04 8.59
N SER A 17 -7.81 3.05 8.40
CA SER A 17 -9.00 3.30 9.20
C SER A 17 -9.93 2.09 9.26
N TYR A 18 -9.95 1.25 8.22
CA TYR A 18 -10.70 0.00 8.23
C TYR A 18 -10.04 -1.08 9.08
N LYS A 19 -8.71 -1.19 9.04
CA LYS A 19 -7.95 -2.17 9.83
C LYS A 19 -7.91 -1.81 11.31
N LEU A 20 -7.56 -0.56 11.62
CA LEU A 20 -7.56 -0.02 12.97
C LEU A 20 -8.96 0.09 13.58
N SER A 21 -10.01 0.16 12.75
CA SER A 21 -11.42 0.19 13.19
C SER A 21 -11.80 -1.03 14.03
N GLN A 22 -11.19 -2.19 13.73
CA GLN A 22 -11.38 -3.41 14.50
C GLN A 22 -11.04 -3.25 15.99
N LYS A 23 -10.09 -2.35 16.29
CA LYS A 23 -9.72 -1.96 17.64
C LYS A 23 -10.50 -0.75 18.18
N GLY A 24 -11.01 0.10 17.29
CA GLY A 24 -11.82 1.27 17.64
C GLY A 24 -10.94 2.50 17.83
N TYR A 25 -10.15 2.85 16.81
CA TYR A 25 -9.26 4.01 16.84
C TYR A 25 -8.85 4.40 15.42
N SER A 26 -9.48 5.42 14.85
CA SER A 26 -9.11 5.90 13.52
C SER A 26 -8.06 7.00 13.59
N TRP A 27 -7.25 7.13 12.54
CA TRP A 27 -6.25 8.21 12.43
C TRP A 27 -6.79 9.45 11.70
N SER A 28 -7.86 9.28 10.91
CA SER A 28 -8.46 10.40 10.17
C SER A 28 -9.20 11.35 11.12
N GLN A 29 -9.99 10.78 12.04
CA GLN A 29 -10.89 11.50 12.94
C GLN A 29 -11.66 10.56 13.89
N PHE A 30 -11.14 9.37 14.19
CA PHE A 30 -11.89 8.38 14.99
C PHE A 30 -13.27 8.01 14.39
N SER A 31 -13.43 8.19 13.07
CA SER A 31 -14.68 7.93 12.36
C SER A 31 -14.64 6.62 11.58
N ASP A 32 -13.43 6.08 11.34
CA ASP A 32 -13.25 4.80 10.66
C ASP A 32 -13.81 4.84 9.25
N VAL A 33 -13.27 5.72 8.42
CA VAL A 33 -13.71 5.92 7.03
C VAL A 33 -15.11 6.55 7.00
N GLU A 34 -15.18 7.82 6.61
CA GLU A 34 -16.47 8.54 6.52
C GLU A 34 -17.45 7.88 5.53
N GLU A 35 -16.93 7.03 4.63
CA GLU A 35 -17.70 6.19 3.71
C GLU A 35 -18.81 5.41 4.40
N ASN A 36 -18.63 5.06 5.68
CA ASN A 36 -19.54 4.31 6.56
C ASN A 36 -19.62 2.83 6.19
N ARG A 37 -19.81 2.55 4.90
CA ARG A 37 -19.90 1.23 4.33
C ARG A 37 -19.19 1.14 2.98
N THR A 38 -19.82 1.68 1.92
CA THR A 38 -19.34 1.61 0.54
C THR A 38 -18.86 0.21 0.12
N GLU A 39 -19.80 -0.64 -0.30
CA GLU A 39 -19.44 -2.01 -0.70
C GLU A 39 -18.73 -2.04 -2.06
N ALA A 40 -19.48 -1.77 -3.14
CA ALA A 40 -18.96 -1.78 -4.50
C ALA A 40 -18.99 -0.35 -5.06
N PRO A 41 -17.82 0.31 -5.16
CA PRO A 41 -17.71 1.64 -5.73
C PRO A 41 -18.09 1.64 -7.23
N GLU A 42 -18.24 2.83 -7.81
CA GLU A 42 -18.60 3.03 -9.22
C GLU A 42 -18.60 4.53 -9.61
N GLY A 43 -17.43 5.16 -9.62
CA GLY A 43 -17.35 6.59 -9.97
C GLY A 43 -16.85 6.80 -11.39
N THR A 44 -15.59 6.41 -11.63
CA THR A 44 -14.87 6.62 -12.91
C THR A 44 -13.43 6.12 -12.86
N GLU A 45 -12.81 6.15 -11.67
CA GLU A 45 -11.41 5.73 -11.46
C GLU A 45 -11.20 5.22 -10.03
N SER A 46 -11.86 5.84 -9.05
CA SER A 46 -11.79 5.41 -7.64
C SER A 46 -12.36 4.00 -7.45
N GLU A 47 -13.36 3.63 -8.23
CA GLU A 47 -13.90 2.28 -8.25
C GLU A 47 -12.97 1.23 -8.84
N ALA A 48 -12.18 1.64 -9.83
CA ALA A 48 -11.29 0.74 -10.55
C ALA A 48 -10.03 0.50 -9.74
N VAL A 49 -9.49 1.57 -9.13
CA VAL A 49 -8.33 1.48 -8.24
C VAL A 49 -8.70 0.77 -6.92
N LYS A 50 -9.87 1.06 -6.34
CA LYS A 50 -10.31 0.46 -5.08
C LYS A 50 -10.60 -1.03 -5.26
N GLN A 51 -11.26 -1.41 -6.35
CA GLN A 51 -11.57 -2.80 -6.62
C GLN A 51 -10.29 -3.61 -6.94
N ALA A 52 -9.32 -2.97 -7.60
CA ALA A 52 -8.05 -3.60 -7.96
C ALA A 52 -7.16 -3.83 -6.74
N LEU A 53 -6.98 -2.80 -5.92
CA LEU A 53 -6.22 -2.88 -4.66
C LEU A 53 -6.81 -3.91 -3.71
N ARG A 54 -8.11 -4.17 -3.81
CA ARG A 54 -8.79 -5.17 -2.98
C ARG A 54 -8.48 -6.59 -3.41
N GLU A 55 -8.56 -6.87 -4.71
CA GLU A 55 -8.26 -8.18 -5.30
C GLU A 55 -6.84 -8.66 -4.94
N ALA A 56 -5.87 -7.78 -5.24
CA ALA A 56 -4.48 -8.04 -4.86
C ALA A 56 -4.23 -7.84 -3.37
N GLY A 57 -5.09 -7.09 -2.66
CA GLY A 57 -4.99 -6.78 -1.23
C GLY A 57 -4.97 -7.99 -0.30
N ASP A 58 -5.33 -9.16 -0.85
CA ASP A 58 -5.26 -10.48 -0.21
C ASP A 58 -4.34 -11.45 -0.97
N GLU A 59 -4.23 -11.30 -2.29
CA GLU A 59 -3.39 -12.16 -3.13
C GLU A 59 -1.93 -11.67 -3.25
N PHE A 60 -1.61 -10.57 -2.57
CA PHE A 60 -0.32 -9.90 -2.54
C PHE A 60 0.81 -10.92 -2.32
N GLU A 61 0.61 -11.80 -1.35
CA GLU A 61 1.57 -12.85 -1.03
C GLU A 61 1.02 -14.25 -1.27
N LEU A 62 -0.31 -14.37 -1.31
CA LEU A 62 -1.00 -15.63 -1.61
C LEU A 62 -0.55 -16.24 -2.93
N ARG A 63 -0.11 -15.40 -3.89
CA ARG A 63 0.49 -15.82 -5.16
C ARG A 63 1.61 -16.83 -4.98
N TYR A 64 2.37 -16.70 -3.89
CA TYR A 64 3.45 -17.60 -3.54
C TYR A 64 3.05 -18.51 -2.39
N ARG A 65 2.93 -17.92 -1.19
CA ARG A 65 2.60 -18.64 0.05
C ARG A 65 2.08 -17.66 1.10
N ARG A 66 3.03 -16.98 1.75
CA ARG A 66 2.80 -16.09 2.91
C ARG A 66 4.07 -15.36 3.38
N ALA A 67 5.04 -15.21 2.49
CA ALA A 67 6.31 -14.54 2.77
C ALA A 67 7.22 -15.42 3.63
N PHE A 68 6.94 -15.49 4.92
CA PHE A 68 7.65 -16.25 5.95
C PHE A 68 7.02 -16.08 7.34
N SER A 69 7.65 -16.67 8.36
CA SER A 69 7.19 -16.61 9.76
C SER A 69 7.64 -15.34 10.51
N ASP A 70 7.35 -14.16 9.93
CA ASP A 70 7.94 -12.87 10.36
C ASP A 70 7.46 -11.69 9.49
N LEU A 71 6.18 -11.34 9.61
CA LEU A 71 5.61 -10.23 8.86
C LEU A 71 4.44 -9.56 9.57
N THR A 72 4.34 -9.71 10.89
CA THR A 72 3.15 -9.28 11.65
C THR A 72 3.35 -9.45 13.14
N SER A 73 3.97 -10.57 13.54
CA SER A 73 4.31 -10.84 14.93
C SER A 73 5.70 -10.28 15.26
N GLN A 74 6.08 -10.39 16.53
CA GLN A 74 7.37 -9.96 17.06
C GLN A 74 7.59 -8.46 16.92
N LEU A 75 7.95 -7.99 15.72
CA LEU A 75 8.19 -6.60 15.35
C LEU A 75 9.08 -5.86 16.37
N HIS A 76 10.39 -6.04 16.25
CA HIS A 76 11.34 -5.47 17.19
C HIS A 76 12.11 -4.33 16.54
N ILE A 77 12.16 -3.19 17.21
CA ILE A 77 12.75 -1.96 16.68
C ILE A 77 13.31 -1.17 17.86
N THR A 78 14.60 -1.31 18.09
CA THR A 78 15.31 -0.53 19.11
C THR A 78 14.97 0.98 19.09
N PRO A 79 15.17 1.70 20.21
CA PRO A 79 14.86 3.12 20.37
C PRO A 79 15.79 4.02 19.54
N GLY A 80 15.55 4.11 18.23
CA GLY A 80 16.39 4.87 17.29
C GLY A 80 16.64 4.15 15.97
N THR A 81 16.22 2.90 15.85
CA THR A 81 16.39 2.10 14.63
C THR A 81 15.07 1.85 13.91
N ALA A 82 13.94 2.22 14.53
CA ALA A 82 12.62 2.16 13.90
C ALA A 82 12.56 2.90 12.56
N TYR A 83 13.31 4.01 12.44
CA TYR A 83 13.42 4.74 11.18
C TYR A 83 14.16 3.97 10.08
N GLN A 84 15.17 3.18 10.45
CA GLN A 84 15.92 2.31 9.56
C GLN A 84 15.01 1.34 8.82
N SER A 85 13.95 0.84 9.48
CA SER A 85 12.94 -0.02 8.88
C SER A 85 12.34 0.61 7.63
N PHE A 86 11.84 1.85 7.74
CA PHE A 86 11.24 2.56 6.61
C PHE A 86 12.24 2.78 5.48
N GLU A 87 13.43 3.28 5.79
CA GLU A 87 14.50 3.49 4.82
C GLU A 87 14.90 2.19 4.11
N GLN A 88 14.97 1.09 4.86
CA GLN A 88 15.26 -0.24 4.31
C GLN A 88 14.14 -0.72 3.40
N VAL A 89 12.88 -0.56 3.81
CA VAL A 89 11.73 -0.97 3.02
C VAL A 89 11.76 -0.33 1.65
N VAL A 90 11.93 0.99 1.60
CA VAL A 90 12.00 1.73 0.34
C VAL A 90 13.16 1.26 -0.53
N ASN A 91 14.32 0.99 0.07
CA ASN A 91 15.49 0.51 -0.65
C ASN A 91 15.22 -0.83 -1.33
N GLU A 92 14.61 -1.77 -0.60
CA GLU A 92 14.29 -3.10 -1.11
C GLU A 92 13.12 -3.07 -2.09
N LEU A 93 12.15 -2.19 -1.87
CA LEU A 93 11.03 -1.96 -2.78
C LEU A 93 11.46 -1.40 -4.14
N PHE A 94 12.60 -0.73 -4.17
CA PHE A 94 13.19 -0.18 -5.39
C PHE A 94 14.11 -1.20 -6.10
N ARG A 95 13.80 -2.50 -5.96
CA ARG A 95 14.58 -3.57 -6.60
C ARG A 95 14.15 -3.85 -8.03
N ASP A 96 12.84 -3.83 -8.27
CA ASP A 96 12.24 -4.15 -9.57
C ASP A 96 11.55 -2.91 -10.16
N GLY A 97 10.76 -2.20 -9.34
CA GLY A 97 10.07 -1.00 -9.77
C GLY A 97 8.82 -0.72 -8.96
N VAL A 98 8.87 0.26 -8.05
CA VAL A 98 7.71 0.69 -7.23
C VAL A 98 6.42 0.82 -8.05
N ASN A 99 5.53 -0.16 -7.94
CA ASN A 99 4.28 -0.18 -8.69
C ASN A 99 3.11 -0.50 -7.76
N TRP A 100 1.96 -0.86 -8.34
CA TRP A 100 0.78 -1.30 -7.57
C TRP A 100 1.12 -2.35 -6.51
N GLY A 101 2.10 -3.22 -6.79
CA GLY A 101 2.53 -4.26 -5.87
C GLY A 101 2.94 -3.70 -4.50
N ARG A 102 3.69 -2.60 -4.49
CA ARG A 102 4.04 -1.89 -3.25
C ARG A 102 2.80 -1.42 -2.52
N ILE A 103 1.96 -0.64 -3.19
CA ILE A 103 0.74 -0.10 -2.59
C ILE A 103 -0.09 -1.21 -1.94
N VAL A 104 -0.16 -2.38 -2.58
CA VAL A 104 -0.90 -3.53 -2.05
C VAL A 104 -0.25 -4.09 -0.79
N ALA A 105 1.09 -4.21 -0.78
CA ALA A 105 1.83 -4.71 0.37
C ALA A 105 1.76 -3.72 1.53
N PHE A 106 2.10 -2.45 1.31
CA PHE A 106 2.01 -1.39 2.30
C PHE A 106 0.61 -1.27 2.90
N PHE A 107 -0.43 -1.56 2.13
CA PHE A 107 -1.81 -1.54 2.61
C PHE A 107 -2.07 -2.71 3.55
N SER A 108 -2.05 -3.93 3.02
CA SER A 108 -2.39 -5.14 3.78
C SER A 108 -1.49 -5.31 4.99
N PHE A 109 -0.17 -5.21 4.75
CA PHE A 109 0.84 -5.22 5.79
C PHE A 109 0.75 -4.01 6.70
N GLY A 110 0.43 -2.82 6.18
CA GLY A 110 0.32 -1.59 6.95
C GLY A 110 -0.62 -1.72 8.13
N GLY A 111 -1.81 -2.30 7.90
CA GLY A 111 -2.73 -2.58 8.99
C GLY A 111 -2.38 -3.85 9.78
N ALA A 112 -1.77 -4.84 9.15
CA ALA A 112 -1.33 -6.06 9.83
C ALA A 112 -0.18 -5.83 10.81
N LEU A 113 0.69 -4.86 10.53
CA LEU A 113 1.79 -4.46 11.41
C LEU A 113 1.32 -3.36 12.34
N CYS A 114 0.49 -2.42 11.86
CA CYS A 114 0.06 -1.29 12.67
C CYS A 114 -0.70 -1.73 13.90
N VAL A 115 -1.53 -2.77 13.79
CA VAL A 115 -2.27 -3.38 14.91
C VAL A 115 -1.40 -3.74 16.10
N GLU A 116 -0.20 -4.28 15.85
CA GLU A 116 0.77 -4.63 16.88
C GLU A 116 1.76 -3.48 17.12
N SER A 117 1.94 -2.58 16.16
CA SER A 117 2.85 -1.43 16.25
C SER A 117 2.29 -0.37 17.20
N VAL A 118 1.03 0.07 16.98
CA VAL A 118 0.33 1.01 17.88
C VAL A 118 0.13 0.43 19.27
N ASP A 119 -0.20 -0.86 19.38
CA ASP A 119 -0.41 -1.53 20.66
C ASP A 119 0.92 -1.75 21.41
N LYS A 120 2.04 -1.66 20.69
CA LYS A 120 3.39 -1.82 21.23
C LYS A 120 4.24 -0.54 21.17
N GLU A 121 3.62 0.58 20.82
CA GLU A 121 4.29 1.87 20.62
C GLU A 121 3.33 3.06 20.75
N MET A 122 2.22 2.83 21.44
CA MET A 122 1.16 3.82 21.62
C MET A 122 0.57 4.32 20.27
N GLN A 123 -0.24 5.37 20.34
CA GLN A 123 -0.75 6.06 19.16
C GLN A 123 0.25 7.04 18.52
N VAL A 124 1.52 6.99 18.93
CA VAL A 124 2.56 7.87 18.42
C VAL A 124 3.22 7.27 17.18
N LEU A 125 3.19 5.94 17.04
CA LEU A 125 3.84 5.27 15.91
C LEU A 125 2.99 5.32 14.66
N VAL A 126 1.76 4.79 14.72
CA VAL A 126 0.79 4.83 13.61
C VAL A 126 0.57 6.22 13.05
N SER A 127 0.50 7.23 13.94
CA SER A 127 0.37 8.64 13.57
C SER A 127 1.50 9.08 12.63
N ARG A 128 2.71 8.57 12.87
CA ARG A 128 3.88 8.81 12.04
C ARG A 128 3.82 8.00 10.76
N ILE A 129 3.35 6.75 10.78
CA ILE A 129 3.26 5.88 9.59
C ILE A 129 2.43 6.54 8.49
N ALA A 130 1.22 6.99 8.81
CA ALA A 130 0.33 7.61 7.83
C ALA A 130 0.92 8.91 7.26
N ALA A 131 1.43 9.78 8.12
CA ALA A 131 2.12 11.00 7.69
C ALA A 131 3.39 10.72 6.86
N TRP A 132 4.09 9.65 7.20
CA TRP A 132 5.27 9.18 6.46
C TRP A 132 4.92 8.66 5.08
N MET A 133 3.73 8.09 4.91
CA MET A 133 3.26 7.59 3.62
C MET A 133 3.26 8.65 2.53
N ALA A 134 2.73 9.84 2.83
CA ALA A 134 2.73 10.97 1.90
C ALA A 134 4.15 11.40 1.54
N THR A 135 5.05 11.40 2.53
CA THR A 135 6.45 11.73 2.30
C THR A 135 7.16 10.64 1.49
N TYR A 136 6.81 9.37 1.66
CA TYR A 136 7.40 8.24 0.94
C TYR A 136 7.01 8.24 -0.54
N LEU A 137 5.70 8.26 -0.83
CA LEU A 137 5.21 8.33 -2.21
C LEU A 137 5.79 9.55 -2.94
N ASN A 138 5.94 10.67 -2.23
CA ASN A 138 6.50 11.88 -2.82
C ASN A 138 8.03 11.81 -2.97
N ASP A 139 8.71 11.12 -2.05
CA ASP A 139 10.17 10.95 -2.05
C ASP A 139 10.65 10.35 -3.38
N HIS A 140 10.07 9.20 -3.74
CA HIS A 140 10.44 8.46 -4.95
C HIS A 140 9.33 7.50 -5.41
N LEU A 141 8.23 8.08 -5.86
CA LEU A 141 7.08 7.30 -6.34
C LEU A 141 6.12 8.13 -7.18
N GLU A 142 5.87 9.39 -6.83
CA GLU A 142 5.05 10.33 -7.63
C GLU A 142 5.50 10.41 -9.09
N PRO A 143 6.77 10.75 -9.37
CA PRO A 143 7.27 10.76 -10.74
C PRO A 143 7.38 9.36 -11.32
N TRP A 144 7.58 8.34 -10.49
CA TRP A 144 7.70 6.96 -10.92
C TRP A 144 6.37 6.36 -11.39
N ILE A 145 5.24 6.81 -10.81
CA ILE A 145 3.92 6.32 -11.17
C ILE A 145 3.52 6.86 -12.53
N GLN A 146 3.70 8.17 -12.76
CA GLN A 146 3.33 8.79 -14.03
C GLN A 146 4.27 8.36 -15.16
N GLU A 147 5.59 8.47 -14.95
CA GLU A 147 6.60 8.11 -15.96
C GLU A 147 6.54 6.63 -16.35
N ASN A 148 6.64 5.73 -15.35
CA ASN A 148 6.49 4.30 -15.60
C ASN A 148 5.04 3.92 -15.94
N GLY A 149 4.08 4.82 -15.72
CA GLY A 149 2.66 4.59 -15.92
C GLY A 149 2.10 3.48 -15.01
N GLY A 150 2.65 3.35 -13.80
CA GLY A 150 2.30 2.28 -12.88
C GLY A 150 0.80 2.16 -12.59
N TRP A 151 0.21 3.24 -12.07
CA TRP A 151 -1.23 3.33 -11.92
C TRP A 151 -2.00 3.14 -13.22
N ASP A 152 -1.51 3.67 -14.34
CA ASP A 152 -2.09 3.48 -15.68
C ASP A 152 -2.19 1.99 -16.07
N THR A 153 -1.25 1.18 -15.58
CA THR A 153 -1.25 -0.26 -15.83
C THR A 153 -2.18 -1.00 -14.89
N PHE A 154 -2.29 -0.56 -13.64
CA PHE A 154 -3.14 -1.16 -12.62
C PHE A 154 -4.63 -0.87 -12.84
N VAL A 155 -4.94 0.37 -13.23
CA VAL A 155 -6.29 0.81 -13.58
C VAL A 155 -6.75 0.18 -14.90
N GLU A 156 -5.88 0.07 -15.90
CA GLU A 156 -6.23 -0.59 -17.16
C GLU A 156 -6.24 -2.11 -17.02
N LEU A 157 -5.61 -2.65 -15.98
CA LEU A 157 -5.65 -4.07 -15.71
C LEU A 157 -6.95 -4.48 -15.05
N TYR A 158 -7.26 -3.91 -13.89
CA TYR A 158 -8.46 -4.28 -13.12
C TYR A 158 -9.68 -3.42 -13.49
N GLY A 159 -9.55 -2.59 -14.52
CA GLY A 159 -10.59 -1.66 -14.97
C GLY A 159 -10.82 -1.68 -16.48
N ASN A 160 -9.81 -2.05 -17.27
CA ASN A 160 -9.91 -2.21 -18.72
C ASN A 160 -9.25 -3.49 -19.22
N ASN A 161 -9.43 -4.61 -18.50
CA ASN A 161 -8.88 -5.91 -18.91
C ASN A 161 -9.33 -6.36 -20.32
N ALA A 162 -10.55 -5.94 -20.71
CA ALA A 162 -11.13 -6.23 -22.02
C ALA A 162 -10.85 -5.13 -23.05
N ALA A 163 -10.66 -3.88 -22.58
CA ALA A 163 -10.35 -2.73 -23.42
C ALA A 163 -8.85 -2.37 -23.44
N ALA A 164 -7.99 -3.34 -23.12
CA ALA A 164 -6.53 -3.17 -23.03
C ALA A 164 -5.83 -3.40 -24.38
N GLU A 165 -6.57 -3.20 -25.48
CA GLU A 165 -6.04 -3.37 -26.84
C GLU A 165 -5.52 -2.06 -27.41
N SER A 166 -6.35 -1.00 -27.36
CA SER A 166 -6.03 0.30 -27.97
C SER A 166 -7.09 1.35 -27.63
N ARG A 167 -7.43 1.49 -26.34
CA ARG A 167 -8.40 2.51 -25.90
C ARG A 167 -7.95 3.93 -26.25
N LYS A 168 -6.65 4.20 -26.13
CA LYS A 168 -6.04 5.52 -26.39
C LYS A 168 -4.83 5.44 -27.29
N GLY A 169 -4.00 4.42 -27.10
CA GLY A 169 -2.79 4.16 -27.90
C GLY A 169 -1.49 4.44 -27.16
N GLN A 170 -1.41 5.58 -26.46
CA GLN A 170 -0.23 6.00 -25.70
C GLN A 170 -0.59 6.33 -24.25
N GLU A 171 -1.08 5.33 -23.51
CA GLU A 171 -1.47 5.51 -22.10
C GLU A 171 -1.51 4.18 -21.32
N ARG A 172 -0.63 3.23 -21.71
CA ARG A 172 -0.61 1.88 -21.11
C ARG A 172 0.71 1.16 -21.33
N LEU A 173 1.05 0.97 -22.61
CA LEU A 173 2.30 0.33 -23.01
C LEU A 173 3.50 1.28 -22.93
N GLU A 174 3.25 2.59 -23.03
CA GLU A 174 4.27 3.63 -22.99
C GLU A 174 4.49 4.14 -21.56
N GLU B 1 21.80 0.04 15.11
CA GLU B 1 21.54 -0.88 14.00
C GLU B 1 20.27 -1.72 14.23
N GLU B 2 19.52 -1.96 13.15
CA GLU B 2 18.28 -2.74 13.18
C GLU B 2 18.48 -4.08 12.47
N GLN B 3 18.13 -5.17 13.16
CA GLN B 3 18.23 -6.52 12.61
C GLN B 3 16.94 -6.98 11.92
N TRP B 4 15.78 -6.52 12.41
CA TRP B 4 14.46 -6.75 11.83
C TRP B 4 14.19 -5.86 10.61
N ALA B 5 15.05 -4.86 10.34
CA ALA B 5 14.92 -4.01 9.17
C ALA B 5 15.11 -4.77 7.85
N ARG B 6 15.74 -5.95 7.92
CA ARG B 6 15.82 -6.88 6.79
C ARG B 6 14.50 -7.53 6.45
N GLU B 7 13.64 -7.78 7.44
CA GLU B 7 12.35 -8.45 7.22
C GLU B 7 11.26 -7.45 6.89
N ILE B 8 11.23 -6.32 7.61
CA ILE B 8 10.28 -5.24 7.31
C ILE B 8 10.40 -4.77 5.86
N GLY B 9 11.58 -4.87 5.23
CA GLY B 9 11.78 -4.43 3.86
C GLY B 9 11.74 -5.57 2.86
N ALA B 10 12.49 -6.65 3.10
CA ALA B 10 12.48 -7.81 2.22
C ALA B 10 11.13 -8.50 2.18
N GLN B 11 10.55 -8.82 3.33
CA GLN B 11 9.22 -9.43 3.43
C GLN B 11 8.12 -8.55 2.82
N LEU B 12 8.30 -7.23 2.85
CA LEU B 12 7.35 -6.27 2.29
C LEU B 12 7.44 -6.21 0.78
N ARG B 13 8.65 -6.00 0.26
CA ARG B 13 8.89 -6.00 -1.17
C ARG B 13 8.62 -7.37 -1.78
N ARG B 14 8.56 -8.43 -0.97
CA ARG B 14 8.42 -9.81 -1.42
C ARG B 14 7.11 -10.05 -2.15
N MET B 15 5.99 -9.75 -1.49
CA MET B 15 4.67 -9.80 -2.09
C MET B 15 4.46 -8.71 -3.13
N ALA B 16 4.90 -7.50 -2.79
CA ALA B 16 4.85 -6.39 -3.72
C ALA B 16 5.65 -6.64 -5.00
N ASP B 17 6.66 -7.52 -4.99
CA ASP B 17 7.48 -7.90 -6.16
C ASP B 17 6.64 -8.33 -7.36
N ASP B 18 5.40 -8.77 -7.10
CA ASP B 18 4.42 -9.06 -8.14
C ASP B 18 4.19 -7.87 -9.09
N LEU B 19 4.52 -6.64 -8.69
CA LEU B 19 4.62 -5.47 -9.56
C LEU B 19 5.36 -5.70 -10.89
N ASN B 20 6.35 -6.60 -10.91
CA ASN B 20 7.11 -6.95 -12.11
C ASN B 20 6.22 -7.49 -13.22
N ALA B 21 5.09 -8.12 -12.86
CA ALA B 21 4.09 -8.55 -13.83
C ALA B 21 3.54 -7.42 -14.69
N GLN B 22 3.69 -6.17 -14.26
CA GLN B 22 3.26 -4.95 -14.94
C GLN B 22 1.74 -4.76 -14.91
N TYR B 23 1.00 -5.76 -14.43
CA TYR B 23 -0.45 -5.83 -14.35
C TYR B 23 -0.90 -7.16 -13.71
N GLU B 24 -0.33 -8.29 -14.13
CA GLU B 24 -0.71 -9.65 -13.66
C GLU B 24 -0.67 -9.77 -12.14
N ARG B 25 -1.85 -9.85 -11.51
CA ARG B 25 -2.06 -9.88 -10.06
C ARG B 25 -3.52 -10.10 -9.67
N MET A 1 2.36 10.76 -9.79
CA MET A 1 1.23 11.51 -10.40
C MET A 1 1.44 13.02 -10.28
N SER A 2 1.73 13.53 -9.08
CA SER A 2 1.98 14.94 -8.82
C SER A 2 2.72 15.09 -7.49
N ALA A 3 2.98 16.34 -7.09
CA ALA A 3 3.61 16.67 -5.81
C ALA A 3 2.64 16.67 -4.62
N MET A 4 1.38 17.04 -4.88
CA MET A 4 0.35 16.97 -3.84
C MET A 4 0.10 15.52 -3.40
N SER A 5 -0.30 15.36 -2.14
CA SER A 5 -0.62 14.06 -1.53
C SER A 5 -1.94 14.09 -0.76
N GLN A 6 -2.84 15.01 -1.13
CA GLN A 6 -4.12 15.20 -0.45
C GLN A 6 -5.08 14.03 -0.70
N SER A 7 -5.37 13.74 -1.98
CA SER A 7 -6.22 12.60 -2.37
C SER A 7 -5.57 11.25 -2.04
N ASN A 8 -4.24 11.22 -2.02
CA ASN A 8 -3.47 10.03 -1.66
C ASN A 8 -3.56 9.72 -0.16
N ARG A 9 -3.71 10.75 0.67
CA ARG A 9 -3.87 10.59 2.12
C ARG A 9 -5.07 9.74 2.49
N GLU A 10 -6.16 9.87 1.75
CA GLU A 10 -7.32 9.00 1.93
C GLU A 10 -7.08 7.58 1.42
N LEU A 11 -6.30 7.40 0.34
CA LEU A 11 -5.99 6.09 -0.22
C LEU A 11 -5.17 5.24 0.74
N VAL A 12 -4.07 5.80 1.23
CA VAL A 12 -3.21 5.10 2.19
C VAL A 12 -3.98 4.71 3.44
N VAL A 13 -4.83 5.60 3.95
CA VAL A 13 -5.67 5.33 5.10
C VAL A 13 -6.78 4.35 4.76
N ASP A 14 -7.18 4.23 3.50
CA ASP A 14 -8.24 3.32 3.07
C ASP A 14 -7.83 1.86 3.28
N PHE A 15 -6.69 1.51 2.67
CA PHE A 15 -6.15 0.15 2.81
C PHE A 15 -5.67 -0.12 4.23
N LEU A 16 -5.11 0.92 4.88
CA LEU A 16 -4.57 0.77 6.23
C LEU A 16 -5.71 0.54 7.20
N SER A 17 -6.67 1.45 7.23
CA SER A 17 -7.83 1.38 8.11
C SER A 17 -8.62 0.10 7.92
N TYR A 18 -8.59 -0.48 6.71
CA TYR A 18 -9.24 -1.75 6.41
C TYR A 18 -8.54 -2.93 7.07
N LYS A 19 -7.20 -2.95 7.02
CA LYS A 19 -6.40 -4.00 7.63
C LYS A 19 -6.31 -3.86 9.14
N LEU A 20 -6.06 -2.64 9.62
CA LEU A 20 -6.03 -2.31 11.05
C LEU A 20 -7.39 -2.58 11.71
N SER A 21 -8.49 -2.53 10.94
CA SER A 21 -9.84 -2.86 11.41
C SER A 21 -9.95 -4.23 12.06
N GLN A 22 -9.04 -5.15 11.71
CA GLN A 22 -8.97 -6.48 12.29
C GLN A 22 -8.91 -6.44 13.82
N LYS A 23 -8.33 -5.35 14.39
CA LYS A 23 -8.23 -5.14 15.83
C LYS A 23 -7.88 -3.71 16.24
N GLY A 24 -8.38 -2.70 15.53
CA GLY A 24 -7.98 -1.31 15.76
C GLY A 24 -7.96 -0.48 14.49
N TYR A 25 -9.09 -0.34 13.78
CA TYR A 25 -9.20 0.52 12.59
C TYR A 25 -8.64 1.94 12.81
N SER A 26 -8.75 2.79 11.78
CA SER A 26 -8.43 4.22 11.91
C SER A 26 -9.02 4.81 13.19
N TRP A 27 -8.25 5.70 13.83
CA TRP A 27 -8.66 6.42 15.04
C TRP A 27 -10.02 7.13 14.90
N SER A 28 -10.43 7.44 13.66
CA SER A 28 -11.74 8.00 13.33
C SER A 28 -12.90 7.14 13.87
N GLN A 29 -12.66 5.84 14.08
CA GLN A 29 -13.62 4.90 14.66
C GLN A 29 -14.81 4.62 13.73
N PHE A 30 -14.60 4.83 12.43
CA PHE A 30 -15.64 4.80 11.41
C PHE A 30 -15.10 4.89 9.98
N SER A 31 -13.85 4.45 9.75
CA SER A 31 -13.20 4.55 8.45
C SER A 31 -14.09 4.04 7.32
N ASP A 32 -14.35 2.73 7.31
CA ASP A 32 -15.18 2.08 6.31
C ASP A 32 -14.87 2.53 4.88
N VAL A 33 -13.59 2.82 4.55
CA VAL A 33 -13.18 3.34 3.23
C VAL A 33 -13.59 4.80 3.01
N GLU A 34 -13.34 5.67 4.00
CA GLU A 34 -13.79 7.08 3.98
C GLU A 34 -15.30 7.21 3.68
N GLU A 35 -16.11 6.29 4.23
CA GLU A 35 -17.55 6.29 3.97
C GLU A 35 -18.31 6.86 5.14
N ASN A 36 -18.32 6.17 6.28
CA ASN A 36 -19.08 6.59 7.46
C ASN A 36 -20.52 7.00 7.10
N ARG A 37 -21.44 6.03 7.08
CA ARG A 37 -22.86 6.30 6.76
C ARG A 37 -23.02 6.90 5.35
N THR A 38 -22.46 6.24 4.34
CA THR A 38 -22.56 6.69 2.96
C THR A 38 -22.53 5.53 1.99
N GLU A 39 -21.47 4.70 2.05
CA GLU A 39 -21.24 3.57 1.12
C GLU A 39 -21.62 3.85 -0.35
N ALA A 40 -21.47 5.10 -0.79
CA ALA A 40 -22.01 5.56 -2.07
C ALA A 40 -20.87 5.71 -3.08
N PRO A 41 -20.73 4.78 -4.04
CA PRO A 41 -19.69 4.86 -5.06
C PRO A 41 -19.91 6.07 -5.97
N GLU A 42 -18.81 6.66 -6.45
CA GLU A 42 -18.84 7.80 -7.38
C GLU A 42 -19.45 7.44 -8.74
N GLY A 43 -18.85 6.44 -9.41
CA GLY A 43 -19.33 5.92 -10.69
C GLY A 43 -18.75 6.64 -11.90
N THR A 44 -17.42 6.69 -12.00
CA THR A 44 -16.69 7.42 -13.07
C THR A 44 -15.20 7.14 -13.09
N GLU A 45 -14.60 7.05 -11.90
CA GLU A 45 -13.16 6.77 -11.71
C GLU A 45 -12.82 6.61 -10.22
N SER A 46 -13.47 7.37 -9.33
CA SER A 46 -13.25 7.29 -7.87
C SER A 46 -13.67 5.94 -7.29
N GLU A 47 -14.84 5.43 -7.70
CA GLU A 47 -15.27 4.10 -7.25
C GLU A 47 -14.43 2.96 -7.85
N ALA A 48 -13.92 3.18 -9.07
CA ALA A 48 -13.14 2.18 -9.79
C ALA A 48 -11.73 2.08 -9.22
N VAL A 49 -11.05 3.23 -9.04
CA VAL A 49 -9.71 3.31 -8.43
C VAL A 49 -9.71 2.90 -6.96
N LYS A 50 -10.78 3.25 -6.23
CA LYS A 50 -10.94 2.91 -4.82
C LYS A 50 -11.15 1.42 -4.61
N GLN A 51 -12.01 0.82 -5.42
CA GLN A 51 -12.24 -0.62 -5.39
C GLN A 51 -11.03 -1.40 -5.90
N ALA A 52 -10.28 -0.86 -6.86
CA ALA A 52 -9.11 -1.52 -7.42
C ALA A 52 -8.03 -1.75 -6.35
N LEU A 53 -7.68 -0.69 -5.61
CA LEU A 53 -6.70 -0.78 -4.52
C LEU A 53 -7.17 -1.68 -3.37
N ARG A 54 -8.45 -1.55 -2.99
CA ARG A 54 -9.06 -2.37 -1.96
C ARG A 54 -8.95 -3.87 -2.28
N GLU A 55 -9.04 -4.23 -3.56
CA GLU A 55 -8.90 -5.61 -4.04
C GLU A 55 -7.45 -6.09 -3.98
N ALA A 56 -6.49 -5.23 -4.34
CA ALA A 56 -5.07 -5.58 -4.28
C ALA A 56 -4.65 -6.01 -2.87
N GLY A 57 -5.02 -5.20 -1.87
CA GLY A 57 -4.72 -5.53 -0.48
C GLY A 57 -5.29 -6.89 -0.03
N ASP A 58 -6.41 -7.34 -0.63
CA ASP A 58 -6.99 -8.68 -0.44
C ASP A 58 -6.36 -9.79 -1.30
N GLU A 59 -5.56 -9.43 -2.32
CA GLU A 59 -4.93 -10.38 -3.24
C GLU A 59 -3.96 -11.31 -2.50
N PHE A 60 -3.19 -10.73 -1.58
CA PHE A 60 -2.22 -11.46 -0.78
C PHE A 60 -1.29 -12.28 -1.68
N GLU A 61 -0.38 -11.60 -2.38
CA GLU A 61 0.57 -12.30 -3.26
C GLU A 61 1.44 -13.32 -2.51
N LEU A 62 1.58 -13.12 -1.20
CA LEU A 62 2.22 -14.09 -0.30
C LEU A 62 1.66 -15.51 -0.41
N ARG A 63 0.39 -15.68 -0.79
CA ARG A 63 -0.23 -16.97 -1.10
C ARG A 63 0.52 -17.78 -2.15
N TYR A 64 1.17 -17.11 -3.10
CA TYR A 64 2.03 -17.74 -4.11
C TYR A 64 3.51 -17.70 -3.73
N ARG A 65 3.94 -16.67 -2.98
CA ARG A 65 5.33 -16.56 -2.55
C ARG A 65 5.64 -17.46 -1.36
N ARG A 66 5.12 -17.09 -0.19
CA ARG A 66 5.31 -17.77 1.10
C ARG A 66 6.78 -18.10 1.39
N ALA A 67 7.67 -17.13 1.16
CA ALA A 67 9.10 -17.37 1.31
C ALA A 67 9.46 -17.68 2.77
N PHE A 68 8.82 -16.99 3.71
CA PHE A 68 9.03 -17.14 5.15
C PHE A 68 7.80 -16.64 5.93
N SER A 69 7.92 -16.52 7.25
CA SER A 69 6.86 -16.09 8.17
C SER A 69 7.40 -15.14 9.23
N ASP A 70 7.36 -13.84 8.96
CA ASP A 70 7.87 -12.79 9.86
C ASP A 70 7.25 -11.43 9.50
N LEU A 71 6.00 -11.21 9.89
CA LEU A 71 5.25 -9.97 9.59
C LEU A 71 4.36 -9.49 10.74
N THR A 72 4.65 -9.88 11.97
CA THR A 72 3.80 -9.66 13.14
C THR A 72 4.46 -10.14 14.44
N SER A 73 5.20 -11.25 14.35
CA SER A 73 5.93 -11.77 15.49
C SER A 73 7.12 -10.89 15.78
N GLN A 74 7.53 -10.86 17.05
CA GLN A 74 8.63 -10.05 17.56
C GLN A 74 8.39 -8.55 17.37
N LEU A 75 8.58 -8.07 16.13
CA LEU A 75 8.45 -6.68 15.73
C LEU A 75 9.18 -5.72 16.69
N HIS A 76 10.48 -5.52 16.45
CA HIS A 76 11.30 -4.68 17.32
C HIS A 76 11.68 -3.40 16.60
N ILE A 77 11.46 -2.26 17.27
CA ILE A 77 11.64 -0.92 16.72
C ILE A 77 11.64 0.11 17.85
N THR A 78 12.70 0.11 18.65
CA THR A 78 12.89 1.11 19.70
C THR A 78 12.65 2.56 19.21
N PRO A 79 12.34 3.50 20.14
CA PRO A 79 12.07 4.90 19.87
C PRO A 79 13.32 5.67 19.41
N GLY A 80 13.71 5.49 18.14
CA GLY A 80 14.92 6.10 17.57
C GLY A 80 15.60 5.27 16.48
N THR A 81 15.21 4.00 16.34
CA THR A 81 15.71 3.07 15.32
C THR A 81 14.61 2.60 14.38
N ALA A 82 13.35 2.92 14.66
CA ALA A 82 12.24 2.62 13.77
C ALA A 82 12.41 3.20 12.36
N TYR A 83 13.01 4.39 12.25
CA TYR A 83 13.37 5.01 10.97
C TYR A 83 14.21 4.10 10.07
N GLN A 84 15.06 3.26 10.66
CA GLN A 84 15.88 2.28 9.92
C GLN A 84 15.03 1.26 9.17
N SER A 85 13.91 0.84 9.77
CA SER A 85 12.96 -0.07 9.15
C SER A 85 12.45 0.48 7.83
N PHE A 86 11.90 1.69 7.83
CA PHE A 86 11.43 2.34 6.60
C PHE A 86 12.50 2.50 5.52
N GLU A 87 13.68 2.95 5.91
CA GLU A 87 14.82 3.10 5.00
C GLU A 87 15.18 1.75 4.35
N GLN A 88 15.13 0.66 5.13
CA GLN A 88 15.35 -0.69 4.61
C GLN A 88 14.21 -1.19 3.73
N VAL A 89 12.95 -0.85 4.07
CA VAL A 89 11.77 -1.21 3.29
C VAL A 89 11.94 -0.76 1.86
N VAL A 90 12.03 0.56 1.66
CA VAL A 90 12.12 1.14 0.32
C VAL A 90 13.44 0.74 -0.34
N ASN A 91 14.52 0.58 0.42
CA ASN A 91 15.82 0.14 -0.09
C ASN A 91 15.73 -1.23 -0.77
N GLU A 92 15.13 -2.22 -0.09
CA GLU A 92 14.98 -3.56 -0.64
C GLU A 92 13.88 -3.62 -1.70
N LEU A 93 12.78 -2.89 -1.50
CA LEU A 93 11.67 -2.78 -2.44
C LEU A 93 12.08 -2.17 -3.76
N PHE A 94 13.18 -1.41 -3.76
CA PHE A 94 13.75 -0.82 -4.95
C PHE A 94 14.16 -1.86 -5.99
N ARG A 95 14.40 -3.11 -5.56
CA ARG A 95 14.71 -4.24 -6.44
C ARG A 95 13.71 -4.36 -7.59
N ASP A 96 12.53 -4.88 -7.28
CA ASP A 96 11.45 -5.12 -8.23
C ASP A 96 10.09 -5.10 -7.53
N GLY A 97 10.00 -4.42 -6.37
CA GLY A 97 8.75 -4.31 -5.62
C GLY A 97 8.19 -2.90 -5.53
N VAL A 98 8.85 -1.92 -6.14
CA VAL A 98 8.46 -0.50 -6.20
C VAL A 98 7.17 -0.22 -7.00
N ASN A 99 6.06 -0.84 -6.62
CA ASN A 99 4.77 -0.67 -7.30
C ASN A 99 3.65 -1.31 -6.49
N TRP A 100 2.56 -1.70 -7.16
CA TRP A 100 1.42 -2.47 -6.63
C TRP A 100 1.79 -3.58 -5.65
N GLY A 101 2.92 -4.24 -5.93
CA GLY A 101 3.46 -5.27 -5.05
C GLY A 101 3.79 -4.75 -3.65
N ARG A 102 4.53 -3.64 -3.53
CA ARG A 102 4.77 -2.99 -2.22
C ARG A 102 3.47 -2.61 -1.54
N ILE A 103 2.42 -2.28 -2.29
CA ILE A 103 1.12 -1.86 -1.77
C ILE A 103 0.38 -3.03 -1.13
N VAL A 104 0.28 -4.16 -1.84
CA VAL A 104 -0.36 -5.39 -1.33
C VAL A 104 0.44 -6.05 -0.21
N ALA A 105 1.77 -5.90 -0.25
CA ALA A 105 2.63 -6.45 0.76
C ALA A 105 2.50 -5.63 2.05
N PHE A 106 2.48 -4.30 1.92
CA PHE A 106 2.35 -3.42 3.08
C PHE A 106 0.95 -3.43 3.65
N PHE A 107 -0.06 -3.87 2.88
CA PHE A 107 -1.42 -4.02 3.36
C PHE A 107 -1.47 -4.92 4.58
N SER A 108 -1.13 -6.20 4.37
CA SER A 108 -1.21 -7.20 5.42
C SER A 108 -0.07 -7.04 6.41
N PHE A 109 1.16 -6.86 5.91
CA PHE A 109 2.35 -6.71 6.73
C PHE A 109 2.28 -5.46 7.59
N GLY A 110 2.04 -4.31 6.96
CA GLY A 110 1.94 -3.01 7.63
C GLY A 110 0.84 -2.99 8.68
N GLY A 111 -0.38 -3.41 8.34
CA GLY A 111 -1.45 -3.51 9.32
C GLY A 111 -1.21 -4.57 10.41
N ALA A 112 -0.44 -5.63 10.12
CA ALA A 112 -0.05 -6.67 11.07
C ALA A 112 1.02 -6.22 12.08
N LEU A 113 1.86 -5.25 11.71
CA LEU A 113 2.80 -4.64 12.62
C LEU A 113 2.22 -3.40 13.30
N CYS A 114 1.25 -2.74 12.66
CA CYS A 114 0.65 -1.51 13.14
C CYS A 114 -0.14 -1.77 14.40
N VAL A 115 -0.90 -2.88 14.47
CA VAL A 115 -1.64 -3.32 15.66
C VAL A 115 -0.78 -3.40 16.92
N GLU A 116 0.49 -3.78 16.78
CA GLU A 116 1.45 -3.87 17.88
C GLU A 116 2.26 -2.58 18.04
N SER A 117 2.50 -1.87 16.93
CA SER A 117 3.25 -0.61 16.92
C SER A 117 2.47 0.49 17.62
N VAL A 118 1.20 0.70 17.26
CA VAL A 118 0.30 1.67 17.92
C VAL A 118 0.09 1.37 19.40
N ASP A 119 0.11 0.10 19.79
CA ASP A 119 0.02 -0.32 21.19
C ASP A 119 1.30 0.01 21.98
N LYS A 120 2.41 0.23 21.27
CA LYS A 120 3.71 0.56 21.84
C LYS A 120 4.18 1.98 21.54
N GLU A 121 3.37 2.75 20.83
CA GLU A 121 3.68 4.09 20.33
C GLU A 121 2.42 4.96 20.20
N MET A 122 1.37 4.63 20.96
CA MET A 122 0.09 5.33 20.92
C MET A 122 -0.59 5.26 19.55
N GLN A 123 -1.69 6.00 19.38
CA GLN A 123 -2.37 6.13 18.09
C GLN A 123 -1.65 7.08 17.11
N VAL A 124 -0.46 7.60 17.46
CA VAL A 124 0.31 8.51 16.61
C VAL A 124 1.21 7.75 15.63
N LEU A 125 1.57 6.51 15.95
CA LEU A 125 2.50 5.72 15.14
C LEU A 125 1.93 5.42 13.75
N VAL A 126 0.78 4.76 13.72
CA VAL A 126 0.03 4.49 12.50
C VAL A 126 -0.26 5.76 11.70
N SER A 127 -0.64 6.84 12.38
CA SER A 127 -0.91 8.13 11.75
C SER A 127 0.28 8.65 10.94
N ARG A 128 1.50 8.32 11.39
CA ARG A 128 2.73 8.57 10.65
C ARG A 128 2.93 7.60 9.50
N ILE A 129 2.73 6.30 9.71
CA ILE A 129 2.91 5.27 8.66
C ILE A 129 1.96 5.49 7.50
N ALA A 130 0.67 5.73 7.78
CA ALA A 130 -0.36 5.94 6.76
C ALA A 130 0.03 7.07 5.80
N ALA A 131 0.38 8.22 6.36
CA ALA A 131 0.84 9.35 5.55
C ALA A 131 2.23 9.11 4.94
N TRP A 132 3.14 8.44 5.67
CA TRP A 132 4.47 8.08 5.18
C TRP A 132 4.39 7.20 3.95
N MET A 133 3.38 6.32 3.86
CA MET A 133 3.23 5.41 2.74
C MET A 133 3.08 6.14 1.40
N ALA A 134 2.22 7.18 1.38
CA ALA A 134 1.99 8.04 0.22
C ALA A 134 3.05 9.13 0.10
N THR A 135 3.43 9.75 1.22
CA THR A 135 4.48 10.78 1.25
C THR A 135 5.77 10.24 0.65
N TYR A 136 6.23 9.08 1.11
CA TYR A 136 7.44 8.47 0.57
C TYR A 136 7.27 8.01 -0.87
N LEU A 137 6.13 7.38 -1.21
CA LEU A 137 5.84 6.97 -2.58
C LEU A 137 5.97 8.15 -3.55
N ASN A 138 5.37 9.29 -3.24
CA ASN A 138 5.45 10.47 -4.09
C ASN A 138 6.82 11.17 -3.99
N ASP A 139 7.43 11.14 -2.81
CA ASP A 139 8.74 11.74 -2.55
C ASP A 139 9.91 10.84 -3.01
N HIS A 140 9.59 9.73 -3.69
CA HIS A 140 10.57 8.75 -4.18
C HIS A 140 10.28 8.33 -5.62
N LEU A 141 9.13 7.70 -5.85
CA LEU A 141 8.67 7.19 -7.14
C LEU A 141 7.40 7.91 -7.61
N GLU A 142 7.49 9.23 -7.78
CA GLU A 142 6.39 10.05 -8.32
C GLU A 142 6.09 9.77 -9.80
N PRO A 143 7.10 9.94 -10.70
CA PRO A 143 6.94 9.70 -12.13
C PRO A 143 6.88 8.21 -12.46
N TRP A 144 7.41 7.36 -11.58
CA TRP A 144 7.40 5.91 -11.77
C TRP A 144 6.00 5.37 -11.99
N ILE A 145 5.06 5.73 -11.13
CA ILE A 145 3.67 5.31 -11.30
C ILE A 145 3.05 5.93 -12.56
N GLN A 146 3.43 7.16 -12.88
CA GLN A 146 2.92 7.85 -14.07
C GLN A 146 3.33 7.14 -15.36
N GLU A 147 4.63 6.88 -15.55
CA GLU A 147 5.17 6.22 -16.74
C GLU A 147 4.83 4.73 -16.78
N ASN A 148 4.85 4.08 -15.61
CA ASN A 148 4.46 2.68 -15.45
C ASN A 148 2.94 2.49 -15.51
N GLY A 149 2.17 3.59 -15.52
CA GLY A 149 0.71 3.59 -15.53
C GLY A 149 0.11 2.78 -14.39
N GLY A 150 0.50 3.05 -13.13
CA GLY A 150 0.06 2.25 -11.99
C GLY A 150 -1.45 2.03 -11.95
N TRP A 151 -2.20 3.14 -12.04
CA TRP A 151 -3.67 3.10 -12.10
C TRP A 151 -4.21 2.45 -13.37
N ASP A 152 -3.48 2.54 -14.48
CA ASP A 152 -3.80 1.89 -15.77
C ASP A 152 -3.86 0.36 -15.64
N THR A 153 -2.95 -0.21 -14.86
CA THR A 153 -2.97 -1.66 -14.62
C THR A 153 -4.07 -2.05 -13.64
N PHE A 154 -4.39 -1.17 -12.68
CA PHE A 154 -5.43 -1.40 -11.67
C PHE A 154 -6.84 -1.50 -12.26
N VAL A 155 -7.21 -0.50 -13.05
CA VAL A 155 -8.48 -0.50 -13.79
C VAL A 155 -8.57 -1.67 -14.76
N GLU A 156 -7.48 -2.05 -15.42
CA GLU A 156 -7.45 -3.22 -16.30
C GLU A 156 -7.45 -4.55 -15.52
N LEU A 157 -7.14 -4.50 -14.22
CA LEU A 157 -7.03 -5.67 -13.36
C LEU A 157 -8.41 -6.21 -12.97
N TYR A 158 -9.25 -5.30 -12.45
CA TYR A 158 -10.60 -5.63 -12.02
C TYR A 158 -11.67 -5.11 -12.99
N GLY A 159 -11.24 -4.58 -14.13
CA GLY A 159 -12.10 -4.02 -15.17
C GLY A 159 -11.92 -4.70 -16.53
N ASN A 160 -10.77 -5.34 -16.77
CA ASN A 160 -10.46 -6.06 -18.03
C ASN A 160 -10.59 -5.17 -19.28
N ASN A 161 -10.59 -3.85 -19.08
CA ASN A 161 -10.88 -2.84 -20.10
C ASN A 161 -10.50 -1.44 -19.61
N ALA A 162 -9.22 -1.15 -19.44
CA ALA A 162 -8.76 0.20 -19.06
C ALA A 162 -9.23 1.31 -20.03
N ALA A 163 -9.53 0.94 -21.28
CA ALA A 163 -10.09 1.85 -22.28
C ALA A 163 -11.64 1.83 -22.32
N ALA A 164 -12.30 1.51 -21.20
CA ALA A 164 -13.76 1.50 -21.07
C ALA A 164 -14.37 2.82 -20.59
N GLU A 165 -13.68 3.93 -20.88
CA GLU A 165 -14.10 5.27 -20.47
C GLU A 165 -14.52 6.12 -21.67
N SER A 166 -14.02 5.79 -22.87
CA SER A 166 -14.31 6.53 -24.11
C SER A 166 -13.90 8.00 -24.02
N ARG A 167 -12.88 8.28 -23.18
CA ARG A 167 -12.39 9.62 -22.87
C ARG A 167 -10.89 9.70 -23.13
N LYS A 168 -10.46 9.19 -24.29
CA LYS A 168 -9.06 9.23 -24.74
C LYS A 168 -8.13 8.50 -23.76
N GLY A 169 -8.37 7.20 -23.58
CA GLY A 169 -7.59 6.36 -22.65
C GLY A 169 -6.59 5.46 -23.37
N GLN A 170 -6.87 5.09 -24.62
CA GLN A 170 -5.93 4.30 -25.43
C GLN A 170 -4.86 5.14 -26.13
N GLU A 171 -5.21 6.38 -26.51
CA GLU A 171 -4.30 7.30 -27.22
C GLU A 171 -3.84 6.77 -28.59
N ARG A 172 -4.63 5.85 -29.17
CA ARG A 172 -4.32 5.14 -30.43
C ARG A 172 -5.35 5.38 -31.51
N LEU A 173 -6.62 5.48 -31.11
CA LEU A 173 -7.75 5.73 -31.99
C LEU A 173 -8.46 7.05 -31.65
N GLU A 174 -8.42 7.45 -30.38
CA GLU A 174 -9.02 8.68 -29.90
C GLU A 174 -8.06 9.86 -30.08
N GLU B 1 18.13 -1.06 17.90
CA GLU B 1 17.90 -2.45 17.53
C GLU B 1 17.38 -2.54 16.09
N GLU B 2 18.25 -2.26 15.12
CA GLU B 2 17.84 -2.21 13.71
C GLU B 2 18.00 -3.57 13.03
N GLN B 3 17.73 -4.64 13.78
CA GLN B 3 17.87 -6.00 13.30
C GLN B 3 16.62 -6.47 12.55
N TRP B 4 15.44 -6.04 13.00
CA TRP B 4 14.17 -6.36 12.35
C TRP B 4 13.92 -5.53 11.08
N ALA B 5 14.69 -4.45 10.91
CA ALA B 5 14.67 -3.63 9.69
C ALA B 5 15.06 -4.41 8.43
N ARG B 6 15.74 -5.55 8.57
CA ARG B 6 16.04 -6.44 7.44
C ARG B 6 14.82 -7.26 7.00
N GLU B 7 13.90 -7.57 7.91
CA GLU B 7 12.76 -8.41 7.62
C GLU B 7 11.57 -7.60 7.11
N ILE B 8 11.35 -6.42 7.70
CA ILE B 8 10.31 -5.48 7.22
C ILE B 8 10.49 -5.12 5.75
N GLY B 9 11.72 -5.15 5.22
CA GLY B 9 12.01 -4.83 3.84
C GLY B 9 12.19 -6.09 3.00
N ALA B 10 12.89 -7.11 3.49
CA ALA B 10 13.08 -8.36 2.76
C ALA B 10 11.79 -9.17 2.61
N GLN B 11 11.13 -9.51 3.72
CA GLN B 11 9.86 -10.24 3.70
C GLN B 11 8.74 -9.47 3.02
N LEU B 12 8.83 -8.14 2.99
CA LEU B 12 7.87 -7.30 2.29
C LEU B 12 8.13 -7.30 0.78
N ARG B 13 9.38 -7.04 0.38
CA ARG B 13 9.79 -7.06 -1.03
C ARG B 13 9.58 -8.42 -1.66
N ARG B 14 9.47 -9.46 -0.83
CA ARG B 14 9.34 -10.85 -1.23
C ARG B 14 8.22 -11.06 -2.21
N MET B 15 7.00 -10.79 -1.75
CA MET B 15 5.78 -10.87 -2.57
C MET B 15 5.60 -9.63 -3.42
N ALA B 16 6.02 -8.46 -2.92
CA ALA B 16 5.95 -7.24 -3.70
C ALA B 16 6.75 -7.31 -5.00
N ASP B 17 7.77 -8.18 -5.07
CA ASP B 17 8.51 -8.47 -6.30
C ASP B 17 7.64 -8.86 -7.49
N ASP B 18 6.41 -9.30 -7.23
CA ASP B 18 5.42 -9.65 -8.22
C ASP B 18 4.96 -8.45 -9.06
N LEU B 19 5.36 -7.23 -8.68
CA LEU B 19 5.14 -6.01 -9.45
C LEU B 19 5.49 -6.20 -10.92
N ASN B 20 6.53 -7.00 -11.21
CA ASN B 20 6.98 -7.29 -12.56
C ASN B 20 5.83 -7.76 -13.48
N ALA B 21 4.83 -8.41 -12.90
CA ALA B 21 3.59 -8.79 -13.58
C ALA B 21 2.98 -7.63 -14.38
N GLN B 22 3.18 -6.39 -13.92
CA GLN B 22 2.70 -5.15 -14.53
C GLN B 22 1.20 -4.95 -14.32
N TYR B 23 0.62 -5.69 -13.36
CA TYR B 23 -0.82 -5.79 -13.12
C TYR B 23 -1.12 -6.62 -11.87
N GLU B 24 -0.20 -6.74 -10.89
CA GLU B 24 -0.39 -7.56 -9.67
C GLU B 24 -1.00 -8.96 -9.96
N ARG B 25 -0.19 -9.84 -10.57
CA ARG B 25 -0.61 -11.20 -10.96
C ARG B 25 -2.01 -11.31 -11.60
N MET A 1 6.07 13.86 -12.94
CA MET A 1 6.37 15.30 -12.79
C MET A 1 5.10 16.00 -12.34
N SER A 2 4.97 16.28 -11.04
CA SER A 2 3.82 17.01 -10.49
C SER A 2 2.47 16.39 -10.85
N ALA A 3 2.07 15.33 -10.16
CA ALA A 3 0.85 14.58 -10.47
C ALA A 3 -0.21 14.70 -9.37
N MET A 4 -0.19 15.83 -8.64
CA MET A 4 -1.08 16.13 -7.51
C MET A 4 -0.76 15.24 -6.30
N SER A 5 -1.04 13.94 -6.41
CA SER A 5 -0.80 12.93 -5.37
C SER A 5 -1.58 13.24 -4.08
N GLN A 6 -2.65 14.04 -4.20
CA GLN A 6 -3.49 14.48 -3.08
C GLN A 6 -4.41 13.35 -2.59
N SER A 7 -4.99 12.62 -3.55
CA SER A 7 -5.90 11.50 -3.32
C SER A 7 -5.13 10.23 -2.98
N ASN A 8 -3.86 10.13 -3.38
CA ASN A 8 -2.99 9.01 -3.03
C ASN A 8 -2.91 8.79 -1.52
N ARG A 9 -2.83 9.90 -0.77
CA ARG A 9 -2.90 9.89 0.69
C ARG A 9 -4.27 9.45 1.19
N GLU A 10 -5.34 10.02 0.67
CA GLU A 10 -6.70 9.66 1.10
C GLU A 10 -7.05 8.19 0.84
N LEU A 11 -6.45 7.62 -0.21
CA LEU A 11 -6.61 6.22 -0.57
C LEU A 11 -5.88 5.28 0.37
N VAL A 12 -4.58 5.53 0.59
CA VAL A 12 -3.78 4.67 1.46
C VAL A 12 -4.31 4.70 2.88
N VAL A 13 -4.74 5.88 3.36
CA VAL A 13 -5.29 6.06 4.69
C VAL A 13 -6.69 5.48 4.78
N ASP A 14 -7.53 5.60 3.75
CA ASP A 14 -8.89 5.04 3.73
C ASP A 14 -8.87 3.54 4.01
N PHE A 15 -7.98 2.84 3.32
CA PHE A 15 -7.82 1.41 3.53
C PHE A 15 -7.13 1.06 4.84
N LEU A 16 -6.00 1.72 5.13
CA LEU A 16 -5.24 1.46 6.35
C LEU A 16 -6.12 1.69 7.58
N SER A 17 -6.87 2.78 7.62
CA SER A 17 -7.82 3.09 8.67
C SER A 17 -8.93 2.05 8.80
N TYR A 18 -9.29 1.38 7.70
CA TYR A 18 -10.33 0.35 7.68
C TYR A 18 -9.88 -0.86 8.48
N LYS A 19 -8.70 -1.40 8.17
CA LYS A 19 -8.16 -2.56 8.89
C LYS A 19 -7.63 -2.16 10.25
N LEU A 20 -6.86 -1.08 10.32
CA LEU A 20 -6.29 -0.58 11.56
C LEU A 20 -7.36 -0.27 12.58
N SER A 21 -8.55 0.13 12.15
CA SER A 21 -9.71 0.34 13.02
C SER A 21 -10.06 -0.87 13.87
N GLN A 22 -9.79 -2.07 13.36
CA GLN A 22 -10.00 -3.32 14.09
C GLN A 22 -9.01 -3.53 15.26
N LYS A 23 -7.94 -2.73 15.32
CA LYS A 23 -6.87 -2.76 16.33
C LYS A 23 -6.52 -1.37 16.86
N GLY A 24 -7.35 -0.37 16.57
CA GLY A 24 -7.10 0.99 17.01
C GLY A 24 -8.30 1.88 16.72
N TYR A 25 -8.35 2.47 15.53
CA TYR A 25 -9.42 3.37 15.09
C TYR A 25 -9.31 3.71 13.60
N SER A 26 -10.25 4.51 13.10
CA SER A 26 -10.37 4.88 11.69
C SER A 26 -10.36 6.39 11.57
N TRP A 27 -9.20 6.95 11.21
CA TRP A 27 -9.00 8.41 11.11
C TRP A 27 -9.12 9.17 12.43
N SER A 28 -9.15 8.41 13.54
CA SER A 28 -9.26 8.98 14.89
C SER A 28 -7.90 9.11 15.58
N GLN A 29 -6.84 8.74 14.86
CA GLN A 29 -5.48 8.72 15.36
C GLN A 29 -4.50 9.39 14.39
N PHE A 30 -4.72 9.19 13.09
CA PHE A 30 -3.90 9.81 12.06
C PHE A 30 -4.06 11.33 12.06
N SER A 31 -5.23 11.82 11.63
CA SER A 31 -5.61 13.23 11.54
C SER A 31 -6.98 13.33 10.89
N ASP A 32 -7.06 13.18 9.56
CA ASP A 32 -8.28 13.50 8.78
C ASP A 32 -8.02 13.39 7.27
N VAL A 33 -7.33 12.32 6.85
CA VAL A 33 -7.03 12.12 5.42
C VAL A 33 -8.24 11.54 4.66
N GLU A 34 -9.26 11.04 5.36
CA GLU A 34 -10.46 10.46 4.74
C GLU A 34 -11.62 10.36 5.75
N GLU A 35 -11.73 11.29 6.70
CA GLU A 35 -12.76 11.26 7.76
C GLU A 35 -14.00 12.10 7.38
N ASN A 36 -14.32 12.19 6.09
CA ASN A 36 -15.44 13.01 5.62
C ASN A 36 -16.60 12.15 5.18
N ARG A 37 -16.43 11.42 4.06
CA ARG A 37 -17.48 10.57 3.49
C ARG A 37 -18.77 11.34 3.24
N THR A 38 -18.68 12.44 2.50
CA THR A 38 -19.84 13.28 2.14
C THR A 38 -21.02 12.45 1.64
N GLU A 39 -20.76 11.45 0.79
CA GLU A 39 -21.76 10.57 0.18
C GLU A 39 -21.12 9.54 -0.75
N ALA A 40 -20.62 10.00 -1.91
CA ALA A 40 -20.01 9.17 -2.93
C ALA A 40 -18.51 9.47 -3.07
N PRO A 41 -17.74 8.53 -3.64
CA PRO A 41 -16.30 8.68 -3.85
C PRO A 41 -16.00 9.75 -4.91
N GLU A 42 -16.63 9.63 -6.09
CA GLU A 42 -16.45 10.56 -7.23
C GLU A 42 -17.41 10.21 -8.38
N GLY A 43 -17.27 8.99 -8.91
CA GLY A 43 -18.06 8.54 -10.06
C GLY A 43 -17.51 7.24 -10.66
N THR A 44 -16.90 7.32 -11.84
CA THR A 44 -16.41 6.16 -12.60
C THR A 44 -14.89 6.16 -12.73
N GLU A 45 -14.20 6.28 -11.60
CA GLU A 45 -12.72 6.31 -11.55
C GLU A 45 -12.20 6.07 -10.14
N SER A 46 -12.87 6.66 -9.14
CA SER A 46 -12.51 6.51 -7.73
C SER A 46 -13.08 5.25 -7.09
N GLU A 47 -14.29 4.85 -7.48
CA GLU A 47 -14.86 3.60 -6.97
C GLU A 47 -14.13 2.37 -7.54
N ALA A 48 -13.65 2.46 -8.78
CA ALA A 48 -12.90 1.38 -9.44
C ALA A 48 -11.46 1.27 -8.92
N VAL A 49 -10.72 2.39 -8.83
CA VAL A 49 -9.35 2.39 -8.29
C VAL A 49 -9.31 1.97 -6.81
N LYS A 50 -10.33 2.37 -6.04
CA LYS A 50 -10.44 2.03 -4.63
C LYS A 50 -10.72 0.54 -4.47
N GLN A 51 -11.68 0.01 -5.22
CA GLN A 51 -12.01 -1.41 -5.15
C GLN A 51 -10.87 -2.30 -5.67
N ALA A 52 -10.18 -1.83 -6.71
CA ALA A 52 -9.03 -2.52 -7.29
C ALA A 52 -7.87 -2.67 -6.32
N LEU A 53 -7.66 -1.70 -5.43
CA LEU A 53 -6.61 -1.74 -4.42
C LEU A 53 -6.68 -3.00 -3.56
N ARG A 54 -7.89 -3.27 -3.03
CA ARG A 54 -8.16 -4.46 -2.23
C ARG A 54 -8.20 -5.72 -3.09
N GLU A 55 -8.59 -5.61 -4.35
CA GLU A 55 -8.68 -6.73 -5.29
C GLU A 55 -7.32 -7.45 -5.39
N ALA A 56 -6.27 -6.72 -5.78
CA ALA A 56 -4.93 -7.28 -5.87
C ALA A 56 -4.26 -7.45 -4.49
N GLY A 57 -4.68 -6.64 -3.50
CA GLY A 57 -4.24 -6.73 -2.12
C GLY A 57 -4.42 -8.12 -1.49
N ASP A 58 -5.38 -8.90 -1.99
CA ASP A 58 -5.66 -10.27 -1.54
C ASP A 58 -5.49 -11.29 -2.68
N GLU A 59 -4.86 -10.90 -3.79
CA GLU A 59 -4.65 -11.78 -4.93
C GLU A 59 -3.46 -12.70 -4.71
N PHE A 60 -2.29 -12.12 -4.40
CA PHE A 60 -1.06 -12.88 -4.20
C PHE A 60 -0.85 -13.24 -2.73
N GLU A 61 -0.63 -12.22 -1.88
CA GLU A 61 -0.39 -12.39 -0.45
C GLU A 61 -1.50 -13.18 0.22
N LEU A 62 -2.72 -12.61 0.21
CA LEU A 62 -3.96 -13.14 0.79
C LEU A 62 -3.90 -13.23 2.32
N ARG A 63 -3.00 -14.09 2.79
CA ARG A 63 -2.70 -14.32 4.20
C ARG A 63 -1.24 -14.64 4.46
N TYR A 64 -0.65 -15.49 3.61
CA TYR A 64 0.72 -16.01 3.74
C TYR A 64 1.18 -16.83 2.53
N ARG A 65 0.57 -16.63 1.35
CA ARG A 65 0.84 -17.42 0.14
C ARG A 65 2.06 -16.88 -0.62
N ARG A 66 3.22 -16.83 0.03
CA ARG A 66 4.46 -16.34 -0.59
C ARG A 66 5.67 -16.68 0.28
N ALA A 67 5.79 -15.98 1.39
CA ALA A 67 6.93 -16.13 2.28
C ALA A 67 6.81 -17.41 3.09
N PHE A 68 5.93 -17.40 4.10
CA PHE A 68 5.65 -18.54 4.97
C PHE A 68 4.54 -18.25 5.97
N SER A 69 4.80 -17.35 6.92
CA SER A 69 3.90 -16.98 8.01
C SER A 69 4.61 -15.98 8.93
N ASP A 70 3.93 -15.53 10.00
CA ASP A 70 4.47 -14.62 11.01
C ASP A 70 4.86 -13.25 10.41
N LEU A 71 3.90 -12.31 10.40
CA LEU A 71 4.09 -10.99 9.78
C LEU A 71 3.98 -9.84 10.80
N THR A 72 4.21 -10.16 12.08
CA THR A 72 4.07 -9.25 13.24
C THR A 72 4.73 -9.82 14.50
N SER A 73 5.68 -10.73 14.33
CA SER A 73 6.32 -11.32 15.51
C SER A 73 7.33 -10.32 16.04
N GLN A 74 7.35 -10.09 17.35
CA GLN A 74 8.28 -9.18 18.03
C GLN A 74 8.07 -7.70 17.65
N LEU A 75 8.49 -7.34 16.44
CA LEU A 75 8.43 -5.99 15.88
C LEU A 75 9.28 -4.99 16.66
N HIS A 76 10.34 -4.52 16.02
CA HIS A 76 11.21 -3.53 16.62
C HIS A 76 10.86 -2.16 16.05
N ILE A 77 11.01 -1.14 16.90
CA ILE A 77 10.82 0.24 16.52
C ILE A 77 11.26 1.13 17.68
N THR A 78 11.61 2.39 17.38
CA THR A 78 11.91 3.41 18.41
C THR A 78 12.12 4.81 17.81
N PRO A 79 12.07 5.89 18.62
CA PRO A 79 12.30 7.29 18.21
C PRO A 79 13.76 7.58 17.83
N GLY A 80 14.21 7.06 16.69
CA GLY A 80 15.60 7.20 16.24
C GLY A 80 16.12 6.00 15.47
N THR A 81 15.38 4.89 15.50
CA THR A 81 15.73 3.63 14.83
C THR A 81 14.60 3.09 13.98
N ALA A 82 13.38 3.64 14.13
CA ALA A 82 12.23 3.34 13.27
C ALA A 82 12.48 3.63 11.79
N TYR A 83 13.17 4.74 11.50
CA TYR A 83 13.54 5.13 10.14
C TYR A 83 14.25 4.02 9.37
N GLN A 84 14.99 3.15 10.07
CA GLN A 84 15.68 2.01 9.48
C GLN A 84 14.70 1.06 8.78
N SER A 85 13.55 0.76 9.40
CA SER A 85 12.48 -0.03 8.78
C SER A 85 12.02 0.56 7.47
N PHE A 86 11.57 1.82 7.46
CA PHE A 86 11.16 2.48 6.23
C PHE A 86 12.24 2.51 5.16
N GLU A 87 13.44 2.96 5.51
CA GLU A 87 14.57 3.04 4.59
C GLU A 87 14.91 1.66 3.99
N GLN A 88 14.81 0.60 4.80
CA GLN A 88 14.99 -0.78 4.37
C GLN A 88 13.87 -1.25 3.45
N VAL A 89 12.62 -0.92 3.77
CA VAL A 89 11.45 -1.27 2.96
C VAL A 89 11.66 -0.82 1.53
N VAL A 90 12.01 0.45 1.35
CA VAL A 90 12.21 1.03 0.02
C VAL A 90 13.42 0.43 -0.68
N ASN A 91 14.54 0.28 0.02
CA ASN A 91 15.75 -0.34 -0.52
C ASN A 91 15.48 -1.74 -1.08
N GLU A 92 14.71 -2.53 -0.34
CA GLU A 92 14.32 -3.86 -0.79
C GLU A 92 13.22 -3.83 -1.85
N LEU A 93 12.38 -2.80 -1.87
CA LEU A 93 11.36 -2.60 -2.88
C LEU A 93 11.91 -2.25 -4.26
N PHE A 94 13.16 -1.79 -4.32
CA PHE A 94 13.88 -1.49 -5.57
C PHE A 94 14.53 -2.74 -6.16
N ARG A 95 14.13 -3.94 -5.72
CA ARG A 95 14.68 -5.21 -6.20
C ARG A 95 14.71 -5.30 -7.72
N ASP A 96 13.57 -5.00 -8.33
CA ASP A 96 13.37 -5.00 -9.80
C ASP A 96 12.80 -3.66 -10.28
N GLY A 97 12.03 -2.98 -9.43
CA GLY A 97 11.45 -1.69 -9.80
C GLY A 97 10.22 -1.37 -9.00
N VAL A 98 10.41 -0.87 -7.77
CA VAL A 98 9.31 -0.52 -6.87
C VAL A 98 8.06 -0.02 -7.62
N ASN A 99 6.88 -0.44 -7.20
CA ASN A 99 5.65 -0.05 -7.90
C ASN A 99 4.45 -0.16 -6.98
N TRP A 100 3.25 -0.27 -7.57
CA TRP A 100 2.03 -0.47 -6.81
C TRP A 100 2.09 -1.69 -5.87
N GLY A 101 2.93 -2.68 -6.19
CA GLY A 101 3.15 -3.86 -5.36
C GLY A 101 3.50 -3.53 -3.92
N ARG A 102 4.26 -2.45 -3.69
CA ARG A 102 4.54 -1.99 -2.33
C ARG A 102 3.27 -1.73 -1.52
N ILE A 103 2.19 -1.28 -2.16
CA ILE A 103 0.90 -1.01 -1.51
C ILE A 103 0.22 -2.31 -1.10
N VAL A 104 0.05 -3.27 -2.01
CA VAL A 104 -0.62 -4.55 -1.71
C VAL A 104 0.14 -5.40 -0.70
N ALA A 105 1.46 -5.28 -0.72
CA ALA A 105 2.32 -6.01 0.20
C ALA A 105 2.35 -5.36 1.59
N PHE A 106 2.49 -4.04 1.65
CA PHE A 106 2.39 -3.30 2.90
C PHE A 106 0.97 -3.33 3.49
N PHE A 107 -0.04 -3.69 2.71
CA PHE A 107 -1.41 -3.80 3.19
C PHE A 107 -1.55 -4.87 4.27
N SER A 108 -1.20 -6.10 3.94
CA SER A 108 -1.31 -7.21 4.88
C SER A 108 -0.16 -7.23 5.87
N PHE A 109 1.07 -7.13 5.36
CA PHE A 109 2.26 -7.13 6.20
C PHE A 109 2.33 -5.89 7.09
N GLY A 110 2.33 -4.69 6.48
CA GLY A 110 2.38 -3.42 7.19
C GLY A 110 1.18 -3.22 8.11
N GLY A 111 0.00 -3.71 7.74
CA GLY A 111 -1.18 -3.71 8.60
C GLY A 111 -0.94 -4.46 9.90
N ALA A 112 -0.45 -5.71 9.84
CA ALA A 112 -0.06 -6.51 10.99
C ALA A 112 1.06 -5.88 11.85
N LEU A 113 1.96 -5.10 11.24
CA LEU A 113 2.96 -4.33 11.98
C LEU A 113 2.35 -3.11 12.68
N CYS A 114 1.50 -2.35 12.00
CA CYS A 114 0.94 -1.10 12.51
C CYS A 114 0.03 -1.35 13.71
N VAL A 115 -0.80 -2.39 13.62
CA VAL A 115 -1.69 -2.84 14.69
C VAL A 115 -0.93 -3.24 15.96
N GLU A 116 0.32 -3.67 15.82
CA GLU A 116 1.19 -4.05 16.92
C GLU A 116 2.05 -2.88 17.41
N SER A 117 2.33 -1.94 16.51
CA SER A 117 3.07 -0.72 16.80
C SER A 117 2.23 0.27 17.59
N VAL A 118 0.96 0.46 17.24
CA VAL A 118 0.04 1.30 18.03
C VAL A 118 -0.08 0.87 19.49
N ASP A 119 -0.09 -0.44 19.73
CA ASP A 119 -0.22 -1.00 21.08
C ASP A 119 1.11 -0.90 21.86
N LYS A 120 2.20 -0.61 21.14
CA LYS A 120 3.55 -0.43 21.69
C LYS A 120 4.07 1.00 21.61
N GLU A 121 3.26 1.93 21.10
CA GLU A 121 3.64 3.33 20.83
C GLU A 121 2.43 4.28 20.81
N MET A 122 1.36 3.86 21.49
CA MET A 122 0.12 4.60 21.53
C MET A 122 -0.49 4.83 20.13
N GLN A 123 -1.53 5.66 20.07
CA GLN A 123 -2.11 6.12 18.82
C GLN A 123 -1.21 7.08 18.02
N VAL A 124 -0.02 7.42 18.53
CA VAL A 124 0.90 8.33 17.84
C VAL A 124 1.70 7.60 16.75
N LEU A 125 1.78 6.27 16.83
CA LEU A 125 2.54 5.48 15.87
C LEU A 125 1.84 5.33 14.54
N VAL A 126 0.55 5.02 14.56
CA VAL A 126 -0.28 4.89 13.35
C VAL A 126 -0.22 6.14 12.49
N SER A 127 -0.26 7.32 13.12
CA SER A 127 -0.13 8.62 12.47
C SER A 127 1.26 8.82 11.93
N ARG A 128 2.28 8.26 12.58
CA ARG A 128 3.65 8.28 12.07
C ARG A 128 3.79 7.41 10.83
N ILE A 129 3.33 6.15 10.88
CA ILE A 129 3.51 5.21 9.77
C ILE A 129 2.73 5.64 8.55
N ALA A 130 1.43 5.91 8.71
CA ALA A 130 0.58 6.38 7.62
C ALA A 130 1.13 7.65 6.98
N ALA A 131 1.69 8.60 7.75
CA ALA A 131 2.30 9.79 7.15
C ALA A 131 3.65 9.49 6.50
N TRP A 132 4.49 8.70 7.18
CA TRP A 132 5.81 8.34 6.68
C TRP A 132 5.70 7.61 5.36
N MET A 133 4.94 6.52 5.31
CA MET A 133 4.69 5.76 4.08
C MET A 133 4.03 6.61 3.00
N ALA A 134 3.12 7.51 3.39
CA ALA A 134 2.40 8.37 2.45
C ALA A 134 3.36 9.32 1.76
N THR A 135 4.23 9.98 2.53
CA THR A 135 5.23 10.92 1.99
C THR A 135 6.39 10.18 1.32
N TYR A 136 6.75 9.00 1.83
CA TYR A 136 7.80 8.17 1.26
C TYR A 136 7.45 7.74 -0.14
N LEU A 137 6.37 6.97 -0.31
CA LEU A 137 5.92 6.60 -1.64
C LEU A 137 5.53 7.83 -2.48
N ASN A 138 5.04 8.90 -1.87
CA ASN A 138 4.66 10.09 -2.62
C ASN A 138 5.81 10.65 -3.46
N ASP A 139 7.03 10.73 -2.89
CA ASP A 139 8.20 11.29 -3.58
C ASP A 139 9.15 10.18 -4.09
N HIS A 140 9.50 9.22 -3.22
CA HIS A 140 10.35 8.09 -3.57
C HIS A 140 9.76 7.23 -4.70
N LEU A 141 8.45 6.97 -4.61
CA LEU A 141 7.68 6.24 -5.62
C LEU A 141 6.85 7.22 -6.46
N GLU A 142 7.31 8.44 -6.70
CA GLU A 142 6.65 9.39 -7.61
C GLU A 142 6.78 8.93 -9.07
N PRO A 143 8.01 8.80 -9.63
CA PRO A 143 8.20 8.46 -11.02
C PRO A 143 7.85 7.01 -11.30
N TRP A 144 7.95 6.15 -10.29
CA TRP A 144 7.63 4.74 -10.43
C TRP A 144 6.16 4.50 -10.69
N ILE A 145 5.30 4.92 -9.76
CA ILE A 145 3.85 4.79 -9.94
C ILE A 145 3.34 5.59 -11.14
N GLN A 146 3.98 6.72 -11.47
CA GLN A 146 3.57 7.57 -12.56
C GLN A 146 3.93 6.96 -13.92
N GLU A 147 5.20 6.61 -14.12
CA GLU A 147 5.73 6.00 -15.34
C GLU A 147 5.17 4.60 -15.56
N ASN A 148 5.20 3.77 -14.52
CA ASN A 148 4.61 2.44 -14.56
C ASN A 148 3.08 2.46 -14.49
N GLY A 149 2.48 3.64 -14.23
CA GLY A 149 1.04 3.83 -14.12
C GLY A 149 0.40 2.85 -13.14
N GLY A 150 0.92 2.75 -11.91
CA GLY A 150 0.45 1.77 -10.91
C GLY A 150 -1.07 1.79 -10.72
N TRP A 151 -1.67 2.98 -10.60
CA TRP A 151 -3.14 3.13 -10.58
C TRP A 151 -3.85 2.64 -11.85
N ASP A 152 -3.21 2.75 -13.01
CA ASP A 152 -3.68 2.23 -14.30
C ASP A 152 -3.71 0.69 -14.32
N THR A 153 -2.73 0.04 -13.73
CA THR A 153 -2.73 -1.44 -13.66
C THR A 153 -3.85 -1.96 -12.76
N PHE A 154 -4.22 -1.20 -11.74
CA PHE A 154 -5.31 -1.52 -10.83
C PHE A 154 -6.69 -1.42 -11.49
N VAL A 155 -6.99 -0.26 -12.09
CA VAL A 155 -8.25 -0.04 -12.81
C VAL A 155 -8.36 -0.97 -14.02
N GLU A 156 -7.24 -1.43 -14.59
CA GLU A 156 -7.21 -2.41 -15.68
C GLU A 156 -7.45 -3.85 -15.20
N LEU A 157 -7.09 -4.18 -13.96
CA LEU A 157 -7.31 -5.51 -13.37
C LEU A 157 -8.78 -5.75 -13.05
N TYR A 158 -9.38 -4.86 -12.24
CA TYR A 158 -10.79 -4.96 -11.88
C TYR A 158 -11.71 -4.45 -12.99
N GLY A 159 -11.22 -3.54 -13.82
CA GLY A 159 -11.98 -2.97 -14.93
C GLY A 159 -11.86 -3.77 -16.22
N ASN A 160 -10.88 -4.67 -16.33
CA ASN A 160 -10.60 -5.48 -17.52
C ASN A 160 -10.37 -4.64 -18.79
N ASN A 161 -9.89 -3.39 -18.63
CA ASN A 161 -9.73 -2.44 -19.74
C ASN A 161 -11.08 -2.06 -20.40
N ALA A 162 -12.16 -2.00 -19.61
CA ALA A 162 -13.51 -1.68 -20.09
C ALA A 162 -13.88 -0.20 -19.85
N ALA A 163 -12.89 0.68 -19.74
CA ALA A 163 -13.07 2.12 -19.52
C ALA A 163 -13.01 2.93 -20.83
N ALA A 164 -13.34 2.29 -21.96
CA ALA A 164 -13.35 2.91 -23.29
C ALA A 164 -14.76 3.40 -23.70
N GLU A 165 -15.59 3.76 -22.72
CA GLU A 165 -16.97 4.21 -22.95
C GLU A 165 -17.05 5.75 -23.15
N SER A 166 -15.93 6.39 -23.51
CA SER A 166 -15.82 7.84 -23.65
C SER A 166 -16.26 8.58 -22.38
N ARG A 167 -15.65 8.23 -21.23
CA ARG A 167 -15.97 8.81 -19.93
C ARG A 167 -14.84 9.67 -19.35
N LYS A 168 -13.60 9.24 -19.60
CA LYS A 168 -12.38 9.89 -19.10
C LYS A 168 -11.13 9.46 -19.85
N GLY A 169 -11.16 9.59 -21.18
CA GLY A 169 -10.04 9.20 -22.03
C GLY A 169 -9.81 10.13 -23.22
N GLN A 170 -10.35 11.34 -23.17
CA GLN A 170 -10.27 12.33 -24.25
C GLN A 170 -10.10 13.76 -23.71
N GLU A 171 -9.63 13.90 -22.47
CA GLU A 171 -9.40 15.21 -21.84
C GLU A 171 -7.92 15.61 -21.88
N ARG A 172 -7.03 14.63 -21.83
CA ARG A 172 -5.58 14.87 -21.86
C ARG A 172 -4.87 13.91 -22.79
N LEU A 173 -5.19 12.62 -22.66
CA LEU A 173 -4.62 11.58 -23.51
C LEU A 173 -5.10 11.67 -24.97
N GLU A 174 -6.25 12.32 -25.19
CA GLU A 174 -6.88 12.42 -26.51
C GLU A 174 -6.98 11.03 -27.17
N GLU B 1 19.11 -0.15 17.49
CA GLU B 1 19.11 -1.61 17.40
C GLU B 1 17.97 -2.15 16.51
N GLU B 2 17.76 -1.54 15.35
CA GLU B 2 16.67 -1.87 14.43
C GLU B 2 17.12 -2.89 13.37
N GLN B 3 17.69 -4.01 13.85
CA GLN B 3 18.10 -5.09 12.98
C GLN B 3 16.93 -5.91 12.44
N TRP B 4 15.78 -5.89 13.13
CA TRP B 4 14.56 -6.57 12.70
C TRP B 4 14.00 -6.02 11.38
N ALA B 5 14.45 -4.82 10.99
CA ALA B 5 14.11 -4.20 9.72
C ALA B 5 14.46 -5.05 8.50
N ARG B 6 15.41 -5.98 8.68
CA ARG B 6 15.79 -6.95 7.65
C ARG B 6 14.58 -7.61 7.03
N GLU B 7 13.61 -8.04 7.84
CA GLU B 7 12.38 -8.67 7.37
C GLU B 7 11.30 -7.66 7.01
N ILE B 8 11.29 -6.50 7.68
CA ILE B 8 10.35 -5.39 7.42
C ILE B 8 10.43 -4.88 6.00
N GLY B 9 11.57 -5.04 5.33
CA GLY B 9 11.73 -4.72 3.92
C GLY B 9 11.84 -5.95 3.02
N ALA B 10 12.39 -7.05 3.52
CA ALA B 10 12.57 -8.27 2.71
C ALA B 10 11.25 -8.96 2.43
N GLN B 11 10.54 -9.35 3.48
CA GLN B 11 9.23 -9.97 3.34
C GLN B 11 8.22 -9.03 2.70
N LEU B 12 8.40 -7.71 2.86
CA LEU B 12 7.53 -6.71 2.25
C LEU B 12 7.64 -6.71 0.72
N ARG B 13 8.89 -6.54 0.24
CA ARG B 13 9.16 -6.59 -1.20
C ARG B 13 8.86 -7.96 -1.80
N ARG B 14 8.75 -9.00 -0.97
CA ARG B 14 8.58 -10.39 -1.39
C ARG B 14 7.39 -10.54 -2.32
N MET B 15 6.20 -10.25 -1.80
CA MET B 15 4.95 -10.25 -2.56
C MET B 15 4.80 -8.97 -3.40
N ALA B 16 5.31 -7.84 -2.93
CA ALA B 16 5.26 -6.63 -3.73
C ALA B 16 5.96 -6.79 -5.06
N ASP B 17 7.09 -7.50 -5.12
CA ASP B 17 7.84 -7.81 -6.34
C ASP B 17 6.96 -8.37 -7.47
N ASP B 18 5.85 -9.01 -7.13
CA ASP B 18 4.85 -9.48 -8.08
C ASP B 18 4.27 -8.36 -8.95
N LEU B 19 4.40 -7.10 -8.54
CA LEU B 19 4.12 -5.94 -9.39
C LEU B 19 4.80 -6.00 -10.76
N ASN B 20 5.93 -6.70 -10.87
CA ASN B 20 6.69 -6.78 -12.11
C ASN B 20 5.85 -7.42 -13.23
N ALA B 21 4.88 -8.24 -12.83
CA ALA B 21 3.90 -8.83 -13.73
C ALA B 21 3.09 -7.81 -14.52
N GLN B 22 3.10 -6.55 -14.08
CA GLN B 22 2.45 -5.39 -14.70
C GLN B 22 1.01 -5.28 -14.26
N TYR B 23 0.37 -6.39 -13.87
CA TYR B 23 -1.01 -6.47 -13.40
C TYR B 23 -1.39 -7.93 -13.08
N GLU B 24 -0.95 -8.88 -13.90
CA GLU B 24 -1.30 -10.31 -13.79
C GLU B 24 -0.03 -11.10 -13.50
N ARG B 25 0.07 -11.65 -12.27
CA ARG B 25 1.18 -12.47 -11.74
C ARG B 25 1.59 -13.73 -12.54
N MET A 1 -4.60 13.21 -11.87
CA MET A 1 -6.07 13.00 -11.89
C MET A 1 -6.49 12.13 -10.72
N SER A 2 -6.01 10.88 -10.67
CA SER A 2 -6.39 9.92 -9.62
C SER A 2 -5.70 10.19 -8.28
N ALA A 3 -4.37 10.29 -8.33
CA ALA A 3 -3.53 10.63 -7.20
C ALA A 3 -2.26 11.35 -7.69
N MET A 4 -1.97 12.46 -7.01
CA MET A 4 -0.79 13.30 -7.28
C MET A 4 -0.01 13.60 -6.01
N SER A 5 -0.71 13.88 -4.90
CA SER A 5 -0.11 14.18 -3.60
C SER A 5 -1.16 14.35 -2.51
N GLN A 6 -2.27 15.02 -2.84
CA GLN A 6 -3.39 15.22 -1.91
C GLN A 6 -4.27 13.98 -1.80
N SER A 7 -4.63 13.40 -2.96
CA SER A 7 -5.44 12.18 -2.99
C SER A 7 -4.67 10.97 -2.49
N ASN A 8 -3.34 10.96 -2.66
CA ASN A 8 -2.47 9.88 -2.18
C ASN A 8 -2.41 9.81 -0.65
N ARG A 9 -2.24 10.97 -0.01
CA ARG A 9 -2.19 11.08 1.45
C ARG A 9 -3.50 10.62 2.08
N GLU A 10 -4.63 11.04 1.52
CA GLU A 10 -5.93 10.62 2.03
C GLU A 10 -6.26 9.18 1.63
N LEU A 11 -5.69 8.67 0.53
CA LEU A 11 -5.87 7.28 0.06
C LEU A 11 -5.26 6.30 1.03
N VAL A 12 -3.97 6.47 1.35
CA VAL A 12 -3.25 5.56 2.27
C VAL A 12 -3.89 5.58 3.65
N VAL A 13 -4.35 6.75 4.10
CA VAL A 13 -4.99 6.93 5.40
C VAL A 13 -6.39 6.32 5.42
N ASP A 14 -7.18 6.53 4.37
CA ASP A 14 -8.53 5.98 4.23
C ASP A 14 -8.53 4.45 4.37
N PHE A 15 -7.55 3.81 3.75
CA PHE A 15 -7.39 2.37 3.83
C PHE A 15 -6.87 1.91 5.19
N LEU A 16 -5.81 2.56 5.70
CA LEU A 16 -5.24 2.26 7.01
C LEU A 16 -6.28 2.40 8.12
N SER A 17 -7.20 3.34 7.97
CA SER A 17 -8.31 3.54 8.87
C SER A 17 -9.27 2.35 8.90
N TYR A 18 -9.46 1.68 7.75
CA TYR A 18 -10.31 0.51 7.65
C TYR A 18 -9.71 -0.72 8.33
N LYS A 19 -8.37 -0.88 8.21
CA LYS A 19 -7.64 -1.98 8.87
C LYS A 19 -7.62 -1.83 10.39
N LEU A 20 -7.33 -0.63 10.88
CA LEU A 20 -7.35 -0.35 12.31
C LEU A 20 -8.77 -0.33 12.90
N SER A 21 -9.77 0.03 12.10
CA SER A 21 -11.18 0.05 12.50
C SER A 21 -11.67 -1.32 12.97
N GLN A 22 -11.20 -2.40 12.31
CA GLN A 22 -11.49 -3.77 12.74
C GLN A 22 -11.03 -4.08 14.17
N LYS A 23 -10.01 -3.39 14.66
CA LYS A 23 -9.53 -3.50 16.04
C LYS A 23 -10.33 -2.65 17.03
N GLY A 24 -10.75 -1.46 16.61
CA GLY A 24 -11.58 -0.58 17.43
C GLY A 24 -11.96 0.71 16.73
N TYR A 25 -10.99 1.40 16.14
CA TYR A 25 -11.18 2.69 15.47
C TYR A 25 -9.93 3.06 14.67
N SER A 26 -9.92 4.27 14.10
CA SER A 26 -8.77 4.83 13.43
C SER A 26 -8.45 6.23 13.96
N TRP A 27 -7.16 6.60 13.94
CA TRP A 27 -6.69 7.93 14.27
C TRP A 27 -7.32 9.05 13.43
N SER A 28 -7.75 8.74 12.21
CA SER A 28 -8.46 9.64 11.30
C SER A 28 -9.97 9.60 11.51
N GLN A 29 -10.43 9.12 12.67
CA GLN A 29 -11.86 9.00 13.00
C GLN A 29 -12.61 8.12 11.99
N PHE A 30 -12.16 6.87 11.79
CA PHE A 30 -12.78 5.97 10.81
C PHE A 30 -12.71 6.48 9.35
N SER A 31 -11.73 7.36 9.07
CA SER A 31 -11.59 8.08 7.80
C SER A 31 -12.78 9.01 7.55
N ASP A 32 -12.62 9.96 6.63
CA ASP A 32 -13.75 10.83 6.22
C ASP A 32 -14.80 10.08 5.38
N VAL A 33 -14.40 8.96 4.76
CA VAL A 33 -15.26 8.13 3.90
C VAL A 33 -15.66 6.85 4.65
N GLU A 34 -16.35 7.01 5.77
CA GLU A 34 -16.84 5.88 6.56
C GLU A 34 -18.24 5.38 6.15
N GLU A 35 -18.67 5.76 4.94
CA GLU A 35 -20.01 5.47 4.40
C GLU A 35 -20.00 4.22 3.51
N ASN A 36 -18.97 3.37 3.64
CA ASN A 36 -18.79 2.16 2.82
C ASN A 36 -19.68 0.98 3.28
N ARG A 37 -20.94 1.25 3.65
CA ARG A 37 -21.90 0.28 4.19
C ARG A 37 -23.28 0.42 3.58
N THR A 38 -23.83 1.63 3.58
CA THR A 38 -25.19 1.91 3.07
C THR A 38 -25.23 3.17 2.22
N GLU A 39 -24.06 3.66 1.77
CA GLU A 39 -23.92 4.92 1.04
C GLU A 39 -22.52 5.06 0.42
N ALA A 40 -21.92 3.92 0.01
CA ALA A 40 -20.57 3.92 -0.54
C ALA A 40 -20.41 4.96 -1.68
N PRO A 41 -19.17 5.42 -1.93
CA PRO A 41 -18.88 6.37 -3.01
C PRO A 41 -19.22 5.76 -4.37
N GLU A 42 -19.26 6.58 -5.42
CA GLU A 42 -19.54 6.15 -6.81
C GLU A 42 -19.04 7.21 -7.79
N GLY A 43 -17.74 7.50 -7.77
CA GLY A 43 -17.14 8.48 -8.69
C GLY A 43 -16.78 7.91 -10.06
N THR A 44 -17.26 6.70 -10.39
CA THR A 44 -16.94 5.99 -11.66
C THR A 44 -15.44 5.76 -11.88
N GLU A 45 -14.67 5.78 -10.79
CA GLU A 45 -13.21 5.71 -10.79
C GLU A 45 -12.65 5.54 -9.37
N SER A 46 -13.24 6.24 -8.40
CA SER A 46 -12.84 6.18 -6.98
C SER A 46 -13.41 4.96 -6.25
N GLU A 47 -14.64 4.57 -6.56
CA GLU A 47 -15.25 3.36 -6.00
C GLU A 47 -14.60 2.08 -6.54
N ALA A 48 -14.20 2.11 -7.82
CA ALA A 48 -13.59 0.96 -8.47
C ALA A 48 -12.15 0.79 -8.01
N VAL A 49 -11.36 1.86 -7.98
CA VAL A 49 -9.98 1.83 -7.47
C VAL A 49 -9.96 1.47 -5.99
N LYS A 50 -10.89 2.00 -5.19
CA LYS A 50 -10.93 1.73 -3.75
C LYS A 50 -11.30 0.28 -3.47
N GLN A 51 -12.27 -0.26 -4.19
CA GLN A 51 -12.71 -1.64 -4.02
C GLN A 51 -11.65 -2.62 -4.53
N ALA A 52 -11.11 -2.37 -5.72
CA ALA A 52 -10.06 -3.19 -6.30
C ALA A 52 -8.79 -3.17 -5.47
N LEU A 53 -8.51 -2.07 -4.76
CA LEU A 53 -7.33 -1.94 -3.92
C LEU A 53 -7.45 -2.74 -2.64
N ARG A 54 -8.68 -2.90 -2.13
CA ARG A 54 -8.95 -3.70 -0.95
C ARG A 54 -8.82 -5.19 -1.22
N GLU A 55 -9.41 -5.67 -2.32
CA GLU A 55 -9.37 -7.09 -2.71
C GLU A 55 -7.95 -7.50 -3.13
N ALA A 56 -7.29 -6.64 -3.91
CA ALA A 56 -5.90 -6.87 -4.31
C ALA A 56 -4.93 -6.70 -3.14
N GLY A 57 -5.26 -5.83 -2.18
CA GLY A 57 -4.45 -5.59 -1.00
C GLY A 57 -4.19 -6.85 -0.19
N ASP A 58 -5.05 -7.87 -0.25
CA ASP A 58 -4.88 -9.18 0.39
C ASP A 58 -4.28 -10.24 -0.56
N GLU A 59 -4.37 -10.00 -1.87
CA GLU A 59 -3.75 -10.83 -2.89
C GLU A 59 -2.27 -10.56 -3.12
N PHE A 60 -1.71 -9.63 -2.35
CA PHE A 60 -0.29 -9.29 -2.41
C PHE A 60 0.63 -10.49 -2.29
N GLU A 61 0.27 -11.45 -1.45
CA GLU A 61 0.98 -12.71 -1.21
C GLU A 61 0.21 -13.93 -1.75
N LEU A 62 -1.12 -13.80 -1.85
CA LEU A 62 -1.97 -14.86 -2.35
C LEU A 62 -1.54 -15.31 -3.75
N ARG A 63 -2.20 -16.34 -4.28
CA ARG A 63 -1.87 -16.87 -5.60
C ARG A 63 -0.44 -17.44 -5.66
N TYR A 64 0.15 -17.75 -4.51
CA TYR A 64 1.51 -18.27 -4.37
C TYR A 64 2.56 -17.28 -4.87
N ARG A 65 2.82 -16.20 -4.10
CA ARG A 65 3.83 -15.21 -4.47
C ARG A 65 5.24 -15.72 -4.27
N ARG A 66 5.59 -15.92 -3.00
CA ARG A 66 6.93 -16.37 -2.60
C ARG A 66 6.98 -16.90 -1.19
N ALA A 67 6.32 -16.19 -0.27
CA ALA A 67 6.33 -16.46 1.16
C ALA A 67 7.75 -16.37 1.77
N PHE A 68 7.82 -16.27 3.10
CA PHE A 68 9.10 -16.32 3.81
C PHE A 68 8.94 -16.89 5.22
N SER A 69 8.31 -16.14 6.12
CA SER A 69 8.16 -16.50 7.54
C SER A 69 7.48 -15.38 8.31
N ASP A 70 6.14 -15.36 8.25
CA ASP A 70 5.33 -14.32 8.91
C ASP A 70 5.67 -12.91 8.43
N LEU A 71 4.86 -11.93 8.82
CA LEU A 71 5.01 -10.54 8.39
C LEU A 71 4.01 -9.61 9.09
N THR A 72 4.02 -9.56 10.41
CA THR A 72 3.05 -8.77 11.19
C THR A 72 3.29 -8.90 12.69
N SER A 73 3.64 -10.11 13.13
CA SER A 73 3.95 -10.38 14.53
C SER A 73 5.32 -9.80 14.88
N GLN A 74 5.70 -9.97 16.15
CA GLN A 74 6.98 -9.52 16.72
C GLN A 74 7.19 -8.01 16.64
N LEU A 75 7.56 -7.53 15.45
CA LEU A 75 7.77 -6.13 15.12
C LEU A 75 8.62 -5.40 16.18
N HIS A 76 9.94 -5.52 16.04
CA HIS A 76 10.87 -4.94 16.99
C HIS A 76 11.63 -3.81 16.34
N ILE A 77 11.61 -2.67 17.03
CA ILE A 77 12.23 -1.43 16.56
C ILE A 77 12.49 -0.47 17.70
N THR A 78 11.57 -0.32 18.66
CA THR A 78 11.71 0.64 19.77
C THR A 78 11.53 2.10 19.32
N PRO A 79 11.30 3.05 20.26
CA PRO A 79 11.28 4.50 20.04
C PRO A 79 12.68 5.11 19.75
N GLY A 80 13.34 4.66 18.69
CA GLY A 80 14.67 5.13 18.29
C GLY A 80 15.20 4.50 17.01
N THR A 81 14.72 3.31 16.67
CA THR A 81 15.10 2.58 15.44
C THR A 81 13.91 2.36 14.51
N ALA A 82 12.71 2.76 14.94
CA ALA A 82 11.49 2.68 14.12
C ALA A 82 11.62 3.38 12.76
N TYR A 83 12.39 4.47 12.71
CA TYR A 83 12.69 5.18 11.48
C TYR A 83 13.48 4.35 10.45
N GLN A 84 14.40 3.51 10.96
CA GLN A 84 15.20 2.61 10.16
C GLN A 84 14.34 1.60 9.42
N SER A 85 13.26 1.11 10.05
CA SER A 85 12.32 0.20 9.40
C SER A 85 11.75 0.80 8.13
N PHE A 86 11.19 2.01 8.21
CA PHE A 86 10.64 2.71 7.05
C PHE A 86 11.66 2.92 5.92
N GLU A 87 12.85 3.38 6.26
CA GLU A 87 13.95 3.56 5.31
C GLU A 87 14.35 2.25 4.61
N GLN A 88 14.38 1.16 5.38
CA GLN A 88 14.65 -0.17 4.87
C GLN A 88 13.52 -0.68 3.99
N VAL A 89 12.27 -0.37 4.34
CA VAL A 89 11.09 -0.77 3.58
C VAL A 89 11.21 -0.27 2.15
N VAL A 90 11.36 1.04 1.97
CA VAL A 90 11.47 1.64 0.64
C VAL A 90 12.70 1.12 -0.10
N ASN A 91 13.82 0.90 0.59
CA ASN A 91 15.04 0.38 -0.01
C ASN A 91 14.82 -0.99 -0.66
N GLU A 92 14.25 -1.93 0.10
CA GLU A 92 14.01 -3.27 -0.39
C GLU A 92 12.84 -3.30 -1.38
N LEU A 93 11.79 -2.52 -1.12
CA LEU A 93 10.67 -2.32 -2.04
C LEU A 93 11.08 -1.64 -3.35
N PHE A 94 12.27 -1.06 -3.43
CA PHE A 94 12.81 -0.47 -4.65
C PHE A 94 13.67 -1.48 -5.44
N ARG A 95 13.37 -2.78 -5.31
CA ARG A 95 14.11 -3.84 -6.00
C ARG A 95 13.78 -3.89 -7.48
N ASP A 96 12.57 -4.37 -7.77
CA ASP A 96 12.09 -4.52 -9.16
C ASP A 96 11.44 -3.22 -9.66
N GLY A 97 11.03 -2.34 -8.74
CA GLY A 97 10.43 -1.05 -9.05
C GLY A 97 9.07 -0.92 -8.40
N VAL A 98 8.86 0.10 -7.58
CA VAL A 98 7.55 0.41 -7.00
C VAL A 98 6.39 0.33 -8.00
N ASN A 99 5.59 -0.72 -7.87
CA ASN A 99 4.46 -0.95 -8.75
C ASN A 99 3.23 -1.39 -7.95
N TRP A 100 2.19 -1.86 -8.63
CA TRP A 100 0.99 -2.41 -7.99
C TRP A 100 1.27 -3.41 -6.87
N GLY A 101 2.33 -4.22 -7.01
CA GLY A 101 2.77 -5.13 -5.97
C GLY A 101 3.13 -4.44 -4.66
N ARG A 102 3.93 -3.37 -4.71
CA ARG A 102 4.24 -2.54 -3.53
C ARG A 102 3.00 -1.95 -2.87
N ILE A 103 1.95 -1.71 -3.64
CA ILE A 103 0.69 -1.15 -3.13
C ILE A 103 -0.09 -2.20 -2.36
N VAL A 104 -0.23 -3.39 -2.93
CA VAL A 104 -0.94 -4.49 -2.27
C VAL A 104 -0.20 -5.00 -1.03
N ALA A 105 1.13 -5.03 -1.10
CA ALA A 105 1.95 -5.51 -0.01
C ALA A 105 1.91 -4.54 1.16
N PHE A 106 2.17 -3.25 0.90
CA PHE A 106 2.10 -2.23 1.93
C PHE A 106 0.69 -2.07 2.49
N PHE A 107 -0.35 -2.43 1.74
CA PHE A 107 -1.72 -2.39 2.20
C PHE A 107 -2.00 -3.38 3.31
N SER A 108 -2.03 -4.68 2.99
CA SER A 108 -2.31 -5.73 3.96
C SER A 108 -1.30 -5.73 5.10
N PHE A 109 -0.01 -5.71 4.74
CA PHE A 109 1.06 -5.61 5.72
C PHE A 109 0.96 -4.33 6.54
N GLY A 110 0.47 -3.23 5.97
CA GLY A 110 0.36 -1.94 6.64
C GLY A 110 -0.58 -1.99 7.83
N GLY A 111 -1.82 -2.43 7.62
CA GLY A 111 -2.76 -2.62 8.71
C GLY A 111 -2.38 -3.73 9.68
N ALA A 112 -1.78 -4.82 9.17
CA ALA A 112 -1.32 -5.92 10.00
C ALA A 112 -0.09 -5.56 10.85
N LEU A 113 0.76 -4.64 10.39
CA LEU A 113 1.91 -4.15 11.14
C LEU A 113 1.49 -3.01 12.05
N CYS A 114 0.51 -2.20 11.64
CA CYS A 114 0.10 -1.04 12.41
C CYS A 114 -0.45 -1.45 13.77
N VAL A 115 -1.27 -2.50 13.81
CA VAL A 115 -1.84 -3.06 15.05
C VAL A 115 -0.76 -3.49 16.05
N GLU A 116 0.42 -3.86 15.57
CA GLU A 116 1.58 -4.22 16.41
C GLU A 116 2.49 -3.03 16.68
N SER A 117 2.55 -2.09 15.73
CA SER A 117 3.37 -0.88 15.88
C SER A 117 2.74 0.08 16.88
N VAL A 118 1.40 0.22 16.87
CA VAL A 118 0.67 1.06 17.83
C VAL A 118 0.83 0.59 19.27
N ASP A 119 0.97 -0.72 19.49
CA ASP A 119 1.21 -1.30 20.80
C ASP A 119 2.65 -1.04 21.30
N LYS A 120 3.53 -0.61 20.39
CA LYS A 120 4.94 -0.32 20.67
C LYS A 120 5.30 1.16 20.47
N GLU A 121 4.32 1.98 20.07
CA GLU A 121 4.50 3.39 19.74
C GLU A 121 3.21 4.20 19.95
N MET A 122 2.36 3.74 20.89
CA MET A 122 1.07 4.35 21.18
C MET A 122 0.13 4.39 19.96
N GLN A 123 -0.99 5.08 20.09
CA GLN A 123 -1.90 5.34 18.97
C GLN A 123 -1.39 6.43 17.98
N VAL A 124 -0.17 6.93 18.18
CA VAL A 124 0.44 7.96 17.32
C VAL A 124 1.24 7.32 16.20
N LEU A 125 1.61 6.04 16.33
CA LEU A 125 2.40 5.37 15.30
C LEU A 125 1.76 5.43 13.93
N VAL A 126 0.48 5.11 13.87
CA VAL A 126 -0.31 5.13 12.63
C VAL A 126 -0.22 6.49 11.93
N SER A 127 -0.13 7.58 12.69
CA SER A 127 0.04 8.95 12.21
C SER A 127 1.46 9.23 11.75
N ARG A 128 2.47 8.69 12.46
CA ARG A 128 3.89 8.77 12.11
C ARG A 128 4.15 8.18 10.73
N ILE A 129 3.89 6.88 10.58
CA ILE A 129 4.08 6.18 9.31
C ILE A 129 3.16 6.71 8.20
N ALA A 130 1.96 7.18 8.55
CA ALA A 130 1.01 7.72 7.58
C ALA A 130 1.58 8.93 6.83
N ALA A 131 2.14 9.88 7.58
CA ALA A 131 2.80 11.04 6.99
C ALA A 131 4.08 10.68 6.24
N TRP A 132 4.81 9.68 6.75
CA TRP A 132 6.02 9.17 6.10
C TRP A 132 5.73 8.61 4.73
N MET A 133 4.71 7.74 4.62
CA MET A 133 4.35 7.10 3.36
C MET A 133 3.95 8.12 2.30
N ALA A 134 3.15 9.10 2.68
CA ALA A 134 2.75 10.17 1.78
C ALA A 134 3.93 10.98 1.25
N THR A 135 4.82 11.39 2.16
CA THR A 135 6.06 12.10 1.79
C THR A 135 6.96 11.21 0.93
N TYR A 136 7.03 9.91 1.20
CA TYR A 136 7.86 8.96 0.45
C TYR A 136 7.36 8.73 -0.97
N LEU A 137 6.05 8.49 -1.11
CA LEU A 137 5.43 8.32 -2.42
C LEU A 137 5.65 9.55 -3.31
N ASN A 138 5.53 10.74 -2.74
CA ASN A 138 5.78 11.97 -3.47
C ASN A 138 7.29 12.22 -3.71
N ASP A 139 8.14 11.86 -2.75
CA ASP A 139 9.60 12.05 -2.80
C ASP A 139 10.19 11.48 -4.08
N HIS A 140 9.91 10.19 -4.33
CA HIS A 140 10.40 9.48 -5.52
C HIS A 140 9.57 8.21 -5.81
N LEU A 141 8.31 8.41 -6.20
CA LEU A 141 7.42 7.29 -6.51
C LEU A 141 6.26 7.69 -7.40
N GLU A 142 5.66 8.86 -7.18
CA GLU A 142 4.60 9.45 -8.02
C GLU A 142 4.99 9.51 -9.50
N PRO A 143 6.12 10.15 -9.85
CA PRO A 143 6.58 10.20 -11.24
C PRO A 143 7.14 8.85 -11.71
N TRP A 144 7.63 8.01 -10.79
CA TRP A 144 8.23 6.71 -11.09
C TRP A 144 7.19 5.68 -11.51
N ILE A 145 6.21 5.42 -10.65
CA ILE A 145 5.09 4.52 -10.92
C ILE A 145 4.27 4.99 -12.13
N GLN A 146 4.17 6.31 -12.33
CA GLN A 146 3.46 6.88 -13.46
C GLN A 146 4.01 6.39 -14.79
N GLU A 147 5.32 6.51 -15.00
CA GLU A 147 5.98 6.03 -16.21
C GLU A 147 5.90 4.51 -16.37
N ASN A 148 6.09 3.78 -15.27
CA ASN A 148 5.96 2.32 -15.25
C ASN A 148 4.52 1.86 -15.57
N GLY A 149 3.52 2.72 -15.33
CA GLY A 149 2.12 2.41 -15.55
C GLY A 149 1.53 1.54 -14.44
N GLY A 150 1.91 1.77 -13.18
CA GLY A 150 1.47 0.92 -12.07
C GLY A 150 -0.04 0.85 -11.90
N TRP A 151 -0.69 2.00 -11.70
CA TRP A 151 -2.16 2.07 -11.68
C TRP A 151 -2.82 1.62 -13.00
N ASP A 152 -2.14 1.79 -14.13
CA ASP A 152 -2.60 1.33 -15.44
C ASP A 152 -2.82 -0.20 -15.45
N THR A 153 -1.86 -0.94 -14.90
CA THR A 153 -1.96 -2.40 -14.78
C THR A 153 -2.89 -2.85 -13.67
N PHE A 154 -2.99 -2.06 -12.60
CA PHE A 154 -3.89 -2.32 -11.48
C PHE A 154 -5.35 -2.44 -11.90
N VAL A 155 -5.80 -1.55 -12.80
CA VAL A 155 -7.16 -1.61 -13.32
C VAL A 155 -7.29 -2.61 -14.47
N GLU A 156 -6.23 -2.79 -15.26
CA GLU A 156 -6.19 -3.73 -16.38
C GLU A 156 -6.43 -5.16 -15.93
N LEU A 157 -5.88 -5.54 -14.78
CA LEU A 157 -6.14 -6.85 -14.16
C LEU A 157 -7.45 -6.91 -13.38
N TYR A 158 -7.82 -5.80 -12.72
CA TYR A 158 -9.05 -5.74 -11.94
C TYR A 158 -10.29 -6.03 -12.80
N GLY A 159 -10.21 -5.75 -14.10
CA GLY A 159 -11.28 -6.06 -15.02
C GLY A 159 -11.17 -5.32 -16.34
N ASN A 160 -9.94 -5.09 -16.82
CA ASN A 160 -9.66 -4.33 -18.03
C ASN A 160 -10.31 -2.93 -17.97
N ASN A 161 -10.41 -2.34 -16.78
CA ASN A 161 -11.09 -1.04 -16.58
C ASN A 161 -10.43 0.07 -17.42
N ALA A 162 -9.13 -0.11 -17.73
CA ALA A 162 -8.37 0.74 -18.65
C ALA A 162 -8.38 0.26 -20.11
N ALA A 163 -9.37 -0.52 -20.52
CA ALA A 163 -9.49 -1.00 -21.90
C ALA A 163 -10.55 -0.23 -22.70
N ALA A 164 -11.62 0.22 -22.05
CA ALA A 164 -12.69 0.99 -22.69
C ALA A 164 -12.21 2.38 -23.10
N GLU A 165 -12.00 3.24 -22.10
CA GLU A 165 -11.57 4.63 -22.31
C GLU A 165 -10.30 4.95 -21.52
N SER A 166 -10.04 4.20 -20.45
CA SER A 166 -8.82 4.34 -19.64
C SER A 166 -8.69 5.73 -19.00
N ARG A 167 -9.85 6.41 -18.81
CA ARG A 167 -9.93 7.81 -18.37
C ARG A 167 -9.22 8.79 -19.30
N LYS A 168 -8.95 8.40 -20.55
CA LYS A 168 -8.17 9.15 -21.53
C LYS A 168 -8.64 8.89 -22.97
N GLY A 169 -9.89 8.48 -23.14
CA GLY A 169 -10.46 8.10 -24.43
C GLY A 169 -11.98 8.23 -24.50
N GLN A 170 -12.56 9.00 -23.56
CA GLN A 170 -14.00 9.24 -23.50
C GLN A 170 -14.42 10.58 -24.13
N GLU A 171 -13.50 11.55 -24.16
CA GLU A 171 -13.74 12.88 -24.69
C GLU A 171 -12.79 13.17 -25.84
N ARG A 172 -11.50 13.38 -25.53
CA ARG A 172 -10.48 13.73 -26.52
C ARG A 172 -9.08 13.64 -25.91
N LEU A 173 -8.63 12.42 -25.61
CA LEU A 173 -7.29 12.19 -25.05
C LEU A 173 -7.10 12.84 -23.65
N GLU A 174 -8.19 12.97 -22.88
CA GLU A 174 -8.21 13.69 -21.60
C GLU A 174 -7.86 12.76 -20.43
N GLU B 1 17.39 -3.60 19.38
CA GLU B 1 18.21 -3.72 18.17
C GLU B 1 17.40 -3.45 16.88
N GLU B 2 18.13 -3.14 15.80
CA GLU B 2 17.55 -2.86 14.48
C GLU B 2 17.82 -4.01 13.49
N GLN B 3 17.71 -5.25 13.94
CA GLN B 3 17.94 -6.42 13.08
C GLN B 3 16.69 -6.81 12.28
N TRP B 4 15.51 -6.54 12.84
CA TRP B 4 14.23 -6.79 12.18
C TRP B 4 14.00 -5.88 10.96
N ALA B 5 14.77 -4.80 10.83
CA ALA B 5 14.78 -3.93 9.65
C ALA B 5 15.15 -4.67 8.35
N ARG B 6 15.78 -5.85 8.45
CA ARG B 6 16.02 -6.68 7.27
C ARG B 6 14.75 -7.38 6.80
N GLU B 7 13.87 -7.79 7.71
CA GLU B 7 12.64 -8.49 7.37
C GLU B 7 11.51 -7.53 7.02
N ILE B 8 11.43 -6.38 7.69
CA ILE B 8 10.43 -5.34 7.41
C ILE B 8 10.46 -4.85 5.97
N GLY B 9 11.63 -4.93 5.32
CA GLY B 9 11.79 -4.51 3.94
C GLY B 9 11.89 -5.72 3.02
N ALA B 10 12.76 -6.70 3.32
CA ALA B 10 12.95 -7.85 2.45
C ALA B 10 11.70 -8.71 2.35
N GLN B 11 11.14 -9.09 3.50
CA GLN B 11 9.88 -9.83 3.56
C GLN B 11 8.72 -9.05 2.91
N LEU B 12 8.75 -7.72 3.00
CA LEU B 12 7.72 -6.89 2.40
C LEU B 12 7.78 -6.89 0.88
N ARG B 13 8.97 -6.61 0.35
CA ARG B 13 9.19 -6.63 -1.08
C ARG B 13 9.02 -8.02 -1.66
N ARG B 14 9.10 -9.06 -0.83
CA ARG B 14 8.99 -10.47 -1.24
C ARG B 14 7.70 -10.74 -1.99
N MET B 15 6.59 -10.21 -1.47
CA MET B 15 5.27 -10.41 -2.03
C MET B 15 4.97 -9.39 -3.11
N ALA B 16 5.26 -8.12 -2.82
CA ALA B 16 5.16 -7.06 -3.80
C ALA B 16 5.98 -7.31 -5.06
N ASP B 17 7.11 -8.00 -4.96
CA ASP B 17 7.94 -8.43 -6.10
C ASP B 17 7.15 -9.11 -7.21
N ASP B 18 5.98 -9.69 -6.91
CA ASP B 18 5.08 -10.24 -7.90
C ASP B 18 4.61 -9.23 -8.95
N LEU B 19 4.74 -7.94 -8.66
CA LEU B 19 4.54 -6.87 -9.65
C LEU B 19 5.26 -7.10 -10.98
N ASN B 20 6.38 -7.85 -10.96
CA ASN B 20 7.11 -8.23 -12.17
C ASN B 20 6.21 -8.88 -13.22
N ALA B 21 5.14 -9.54 -12.77
CA ALA B 21 4.15 -10.17 -13.62
C ALA B 21 3.52 -9.19 -14.60
N GLN B 22 3.60 -7.89 -14.28
CA GLN B 22 3.10 -6.75 -15.03
C GLN B 22 1.62 -6.52 -14.74
N TYR B 23 0.93 -7.49 -14.12
CA TYR B 23 -0.48 -7.45 -13.81
C TYR B 23 -0.89 -8.71 -13.05
N GLU B 24 -0.50 -9.90 -13.53
CA GLU B 24 -0.91 -11.19 -12.96
C GLU B 24 -0.36 -12.42 -13.71
N ARG B 25 0.65 -12.20 -14.56
CA ARG B 25 1.30 -13.22 -15.40
C ARG B 25 0.42 -13.79 -16.54
N MET A 1 -4.21 11.51 -8.64
CA MET A 1 -4.89 11.19 -9.93
C MET A 1 -4.09 11.65 -11.14
N SER A 2 -3.25 12.69 -11.02
CA SER A 2 -2.45 13.22 -12.14
C SER A 2 -1.00 13.44 -11.73
N ALA A 3 -0.78 14.16 -10.62
CA ALA A 3 0.53 14.44 -10.09
C ALA A 3 0.43 14.57 -8.57
N MET A 4 1.60 14.73 -7.93
CA MET A 4 1.73 14.83 -6.47
C MET A 4 1.19 13.58 -5.76
N SER A 5 1.24 13.57 -4.43
CA SER A 5 0.75 12.45 -3.61
C SER A 5 -0.30 12.90 -2.60
N GLN A 6 -1.08 13.93 -2.96
CA GLN A 6 -2.12 14.48 -2.08
C GLN A 6 -3.32 13.54 -1.98
N SER A 7 -3.98 13.27 -3.10
CA SER A 7 -5.16 12.40 -3.12
C SER A 7 -4.78 10.97 -2.74
N ASN A 8 -3.59 10.52 -3.16
CA ASN A 8 -3.05 9.22 -2.83
C ASN A 8 -2.91 9.00 -1.33
N ARG A 9 -2.78 10.08 -0.55
CA ARG A 9 -2.77 10.05 0.91
C ARG A 9 -4.15 9.76 1.52
N GLU A 10 -5.23 10.06 0.83
CA GLU A 10 -6.59 9.83 1.33
C GLU A 10 -6.99 8.36 1.20
N LEU A 11 -6.85 7.80 -0.02
CA LEU A 11 -7.13 6.39 -0.31
C LEU A 11 -6.30 5.42 0.54
N VAL A 12 -4.98 5.62 0.58
CA VAL A 12 -4.08 4.80 1.41
C VAL A 12 -4.53 4.79 2.87
N VAL A 13 -4.94 5.95 3.41
CA VAL A 13 -5.45 6.09 4.77
C VAL A 13 -6.81 5.42 4.93
N ASP A 14 -7.72 5.55 3.95
CA ASP A 14 -9.06 4.97 3.96
C ASP A 14 -8.99 3.44 4.14
N PHE A 15 -8.12 2.81 3.35
CA PHE A 15 -7.92 1.37 3.43
C PHE A 15 -7.28 0.92 4.74
N LEU A 16 -6.23 1.63 5.17
CA LEU A 16 -5.55 1.37 6.44
C LEU A 16 -6.52 1.50 7.61
N SER A 17 -7.24 2.62 7.69
CA SER A 17 -8.26 2.85 8.71
C SER A 17 -9.26 1.70 8.78
N TYR A 18 -9.62 1.11 7.65
CA TYR A 18 -10.54 -0.03 7.61
C TYR A 18 -9.93 -1.30 8.24
N LYS A 19 -8.64 -1.52 8.00
CA LYS A 19 -7.88 -2.63 8.57
C LYS A 19 -7.71 -2.48 10.08
N LEU A 20 -7.36 -1.27 10.54
CA LEU A 20 -7.15 -0.98 11.95
C LEU A 20 -8.46 -0.79 12.72
N SER A 21 -9.53 -0.43 12.01
CA SER A 21 -10.89 -0.29 12.55
C SER A 21 -11.42 -1.60 13.12
N GLN A 22 -10.94 -2.75 12.62
CA GLN A 22 -11.26 -4.05 13.19
C GLN A 22 -10.92 -4.16 14.69
N LYS A 23 -9.86 -3.46 15.13
CA LYS A 23 -9.47 -3.39 16.53
C LYS A 23 -10.07 -2.19 17.26
N GLY A 24 -10.35 -1.10 16.53
CA GLY A 24 -10.95 0.11 17.09
C GLY A 24 -9.94 1.23 17.29
N TYR A 25 -9.09 1.49 16.29
CA TYR A 25 -8.06 2.52 16.36
C TYR A 25 -7.57 2.90 14.96
N SER A 26 -7.90 4.08 14.48
CA SER A 26 -7.49 4.57 13.16
C SER A 26 -7.33 6.07 13.17
N TRP A 27 -6.55 6.60 12.22
CA TRP A 27 -6.39 8.05 12.06
C TRP A 27 -7.71 8.76 11.72
N SER A 28 -8.61 8.05 11.04
CA SER A 28 -9.92 8.58 10.68
C SER A 28 -11.02 8.21 11.68
N GLN A 29 -10.93 7.04 12.33
CA GLN A 29 -11.91 6.61 13.33
C GLN A 29 -13.33 6.45 12.76
N PHE A 30 -13.43 5.88 11.55
CA PHE A 30 -14.72 5.76 10.83
C PHE A 30 -15.36 7.12 10.48
N SER A 31 -14.56 8.21 10.47
CA SER A 31 -15.05 9.58 10.32
C SER A 31 -13.93 10.56 9.95
N ASP A 32 -13.54 10.58 8.66
CA ASP A 32 -12.53 11.54 8.17
C ASP A 32 -12.49 11.64 6.64
N VAL A 33 -12.40 10.49 5.96
CA VAL A 33 -12.39 10.40 4.49
C VAL A 33 -13.78 10.10 3.92
N GLU A 34 -14.56 9.32 4.67
CA GLU A 34 -15.91 8.93 4.30
C GLU A 34 -16.98 9.62 5.14
N GLU A 35 -16.68 9.86 6.44
CA GLU A 35 -17.58 10.53 7.39
C GLU A 35 -18.96 9.87 7.50
N ASN A 36 -19.05 8.59 7.12
CA ASN A 36 -20.29 7.84 7.00
C ASN A 36 -20.01 6.37 6.68
N ARG A 37 -19.63 6.11 5.42
CA ARG A 37 -19.36 4.75 4.91
C ARG A 37 -18.82 4.73 3.50
N THR A 38 -19.42 5.53 2.60
CA THR A 38 -19.08 5.57 1.17
C THR A 38 -19.09 4.20 0.50
N GLU A 39 -20.21 3.85 -0.10
CA GLU A 39 -20.35 2.55 -0.79
C GLU A 39 -20.83 2.69 -2.23
N ALA A 40 -21.70 3.66 -2.48
CA ALA A 40 -22.18 3.96 -3.82
C ALA A 40 -21.03 4.21 -4.82
N PRO A 41 -21.32 4.07 -6.13
CA PRO A 41 -20.36 4.32 -7.19
C PRO A 41 -19.98 5.81 -7.26
N GLU A 42 -18.90 6.10 -7.99
CA GLU A 42 -18.43 7.47 -8.21
C GLU A 42 -18.54 7.88 -9.68
N GLY A 43 -17.82 7.17 -10.55
CA GLY A 43 -17.79 7.48 -11.97
C GLY A 43 -17.09 6.42 -12.82
N THR A 44 -17.03 5.18 -12.33
CA THR A 44 -16.38 4.06 -13.03
C THR A 44 -14.91 4.35 -13.35
N GLU A 45 -14.21 5.00 -12.42
CA GLU A 45 -12.82 5.41 -12.61
C GLU A 45 -12.08 5.58 -11.29
N SER A 46 -12.79 6.08 -10.28
CA SER A 46 -12.23 6.36 -8.95
C SER A 46 -12.78 5.41 -7.89
N GLU A 47 -14.08 5.12 -7.94
CA GLU A 47 -14.69 4.10 -7.07
C GLU A 47 -14.21 2.68 -7.42
N ALA A 48 -13.95 2.43 -8.70
CA ALA A 48 -13.52 1.12 -9.16
C ALA A 48 -12.05 0.87 -8.83
N VAL A 49 -11.18 1.83 -9.13
CA VAL A 49 -9.75 1.75 -8.77
C VAL A 49 -9.56 1.70 -7.27
N LYS A 50 -10.34 2.47 -6.49
CA LYS A 50 -10.25 2.50 -5.03
C LYS A 50 -10.68 1.16 -4.43
N GLN A 51 -11.80 0.61 -4.91
CA GLN A 51 -12.30 -0.67 -4.42
C GLN A 51 -11.42 -1.85 -4.86
N ALA A 52 -10.99 -1.86 -6.12
CA ALA A 52 -10.13 -2.90 -6.69
C ALA A 52 -8.76 -2.95 -5.99
N LEU A 53 -8.28 -1.78 -5.53
CA LEU A 53 -7.05 -1.68 -4.73
C LEU A 53 -7.17 -2.37 -3.38
N ARG A 54 -8.36 -2.35 -2.76
CA ARG A 54 -8.61 -3.02 -1.50
C ARG A 54 -8.71 -4.53 -1.67
N GLU A 55 -9.52 -4.98 -2.62
CA GLU A 55 -9.70 -6.42 -2.90
C GLU A 55 -8.37 -7.09 -3.23
N ALA A 56 -7.59 -6.48 -4.12
CA ALA A 56 -6.27 -6.99 -4.47
C ALA A 56 -5.18 -6.62 -3.47
N GLY A 57 -5.44 -5.61 -2.64
CA GLY A 57 -4.52 -5.18 -1.59
C GLY A 57 -4.24 -6.27 -0.55
N ASP A 58 -5.13 -7.27 -0.45
CA ASP A 58 -4.94 -8.43 0.42
C ASP A 58 -4.80 -9.74 -0.38
N GLU A 59 -4.73 -9.68 -1.71
CA GLU A 59 -4.54 -10.87 -2.56
C GLU A 59 -3.09 -11.31 -2.67
N PHE A 60 -2.15 -10.40 -2.35
CA PHE A 60 -0.72 -10.68 -2.44
C PHE A 60 -0.21 -11.37 -1.18
N GLU A 61 -0.15 -10.61 -0.08
CA GLU A 61 0.34 -11.13 1.19
C GLU A 61 -0.59 -12.23 1.73
N LEU A 62 -1.83 -11.82 2.07
CA LEU A 62 -2.85 -12.71 2.60
C LEU A 62 -3.45 -13.63 1.51
N ARG A 63 -2.67 -14.63 1.11
CA ARG A 63 -3.08 -15.54 0.02
C ARG A 63 -2.08 -16.63 -0.27
N TYR A 64 -0.81 -16.24 -0.28
CA TYR A 64 0.31 -17.16 -0.49
C TYR A 64 1.23 -17.21 0.71
N ARG A 65 1.29 -16.13 1.50
CA ARG A 65 2.17 -16.02 2.67
C ARG A 65 3.62 -16.40 2.36
N ARG A 66 4.05 -16.18 1.11
CA ARG A 66 5.37 -16.61 0.62
C ARG A 66 6.50 -16.11 1.51
N ALA A 67 6.31 -14.90 2.05
CA ALA A 67 7.23 -14.24 2.97
C ALA A 67 7.41 -15.04 4.27
N PHE A 68 6.34 -15.16 5.07
CA PHE A 68 6.32 -15.90 6.33
C PHE A 68 7.45 -15.52 7.31
N SER A 69 7.18 -14.58 8.23
CA SER A 69 8.20 -14.02 9.13
C SER A 69 7.59 -13.04 10.11
N ASP A 70 6.83 -13.52 11.08
CA ASP A 70 6.16 -12.67 12.09
C ASP A 70 5.04 -11.83 11.48
N LEU A 71 5.36 -10.71 10.82
CA LEU A 71 4.45 -9.77 10.16
C LEU A 71 3.44 -9.12 11.13
N THR A 72 3.73 -9.25 12.44
CA THR A 72 2.81 -8.89 13.52
C THR A 72 3.45 -9.19 14.87
N SER A 73 4.20 -10.27 15.01
CA SER A 73 4.81 -10.63 16.29
C SER A 73 5.98 -9.67 16.55
N GLN A 74 6.16 -9.28 17.80
CA GLN A 74 7.21 -8.34 18.24
C GLN A 74 7.11 -6.96 17.60
N LEU A 75 7.55 -6.85 16.34
CA LEU A 75 7.55 -5.67 15.52
C LEU A 75 8.10 -4.45 16.27
N HIS A 76 9.39 -4.48 16.56
CA HIS A 76 10.03 -3.39 17.28
C HIS A 76 11.50 -3.29 16.91
N ILE A 77 12.03 -2.08 16.99
CA ILE A 77 13.45 -1.82 16.70
C ILE A 77 14.07 -1.09 17.89
N THR A 78 13.77 0.20 18.02
CA THR A 78 14.37 1.06 19.04
C THR A 78 13.89 2.52 18.89
N PRO A 79 13.74 3.24 20.02
CA PRO A 79 13.35 4.65 20.08
C PRO A 79 14.44 5.58 19.53
N GLY A 80 14.49 5.75 18.21
CA GLY A 80 15.49 6.59 17.53
C GLY A 80 16.03 6.02 16.23
N THR A 81 15.67 4.78 15.92
CA THR A 81 16.10 4.06 14.71
C THR A 81 14.91 3.39 14.03
N ALA A 82 13.69 3.57 14.54
CA ALA A 82 12.47 3.11 13.88
C ALA A 82 12.32 3.65 12.45
N TYR A 83 12.89 4.83 12.17
CA TYR A 83 12.92 5.41 10.82
C TYR A 83 13.69 4.57 9.80
N GLN A 84 14.68 3.80 10.26
CA GLN A 84 15.48 2.93 9.42
C GLN A 84 14.67 1.77 8.86
N SER A 85 13.70 1.26 9.63
CA SER A 85 12.78 0.23 9.15
C SER A 85 12.08 0.65 7.87
N PHE A 86 11.61 1.90 7.82
CA PHE A 86 10.91 2.41 6.65
C PHE A 86 11.85 2.64 5.47
N GLU A 87 12.98 3.31 5.69
CA GLU A 87 14.00 3.55 4.66
C GLU A 87 14.50 2.24 4.05
N GLN A 88 14.67 1.22 4.89
CA GLN A 88 15.10 -0.10 4.48
C GLN A 88 14.07 -0.77 3.59
N VAL A 89 12.78 -0.63 3.91
CA VAL A 89 11.69 -1.18 3.10
C VAL A 89 11.75 -0.65 1.68
N VAL A 90 11.83 0.66 1.54
CA VAL A 90 11.92 1.33 0.24
C VAL A 90 13.13 0.86 -0.54
N ASN A 91 14.27 0.64 0.12
CA ASN A 91 15.48 0.13 -0.52
C ASN A 91 15.36 -1.33 -0.95
N GLU A 92 14.73 -2.16 -0.12
CA GLU A 92 14.56 -3.57 -0.41
C GLU A 92 13.59 -3.79 -1.58
N LEU A 93 12.56 -2.94 -1.70
CA LEU A 93 11.59 -2.91 -2.80
C LEU A 93 12.03 -2.03 -3.97
N PHE A 94 13.12 -1.27 -3.80
CA PHE A 94 13.67 -0.40 -4.85
C PHE A 94 14.10 -1.22 -6.07
N ARG A 95 14.31 -2.53 -5.91
CA ARG A 95 14.64 -3.45 -6.98
C ARG A 95 13.57 -3.45 -8.07
N ASP A 96 12.44 -4.11 -7.79
CA ASP A 96 11.37 -4.32 -8.77
C ASP A 96 10.03 -4.37 -8.04
N GLY A 97 9.82 -3.43 -7.10
CA GLY A 97 8.59 -3.33 -6.31
C GLY A 97 8.10 -1.91 -6.13
N VAL A 98 8.72 -0.92 -6.78
CA VAL A 98 8.27 0.49 -6.77
C VAL A 98 6.87 0.69 -7.35
N ASN A 99 6.36 -0.26 -8.12
CA ASN A 99 5.03 -0.16 -8.72
C ASN A 99 3.95 -0.49 -7.68
N TRP A 100 2.74 -0.83 -8.16
CA TRP A 100 1.64 -1.35 -7.36
C TRP A 100 2.02 -2.45 -6.38
N GLY A 101 3.08 -3.23 -6.67
CA GLY A 101 3.66 -4.21 -5.77
C GLY A 101 3.94 -3.66 -4.36
N ARG A 102 4.59 -2.50 -4.22
CA ARG A 102 4.77 -1.84 -2.92
C ARG A 102 3.46 -1.49 -2.25
N ILE A 103 2.47 -1.08 -3.02
CA ILE A 103 1.16 -0.70 -2.52
C ILE A 103 0.40 -1.93 -1.99
N VAL A 104 0.33 -3.02 -2.76
CA VAL A 104 -0.35 -4.27 -2.37
C VAL A 104 0.35 -4.97 -1.22
N ALA A 105 1.68 -4.88 -1.16
CA ALA A 105 2.43 -5.50 -0.09
C ALA A 105 2.28 -4.70 1.21
N PHE A 106 2.44 -3.38 1.14
CA PHE A 106 2.23 -2.50 2.29
C PHE A 106 0.76 -2.41 2.73
N PHE A 107 -0.18 -2.80 1.87
CA PHE A 107 -1.60 -2.79 2.19
C PHE A 107 -1.90 -3.70 3.39
N SER A 108 -1.71 -5.01 3.21
CA SER A 108 -2.02 -5.98 4.25
C SER A 108 -0.95 -6.00 5.32
N PHE A 109 0.32 -5.97 4.88
CA PHE A 109 1.46 -5.94 5.78
C PHE A 109 1.39 -4.73 6.69
N GLY A 110 1.26 -3.53 6.12
CA GLY A 110 1.18 -2.28 6.87
C GLY A 110 0.00 -2.24 7.82
N GLY A 111 -1.18 -2.72 7.40
CA GLY A 111 -2.35 -2.80 8.26
C GLY A 111 -2.13 -3.70 9.49
N ALA A 112 -1.71 -4.96 9.28
CA ALA A 112 -1.38 -5.89 10.37
C ALA A 112 -0.14 -5.47 11.19
N LEU A 113 0.79 -4.76 10.57
CA LEU A 113 1.95 -4.19 11.24
C LEU A 113 1.55 -2.99 12.11
N CYS A 114 0.48 -2.27 11.77
CA CYS A 114 0.06 -1.06 12.47
C CYS A 114 -0.77 -1.42 13.69
N VAL A 115 -1.70 -2.38 13.58
CA VAL A 115 -2.52 -2.87 14.70
C VAL A 115 -1.70 -3.42 15.86
N GLU A 116 -0.52 -3.97 15.56
CA GLU A 116 0.41 -4.48 16.58
C GLU A 116 1.44 -3.43 16.99
N SER A 117 1.78 -2.53 16.06
CA SER A 117 2.70 -1.42 16.34
C SER A 117 2.07 -0.41 17.29
N VAL A 118 0.84 0.05 17.04
CA VAL A 118 0.12 0.98 17.92
C VAL A 118 -0.03 0.45 19.35
N ASP A 119 -0.30 -0.84 19.49
CA ASP A 119 -0.45 -1.48 20.79
C ASP A 119 0.91 -1.67 21.49
N LYS A 120 2.01 -1.47 20.76
CA LYS A 120 3.39 -1.58 21.24
C LYS A 120 4.16 -0.27 21.20
N GLU A 121 3.50 0.82 20.80
CA GLU A 121 4.10 2.14 20.59
C GLU A 121 3.05 3.25 20.72
N MET A 122 1.98 3.00 21.46
CA MET A 122 0.88 3.95 21.65
C MET A 122 0.20 4.39 20.32
N GLN A 123 -0.66 5.41 20.40
CA GLN A 123 -1.28 6.01 19.22
C GLN A 123 -0.36 6.98 18.46
N VAL A 124 0.92 7.04 18.82
CA VAL A 124 1.91 7.92 18.19
C VAL A 124 2.62 7.24 17.02
N LEU A 125 2.56 5.90 16.95
CA LEU A 125 3.25 5.13 15.92
C LEU A 125 2.56 5.25 14.56
N VAL A 126 1.26 4.93 14.53
CA VAL A 126 0.44 5.05 13.33
C VAL A 126 0.45 6.45 12.76
N SER A 127 0.61 7.47 13.62
CA SER A 127 0.72 8.87 13.24
C SER A 127 1.91 9.12 12.30
N ARG A 128 3.01 8.40 12.52
CA ARG A 128 4.20 8.44 11.67
C ARG A 128 3.99 7.62 10.42
N ILE A 129 3.61 6.34 10.54
CA ILE A 129 3.40 5.44 9.39
C ILE A 129 2.41 6.03 8.38
N ALA A 130 1.38 6.73 8.87
CA ALA A 130 0.36 7.36 8.04
C ALA A 130 0.96 8.43 7.13
N ALA A 131 1.73 9.36 7.71
CA ALA A 131 2.41 10.39 6.93
C ALA A 131 3.56 9.81 6.10
N TRP A 132 4.27 8.82 6.62
CA TRP A 132 5.36 8.13 5.92
C TRP A 132 4.88 7.47 4.64
N MET A 133 3.67 6.91 4.63
CA MET A 133 3.08 6.29 3.44
C MET A 133 3.06 7.24 2.24
N ALA A 134 2.55 8.45 2.44
CA ALA A 134 2.50 9.48 1.40
C ALA A 134 3.85 10.17 1.18
N THR A 135 4.59 10.46 2.26
CA THR A 135 5.90 11.09 2.22
C THR A 135 6.87 10.28 1.36
N TYR A 136 6.93 8.96 1.57
CA TYR A 136 7.75 8.04 0.79
C TYR A 136 7.25 7.89 -0.63
N LEU A 137 5.93 7.76 -0.81
CA LEU A 137 5.34 7.67 -2.14
C LEU A 137 5.72 8.88 -2.99
N ASN A 138 5.59 10.08 -2.46
CA ASN A 138 5.98 11.28 -3.21
C ASN A 138 7.49 11.38 -3.42
N ASP A 139 8.28 10.88 -2.47
CA ASP A 139 9.75 10.90 -2.52
C ASP A 139 10.26 10.28 -3.81
N HIS A 140 9.76 9.08 -4.15
CA HIS A 140 10.16 8.32 -5.34
C HIS A 140 9.20 7.18 -5.68
N LEU A 141 7.97 7.53 -6.05
CA LEU A 141 6.93 6.56 -6.38
C LEU A 141 5.75 7.18 -7.13
N GLU A 142 5.27 8.35 -6.71
CA GLU A 142 4.27 9.14 -7.45
C GLU A 142 4.55 9.19 -8.96
N PRO A 143 5.76 9.61 -9.39
CA PRO A 143 6.08 9.73 -10.80
C PRO A 143 6.31 8.37 -11.43
N TRP A 144 6.97 7.47 -10.69
CA TRP A 144 7.30 6.12 -11.15
C TRP A 144 6.06 5.31 -11.47
N ILE A 145 5.10 5.27 -10.56
CA ILE A 145 3.80 4.60 -10.72
C ILE A 145 3.08 5.15 -11.95
N GLN A 146 3.20 6.45 -12.21
CA GLN A 146 2.57 7.07 -13.37
C GLN A 146 3.19 6.60 -14.69
N GLU A 147 4.53 6.69 -14.81
CA GLU A 147 5.26 6.25 -16.01
C GLU A 147 5.17 4.73 -16.22
N ASN A 148 5.07 3.98 -15.13
CA ASN A 148 4.86 2.55 -15.16
C ASN A 148 3.40 2.15 -15.43
N GLY A 149 2.45 3.02 -15.13
CA GLY A 149 1.02 2.73 -15.26
C GLY A 149 0.49 1.82 -14.15
N GLY A 150 0.95 1.99 -12.91
CA GLY A 150 0.53 1.15 -11.79
C GLY A 150 -0.98 1.15 -11.54
N TRP A 151 -1.63 2.33 -11.61
CA TRP A 151 -3.10 2.41 -11.57
C TRP A 151 -3.81 1.64 -12.68
N ASP A 152 -3.20 1.59 -13.87
CA ASP A 152 -3.68 0.81 -15.02
C ASP A 152 -3.62 -0.70 -14.75
N THR A 153 -2.64 -1.13 -13.95
CA THR A 153 -2.56 -2.53 -13.51
C THR A 153 -3.71 -2.89 -12.58
N PHE A 154 -3.97 -2.06 -11.55
CA PHE A 154 -5.03 -2.34 -10.56
C PHE A 154 -6.43 -2.45 -11.17
N VAL A 155 -6.81 -1.44 -11.97
CA VAL A 155 -8.07 -1.46 -12.72
C VAL A 155 -8.16 -2.65 -13.68
N GLU A 156 -7.06 -3.02 -14.33
CA GLU A 156 -7.00 -4.21 -15.19
C GLU A 156 -6.95 -5.53 -14.39
N LEU A 157 -6.75 -5.46 -13.08
CA LEU A 157 -6.64 -6.63 -12.21
C LEU A 157 -8.01 -7.13 -11.74
N TYR A 158 -8.86 -6.21 -11.31
CA TYR A 158 -10.21 -6.51 -10.86
C TYR A 158 -11.29 -5.90 -11.76
N GLY A 159 -10.91 -5.45 -12.95
CA GLY A 159 -11.82 -4.76 -13.87
C GLY A 159 -11.71 -5.27 -15.30
N ASN A 160 -10.47 -5.38 -15.81
CA ASN A 160 -10.21 -5.90 -17.15
C ASN A 160 -9.43 -7.22 -17.13
N ASN A 161 -9.66 -8.06 -16.12
CA ASN A 161 -8.98 -9.35 -15.98
C ASN A 161 -9.27 -10.31 -17.15
N ALA A 162 -10.43 -10.14 -17.81
CA ALA A 162 -10.81 -10.95 -18.96
C ALA A 162 -10.33 -10.34 -20.28
N ALA A 163 -10.36 -9.02 -20.40
CA ALA A 163 -9.89 -8.30 -21.57
C ALA A 163 -8.44 -7.80 -21.41
N ALA A 164 -7.61 -8.48 -20.61
CA ALA A 164 -6.23 -8.11 -20.34
C ALA A 164 -5.24 -8.72 -21.35
N GLU A 165 -5.72 -8.93 -22.58
CA GLU A 165 -4.92 -9.57 -23.64
C GLU A 165 -5.07 -8.87 -24.99
N SER A 166 -6.31 -8.50 -25.35
CA SER A 166 -6.65 -7.84 -26.61
C SER A 166 -7.49 -6.59 -26.37
N ARG A 167 -6.88 -5.64 -25.64
CA ARG A 167 -7.51 -4.34 -25.29
C ARG A 167 -6.74 -3.15 -25.83
N LYS A 168 -5.87 -3.37 -26.82
CA LYS A 168 -5.01 -2.34 -27.39
C LYS A 168 -4.18 -1.62 -26.32
N GLY A 169 -3.27 -2.36 -25.68
CA GLY A 169 -2.40 -1.80 -24.63
C GLY A 169 -1.15 -1.10 -25.16
N GLN A 170 -1.15 -0.70 -26.44
CA GLN A 170 0.02 -0.09 -27.09
C GLN A 170 1.28 -0.97 -27.10
N GLU A 171 1.08 -2.29 -27.04
CA GLU A 171 2.18 -3.25 -26.86
C GLU A 171 1.84 -4.63 -27.43
N ARG A 172 0.77 -4.69 -28.24
CA ARG A 172 0.22 -5.93 -28.82
C ARG A 172 -0.31 -5.76 -30.24
N LEU A 173 -0.04 -4.60 -30.84
CA LEU A 173 -0.52 -4.22 -32.17
C LEU A 173 0.11 -2.91 -32.66
N GLU A 174 0.41 -1.98 -31.75
CA GLU A 174 0.94 -0.65 -32.09
C GLU A 174 1.87 -0.08 -31.01
N GLU B 1 19.21 -2.12 18.66
CA GLU B 1 19.18 -3.38 17.91
C GLU B 1 18.26 -3.26 16.68
N GLU B 2 18.75 -2.65 15.62
CA GLU B 2 18.02 -2.46 14.37
C GLU B 2 18.22 -3.63 13.39
N GLN B 3 18.04 -4.86 13.87
CA GLN B 3 18.18 -6.06 13.03
C GLN B 3 16.87 -6.43 12.34
N TRP B 4 15.73 -6.11 12.97
CA TRP B 4 14.40 -6.40 12.45
C TRP B 4 14.12 -5.62 11.15
N ALA B 5 14.88 -4.55 10.90
CA ALA B 5 14.84 -3.81 9.63
C ALA B 5 15.18 -4.65 8.40
N ARG B 6 15.82 -5.81 8.60
CA ARG B 6 16.07 -6.76 7.52
C ARG B 6 14.79 -7.46 7.06
N GLU B 7 13.91 -7.79 7.98
CA GLU B 7 12.65 -8.48 7.69
C GLU B 7 11.55 -7.50 7.33
N ILE B 8 11.49 -6.34 7.99
CA ILE B 8 10.50 -5.31 7.65
C ILE B 8 10.58 -4.88 6.19
N GLY B 9 11.76 -4.95 5.58
CA GLY B 9 11.98 -4.58 4.20
C GLY B 9 12.00 -5.79 3.28
N ALA B 10 12.67 -6.88 3.65
CA ALA B 10 12.74 -8.07 2.81
C ALA B 10 11.40 -8.79 2.69
N GLN B 11 10.68 -8.90 3.81
CA GLN B 11 9.36 -9.48 3.85
C GLN B 11 8.34 -8.60 3.14
N LEU B 12 8.51 -7.27 3.16
CA LEU B 12 7.60 -6.36 2.47
C LEU B 12 7.83 -6.37 0.97
N ARG B 13 9.07 -6.17 0.55
CA ARG B 13 9.48 -6.26 -0.84
C ARG B 13 9.24 -7.64 -1.43
N ARG B 14 9.04 -8.67 -0.59
CA ARG B 14 8.83 -10.05 -1.04
C ARG B 14 7.77 -10.14 -2.14
N MET B 15 6.53 -9.87 -1.76
CA MET B 15 5.40 -9.84 -2.69
C MET B 15 5.37 -8.55 -3.49
N ALA B 16 5.86 -7.45 -2.93
CA ALA B 16 5.95 -6.20 -3.68
C ALA B 16 6.83 -6.29 -4.92
N ASP B 17 7.82 -7.19 -4.90
CA ASP B 17 8.71 -7.44 -6.02
C ASP B 17 8.04 -8.30 -7.12
N ASP B 18 6.80 -8.75 -6.88
CA ASP B 18 6.01 -9.50 -7.85
C ASP B 18 5.35 -8.56 -8.87
N LEU B 19 5.62 -7.24 -8.80
CA LEU B 19 5.17 -6.27 -9.80
C LEU B 19 5.48 -6.72 -11.22
N ASN B 20 6.59 -7.43 -11.43
CA ASN B 20 7.03 -7.91 -12.73
C ASN B 20 5.97 -8.79 -13.41
N ALA B 21 5.15 -9.47 -12.59
CA ALA B 21 3.99 -10.19 -13.06
C ALA B 21 2.93 -9.28 -13.66
N GLN B 22 3.03 -7.96 -13.54
CA GLN B 22 2.10 -6.98 -14.09
C GLN B 22 0.63 -7.37 -13.89
N TYR B 23 0.28 -7.83 -12.68
CA TYR B 23 -1.03 -8.43 -12.33
C TYR B 23 -1.20 -9.88 -12.84
N GLU B 24 -0.76 -10.16 -14.07
CA GLU B 24 -0.90 -11.44 -14.76
C GLU B 24 0.28 -11.73 -15.70
N ARG B 25 1.34 -12.36 -15.14
CA ARG B 25 2.59 -12.69 -15.86
C ARG B 25 3.58 -13.56 -15.05
N MET A 1 0.97 13.72 -10.10
CA MET A 1 1.66 14.16 -11.35
C MET A 1 2.84 15.09 -11.08
N SER A 2 2.81 15.86 -9.99
CA SER A 2 3.86 16.83 -9.64
C SER A 2 4.08 16.87 -8.14
N ALA A 3 3.06 17.26 -7.37
CA ALA A 3 3.13 17.32 -5.91
C ALA A 3 1.74 17.11 -5.31
N MET A 4 1.48 15.91 -4.79
CA MET A 4 0.19 15.54 -4.21
C MET A 4 0.39 14.74 -2.93
N SER A 5 1.35 15.19 -2.10
CA SER A 5 1.64 14.60 -0.79
C SER A 5 0.40 14.47 0.08
N GLN A 6 -0.57 15.38 -0.08
CA GLN A 6 -1.85 15.34 0.62
C GLN A 6 -2.83 14.32 0.01
N SER A 7 -3.08 14.37 -1.30
CA SER A 7 -3.94 13.42 -2.03
C SER A 7 -3.46 11.97 -1.91
N ASN A 8 -2.16 11.78 -1.66
CA ASN A 8 -1.61 10.45 -1.41
C ASN A 8 -1.78 10.02 0.06
N ARG A 9 -1.68 10.98 0.99
CA ARG A 9 -1.86 10.74 2.43
C ARG A 9 -3.30 10.39 2.77
N GLU A 10 -4.28 10.99 2.10
CA GLU A 10 -5.69 10.62 2.28
C GLU A 10 -6.00 9.21 1.77
N LEU A 11 -5.33 8.78 0.70
CA LEU A 11 -5.54 7.46 0.10
C LEU A 11 -5.03 6.35 0.99
N VAL A 12 -3.77 6.46 1.42
CA VAL A 12 -3.17 5.47 2.32
C VAL A 12 -3.99 5.34 3.59
N VAL A 13 -4.47 6.45 4.14
CA VAL A 13 -5.31 6.44 5.34
C VAL A 13 -6.71 5.88 5.06
N ASP A 14 -7.22 5.98 3.83
CA ASP A 14 -8.54 5.48 3.43
C ASP A 14 -8.61 3.96 3.54
N PHE A 15 -7.66 3.28 2.90
CA PHE A 15 -7.61 1.83 2.96
C PHE A 15 -7.13 1.33 4.34
N LEU A 16 -6.22 2.08 4.97
CA LEU A 16 -5.70 1.75 6.30
C LEU A 16 -6.81 1.80 7.35
N SER A 17 -7.77 2.71 7.21
CA SER A 17 -8.94 2.80 8.09
C SER A 17 -9.80 1.55 8.03
N TYR A 18 -9.92 0.95 6.84
CA TYR A 18 -10.74 -0.25 6.67
C TYR A 18 -10.03 -1.48 7.24
N LYS A 19 -8.72 -1.60 6.97
CA LYS A 19 -7.92 -2.72 7.45
C LYS A 19 -7.82 -2.74 8.97
N LEU A 20 -7.51 -1.60 9.58
CA LEU A 20 -7.50 -1.44 11.04
C LEU A 20 -8.89 -1.57 11.67
N SER A 21 -9.95 -1.26 10.91
CA SER A 21 -11.33 -1.37 11.36
C SER A 21 -11.75 -2.80 11.64
N GLN A 22 -11.10 -3.75 10.97
CA GLN A 22 -11.33 -5.18 11.19
C GLN A 22 -11.11 -5.60 12.65
N LYS A 23 -10.17 -4.93 13.34
CA LYS A 23 -9.88 -5.14 14.75
C LYS A 23 -10.67 -4.20 15.66
N GLY A 24 -10.95 -2.98 15.21
CA GLY A 24 -11.73 -1.98 15.94
C GLY A 24 -10.98 -0.67 16.18
N TYR A 25 -10.36 -0.12 15.13
CA TYR A 25 -9.59 1.12 15.20
C TYR A 25 -9.46 1.73 13.81
N SER A 26 -9.08 3.00 13.74
CA SER A 26 -8.77 3.68 12.49
C SER A 26 -7.74 4.78 12.74
N TRP A 27 -7.12 5.27 11.67
CA TRP A 27 -6.21 6.42 11.72
C TRP A 27 -6.82 7.66 12.40
N SER A 28 -8.14 7.86 12.26
CA SER A 28 -8.86 8.96 12.91
C SER A 28 -9.55 8.51 14.20
N GLN A 29 -10.23 7.35 14.17
CA GLN A 29 -10.91 6.77 15.33
C GLN A 29 -11.45 5.37 15.05
N PHE A 30 -12.44 5.28 14.16
CA PHE A 30 -13.11 4.04 13.77
C PHE A 30 -13.32 3.97 12.26
N SER A 31 -13.71 5.07 11.61
CA SER A 31 -13.95 5.09 10.17
C SER A 31 -14.38 6.49 9.73
N ASP A 32 -13.42 7.34 9.35
CA ASP A 32 -13.71 8.72 8.90
C ASP A 32 -13.51 8.90 7.39
N VAL A 33 -12.54 8.17 6.82
CA VAL A 33 -12.21 8.18 5.39
C VAL A 33 -12.57 6.84 4.74
N GLU A 34 -13.72 6.29 5.10
CA GLU A 34 -14.16 5.00 4.53
C GLU A 34 -15.04 5.19 3.28
N GLU A 35 -14.88 6.31 2.59
CA GLU A 35 -15.72 6.65 1.43
C GLU A 35 -14.96 7.51 0.41
N ASN A 36 -14.16 8.47 0.90
CA ASN A 36 -13.37 9.40 0.09
C ASN A 36 -14.26 10.24 -0.84
N ARG A 37 -14.67 11.42 -0.38
CA ARG A 37 -15.55 12.33 -1.13
C ARG A 37 -15.02 13.75 -1.26
N THR A 38 -13.70 13.90 -1.08
CA THR A 38 -13.00 15.19 -1.10
C THR A 38 -13.10 15.87 -2.46
N GLU A 39 -12.71 15.16 -3.51
CA GLU A 39 -12.73 15.67 -4.89
C GLU A 39 -13.07 14.57 -5.91
N ALA A 40 -12.43 13.42 -5.76
CA ALA A 40 -12.71 12.26 -6.58
C ALA A 40 -14.19 11.82 -6.50
N PRO A 41 -14.67 11.08 -7.51
CA PRO A 41 -16.02 10.55 -7.53
C PRO A 41 -16.23 9.43 -6.48
N GLU A 42 -17.39 8.79 -6.52
CA GLU A 42 -17.81 7.74 -5.59
C GLU A 42 -18.55 6.58 -6.30
N GLY A 43 -18.02 6.15 -7.46
CA GLY A 43 -18.66 5.04 -8.20
C GLY A 43 -18.52 5.14 -9.71
N THR A 44 -17.29 5.10 -10.21
CA THR A 44 -16.98 5.28 -11.66
C THR A 44 -15.51 5.07 -11.99
N GLU A 45 -14.63 5.43 -11.06
CA GLU A 45 -13.17 5.33 -11.24
C GLU A 45 -12.46 5.27 -9.88
N SER A 46 -12.88 6.12 -8.94
CA SER A 46 -12.31 6.16 -7.58
C SER A 46 -12.81 5.03 -6.70
N GLU A 47 -14.11 4.71 -6.78
CA GLU A 47 -14.66 3.59 -6.02
C GLU A 47 -14.20 2.22 -6.55
N ALA A 48 -13.97 2.15 -7.87
CA ALA A 48 -13.47 0.94 -8.52
C ALA A 48 -11.99 0.72 -8.23
N VAL A 49 -11.14 1.73 -8.42
CA VAL A 49 -9.70 1.64 -8.13
C VAL A 49 -9.43 1.46 -6.64
N LYS A 50 -10.24 2.06 -5.77
CA LYS A 50 -10.09 1.96 -4.31
C LYS A 50 -10.48 0.56 -3.82
N GLN A 51 -11.57 0.01 -4.35
CA GLN A 51 -11.98 -1.35 -3.99
C GLN A 51 -11.06 -2.42 -4.60
N ALA A 52 -10.55 -2.18 -5.80
CA ALA A 52 -9.61 -3.08 -6.48
C ALA A 52 -8.30 -3.23 -5.71
N LEU A 53 -7.90 -2.19 -4.96
CA LEU A 53 -6.71 -2.22 -4.12
C LEU A 53 -6.81 -3.25 -3.00
N ARG A 54 -7.99 -3.35 -2.38
CA ARG A 54 -8.24 -4.35 -1.33
C ARG A 54 -8.31 -5.75 -1.91
N GLU A 55 -9.13 -5.96 -2.95
CA GLU A 55 -9.28 -7.28 -3.59
C GLU A 55 -7.92 -7.86 -4.00
N ALA A 56 -7.08 -7.03 -4.63
CA ALA A 56 -5.75 -7.47 -5.00
C ALA A 56 -4.76 -7.49 -3.83
N GLY A 57 -5.06 -6.75 -2.76
CA GLY A 57 -4.31 -6.65 -1.51
C GLY A 57 -4.05 -7.98 -0.81
N ASP A 58 -4.80 -9.00 -1.22
CA ASP A 58 -4.69 -10.39 -0.79
C ASP A 58 -4.83 -11.40 -1.95
N GLU A 59 -4.89 -10.94 -3.19
CA GLU A 59 -4.94 -11.79 -4.38
C GLU A 59 -3.53 -12.17 -4.87
N PHE A 60 -2.50 -11.42 -4.47
CA PHE A 60 -1.12 -11.67 -4.90
C PHE A 60 -0.28 -12.24 -3.77
N GLU A 61 0.03 -11.38 -2.78
CA GLU A 61 0.79 -11.76 -1.61
C GLU A 61 0.16 -12.93 -0.83
N LEU A 62 -1.15 -12.89 -0.63
CA LEU A 62 -1.92 -13.93 0.06
C LEU A 62 -2.56 -14.92 -0.93
N ARG A 63 -1.75 -15.42 -1.87
CA ARG A 63 -2.23 -16.38 -2.87
C ARG A 63 -1.12 -17.02 -3.70
N TYR A 64 -0.05 -16.26 -3.92
CA TYR A 64 1.14 -16.66 -4.67
C TYR A 64 2.43 -16.55 -3.85
N ARG A 65 2.38 -15.86 -2.72
CA ARG A 65 3.48 -15.74 -1.78
C ARG A 65 3.05 -16.15 -0.38
N ARG A 66 4.06 -16.48 0.42
CA ARG A 66 3.90 -16.95 1.80
C ARG A 66 5.21 -17.05 2.58
N ALA A 67 6.23 -16.32 2.14
CA ALA A 67 7.55 -16.35 2.76
C ALA A 67 7.66 -15.24 3.80
N PHE A 68 7.50 -15.59 5.07
CA PHE A 68 7.59 -14.66 6.18
C PHE A 68 8.29 -15.34 7.37
N SER A 69 9.40 -14.76 7.83
CA SER A 69 10.21 -15.29 8.93
C SER A 69 9.96 -14.52 10.24
N ASP A 70 9.76 -13.20 10.12
CA ASP A 70 9.58 -12.29 11.24
C ASP A 70 8.34 -11.42 10.96
N LEU A 71 7.17 -12.03 11.13
CA LEU A 71 5.92 -11.32 10.91
C LEU A 71 4.89 -11.87 11.87
N THR A 72 4.18 -10.97 12.56
CA THR A 72 3.13 -11.33 13.53
C THR A 72 3.69 -12.04 14.78
N SER A 73 5.02 -12.09 14.90
CA SER A 73 5.72 -12.76 15.98
C SER A 73 6.80 -11.83 16.48
N GLN A 74 6.82 -11.61 17.80
CA GLN A 74 7.77 -10.74 18.51
C GLN A 74 7.61 -9.26 18.15
N LEU A 75 8.02 -8.90 16.93
CA LEU A 75 7.98 -7.54 16.40
C LEU A 75 8.79 -6.54 17.24
N HIS A 76 9.99 -6.18 16.77
CA HIS A 76 10.86 -5.26 17.49
C HIS A 76 10.86 -3.91 16.79
N ILE A 77 10.63 -2.86 17.57
CA ILE A 77 10.45 -1.48 17.09
C ILE A 77 10.49 -0.54 18.29
N THR A 78 11.57 0.24 18.35
CA THR A 78 11.86 1.24 19.40
C THR A 78 13.16 2.01 19.11
N PRO A 79 14.33 1.34 18.99
CA PRO A 79 15.65 1.96 18.81
C PRO A 79 15.85 2.55 17.41
N GLY A 80 15.38 3.76 17.15
CA GLY A 80 15.45 4.37 15.81
C GLY A 80 14.85 3.50 14.70
N THR A 81 13.86 2.67 15.05
CA THR A 81 13.22 1.76 14.11
C THR A 81 12.41 2.51 13.07
N ALA A 82 11.90 3.70 13.41
CA ALA A 82 11.09 4.48 12.49
C ALA A 82 11.91 4.94 11.29
N TYR A 83 13.12 5.44 11.53
CA TYR A 83 14.04 5.86 10.47
C TYR A 83 14.74 4.68 9.80
N GLN A 84 15.09 3.65 10.57
CA GLN A 84 15.73 2.44 10.04
C GLN A 84 14.80 1.65 9.15
N SER A 85 13.60 1.33 9.65
CA SER A 85 12.57 0.63 8.90
C SER A 85 12.11 1.43 7.70
N PHE A 86 12.02 2.76 7.80
CA PHE A 86 11.68 3.60 6.67
C PHE A 86 12.66 3.46 5.51
N GLU A 87 13.96 3.60 5.79
CA GLU A 87 14.99 3.47 4.77
C GLU A 87 15.12 2.02 4.30
N GLN A 88 15.08 1.05 5.22
CA GLN A 88 15.20 -0.37 4.91
C GLN A 88 14.06 -0.87 4.03
N VAL A 89 12.81 -0.57 4.42
CA VAL A 89 11.64 -0.91 3.63
C VAL A 89 11.76 -0.34 2.25
N VAL A 90 11.89 0.97 2.13
CA VAL A 90 11.96 1.64 0.84
C VAL A 90 13.13 1.12 0.01
N ASN A 91 14.28 0.86 0.62
CA ASN A 91 15.47 0.33 -0.04
C ASN A 91 15.22 -1.03 -0.66
N GLU A 92 14.72 -1.96 0.15
CA GLU A 92 14.39 -3.30 -0.31
C GLU A 92 13.13 -3.33 -1.18
N LEU A 93 12.36 -2.24 -1.19
CA LEU A 93 11.16 -2.05 -2.00
C LEU A 93 11.41 -1.28 -3.29
N PHE A 94 12.62 -0.75 -3.46
CA PHE A 94 13.05 -0.03 -4.65
C PHE A 94 13.64 -0.96 -5.71
N ARG A 95 13.40 -2.27 -5.56
CA ARG A 95 13.90 -3.30 -6.48
C ARG A 95 13.20 -3.20 -7.83
N ASP A 96 11.96 -3.67 -7.88
CA ASP A 96 11.13 -3.73 -9.10
C ASP A 96 9.63 -3.77 -8.77
N GLY A 97 9.27 -3.43 -7.54
CA GLY A 97 7.90 -3.48 -7.03
C GLY A 97 7.42 -2.13 -6.56
N VAL A 98 7.89 -1.05 -7.19
CA VAL A 98 7.51 0.34 -6.88
C VAL A 98 5.99 0.53 -6.73
N ASN A 99 5.22 -0.18 -7.53
CA ASN A 99 3.76 -0.18 -7.53
C ASN A 99 3.24 -1.60 -7.66
N TRP A 100 1.92 -1.75 -7.68
CA TRP A 100 1.21 -3.03 -7.84
C TRP A 100 1.44 -3.95 -6.64
N GLY A 101 2.64 -4.52 -6.54
CA GLY A 101 3.05 -5.39 -5.47
C GLY A 101 3.31 -4.62 -4.18
N ARG A 102 3.99 -3.47 -4.21
CA ARG A 102 4.15 -2.61 -3.02
C ARG A 102 2.83 -2.31 -2.35
N ILE A 103 1.81 -2.02 -3.14
CA ILE A 103 0.51 -1.67 -2.63
C ILE A 103 -0.20 -2.89 -2.06
N VAL A 104 -0.05 -4.04 -2.72
CA VAL A 104 -0.67 -5.29 -2.27
C VAL A 104 -0.03 -5.80 -0.97
N ALA A 105 1.30 -5.76 -0.89
CA ALA A 105 2.00 -6.19 0.31
C ALA A 105 1.74 -5.22 1.46
N PHE A 106 1.93 -3.91 1.24
CA PHE A 106 1.66 -2.90 2.26
C PHE A 106 0.21 -2.95 2.76
N PHE A 107 -0.74 -3.40 1.92
CA PHE A 107 -2.13 -3.53 2.31
C PHE A 107 -2.32 -4.44 3.54
N SER A 108 -1.97 -5.71 3.39
CA SER A 108 -2.10 -6.71 4.45
C SER A 108 -0.97 -6.59 5.46
N PHE A 109 0.28 -6.55 4.98
CA PHE A 109 1.46 -6.40 5.82
C PHE A 109 1.40 -5.12 6.64
N GLY A 110 1.30 -3.96 5.97
CA GLY A 110 1.28 -2.64 6.61
C GLY A 110 0.13 -2.51 7.61
N GLY A 111 -1.07 -2.93 7.24
CA GLY A 111 -2.21 -2.93 8.16
C GLY A 111 -2.03 -3.89 9.35
N ALA A 112 -1.60 -5.13 9.12
CA ALA A 112 -1.29 -6.11 10.16
C ALA A 112 -0.12 -5.71 11.06
N LEU A 113 0.80 -4.90 10.53
CA LEU A 113 1.90 -4.35 11.30
C LEU A 113 1.48 -3.12 12.09
N CYS A 114 0.59 -2.29 11.54
CA CYS A 114 0.07 -1.11 12.20
C CYS A 114 -0.81 -1.49 13.39
N VAL A 115 -1.70 -2.47 13.25
CA VAL A 115 -2.54 -2.95 14.37
C VAL A 115 -1.75 -3.47 15.56
N GLU A 116 -0.56 -4.04 15.32
CA GLU A 116 0.34 -4.56 16.35
C GLU A 116 1.35 -3.50 16.82
N SER A 117 1.76 -2.61 15.93
CA SER A 117 2.69 -1.52 16.24
C SER A 117 2.02 -0.44 17.06
N VAL A 118 0.83 0.03 16.65
CA VAL A 118 0.05 1.03 17.39
C VAL A 118 -0.27 0.54 18.80
N ASP A 119 -0.62 -0.73 18.96
CA ASP A 119 -0.90 -1.30 20.28
C ASP A 119 0.37 -1.49 21.13
N LYS A 120 1.55 -1.37 20.50
CA LYS A 120 2.87 -1.49 21.15
C LYS A 120 3.67 -0.19 21.11
N GLU A 121 3.06 0.91 20.68
CA GLU A 121 3.73 2.19 20.45
C GLU A 121 2.74 3.36 20.36
N MET A 122 1.56 3.20 20.96
CA MET A 122 0.47 4.16 20.93
C MET A 122 0.05 4.52 19.49
N GLN A 123 -0.82 5.52 19.35
CA GLN A 123 -1.21 6.05 18.03
C GLN A 123 -0.17 7.01 17.41
N VAL A 124 1.04 7.05 17.97
CA VAL A 124 2.11 7.93 17.49
C VAL A 124 2.94 7.26 16.41
N LEU A 125 2.94 5.91 16.37
CA LEU A 125 3.74 5.15 15.42
C LEU A 125 3.15 5.19 14.01
N VAL A 126 1.90 4.77 13.87
CA VAL A 126 1.15 4.83 12.60
C VAL A 126 1.16 6.22 11.98
N SER A 127 1.10 7.24 12.82
CA SER A 127 1.13 8.65 12.39
C SER A 127 2.38 8.95 11.58
N ARG A 128 3.51 8.32 11.93
CA ARG A 128 4.78 8.38 11.23
C ARG A 128 4.85 7.46 10.03
N ILE A 129 4.29 6.25 10.11
CA ILE A 129 4.27 5.30 8.97
C ILE A 129 3.62 5.96 7.75
N ALA A 130 2.40 6.46 7.89
CA ALA A 130 1.70 7.12 6.79
C ALA A 130 2.32 8.48 6.43
N ALA A 131 3.02 9.14 7.37
CA ALA A 131 3.75 10.38 7.10
C ALA A 131 4.95 10.16 6.18
N TRP A 132 5.84 9.23 6.52
CA TRP A 132 7.03 8.94 5.72
C TRP A 132 6.71 8.17 4.45
N MET A 133 5.68 7.32 4.49
CA MET A 133 5.20 6.58 3.33
C MET A 133 4.87 7.52 2.17
N ALA A 134 4.04 8.54 2.42
CA ALA A 134 3.69 9.54 1.44
C ALA A 134 4.86 10.46 1.12
N THR A 135 5.78 10.70 2.06
CA THR A 135 6.99 11.51 1.82
C THR A 135 7.81 10.94 0.67
N TYR A 136 8.12 9.64 0.71
CA TYR A 136 8.94 9.00 -0.33
C TYR A 136 8.16 8.84 -1.64
N LEU A 137 6.91 8.37 -1.54
CA LEU A 137 6.02 8.20 -2.68
C LEU A 137 5.82 9.52 -3.44
N ASN A 138 5.66 10.63 -2.72
CA ASN A 138 5.52 11.94 -3.33
C ASN A 138 6.86 12.48 -3.85
N ASP A 139 7.98 12.15 -3.19
CA ASP A 139 9.33 12.60 -3.57
C ASP A 139 9.65 12.21 -5.01
N HIS A 140 9.48 10.92 -5.34
CA HIS A 140 9.77 10.40 -6.67
C HIS A 140 9.07 9.06 -6.95
N LEU A 141 7.74 9.08 -6.99
CA LEU A 141 6.93 7.88 -7.23
C LEU A 141 5.53 8.19 -7.73
N GLU A 142 4.89 9.24 -7.22
CA GLU A 142 3.58 9.73 -7.69
C GLU A 142 3.53 9.92 -9.22
N PRO A 143 4.42 10.74 -9.81
CA PRO A 143 4.49 10.91 -11.25
C PRO A 143 5.04 9.68 -11.99
N TRP A 144 5.76 8.81 -11.27
CA TRP A 144 6.32 7.59 -11.84
C TRP A 144 5.27 6.51 -12.04
N ILE A 145 4.26 6.43 -11.18
CA ILE A 145 3.18 5.44 -11.28
C ILE A 145 2.48 5.52 -12.63
N GLN A 146 2.32 6.74 -13.14
CA GLN A 146 1.71 6.99 -14.44
C GLN A 146 2.60 6.50 -15.58
N GLU A 147 3.88 6.89 -15.59
CA GLU A 147 4.84 6.45 -16.61
C GLU A 147 5.08 4.95 -16.60
N ASN A 148 5.12 4.34 -15.41
CA ASN A 148 5.24 2.90 -15.25
C ASN A 148 3.97 2.16 -15.68
N GLY A 149 2.82 2.84 -15.63
CA GLY A 149 1.50 2.27 -15.92
C GLY A 149 0.94 1.47 -14.74
N GLY A 150 1.51 1.59 -13.53
CA GLY A 150 1.11 0.78 -12.38
C GLY A 150 -0.38 0.87 -12.05
N TRP A 151 -0.87 2.07 -11.72
CA TRP A 151 -2.31 2.32 -11.54
C TRP A 151 -3.16 1.97 -12.76
N ASP A 152 -2.62 2.11 -13.97
CA ASP A 152 -3.28 1.77 -15.25
C ASP A 152 -3.60 0.27 -15.37
N THR A 153 -2.71 -0.56 -14.83
CA THR A 153 -2.95 -2.01 -14.79
C THR A 153 -3.96 -2.38 -13.72
N PHE A 154 -4.00 -1.65 -12.60
CA PHE A 154 -4.93 -1.89 -11.49
C PHE A 154 -6.39 -1.61 -11.87
N VAL A 155 -6.65 -0.42 -12.41
CA VAL A 155 -7.97 -0.04 -12.92
C VAL A 155 -8.44 -0.96 -14.04
N GLU A 156 -7.53 -1.41 -14.91
CA GLU A 156 -7.84 -2.40 -15.93
C GLU A 156 -8.06 -3.80 -15.35
N LEU A 157 -7.58 -4.08 -14.15
CA LEU A 157 -7.73 -5.39 -13.52
C LEU A 157 -9.18 -5.59 -13.04
N TYR A 158 -9.67 -4.66 -12.24
CA TYR A 158 -11.04 -4.72 -11.70
C TYR A 158 -12.05 -3.90 -12.51
N GLY A 159 -11.61 -3.34 -13.62
CA GLY A 159 -12.42 -2.49 -14.49
C GLY A 159 -12.43 -2.97 -15.93
N ASN A 160 -11.39 -3.68 -16.37
CA ASN A 160 -11.25 -4.21 -17.72
C ASN A 160 -11.29 -3.11 -18.80
N ASN A 161 -11.10 -1.83 -18.42
CA ASN A 161 -11.33 -0.66 -19.28
C ASN A 161 -10.36 -0.63 -20.48
N ALA A 162 -9.06 -0.68 -20.20
CA ALA A 162 -8.01 -0.79 -21.21
C ALA A 162 -8.12 -2.08 -22.07
N ALA A 163 -8.77 -3.11 -21.52
CA ALA A 163 -9.09 -4.37 -22.18
C ALA A 163 -10.54 -4.44 -22.71
N ALA A 164 -11.21 -3.30 -22.86
CA ALA A 164 -12.61 -3.24 -23.31
C ALA A 164 -12.69 -2.85 -24.79
N GLU A 165 -12.41 -1.56 -25.06
CA GLU A 165 -12.46 -0.97 -26.40
C GLU A 165 -11.09 -0.99 -27.06
N SER A 166 -10.08 -0.41 -26.39
CA SER A 166 -8.71 -0.36 -26.91
C SER A 166 -8.15 -1.75 -27.19
N ARG A 167 -8.39 -2.70 -26.26
CA ARG A 167 -7.96 -4.09 -26.37
C ARG A 167 -6.44 -4.25 -26.49
N LYS A 168 -5.71 -3.27 -25.93
CA LYS A 168 -4.24 -3.19 -26.03
C LYS A 168 -3.62 -2.22 -25.04
N GLY A 169 -4.29 -1.11 -24.77
CA GLY A 169 -3.83 -0.10 -23.83
C GLY A 169 -4.90 0.96 -23.59
N GLN A 170 -4.69 2.16 -24.14
CA GLN A 170 -5.60 3.29 -23.96
C GLN A 170 -5.94 3.99 -25.28
N GLU A 171 -5.76 3.28 -26.41
CA GLU A 171 -5.97 3.85 -27.75
C GLU A 171 -4.87 4.85 -28.16
N ARG A 172 -3.79 4.92 -27.37
CA ARG A 172 -2.70 5.89 -27.55
C ARG A 172 -1.36 5.42 -27.00
N LEU A 173 -1.12 4.11 -27.08
CA LEU A 173 0.09 3.47 -26.56
C LEU A 173 0.11 3.40 -25.01
N GLU A 174 -1.05 3.21 -24.37
CA GLU A 174 -1.20 3.27 -22.90
C GLU A 174 -2.20 2.28 -22.31
N GLU B 1 20.42 2.69 15.28
CA GLU B 1 20.26 1.59 14.31
C GLU B 1 19.23 0.57 14.81
N GLU B 2 18.77 -0.30 13.91
CA GLU B 2 17.82 -1.36 14.23
C GLU B 2 18.16 -2.66 13.50
N GLN B 3 17.86 -3.78 14.16
CA GLN B 3 18.08 -5.10 13.58
C GLN B 3 16.85 -5.64 12.86
N TRP B 4 15.67 -5.39 13.40
CA TRP B 4 14.40 -5.78 12.82
C TRP B 4 14.05 -4.96 11.57
N ALA B 5 14.76 -3.85 11.34
CA ALA B 5 14.61 -3.09 10.11
C ALA B 5 14.86 -3.92 8.84
N ARG B 6 15.66 -4.99 8.94
CA ARG B 6 15.89 -5.92 7.84
C ARG B 6 14.68 -6.80 7.54
N GLU B 7 13.80 -7.00 8.51
CA GLU B 7 12.63 -7.85 8.36
C GLU B 7 11.41 -7.05 7.93
N ILE B 8 11.21 -5.86 8.50
CA ILE B 8 10.13 -4.96 8.06
C ILE B 8 10.23 -4.64 6.57
N GLY B 9 11.45 -4.63 6.01
CA GLY B 9 11.69 -4.32 4.62
C GLY B 9 11.76 -5.56 3.76
N ALA B 10 12.42 -6.63 4.22
CA ALA B 10 12.51 -7.87 3.46
C ALA B 10 11.17 -8.59 3.34
N GLN B 11 10.42 -8.65 4.44
CA GLN B 11 9.12 -9.27 4.52
C GLN B 11 8.05 -8.47 3.79
N LEU B 12 8.10 -7.13 3.85
CA LEU B 12 7.18 -6.27 3.12
C LEU B 12 7.48 -6.33 1.63
N ARG B 13 8.74 -6.11 1.25
CA ARG B 13 9.16 -6.16 -0.15
C ARG B 13 9.02 -7.56 -0.75
N ARG B 14 8.84 -8.58 0.10
CA ARG B 14 8.80 -10.00 -0.27
C ARG B 14 7.87 -10.26 -1.43
N MET B 15 6.59 -9.97 -1.20
CA MET B 15 5.57 -10.09 -2.23
C MET B 15 5.47 -8.83 -3.07
N ALA B 16 5.97 -7.70 -2.54
CA ALA B 16 5.98 -6.47 -3.29
C ALA B 16 6.72 -6.56 -4.64
N ASP B 17 7.75 -7.40 -4.69
CA ASP B 17 8.51 -7.79 -5.88
C ASP B 17 7.74 -8.72 -6.83
N ASP B 18 6.44 -8.46 -7.04
CA ASP B 18 5.57 -9.26 -7.93
C ASP B 18 4.93 -8.41 -9.03
N LEU B 19 5.17 -7.09 -9.04
CA LEU B 19 4.74 -6.23 -10.15
C LEU B 19 5.23 -6.70 -11.52
N ASN B 20 6.33 -7.46 -11.57
CA ASN B 20 6.86 -8.00 -12.82
C ASN B 20 5.81 -8.77 -13.64
N ALA B 21 4.82 -9.38 -12.95
CA ALA B 21 3.68 -10.03 -13.60
C ALA B 21 2.90 -9.11 -14.54
N GLN B 22 2.89 -7.80 -14.25
CA GLN B 22 2.27 -6.77 -15.08
C GLN B 22 0.76 -6.99 -15.16
N TYR B 23 0.04 -6.89 -14.03
CA TYR B 23 -1.39 -7.20 -13.93
C TYR B 23 -1.68 -8.70 -13.94
N GLU B 24 -1.11 -9.43 -14.90
CA GLU B 24 -1.35 -10.84 -15.14
C GLU B 24 -0.33 -11.69 -14.38
N ARG B 25 -0.79 -12.41 -13.35
CA ARG B 25 0.08 -13.29 -12.55
C ARG B 25 0.46 -14.59 -13.28
N MET A 1 -2.88 8.88 -7.04
CA MET A 1 -1.81 9.71 -7.62
C MET A 1 -2.35 10.81 -8.56
N SER A 2 -3.47 11.46 -8.22
CA SER A 2 -4.09 12.49 -9.10
C SER A 2 -3.23 13.76 -9.18
N ALA A 3 -2.98 14.38 -8.03
CA ALA A 3 -2.19 15.61 -7.95
C ALA A 3 -1.75 15.81 -6.50
N MET A 4 -0.46 16.11 -6.29
CA MET A 4 0.12 16.31 -4.96
C MET A 4 -0.19 15.16 -3.98
N SER A 5 -0.42 13.95 -4.50
CA SER A 5 -0.80 12.78 -3.68
C SER A 5 -2.12 12.99 -2.92
N GLN A 6 -3.04 13.78 -3.48
CA GLN A 6 -4.30 14.14 -2.84
C GLN A 6 -5.25 12.95 -2.75
N SER A 7 -5.57 12.35 -3.91
CA SER A 7 -6.40 11.15 -3.97
C SER A 7 -5.72 9.94 -3.32
N ASN A 8 -4.37 9.92 -3.34
CA ASN A 8 -3.62 8.88 -2.65
C ASN A 8 -3.79 8.95 -1.13
N ARG A 9 -3.88 10.13 -0.53
CA ARG A 9 -4.05 10.29 0.92
C ARG A 9 -5.28 9.56 1.44
N GLU A 10 -6.44 9.86 0.87
CA GLU A 10 -7.71 9.22 1.21
C GLU A 10 -7.70 7.73 0.89
N LEU A 11 -7.07 7.34 -0.23
CA LEU A 11 -6.90 5.94 -0.59
C LEU A 11 -6.14 5.15 0.48
N VAL A 12 -4.98 5.66 0.90
CA VAL A 12 -4.15 4.97 1.89
C VAL A 12 -4.84 4.97 3.24
N VAL A 13 -5.25 6.15 3.71
CA VAL A 13 -5.91 6.32 5.00
C VAL A 13 -7.13 5.42 5.10
N ASP A 14 -7.97 5.35 4.07
CA ASP A 14 -9.13 4.45 4.01
C ASP A 14 -8.71 2.97 4.08
N PHE A 15 -7.59 2.62 3.45
CA PHE A 15 -7.06 1.27 3.48
C PHE A 15 -6.53 0.85 4.86
N LEU A 16 -5.66 1.69 5.43
CA LEU A 16 -5.09 1.45 6.74
C LEU A 16 -6.14 1.52 7.84
N SER A 17 -6.97 2.56 7.83
CA SER A 17 -8.09 2.73 8.75
C SER A 17 -9.07 1.58 8.68
N TYR A 18 -9.24 0.92 7.53
CA TYR A 18 -10.07 -0.27 7.39
C TYR A 18 -9.46 -1.49 8.09
N LYS A 19 -8.13 -1.69 7.91
CA LYS A 19 -7.41 -2.80 8.54
C LYS A 19 -7.26 -2.62 10.05
N LEU A 20 -6.96 -1.40 10.49
CA LEU A 20 -6.82 -1.00 11.89
C LEU A 20 -8.19 -0.90 12.60
N SER A 21 -9.26 -0.65 11.85
CA SER A 21 -10.64 -0.58 12.38
C SER A 21 -11.08 -1.88 13.01
N GLN A 22 -10.58 -3.03 12.52
CA GLN A 22 -10.83 -4.34 13.12
C GLN A 22 -10.40 -4.39 14.60
N LYS A 23 -9.36 -3.64 14.97
CA LYS A 23 -8.88 -3.51 16.35
C LYS A 23 -9.51 -2.35 17.10
N GLY A 24 -9.94 -1.31 16.39
CA GLY A 24 -10.60 -0.13 16.98
C GLY A 24 -9.64 1.03 17.19
N TYR A 25 -8.92 1.42 16.13
CA TYR A 25 -7.96 2.52 16.19
C TYR A 25 -7.78 3.13 14.80
N SER A 26 -7.30 4.37 14.75
CA SER A 26 -6.95 5.04 13.50
C SER A 26 -5.86 6.07 13.72
N TRP A 27 -5.23 6.52 12.63
CA TRP A 27 -4.22 7.58 12.65
C TRP A 27 -4.71 8.92 13.23
N SER A 28 -6.01 9.18 13.11
CA SER A 28 -6.71 10.37 13.63
C SER A 28 -7.49 10.05 14.92
N GLN A 29 -7.33 8.83 15.46
CA GLN A 29 -7.99 8.37 16.68
C GLN A 29 -9.52 8.41 16.61
N PHE A 30 -10.08 7.97 15.48
CA PHE A 30 -11.51 8.01 15.21
C PHE A 30 -11.93 7.16 14.01
N SER A 31 -11.04 7.09 13.01
CA SER A 31 -11.27 6.39 11.74
C SER A 31 -12.46 6.99 11.00
N ASP A 32 -12.18 7.72 9.93
CA ASP A 32 -13.23 8.39 9.16
C ASP A 32 -14.11 7.39 8.42
N VAL A 33 -13.49 6.27 7.98
CA VAL A 33 -14.12 5.13 7.30
C VAL A 33 -14.86 5.61 6.06
N GLU A 34 -14.25 5.45 4.88
CA GLU A 34 -14.86 5.90 3.61
C GLU A 34 -15.03 7.44 3.55
N GLU A 35 -13.95 8.18 3.72
CA GLU A 35 -13.99 9.66 3.69
C GLU A 35 -13.80 10.25 2.28
N ASN A 36 -14.03 9.41 1.26
CA ASN A 36 -13.85 9.77 -0.14
C ASN A 36 -15.17 10.11 -0.83
N ARG A 37 -16.03 10.86 -0.13
CA ARG A 37 -17.38 11.24 -0.59
C ARG A 37 -17.76 12.62 -0.10
N THR A 38 -16.91 13.61 -0.40
CA THR A 38 -17.19 15.03 -0.09
C THR A 38 -18.59 15.46 -0.54
N GLU A 39 -19.06 14.96 -1.70
CA GLU A 39 -20.38 15.26 -2.25
C GLU A 39 -20.66 14.46 -3.54
N ALA A 40 -19.92 14.76 -4.60
CA ALA A 40 -20.08 14.12 -5.91
C ALA A 40 -18.85 13.23 -6.20
N PRO A 41 -19.01 11.89 -6.15
CA PRO A 41 -17.95 10.94 -6.47
C PRO A 41 -17.56 11.00 -7.96
N GLU A 42 -16.71 10.06 -8.37
CA GLU A 42 -16.25 9.96 -9.77
C GLU A 42 -17.04 8.90 -10.56
N GLY A 43 -16.99 7.64 -10.10
CA GLY A 43 -17.70 6.51 -10.72
C GLY A 43 -16.81 5.59 -11.54
N THR A 44 -16.04 6.16 -12.48
CA THR A 44 -15.14 5.36 -13.37
C THR A 44 -13.68 5.84 -13.25
N GLU A 45 -13.28 6.23 -12.05
CA GLU A 45 -11.93 6.75 -11.79
C GLU A 45 -11.52 6.61 -10.33
N SER A 46 -12.47 6.83 -9.41
CA SER A 46 -12.23 6.75 -7.95
C SER A 46 -12.89 5.51 -7.33
N GLU A 47 -14.11 5.18 -7.77
CA GLU A 47 -14.79 3.95 -7.32
C GLU A 47 -14.11 2.69 -7.88
N ALA A 48 -13.56 2.77 -9.09
CA ALA A 48 -12.86 1.66 -9.74
C ALA A 48 -11.48 1.42 -9.14
N VAL A 49 -10.66 2.47 -8.97
CA VAL A 49 -9.34 2.36 -8.33
C VAL A 49 -9.43 1.93 -6.87
N LYS A 50 -10.45 2.42 -6.14
CA LYS A 50 -10.66 2.08 -4.73
C LYS A 50 -11.08 0.63 -4.58
N GLN A 51 -12.01 0.16 -5.42
CA GLN A 51 -12.44 -1.23 -5.40
C GLN A 51 -11.35 -2.18 -5.91
N ALA A 52 -10.57 -1.77 -6.91
CA ALA A 52 -9.45 -2.54 -7.45
C ALA A 52 -8.38 -2.79 -6.39
N LEU A 53 -8.11 -1.78 -5.55
CA LEU A 53 -7.10 -1.88 -4.50
C LEU A 53 -7.43 -3.02 -3.55
N ARG A 54 -8.67 -3.03 -3.06
CA ARG A 54 -9.17 -4.06 -2.14
C ARG A 54 -9.26 -5.42 -2.78
N GLU A 55 -9.53 -5.47 -4.08
CA GLU A 55 -9.56 -6.71 -4.86
C GLU A 55 -8.18 -7.36 -4.92
N ALA A 56 -7.14 -6.55 -5.12
CA ALA A 56 -5.78 -7.07 -5.17
C ALA A 56 -5.26 -7.47 -3.79
N GLY A 57 -5.76 -6.86 -2.72
CA GLY A 57 -5.41 -7.21 -1.33
C GLY A 57 -5.48 -8.72 -1.04
N ASP A 58 -6.51 -9.37 -1.57
CA ASP A 58 -6.78 -10.80 -1.47
C ASP A 58 -6.36 -11.58 -2.74
N GLU A 59 -5.46 -11.01 -3.56
CA GLU A 59 -4.92 -11.63 -4.79
C GLU A 59 -3.63 -12.42 -4.52
N PHE A 60 -2.80 -11.90 -3.59
CA PHE A 60 -1.54 -12.57 -3.22
C PHE A 60 -1.28 -12.54 -1.72
N GLU A 61 -1.31 -11.34 -1.11
CA GLU A 61 -1.04 -11.18 0.33
C GLU A 61 -2.07 -11.95 1.15
N LEU A 62 -3.35 -11.65 0.93
CA LEU A 62 -4.44 -12.35 1.59
C LEU A 62 -4.90 -13.62 0.86
N ARG A 63 -4.13 -14.06 -0.14
CA ARG A 63 -4.47 -15.22 -0.98
C ARG A 63 -3.60 -16.43 -0.72
N TYR A 64 -2.31 -16.19 -0.51
CA TYR A 64 -1.33 -17.21 -0.22
C TYR A 64 -0.61 -16.97 1.11
N ARG A 65 -0.84 -15.80 1.73
CA ARG A 65 -0.15 -15.36 2.94
C ARG A 65 1.35 -15.20 2.70
N ARG A 66 2.01 -14.41 3.56
CA ARG A 66 3.48 -14.35 3.59
C ARG A 66 4.11 -15.71 3.80
N ALA A 67 4.67 -16.28 2.72
CA ALA A 67 5.30 -17.60 2.71
C ALA A 67 4.31 -18.75 3.04
N PHE A 68 3.86 -18.82 4.29
CA PHE A 68 2.93 -19.82 4.81
C PHE A 68 1.87 -19.17 5.70
N SER A 69 2.27 -18.62 6.85
CA SER A 69 1.36 -18.02 7.84
C SER A 69 2.13 -17.23 8.91
N ASP A 70 3.26 -16.65 8.53
CA ASP A 70 4.06 -15.82 9.44
C ASP A 70 3.40 -14.45 9.65
N LEU A 71 3.98 -13.66 10.53
CA LEU A 71 3.56 -12.29 10.81
C LEU A 71 4.75 -11.34 10.69
N THR A 72 4.58 -10.15 11.26
CA THR A 72 5.60 -9.11 11.31
C THR A 72 5.79 -8.57 12.72
N SER A 73 5.09 -9.14 13.72
CA SER A 73 5.25 -8.78 15.12
C SER A 73 6.62 -9.19 15.64
N GLN A 74 6.82 -9.05 16.95
CA GLN A 74 8.04 -9.43 17.67
C GLN A 74 9.15 -8.42 17.50
N LEU A 75 9.32 -7.91 16.27
CA LEU A 75 10.28 -6.88 15.87
C LEU A 75 10.50 -5.88 17.00
N HIS A 76 11.76 -5.61 17.28
CA HIS A 76 12.15 -4.71 18.35
C HIS A 76 13.05 -3.64 17.78
N ILE A 77 12.68 -2.40 18.09
CA ILE A 77 13.35 -1.20 17.61
C ILE A 77 13.34 -0.15 18.71
N THR A 78 14.50 0.03 19.35
CA THR A 78 14.68 1.08 20.35
C THR A 78 14.21 2.47 19.87
N PRO A 79 13.89 3.39 20.81
CA PRO A 79 13.40 4.74 20.53
C PRO A 79 14.48 5.63 19.90
N GLY A 80 14.77 5.42 18.62
CA GLY A 80 15.84 6.13 17.91
C GLY A 80 16.44 5.36 16.76
N THR A 81 16.18 4.06 16.65
CA THR A 81 16.61 3.19 15.54
C THR A 81 15.44 2.64 14.74
N ALA A 82 14.21 2.86 15.19
CA ALA A 82 13.01 2.45 14.47
C ALA A 82 12.91 3.04 13.04
N TYR A 83 13.41 4.25 12.85
CA TYR A 83 13.52 4.89 11.54
C TYR A 83 14.29 4.04 10.51
N GLN A 84 15.24 3.22 10.95
CA GLN A 84 16.02 2.33 10.10
C GLN A 84 15.13 1.36 9.34
N SER A 85 14.10 0.84 10.00
CA SER A 85 13.09 -0.03 9.38
C SER A 85 12.46 0.62 8.16
N PHE A 86 11.98 1.86 8.29
CA PHE A 86 11.43 2.61 7.17
C PHE A 86 12.41 2.78 6.01
N GLU A 87 13.66 3.14 6.30
CA GLU A 87 14.71 3.28 5.28
C GLU A 87 14.96 1.96 4.53
N GLN A 88 14.98 0.84 5.25
CA GLN A 88 15.10 -0.50 4.68
C GLN A 88 13.87 -0.92 3.88
N VAL A 89 12.69 -0.52 4.34
CA VAL A 89 11.42 -0.82 3.67
C VAL A 89 11.45 -0.29 2.26
N VAL A 90 11.66 1.00 2.09
CA VAL A 90 11.72 1.62 0.77
C VAL A 90 12.88 1.08 -0.05
N ASN A 91 14.02 0.76 0.57
CA ASN A 91 15.18 0.19 -0.13
C ASN A 91 14.87 -1.15 -0.83
N GLU A 92 14.31 -2.10 -0.08
CA GLU A 92 13.92 -3.41 -0.60
C GLU A 92 12.66 -3.32 -1.47
N LEU A 93 11.81 -2.33 -1.21
CA LEU A 93 10.63 -2.03 -2.02
C LEU A 93 10.93 -1.18 -3.26
N PHE A 94 12.18 -0.75 -3.45
CA PHE A 94 12.60 0.04 -4.62
C PHE A 94 12.94 -0.85 -5.82
N ARG A 95 12.77 -2.16 -5.68
CA ARG A 95 13.12 -3.14 -6.70
C ARG A 95 12.43 -4.48 -6.56
N ASP A 96 11.32 -4.53 -5.82
CA ASP A 96 10.57 -5.76 -5.48
C ASP A 96 9.26 -5.38 -4.74
N GLY A 97 8.72 -4.17 -4.97
CA GLY A 97 7.53 -3.73 -4.23
C GLY A 97 7.30 -2.25 -4.28
N VAL A 98 7.09 -1.74 -5.48
CA VAL A 98 6.84 -0.32 -5.71
C VAL A 98 5.51 -0.09 -6.42
N ASN A 99 5.16 -0.95 -7.36
CA ASN A 99 3.95 -0.81 -8.17
C ASN A 99 2.71 -1.22 -7.36
N TRP A 100 1.63 -1.59 -8.05
CA TRP A 100 0.44 -2.19 -7.46
C TRP A 100 0.71 -3.28 -6.41
N GLY A 101 1.79 -4.07 -6.60
CA GLY A 101 2.23 -5.09 -5.64
C GLY A 101 2.53 -4.53 -4.24
N ARG A 102 3.17 -3.36 -4.14
CA ARG A 102 3.37 -2.63 -2.88
C ARG A 102 2.05 -2.39 -2.16
N ILE A 103 1.01 -2.02 -2.90
CA ILE A 103 -0.30 -1.73 -2.32
C ILE A 103 -0.95 -2.98 -1.74
N VAL A 104 -0.82 -4.11 -2.45
CA VAL A 104 -1.33 -5.42 -2.01
C VAL A 104 -0.59 -5.91 -0.77
N ALA A 105 0.73 -5.77 -0.76
CA ALA A 105 1.52 -6.22 0.37
C ALA A 105 1.36 -5.30 1.57
N PHE A 106 1.53 -4.00 1.37
CA PHE A 106 1.35 -2.97 2.38
C PHE A 106 -0.04 -3.05 3.04
N PHE A 107 -1.05 -3.54 2.33
CA PHE A 107 -2.38 -3.72 2.90
C PHE A 107 -2.37 -4.60 4.14
N SER A 108 -1.94 -5.86 3.99
CA SER A 108 -1.92 -6.79 5.12
C SER A 108 -0.70 -6.57 6.00
N PHE A 109 0.49 -6.44 5.38
CA PHE A 109 1.74 -6.20 6.09
C PHE A 109 1.69 -4.92 6.89
N GLY A 110 1.50 -3.78 6.22
CA GLY A 110 1.38 -2.48 6.84
C GLY A 110 0.25 -2.41 7.86
N GLY A 111 -0.89 -3.04 7.61
CA GLY A 111 -1.99 -3.13 8.57
C GLY A 111 -1.59 -3.86 9.85
N ALA A 112 -0.99 -5.06 9.74
CA ALA A 112 -0.46 -5.80 10.90
C ALA A 112 0.78 -5.15 11.53
N LEU A 113 1.59 -4.42 10.75
CA LEU A 113 2.76 -3.72 11.24
C LEU A 113 2.34 -2.52 12.07
N CYS A 114 1.30 -1.79 11.66
CA CYS A 114 0.84 -0.60 12.32
C CYS A 114 0.13 -0.90 13.64
N VAL A 115 -0.79 -1.89 13.62
CA VAL A 115 -1.51 -2.38 14.82
C VAL A 115 -0.57 -2.96 15.87
N GLU A 116 0.59 -3.46 15.45
CA GLU A 116 1.60 -4.01 16.35
C GLU A 116 2.64 -2.95 16.75
N SER A 117 2.93 -2.00 15.86
CA SER A 117 3.87 -0.90 16.12
C SER A 117 3.29 0.11 17.07
N VAL A 118 2.02 0.53 16.87
CA VAL A 118 1.31 1.43 17.80
C VAL A 118 1.26 0.87 19.22
N ASP A 119 1.08 -0.43 19.37
CA ASP A 119 1.02 -1.08 20.69
C ASP A 119 2.41 -1.18 21.33
N LYS A 120 3.46 -0.95 20.54
CA LYS A 120 4.87 -0.98 20.95
C LYS A 120 5.60 0.36 20.83
N GLU A 121 4.86 1.40 20.48
CA GLU A 121 5.37 2.75 20.22
C GLU A 121 4.29 3.80 20.48
N MET A 122 3.27 3.49 21.30
CA MET A 122 2.15 4.38 21.57
C MET A 122 1.36 4.80 20.31
N GLN A 123 0.43 5.74 20.48
CA GLN A 123 -0.31 6.34 19.35
C GLN A 123 0.49 7.38 18.55
N VAL A 124 1.78 7.53 18.83
CA VAL A 124 2.65 8.50 18.16
C VAL A 124 3.28 7.93 16.89
N LEU A 125 3.33 6.60 16.78
CA LEU A 125 3.96 5.92 15.65
C LEU A 125 3.00 5.72 14.49
N VAL A 126 1.80 5.21 14.78
CA VAL A 126 0.71 5.06 13.80
C VAL A 126 0.43 6.35 13.05
N SER A 127 0.42 7.47 13.78
CA SER A 127 0.17 8.80 13.21
C SER A 127 1.27 9.21 12.23
N ARG A 128 2.51 8.79 12.50
CA ARG A 128 3.65 8.95 11.61
C ARG A 128 3.51 8.09 10.37
N ILE A 129 3.23 6.79 10.51
CA ILE A 129 3.11 5.86 9.38
C ILE A 129 2.11 6.37 8.35
N ALA A 130 0.97 6.89 8.80
CA ALA A 130 -0.05 7.42 7.91
C ALA A 130 0.49 8.53 6.99
N ALA A 131 1.26 9.46 7.54
CA ALA A 131 1.92 10.49 6.75
C ALA A 131 3.11 9.95 5.97
N TRP A 132 3.87 9.00 6.52
CA TRP A 132 5.01 8.36 5.85
C TRP A 132 4.58 7.64 4.59
N MET A 133 3.42 6.99 4.58
CA MET A 133 2.91 6.27 3.42
C MET A 133 2.81 7.17 2.19
N ALA A 134 2.19 8.35 2.34
CA ALA A 134 2.07 9.34 1.28
C ALA A 134 3.36 10.11 1.06
N THR A 135 4.05 10.50 2.14
CA THR A 135 5.34 11.22 2.06
C THR A 135 6.36 10.44 1.25
N TYR A 136 6.47 9.12 1.46
CA TYR A 136 7.37 8.24 0.73
C TYR A 136 6.92 8.02 -0.71
N LEU A 137 5.62 7.76 -0.91
CA LEU A 137 5.07 7.61 -2.26
C LEU A 137 5.32 8.86 -3.12
N ASN A 138 5.11 10.03 -2.54
CA ASN A 138 5.34 11.28 -3.24
C ASN A 138 6.82 11.63 -3.39
N ASP A 139 7.64 11.28 -2.38
CA ASP A 139 9.09 11.51 -2.36
C ASP A 139 9.74 10.98 -3.64
N HIS A 140 9.53 9.69 -3.92
CA HIS A 140 10.10 9.01 -5.09
C HIS A 140 9.35 7.73 -5.45
N LEU A 141 8.10 7.88 -5.87
CA LEU A 141 7.26 6.72 -6.21
C LEU A 141 6.10 7.09 -7.13
N GLU A 142 5.46 8.24 -6.93
CA GLU A 142 4.42 8.80 -7.80
C GLU A 142 4.89 8.87 -9.27
N PRO A 143 5.99 9.58 -9.58
CA PRO A 143 6.51 9.64 -10.94
C PRO A 143 7.13 8.32 -11.39
N TRP A 144 7.48 7.42 -10.47
CA TRP A 144 8.08 6.13 -10.82
C TRP A 144 7.04 5.13 -11.32
N ILE A 145 6.05 4.82 -10.49
CA ILE A 145 4.97 3.89 -10.83
C ILE A 145 4.12 4.44 -11.97
N GLN A 146 3.92 5.76 -12.02
CA GLN A 146 3.15 6.40 -13.08
C GLN A 146 3.89 6.33 -14.41
N GLU A 147 5.20 6.60 -14.43
CA GLU A 147 6.02 6.52 -15.65
C GLU A 147 6.13 5.08 -16.16
N ASN A 148 6.06 4.10 -15.26
CA ASN A 148 6.09 2.69 -15.61
C ASN A 148 4.70 2.13 -16.01
N GLY A 149 3.70 3.00 -16.22
CA GLY A 149 2.32 2.60 -16.51
C GLY A 149 1.70 1.71 -15.44
N GLY A 150 2.20 1.78 -14.20
CA GLY A 150 1.85 0.88 -13.12
C GLY A 150 0.40 0.97 -12.68
N TRP A 151 -0.04 2.20 -12.40
CA TRP A 151 -1.45 2.51 -12.15
C TRP A 151 -2.37 2.10 -13.31
N ASP A 152 -1.88 2.22 -14.56
CA ASP A 152 -2.61 1.78 -15.76
C ASP A 152 -2.77 0.27 -15.85
N THR A 153 -1.77 -0.49 -15.37
CA THR A 153 -1.88 -1.95 -15.25
C THR A 153 -2.88 -2.37 -14.18
N PHE A 154 -3.05 -1.59 -13.12
CA PHE A 154 -3.95 -1.93 -12.03
C PHE A 154 -5.42 -1.63 -12.33
N VAL A 155 -5.70 -0.42 -12.84
CA VAL A 155 -7.03 -0.04 -13.31
C VAL A 155 -7.55 -0.96 -14.41
N GLU A 156 -6.67 -1.47 -15.28
CA GLU A 156 -7.06 -2.45 -16.29
C GLU A 156 -7.16 -3.87 -15.74
N LEU A 157 -6.50 -4.17 -14.62
CA LEU A 157 -6.53 -5.51 -13.99
C LEU A 157 -7.94 -5.84 -13.53
N TYR A 158 -8.49 -4.98 -12.67
CA TYR A 158 -9.83 -5.17 -12.12
C TYR A 158 -10.90 -4.46 -12.94
N GLY A 159 -10.54 -3.39 -13.66
CA GLY A 159 -11.45 -2.66 -14.51
C GLY A 159 -11.60 -3.27 -15.90
N ASN A 160 -10.70 -4.17 -16.30
CA ASN A 160 -10.68 -4.82 -17.61
C ASN A 160 -10.61 -3.82 -18.79
N ASN A 161 -10.14 -2.60 -18.51
CA ASN A 161 -10.06 -1.49 -19.47
C ASN A 161 -8.73 -1.49 -20.25
N ALA A 162 -8.07 -2.64 -20.35
CA ALA A 162 -6.78 -2.78 -21.04
C ALA A 162 -6.89 -2.46 -22.55
N ALA A 163 -8.09 -2.66 -23.10
CA ALA A 163 -8.42 -2.31 -24.47
C ALA A 163 -9.10 -0.94 -24.56
N ALA A 164 -8.73 0.02 -23.70
CA ALA A 164 -9.29 1.38 -23.73
C ALA A 164 -9.19 2.03 -25.12
N GLU A 165 -8.16 1.66 -25.90
CA GLU A 165 -7.92 2.16 -27.26
C GLU A 165 -7.64 3.68 -27.27
N SER A 166 -7.20 4.21 -26.13
CA SER A 166 -7.00 5.65 -25.92
C SER A 166 -5.91 5.94 -24.90
N ARG A 167 -5.02 4.95 -24.68
CA ARG A 167 -3.89 5.01 -23.73
C ARG A 167 -2.53 4.90 -24.39
N LYS A 168 -2.46 4.19 -25.51
CA LYS A 168 -1.24 4.07 -26.32
C LYS A 168 -0.74 5.43 -26.81
N GLY A 169 -1.63 6.22 -27.40
CA GLY A 169 -1.30 7.52 -27.98
C GLY A 169 -1.27 7.53 -29.51
N GLN A 170 -1.91 6.55 -30.15
CA GLN A 170 -1.99 6.45 -31.61
C GLN A 170 -3.14 7.27 -32.23
N GLU A 171 -3.71 8.20 -31.46
CA GLU A 171 -4.87 9.00 -31.88
C GLU A 171 -4.43 10.35 -32.51
N ARG A 172 -3.29 10.87 -32.03
CA ARG A 172 -2.69 12.13 -32.51
C ARG A 172 -1.22 12.28 -32.14
N LEU A 173 -0.85 11.89 -30.91
CA LEU A 173 0.55 11.92 -30.47
C LEU A 173 1.50 11.16 -31.42
N GLU A 174 0.99 10.10 -32.06
CA GLU A 174 1.72 9.30 -33.04
C GLU A 174 2.38 10.15 -34.15
N GLU B 1 17.70 -4.62 18.34
CA GLU B 1 16.84 -3.45 18.56
C GLU B 1 16.75 -2.57 17.30
N GLU B 2 17.00 -3.16 16.15
CA GLU B 2 17.09 -2.51 14.82
C GLU B 2 17.43 -3.51 13.71
N GLN B 3 18.19 -4.56 14.02
CA GLN B 3 18.54 -5.59 13.05
C GLN B 3 17.32 -6.29 12.42
N TRP B 4 16.18 -6.25 13.12
CA TRP B 4 14.90 -6.73 12.64
C TRP B 4 14.40 -5.98 11.40
N ALA B 5 14.82 -4.73 11.18
CA ALA B 5 14.49 -3.95 9.98
C ALA B 5 14.76 -4.69 8.66
N ARG B 6 15.73 -5.60 8.67
CA ARG B 6 16.01 -6.51 7.54
C ARG B 6 14.78 -7.27 7.08
N GLU B 7 13.90 -7.68 7.99
CA GLU B 7 12.63 -8.33 7.69
C GLU B 7 11.50 -7.35 7.40
N ILE B 8 11.50 -6.18 8.05
CA ILE B 8 10.51 -5.12 7.78
C ILE B 8 10.55 -4.67 6.32
N GLY B 9 11.70 -4.73 5.65
CA GLY B 9 11.80 -4.43 4.23
C GLY B 9 11.79 -5.67 3.35
N ALA B 10 12.36 -6.79 3.82
CA ALA B 10 12.43 -8.03 3.05
C ALA B 10 11.09 -8.78 2.98
N GLN B 11 10.52 -9.11 4.13
CA GLN B 11 9.22 -9.78 4.23
C GLN B 11 8.10 -8.96 3.60
N LEU B 12 8.21 -7.62 3.63
CA LEU B 12 7.25 -6.71 2.99
C LEU B 12 7.34 -6.73 1.48
N ARG B 13 8.57 -6.61 0.95
CA ARG B 13 8.82 -6.72 -0.48
C ARG B 13 8.48 -8.10 -1.03
N ARG B 14 8.33 -9.11 -0.17
CA ARG B 14 8.03 -10.48 -0.59
C ARG B 14 6.83 -10.57 -1.52
N MET B 15 5.65 -10.20 -1.00
CA MET B 15 4.42 -10.18 -1.80
C MET B 15 4.39 -8.95 -2.70
N ALA B 16 4.95 -7.83 -2.25
CA ALA B 16 4.98 -6.64 -3.10
C ALA B 16 5.74 -6.84 -4.41
N ASP B 17 6.65 -7.82 -4.46
CA ASP B 17 7.44 -8.27 -5.63
C ASP B 17 6.55 -8.82 -6.75
N ASP B 18 5.28 -9.08 -6.44
CA ASP B 18 4.27 -9.40 -7.45
C ASP B 18 4.14 -8.33 -8.53
N LEU B 19 4.58 -7.10 -8.28
CA LEU B 19 4.70 -6.07 -9.31
C LEU B 19 5.37 -6.55 -10.61
N ASN B 20 6.38 -7.41 -10.50
CA ASN B 20 7.14 -7.95 -11.63
C ASN B 20 6.23 -8.68 -12.61
N ALA B 21 5.20 -9.37 -12.11
CA ALA B 21 4.16 -10.00 -12.91
C ALA B 21 3.44 -9.02 -13.84
N GLN B 22 3.49 -7.70 -13.54
CA GLN B 22 2.91 -6.66 -14.38
C GLN B 22 1.43 -6.92 -14.63
N TYR B 23 0.62 -6.83 -13.58
CA TYR B 23 -0.82 -7.14 -13.60
C TYR B 23 -1.12 -8.65 -13.70
N GLU B 24 -0.43 -9.34 -14.61
CA GLU B 24 -0.60 -10.75 -14.92
C GLU B 24 -0.16 -11.62 -13.74
N ARG B 25 -1.10 -11.87 -12.83
CA ARG B 25 -0.82 -12.65 -11.62
C ARG B 25 -1.92 -13.66 -11.30
N MET A 1 7.26 21.00 -4.98
CA MET A 1 7.17 19.96 -6.01
C MET A 1 5.75 19.47 -6.06
N SER A 2 4.97 20.00 -7.00
CA SER A 2 3.59 19.54 -7.25
C SER A 2 3.53 18.02 -7.34
N ALA A 3 2.78 17.40 -6.42
CA ALA A 3 2.62 15.95 -6.33
C ALA A 3 1.13 15.60 -6.28
N MET A 4 0.70 14.68 -7.12
CA MET A 4 -0.68 14.16 -7.18
C MET A 4 -0.91 13.03 -6.18
N SER A 5 -0.56 13.24 -4.92
CA SER A 5 -0.69 12.23 -3.85
C SER A 5 -1.92 12.48 -2.98
N GLN A 6 -2.98 13.07 -3.55
CA GLN A 6 -4.20 13.42 -2.82
C GLN A 6 -5.09 12.19 -2.57
N SER A 7 -5.42 11.46 -3.66
CA SER A 7 -6.21 10.24 -3.56
C SER A 7 -5.48 9.14 -2.78
N ASN A 8 -4.15 9.07 -2.92
CA ASN A 8 -3.32 8.15 -2.16
C ASN A 8 -3.28 8.48 -0.66
N ARG A 9 -3.31 9.77 -0.32
CA ARG A 9 -3.31 10.22 1.07
C ARG A 9 -4.51 9.66 1.80
N GLU A 10 -5.73 9.92 1.33
CA GLU A 10 -6.94 9.41 1.97
C GLU A 10 -7.15 7.91 1.73
N LEU A 11 -6.59 7.36 0.65
CA LEU A 11 -6.66 5.94 0.35
C LEU A 11 -6.11 5.10 1.50
N VAL A 12 -4.92 5.44 1.99
CA VAL A 12 -4.35 4.73 3.13
C VAL A 12 -5.07 5.09 4.41
N VAL A 13 -5.52 6.34 4.59
CA VAL A 13 -6.20 6.75 5.82
C VAL A 13 -7.50 5.99 6.05
N ASP A 14 -8.23 5.74 4.97
CA ASP A 14 -9.49 5.00 4.99
C ASP A 14 -9.27 3.48 5.12
N PHE A 15 -8.21 2.99 4.47
CA PHE A 15 -7.85 1.57 4.54
C PHE A 15 -7.33 1.16 5.91
N LEU A 16 -6.36 1.92 6.43
CA LEU A 16 -5.81 1.70 7.76
C LEU A 16 -6.91 1.77 8.80
N SER A 17 -7.89 2.67 8.62
CA SER A 17 -9.05 2.75 9.49
C SER A 17 -9.89 1.46 9.49
N TYR A 18 -10.05 0.82 8.33
CA TYR A 18 -10.84 -0.40 8.22
C TYR A 18 -10.13 -1.62 8.85
N LYS A 19 -8.83 -1.75 8.59
CA LYS A 19 -8.01 -2.83 9.15
C LYS A 19 -7.85 -2.70 10.67
N LEU A 20 -7.47 -1.52 11.14
CA LEU A 20 -7.33 -1.22 12.58
C LEU A 20 -8.69 -1.23 13.31
N SER A 21 -9.79 -1.01 12.57
CA SER A 21 -11.15 -1.06 13.11
C SER A 21 -11.48 -2.41 13.72
N GLN A 22 -10.83 -3.48 13.25
CA GLN A 22 -10.97 -4.82 13.82
C GLN A 22 -10.53 -4.90 15.29
N LYS A 23 -9.61 -4.02 15.70
CA LYS A 23 -9.15 -3.91 17.09
C LYS A 23 -9.99 -2.94 17.90
N GLY A 24 -10.25 -1.76 17.34
CA GLY A 24 -11.03 -0.71 18.02
C GLY A 24 -10.44 0.68 17.89
N TYR A 25 -9.83 1.01 16.75
CA TYR A 25 -9.22 2.31 16.52
C TYR A 25 -9.04 2.52 15.02
N SER A 26 -9.10 3.76 14.57
CA SER A 26 -8.93 4.12 13.16
C SER A 26 -8.39 5.52 13.07
N TRP A 27 -7.55 5.80 12.07
CA TRP A 27 -7.00 7.14 11.84
C TRP A 27 -8.10 8.20 11.65
N SER A 28 -9.17 7.81 10.96
CA SER A 28 -10.36 8.63 10.72
C SER A 28 -11.22 8.80 11.98
N GLN A 29 -11.10 7.87 12.94
CA GLN A 29 -11.84 7.89 14.20
C GLN A 29 -13.35 7.80 13.97
N PHE A 30 -13.81 6.66 13.41
CA PHE A 30 -15.24 6.49 13.09
C PHE A 30 -15.76 7.50 12.04
N SER A 31 -14.92 7.81 11.05
CA SER A 31 -15.23 8.76 9.98
C SER A 31 -15.01 8.10 8.62
N ASP A 32 -15.29 8.84 7.55
CA ASP A 32 -15.18 8.38 6.16
C ASP A 32 -14.74 9.55 5.24
N VAL A 33 -13.58 10.13 5.56
CA VAL A 33 -12.99 11.21 4.74
C VAL A 33 -13.94 12.42 4.63
N GLU A 34 -14.19 13.05 5.77
CA GLU A 34 -15.15 14.16 5.85
C GLU A 34 -14.60 15.28 6.74
N GLU A 35 -13.31 15.62 6.57
CA GLU A 35 -12.68 16.69 7.35
C GLU A 35 -13.48 18.00 7.32
N ASN A 36 -14.08 18.30 6.18
CA ASN A 36 -14.93 19.47 5.97
C ASN A 36 -16.22 19.16 5.22
N ARG A 37 -16.07 18.53 4.04
CA ARG A 37 -17.19 18.17 3.16
C ARG A 37 -16.86 17.10 2.13
N THR A 38 -15.75 16.38 2.35
CA THR A 38 -15.27 15.31 1.45
C THR A 38 -14.67 15.89 0.16
N GLU A 39 -13.39 16.24 0.21
CA GLU A 39 -12.73 16.83 -0.96
C GLU A 39 -12.72 15.87 -2.16
N ALA A 40 -12.53 14.58 -1.90
CA ALA A 40 -12.53 13.55 -2.91
C ALA A 40 -13.97 13.24 -3.40
N PRO A 41 -14.12 12.60 -4.57
CA PRO A 41 -15.43 12.21 -5.09
C PRO A 41 -16.08 11.05 -4.33
N GLU A 42 -15.26 10.07 -3.91
CA GLU A 42 -15.73 8.90 -3.16
C GLU A 42 -16.90 8.15 -3.84
N GLY A 43 -16.75 7.93 -5.15
CA GLY A 43 -17.80 7.29 -5.93
C GLY A 43 -17.31 6.76 -7.27
N THR A 44 -16.39 7.49 -7.92
CA THR A 44 -15.89 7.13 -9.27
C THR A 44 -14.40 7.37 -9.42
N GLU A 45 -13.67 7.39 -8.30
CA GLU A 45 -12.23 7.67 -8.28
C GLU A 45 -11.57 7.21 -6.98
N SER A 46 -12.27 7.35 -5.85
CA SER A 46 -11.81 6.91 -4.52
C SER A 46 -12.45 5.59 -4.12
N GLU A 47 -13.75 5.42 -4.34
CA GLU A 47 -14.41 4.14 -4.02
C GLU A 47 -13.96 3.01 -4.96
N ALA A 48 -13.68 3.34 -6.23
CA ALA A 48 -13.21 2.38 -7.23
C ALA A 48 -11.77 1.92 -6.95
N VAL A 49 -10.88 2.86 -6.61
CA VAL A 49 -9.49 2.55 -6.26
C VAL A 49 -9.39 1.88 -4.91
N LYS A 50 -10.17 2.33 -3.91
CA LYS A 50 -10.18 1.73 -2.57
C LYS A 50 -10.80 0.34 -2.57
N GLN A 51 -11.69 0.04 -3.50
CA GLN A 51 -12.30 -1.29 -3.62
C GLN A 51 -11.36 -2.28 -4.29
N ALA A 52 -10.74 -1.88 -5.40
CA ALA A 52 -9.80 -2.75 -6.12
C ALA A 52 -8.49 -2.95 -5.36
N LEU A 53 -8.10 -1.96 -4.53
CA LEU A 53 -6.86 -2.05 -3.74
C LEU A 53 -6.83 -3.30 -2.88
N ARG A 54 -7.93 -3.54 -2.16
CA ARG A 54 -8.07 -4.72 -1.33
C ARG A 54 -8.28 -5.96 -2.18
N GLU A 55 -9.15 -5.85 -3.19
CA GLU A 55 -9.51 -6.94 -4.09
C GLU A 55 -8.30 -7.59 -4.76
N ALA A 56 -7.52 -6.77 -5.47
CA ALA A 56 -6.29 -7.23 -6.09
C ALA A 56 -5.19 -7.46 -5.06
N GLY A 57 -5.21 -6.68 -3.97
CA GLY A 57 -4.22 -6.77 -2.89
C GLY A 57 -4.10 -8.19 -2.32
N ASP A 58 -5.23 -8.82 -2.02
CA ASP A 58 -5.29 -10.22 -1.63
C ASP A 58 -5.32 -11.22 -2.80
N GLU A 59 -5.38 -10.73 -4.04
CA GLU A 59 -5.32 -11.55 -5.25
C GLU A 59 -3.89 -11.88 -5.71
N PHE A 60 -2.89 -11.39 -4.98
CA PHE A 60 -1.47 -11.61 -5.32
C PHE A 60 -0.88 -12.75 -4.48
N GLU A 61 -0.51 -12.44 -3.24
CA GLU A 61 0.10 -13.43 -2.32
C GLU A 61 -0.74 -13.61 -1.06
N LEU A 62 -1.45 -12.55 -0.63
CA LEU A 62 -2.34 -12.54 0.52
C LEU A 62 -3.62 -13.36 0.30
N ARG A 63 -3.45 -14.68 0.23
CA ARG A 63 -4.56 -15.62 0.00
C ARG A 63 -4.15 -17.06 0.21
N TYR A 64 -3.01 -17.43 -0.38
CA TYR A 64 -2.50 -18.81 -0.35
C TYR A 64 -0.98 -18.87 -0.48
N ARG A 65 -0.31 -17.73 -0.30
CA ARG A 65 1.14 -17.60 -0.46
C ARG A 65 1.70 -16.38 0.29
N ARG A 66 1.14 -16.12 1.48
CA ARG A 66 1.62 -15.03 2.33
C ARG A 66 3.14 -15.08 2.50
N ALA A 67 3.75 -13.91 2.42
CA ALA A 67 5.20 -13.75 2.51
C ALA A 67 5.76 -14.28 3.83
N PHE A 68 6.19 -15.54 3.90
CA PHE A 68 6.59 -16.13 5.18
C PHE A 68 5.52 -16.02 6.29
N SER A 69 5.91 -16.26 7.53
CA SER A 69 5.04 -16.19 8.71
C SER A 69 5.55 -15.21 9.79
N ASP A 70 6.36 -14.23 9.39
CA ASP A 70 7.06 -13.29 10.29
C ASP A 70 6.80 -11.83 9.88
N LEU A 71 5.53 -11.44 9.76
CA LEU A 71 5.13 -10.12 9.26
C LEU A 71 4.01 -9.47 10.08
N THR A 72 3.98 -9.74 11.38
CA THR A 72 2.86 -9.37 12.27
C THR A 72 3.14 -9.75 13.73
N SER A 73 3.72 -10.93 13.92
CA SER A 73 4.11 -11.38 15.26
C SER A 73 5.32 -10.58 15.74
N GLN A 74 5.54 -10.58 17.06
CA GLN A 74 6.65 -9.89 17.72
C GLN A 74 6.63 -8.38 17.49
N LEU A 75 7.08 -7.94 16.31
CA LEU A 75 7.15 -6.54 15.92
C LEU A 75 7.80 -5.68 17.02
N HIS A 76 9.02 -6.07 17.40
CA HIS A 76 9.76 -5.36 18.44
C HIS A 76 11.08 -4.86 17.88
N ILE A 77 11.36 -3.59 18.11
CA ILE A 77 12.57 -2.92 17.64
C ILE A 77 12.94 -1.77 18.58
N THR A 78 14.05 -1.13 18.27
CA THR A 78 14.56 0.02 19.03
C THR A 78 13.73 1.28 18.75
N PRO A 79 13.79 2.28 19.64
CA PRO A 79 13.13 3.58 19.46
C PRO A 79 13.76 4.44 18.34
N GLY A 80 14.88 4.01 17.76
CA GLY A 80 15.58 4.69 16.68
C GLY A 80 15.67 3.87 15.39
N THR A 81 15.25 2.61 15.43
CA THR A 81 15.21 1.72 14.26
C THR A 81 13.99 1.96 13.39
N ALA A 82 12.93 2.54 13.95
CA ALA A 82 11.73 2.88 13.17
C ALA A 82 12.04 3.68 11.89
N TYR A 83 13.06 4.53 11.92
CA TYR A 83 13.52 5.25 10.74
C TYR A 83 14.41 4.41 9.81
N GLN A 84 15.28 3.57 10.39
CA GLN A 84 16.18 2.72 9.63
C GLN A 84 15.43 1.63 8.86
N SER A 85 14.41 1.05 9.50
CA SER A 85 13.53 0.08 8.87
C SER A 85 12.87 0.62 7.62
N PHE A 86 12.39 1.87 7.66
CA PHE A 86 11.82 2.57 6.51
C PHE A 86 12.80 2.68 5.34
N GLU A 87 14.04 3.11 5.59
CA GLU A 87 15.05 3.25 4.55
C GLU A 87 15.29 1.92 3.82
N GLN A 88 15.31 0.82 4.57
CA GLN A 88 15.38 -0.54 4.01
C GLN A 88 14.13 -0.93 3.24
N VAL A 89 12.94 -0.54 3.70
CA VAL A 89 11.68 -0.81 3.00
C VAL A 89 11.75 -0.35 1.56
N VAL A 90 11.98 0.95 1.35
CA VAL A 90 12.00 1.54 0.02
C VAL A 90 13.16 0.97 -0.81
N ASN A 91 14.29 0.67 -0.17
CA ASN A 91 15.46 0.08 -0.83
C ASN A 91 15.15 -1.31 -1.40
N GLU A 92 14.62 -2.20 -0.55
CA GLU A 92 14.24 -3.55 -0.94
C GLU A 92 13.09 -3.53 -1.94
N LEU A 93 12.09 -2.67 -1.75
CA LEU A 93 10.98 -2.51 -2.70
C LEU A 93 11.42 -2.02 -4.06
N PHE A 94 12.56 -1.32 -4.12
CA PHE A 94 13.16 -0.87 -5.36
C PHE A 94 14.10 -1.91 -5.99
N ARG A 95 14.06 -3.16 -5.53
CA ARG A 95 14.86 -4.26 -6.09
C ARG A 95 14.24 -4.88 -7.34
N ASP A 96 12.98 -4.55 -7.61
CA ASP A 96 12.22 -5.09 -8.73
C ASP A 96 11.47 -3.97 -9.48
N GLY A 97 11.63 -2.71 -9.04
CA GLY A 97 11.02 -1.54 -9.66
C GLY A 97 9.73 -1.12 -8.97
N VAL A 98 9.82 -0.38 -7.86
CA VAL A 98 8.67 0.17 -7.11
C VAL A 98 7.40 0.38 -7.95
N ASN A 99 6.45 -0.54 -7.82
CA ASN A 99 5.23 -0.55 -8.62
C ASN A 99 4.01 -0.86 -7.76
N TRP A 100 2.89 -1.25 -8.38
CA TRP A 100 1.69 -1.69 -7.67
C TRP A 100 1.96 -2.70 -6.55
N GLY A 101 2.97 -3.56 -6.73
CA GLY A 101 3.41 -4.48 -5.69
C GLY A 101 3.76 -3.79 -4.36
N ARG A 102 4.46 -2.66 -4.41
CA ARG A 102 4.78 -1.85 -3.22
C ARG A 102 3.53 -1.43 -2.45
N ILE A 103 2.43 -1.17 -3.16
CA ILE A 103 1.17 -0.73 -2.58
C ILE A 103 0.50 -1.88 -1.82
N VAL A 104 0.34 -3.04 -2.45
CA VAL A 104 -0.27 -4.22 -1.82
C VAL A 104 0.53 -4.69 -0.61
N ALA A 105 1.85 -4.53 -0.67
CA ALA A 105 2.71 -4.95 0.42
C ALA A 105 2.57 -4.01 1.62
N PHE A 106 2.56 -2.71 1.35
CA PHE A 106 2.35 -1.70 2.39
C PHE A 106 0.95 -1.79 3.02
N PHE A 107 -0.03 -2.35 2.31
CA PHE A 107 -1.37 -2.53 2.84
C PHE A 107 -1.40 -3.62 3.92
N SER A 108 -1.18 -4.88 3.52
CA SER A 108 -1.26 -6.01 4.44
C SER A 108 -0.24 -5.90 5.56
N PHE A 109 1.01 -5.61 5.20
CA PHE A 109 2.09 -5.38 6.15
C PHE A 109 1.88 -4.12 6.98
N GLY A 110 1.19 -3.12 6.43
CA GLY A 110 0.89 -1.86 7.10
C GLY A 110 0.03 -2.07 8.33
N GLY A 111 -1.10 -2.75 8.17
CA GLY A 111 -1.93 -3.10 9.31
C GLY A 111 -1.32 -4.17 10.21
N ALA A 112 -0.43 -5.02 9.69
CA ALA A 112 0.24 -6.06 10.46
C ALA A 112 1.31 -5.53 11.43
N LEU A 113 1.95 -4.41 11.08
CA LEU A 113 2.90 -3.72 11.92
C LEU A 113 2.25 -2.55 12.65
N CYS A 114 1.20 -1.95 12.09
CA CYS A 114 0.55 -0.78 12.66
C CYS A 114 -0.20 -1.13 13.93
N VAL A 115 -1.02 -2.20 13.92
CA VAL A 115 -1.75 -2.69 15.11
C VAL A 115 -0.82 -3.02 16.28
N GLU A 116 0.42 -3.39 15.99
CA GLU A 116 1.43 -3.75 16.98
C GLU A 116 2.30 -2.54 17.34
N SER A 117 2.52 -1.62 16.40
CA SER A 117 3.30 -0.39 16.60
C SER A 117 2.50 0.62 17.40
N VAL A 118 1.27 0.94 17.01
CA VAL A 118 0.38 1.83 17.79
C VAL A 118 0.16 1.33 19.22
N ASP A 119 0.00 0.03 19.41
CA ASP A 119 -0.17 -0.56 20.75
C ASP A 119 1.13 -0.56 21.57
N LYS A 120 2.27 -0.32 20.91
CA LYS A 120 3.58 -0.22 21.54
C LYS A 120 4.19 1.17 21.47
N GLU A 121 3.46 2.16 20.96
CA GLU A 121 3.93 3.54 20.73
C GLU A 121 2.79 4.56 20.76
N MET A 122 1.67 4.19 21.40
CA MET A 122 0.47 5.01 21.46
C MET A 122 -0.10 5.32 20.06
N GLN A 123 -1.10 6.19 20.02
CA GLN A 123 -1.66 6.69 18.77
C GLN A 123 -0.78 7.74 18.06
N VAL A 124 0.45 7.97 18.52
CA VAL A 124 1.35 8.98 17.96
C VAL A 124 2.17 8.36 16.82
N LEU A 125 2.37 7.04 16.83
CA LEU A 125 3.17 6.36 15.82
C LEU A 125 2.39 6.17 14.52
N VAL A 126 1.23 5.53 14.60
CA VAL A 126 0.36 5.31 13.44
C VAL A 126 0.03 6.60 12.70
N SER A 127 -0.20 7.68 13.47
CA SER A 127 -0.54 9.00 12.94
C SER A 127 0.62 9.59 12.14
N ARG A 128 1.84 9.22 12.52
CA ARG A 128 3.05 9.53 11.78
C ARG A 128 3.18 8.68 10.52
N ILE A 129 2.91 7.37 10.59
CA ILE A 129 3.02 6.46 9.43
C ILE A 129 2.10 6.90 8.29
N ALA A 130 0.88 7.32 8.60
CA ALA A 130 -0.09 7.74 7.58
C ALA A 130 0.42 8.92 6.73
N ALA A 131 1.04 9.92 7.37
CA ALA A 131 1.68 11.03 6.67
C ALA A 131 3.07 10.66 6.10
N TRP A 132 3.80 9.79 6.79
CA TRP A 132 5.13 9.35 6.39
C TRP A 132 5.12 8.59 5.09
N MET A 133 4.23 7.61 4.97
CA MET A 133 4.02 6.86 3.74
C MET A 133 3.80 7.80 2.55
N ALA A 134 3.10 8.90 2.77
CA ALA A 134 2.80 9.89 1.72
C ALA A 134 4.03 10.67 1.29
N THR A 135 4.85 11.05 2.26
CA THR A 135 6.13 11.73 1.97
C THR A 135 7.02 10.86 1.11
N TYR A 136 7.07 9.55 1.36
CA TYR A 136 7.92 8.61 0.60
C TYR A 136 7.39 8.36 -0.80
N LEU A 137 6.06 8.28 -0.93
CA LEU A 137 5.41 8.15 -2.23
C LEU A 137 5.78 9.31 -3.16
N ASN A 138 5.77 10.54 -2.66
CA ASN A 138 6.16 11.69 -3.46
C ASN A 138 7.68 11.74 -3.68
N ASP A 139 8.49 11.35 -2.68
CA ASP A 139 9.95 11.39 -2.73
C ASP A 139 10.51 10.71 -4.00
N HIS A 140 10.07 9.47 -4.23
CA HIS A 140 10.47 8.66 -5.39
C HIS A 140 9.54 7.48 -5.63
N LEU A 141 8.27 7.75 -5.92
CA LEU A 141 7.27 6.71 -6.19
C LEU A 141 6.16 7.18 -7.11
N GLU A 142 5.67 8.40 -6.95
CA GLU A 142 4.67 9.03 -7.83
C GLU A 142 5.12 9.06 -9.29
N PRO A 143 6.28 9.66 -9.60
CA PRO A 143 6.80 9.70 -10.96
C PRO A 143 7.29 8.34 -11.43
N TRP A 144 7.63 7.44 -10.49
CA TRP A 144 8.18 6.12 -10.80
C TRP A 144 7.09 5.15 -11.20
N ILE A 145 6.08 4.97 -10.35
CA ILE A 145 4.93 4.10 -10.63
C ILE A 145 4.16 4.54 -11.88
N GLN A 146 4.11 5.86 -12.13
CA GLN A 146 3.46 6.42 -13.31
C GLN A 146 4.24 6.11 -14.58
N GLU A 147 5.55 6.36 -14.59
CA GLU A 147 6.42 6.05 -15.73
C GLU A 147 6.71 4.55 -15.88
N ASN A 148 6.32 3.75 -14.90
CA ASN A 148 6.45 2.30 -14.90
C ASN A 148 5.09 1.61 -15.14
N GLY A 149 3.99 2.38 -15.26
CA GLY A 149 2.67 1.81 -15.47
C GLY A 149 2.22 0.93 -14.31
N GLY A 150 1.75 1.54 -13.22
CA GLY A 150 1.32 0.79 -12.03
C GLY A 150 -0.14 0.95 -11.70
N TRP A 151 -0.58 2.18 -11.48
CA TRP A 151 -2.01 2.41 -11.25
C TRP A 151 -2.89 2.00 -12.45
N ASP A 152 -2.42 2.22 -13.67
CA ASP A 152 -3.10 1.77 -14.89
C ASP A 152 -3.27 0.23 -14.95
N THR A 153 -2.45 -0.50 -14.21
CA THR A 153 -2.57 -1.96 -14.12
C THR A 153 -3.63 -2.36 -13.11
N PHE A 154 -3.72 -1.68 -11.97
CA PHE A 154 -4.71 -1.98 -10.94
C PHE A 154 -6.15 -1.75 -11.46
N VAL A 155 -6.33 -0.67 -12.22
CA VAL A 155 -7.62 -0.31 -12.82
C VAL A 155 -8.00 -1.23 -13.97
N GLU A 156 -7.03 -1.69 -14.75
CA GLU A 156 -7.27 -2.69 -15.81
C GLU A 156 -7.37 -4.12 -15.26
N LEU A 157 -6.92 -4.36 -14.04
CA LEU A 157 -6.96 -5.68 -13.42
C LEU A 157 -8.34 -5.96 -12.85
N TYR A 158 -8.89 -5.00 -12.09
CA TYR A 158 -10.20 -5.15 -11.47
C TYR A 158 -11.31 -4.41 -12.24
N GLY A 159 -10.94 -3.70 -13.30
CA GLY A 159 -11.86 -2.92 -14.12
C GLY A 159 -11.82 -3.31 -15.59
N ASN A 160 -10.69 -3.85 -16.08
CA ASN A 160 -10.51 -4.25 -17.48
C ASN A 160 -10.77 -3.09 -18.46
N ASN A 161 -10.67 -1.84 -17.98
CA ASN A 161 -11.05 -0.66 -18.74
C ASN A 161 -9.98 -0.34 -19.79
N ALA A 162 -8.72 -0.32 -19.35
CA ALA A 162 -7.57 -0.12 -20.23
C ALA A 162 -7.43 -1.21 -21.30
N ALA A 163 -8.10 -2.35 -21.12
CA ALA A 163 -8.12 -3.46 -22.07
C ALA A 163 -8.72 -3.04 -23.41
N ALA A 164 -9.59 -2.03 -23.38
CA ALA A 164 -10.18 -1.46 -24.58
C ALA A 164 -9.13 -0.80 -25.49
N GLU A 165 -8.25 0.04 -24.91
CA GLU A 165 -7.20 0.75 -25.65
C GLU A 165 -7.76 1.70 -26.73
N SER A 166 -9.02 2.09 -26.58
CA SER A 166 -9.75 2.88 -27.57
C SER A 166 -10.82 3.77 -26.93
N ARG A 167 -10.69 4.00 -25.62
CA ARG A 167 -11.61 4.83 -24.84
C ARG A 167 -11.23 6.31 -24.86
N LYS A 168 -10.43 6.75 -25.85
CA LYS A 168 -9.92 8.13 -25.96
C LYS A 168 -9.20 8.59 -24.68
N GLY A 169 -8.18 7.85 -24.27
CA GLY A 169 -7.46 8.11 -23.03
C GLY A 169 -5.97 8.11 -23.21
N GLN A 170 -5.48 8.95 -24.15
CA GLN A 170 -4.07 9.12 -24.50
C GLN A 170 -3.53 7.97 -25.35
N GLU A 171 -3.60 6.77 -24.79
CA GLU A 171 -3.18 5.51 -25.42
C GLU A 171 -3.67 4.33 -24.55
N ARG A 172 -3.05 4.16 -23.37
CA ARG A 172 -3.30 3.02 -22.47
C ARG A 172 -2.54 3.11 -21.13
N LEU A 173 -2.25 4.32 -20.69
CA LEU A 173 -1.49 4.57 -19.45
C LEU A 173 -1.49 6.04 -19.03
N GLU A 174 -1.48 6.93 -20.04
CA GLU A 174 -1.47 8.37 -19.81
C GLU A 174 -2.85 9.00 -19.99
N GLU B 1 19.17 -0.25 15.82
CA GLU B 1 19.53 -1.63 15.51
C GLU B 1 18.53 -2.25 14.51
N GLU B 2 18.91 -2.30 13.24
CA GLU B 2 18.11 -2.84 12.13
C GLU B 2 18.03 -4.37 12.13
N GLN B 3 17.54 -4.95 13.23
CA GLN B 3 17.49 -6.40 13.41
C GLN B 3 16.21 -6.99 12.82
N TRP B 4 15.06 -6.39 13.17
CA TRP B 4 13.74 -6.80 12.68
C TRP B 4 13.42 -6.14 11.33
N ALA B 5 14.10 -5.03 10.99
CA ALA B 5 13.96 -4.37 9.70
C ALA B 5 14.23 -5.28 8.49
N ARG B 6 14.97 -6.37 8.73
CA ARG B 6 15.17 -7.44 7.75
C ARG B 6 13.86 -7.87 7.10
N GLU B 7 12.83 -8.10 7.90
CA GLU B 7 11.52 -8.48 7.37
C GLU B 7 10.69 -7.29 6.92
N ILE B 8 10.82 -6.14 7.61
CA ILE B 8 10.17 -4.89 7.23
C ILE B 8 10.50 -4.45 5.80
N GLY B 9 11.64 -4.85 5.24
CA GLY B 9 11.99 -4.56 3.85
C GLY B 9 11.96 -5.78 2.94
N ALA B 10 12.56 -6.90 3.34
CA ALA B 10 12.57 -8.11 2.52
C ALA B 10 11.20 -8.78 2.42
N GLN B 11 10.57 -9.05 3.56
CA GLN B 11 9.23 -9.63 3.59
C GLN B 11 8.20 -8.75 2.91
N LEU B 12 8.39 -7.44 2.97
CA LEU B 12 7.55 -6.47 2.28
C LEU B 12 7.79 -6.49 0.79
N ARG B 13 9.00 -6.80 0.31
CA ARG B 13 9.29 -6.97 -1.11
C ARG B 13 8.95 -8.37 -1.61
N ARG B 14 8.69 -9.33 -0.73
CA ARG B 14 8.43 -10.70 -1.14
C ARG B 14 7.28 -10.81 -2.15
N MET B 15 6.08 -10.41 -1.73
CA MET B 15 4.90 -10.37 -2.59
C MET B 15 4.93 -9.15 -3.52
N ALA B 16 5.44 -8.02 -3.03
CA ALA B 16 5.54 -6.83 -3.86
C ALA B 16 6.37 -7.08 -5.11
N ASP B 17 7.40 -7.93 -5.05
CA ASP B 17 8.24 -8.34 -6.19
C ASP B 17 7.42 -8.85 -7.38
N ASP B 18 6.23 -9.38 -7.12
CA ASP B 18 5.29 -9.79 -8.16
C ASP B 18 4.86 -8.63 -9.05
N LEU B 19 5.09 -7.37 -8.65
CA LEU B 19 4.95 -6.20 -9.51
C LEU B 19 5.56 -6.35 -10.90
N ASN B 20 6.70 -7.05 -11.01
CA ASN B 20 7.38 -7.26 -12.29
C ASN B 20 6.47 -7.98 -13.28
N ALA B 21 5.62 -8.88 -12.78
CA ALA B 21 4.59 -9.54 -13.59
C ALA B 21 3.71 -8.53 -14.33
N GLN B 22 3.48 -7.33 -13.79
CA GLN B 22 2.72 -6.27 -14.44
C GLN B 22 1.23 -6.65 -14.53
N TYR B 23 0.50 -6.49 -13.43
CA TYR B 23 -0.91 -6.92 -13.31
C TYR B 23 -1.02 -8.46 -13.17
N GLU B 24 -0.43 -9.22 -14.10
CA GLU B 24 -0.61 -10.68 -14.22
C GLU B 24 0.20 -11.31 -15.36
N ARG B 25 1.49 -10.96 -15.46
CA ARG B 25 2.46 -11.41 -16.47
C ARG B 25 2.24 -10.87 -17.90
N MET A 1 7.68 16.93 1.03
CA MET A 1 6.24 17.31 0.93
C MET A 1 6.08 18.51 0.01
N SER A 2 5.50 18.35 -1.18
CA SER A 2 5.33 19.43 -2.17
C SER A 2 4.27 19.07 -3.21
N ALA A 3 3.03 18.86 -2.77
CA ALA A 3 1.92 18.42 -3.63
C ALA A 3 2.20 17.06 -4.29
N MET A 4 1.41 16.69 -5.30
CA MET A 4 1.60 15.45 -6.09
C MET A 4 1.41 14.18 -5.24
N SER A 5 0.52 14.25 -4.25
CA SER A 5 0.30 13.18 -3.27
C SER A 5 -1.01 13.33 -2.50
N GLN A 6 -1.99 14.02 -3.09
CA GLN A 6 -3.29 14.25 -2.46
C GLN A 6 -4.14 12.97 -2.37
N SER A 7 -4.06 12.15 -3.41
CA SER A 7 -4.82 10.90 -3.56
C SER A 7 -4.05 9.73 -2.96
N ASN A 8 -2.72 9.80 -3.04
CA ASN A 8 -1.86 8.77 -2.45
C ASN A 8 -1.92 8.77 -0.92
N ARG A 9 -1.91 9.97 -0.31
CA ARG A 9 -1.99 10.09 1.14
C ARG A 9 -3.28 9.47 1.65
N GLU A 10 -4.40 9.91 1.07
CA GLU A 10 -5.74 9.40 1.40
C GLU A 10 -5.88 7.91 1.12
N LEU A 11 -5.14 7.37 0.15
CA LEU A 11 -5.16 5.96 -0.20
C LEU A 11 -4.65 5.10 0.94
N VAL A 12 -3.49 5.47 1.47
CA VAL A 12 -2.89 4.73 2.58
C VAL A 12 -3.69 4.94 3.85
N VAL A 13 -4.03 6.20 4.16
CA VAL A 13 -4.79 6.56 5.37
C VAL A 13 -6.12 5.81 5.43
N ASP A 14 -6.93 5.91 4.37
CA ASP A 14 -8.22 5.23 4.25
C ASP A 14 -8.08 3.74 4.51
N PHE A 15 -7.14 3.11 3.80
CA PHE A 15 -6.95 1.67 3.94
C PHE A 15 -6.48 1.29 5.35
N LEU A 16 -5.60 2.10 5.92
CA LEU A 16 -5.10 1.93 7.29
C LEU A 16 -6.21 1.91 8.32
N SER A 17 -7.13 2.89 8.22
CA SER A 17 -8.33 2.92 9.04
C SER A 17 -9.14 1.63 8.94
N TYR A 18 -9.12 0.94 7.80
CA TYR A 18 -9.80 -0.32 7.61
C TYR A 18 -9.08 -1.49 8.29
N LYS A 19 -7.76 -1.56 8.13
CA LYS A 19 -6.95 -2.62 8.76
C LYS A 19 -7.01 -2.54 10.28
N LEU A 20 -6.80 -1.34 10.82
CA LEU A 20 -6.90 -1.11 12.25
C LEU A 20 -8.33 -1.19 12.79
N SER A 21 -9.32 -0.97 11.94
CA SER A 21 -10.74 -1.11 12.27
C SER A 21 -11.11 -2.52 12.70
N GLN A 22 -10.34 -3.53 12.26
CA GLN A 22 -10.52 -4.92 12.69
C GLN A 22 -10.44 -5.09 14.23
N LYS A 23 -9.67 -4.21 14.89
CA LYS A 23 -9.54 -4.16 16.34
C LYS A 23 -10.22 -2.95 16.98
N GLY A 24 -10.40 -1.86 16.23
CA GLY A 24 -11.07 -0.66 16.72
C GLY A 24 -10.13 0.54 16.77
N TYR A 25 -9.67 1.01 15.62
CA TYR A 25 -8.77 2.16 15.52
C TYR A 25 -8.88 2.79 14.13
N SER A 26 -8.43 4.02 14.01
CA SER A 26 -8.38 4.72 12.73
C SER A 26 -7.21 5.69 12.72
N TRP A 27 -6.85 6.21 11.54
CA TRP A 27 -5.82 7.24 11.39
C TRP A 27 -6.04 8.46 12.29
N SER A 28 -7.30 8.84 12.52
CA SER A 28 -7.61 9.95 13.43
C SER A 28 -7.87 9.48 14.85
N GLN A 29 -8.62 8.37 15.00
CA GLN A 29 -9.04 7.78 16.27
C GLN A 29 -9.94 6.56 16.05
N PHE A 30 -11.04 6.74 15.29
CA PHE A 30 -12.03 5.70 14.99
C PHE A 30 -13.02 6.10 13.86
N SER A 31 -12.59 6.98 12.95
CA SER A 31 -13.40 7.46 11.82
C SER A 31 -13.13 6.59 10.58
N ASP A 32 -13.62 7.06 9.44
CA ASP A 32 -13.52 6.38 8.14
C ASP A 32 -13.79 7.39 7.03
N VAL A 33 -12.87 8.36 6.87
CA VAL A 33 -12.96 9.31 5.75
C VAL A 33 -13.25 8.61 4.41
N GLU A 34 -12.75 7.39 4.19
CA GLU A 34 -12.98 6.64 2.96
C GLU A 34 -12.53 7.38 1.70
N GLU A 35 -11.40 8.12 1.81
CA GLU A 35 -10.91 9.01 0.74
C GLU A 35 -11.97 10.08 0.38
N ASN A 36 -12.77 10.55 1.34
CA ASN A 36 -13.87 11.48 1.06
C ASN A 36 -13.60 12.85 1.68
N ARG A 37 -12.43 13.40 1.39
CA ARG A 37 -11.99 14.69 1.95
C ARG A 37 -11.53 15.63 0.86
N THR A 38 -10.35 15.34 0.29
CA THR A 38 -9.72 16.21 -0.69
C THR A 38 -9.72 15.57 -2.07
N GLU A 39 -10.58 14.57 -2.27
CA GLU A 39 -10.65 13.75 -3.49
C GLU A 39 -11.91 12.86 -3.48
N ALA A 40 -13.10 13.46 -3.47
CA ALA A 40 -14.35 12.70 -3.47
C ALA A 40 -14.33 11.50 -4.45
N PRO A 41 -15.19 10.49 -4.26
CA PRO A 41 -15.29 9.35 -5.17
C PRO A 41 -15.84 9.81 -6.53
N GLU A 42 -14.96 9.99 -7.53
CA GLU A 42 -15.34 10.35 -8.90
C GLU A 42 -16.35 9.35 -9.50
N GLY A 43 -16.26 8.09 -9.05
CA GLY A 43 -17.13 6.98 -9.43
C GLY A 43 -16.42 5.95 -10.31
N THR A 44 -15.36 6.37 -11.00
CA THR A 44 -14.61 5.54 -11.98
C THR A 44 -13.17 6.02 -12.14
N GLU A 45 -12.57 6.53 -11.05
CA GLU A 45 -11.20 7.05 -11.10
C GLU A 45 -10.50 6.98 -9.75
N SER A 46 -11.24 7.29 -8.68
CA SER A 46 -10.77 7.32 -7.27
C SER A 46 -11.43 6.20 -6.45
N GLU A 47 -12.73 5.98 -6.64
CA GLU A 47 -13.43 4.85 -6.02
C GLU A 47 -12.97 3.50 -6.58
N ALA A 48 -12.54 3.47 -7.84
CA ALA A 48 -12.09 2.25 -8.45
C ALA A 48 -10.65 1.92 -8.06
N VAL A 49 -9.73 2.90 -8.09
CA VAL A 49 -8.33 2.71 -7.66
C VAL A 49 -8.23 2.29 -6.18
N LYS A 50 -9.05 2.90 -5.32
CA LYS A 50 -9.03 2.66 -3.89
C LYS A 50 -9.58 1.27 -3.57
N GLN A 51 -10.58 0.85 -4.34
CA GLN A 51 -11.22 -0.45 -4.19
C GLN A 51 -10.36 -1.56 -4.78
N ALA A 52 -9.63 -1.30 -5.86
CA ALA A 52 -8.77 -2.27 -6.51
C ALA A 52 -7.71 -2.82 -5.55
N LEU A 53 -7.04 -1.90 -4.85
CA LEU A 53 -6.05 -2.24 -3.85
C LEU A 53 -6.66 -3.02 -2.70
N ARG A 54 -7.97 -2.84 -2.45
CA ARG A 54 -8.72 -3.58 -1.42
C ARG A 54 -9.01 -5.01 -1.85
N GLU A 55 -9.49 -5.19 -3.08
CA GLU A 55 -9.82 -6.50 -3.62
C GLU A 55 -8.58 -7.36 -3.83
N ALA A 56 -7.57 -6.79 -4.49
CA ALA A 56 -6.29 -7.45 -4.66
C ALA A 56 -5.44 -7.41 -3.38
N GLY A 57 -5.77 -6.54 -2.43
CA GLY A 57 -5.08 -6.39 -1.14
C GLY A 57 -4.91 -7.70 -0.37
N ASP A 58 -5.94 -8.55 -0.46
CA ASP A 58 -5.98 -9.87 0.17
C ASP A 58 -5.87 -11.00 -0.88
N GLU A 59 -5.50 -10.68 -2.13
CA GLU A 59 -5.31 -11.67 -3.20
C GLU A 59 -3.90 -12.29 -3.13
N PHE A 60 -2.89 -11.43 -3.01
CA PHE A 60 -1.49 -11.88 -3.02
C PHE A 60 -1.15 -12.56 -1.71
N GLU A 61 -1.05 -11.79 -0.62
CA GLU A 61 -0.76 -12.29 0.72
C GLU A 61 -1.76 -13.35 1.21
N LEU A 62 -2.98 -13.32 0.65
CA LEU A 62 -4.11 -14.22 0.88
C LEU A 62 -4.70 -14.03 2.27
N ARG A 63 -3.86 -14.31 3.27
CA ARG A 63 -4.18 -14.15 4.69
C ARG A 63 -2.97 -13.81 5.55
N TYR A 64 -1.87 -14.51 5.29
CA TYR A 64 -0.59 -14.43 6.03
C TYR A 64 0.53 -15.28 5.39
N ARG A 65 0.44 -15.57 4.09
CA ARG A 65 1.42 -16.43 3.39
C ARG A 65 2.26 -15.55 2.48
N ARG A 66 3.11 -16.20 1.68
CA ARG A 66 3.95 -15.59 0.64
C ARG A 66 5.09 -14.79 1.24
N ALA A 67 4.78 -13.74 1.99
CA ALA A 67 5.73 -12.90 2.72
C ALA A 67 6.60 -13.74 3.63
N PHE A 68 5.99 -14.30 4.68
CA PHE A 68 6.68 -15.10 5.68
C PHE A 68 5.72 -16.04 6.40
N SER A 69 6.19 -16.65 7.49
CA SER A 69 5.40 -17.54 8.35
C SER A 69 5.12 -16.91 9.72
N ASP A 70 5.17 -15.58 9.82
CA ASP A 70 4.94 -14.83 11.06
C ASP A 70 4.17 -13.55 10.80
N LEU A 71 4.82 -12.53 10.23
CA LEU A 71 4.20 -11.22 9.96
C LEU A 71 3.49 -10.60 11.19
N THR A 72 4.07 -10.75 12.38
CA THR A 72 3.45 -10.35 13.66
C THR A 72 4.36 -10.62 14.84
N SER A 73 5.13 -11.72 14.79
CA SER A 73 6.08 -12.04 15.84
C SER A 73 7.23 -11.03 15.85
N GLN A 74 7.98 -11.00 16.94
CA GLN A 74 9.13 -10.13 17.15
C GLN A 74 8.73 -8.66 17.07
N LEU A 75 8.79 -8.11 15.86
CA LEU A 75 8.43 -6.73 15.54
C LEU A 75 9.31 -5.71 16.29
N HIS A 76 10.24 -5.11 15.57
CA HIS A 76 11.15 -4.11 16.16
C HIS A 76 10.65 -2.73 15.82
N ILE A 77 10.71 -1.83 16.79
CA ILE A 77 10.36 -0.42 16.64
C ILE A 77 10.76 0.31 17.92
N THR A 78 10.87 1.64 17.81
CA THR A 78 11.06 2.53 18.97
C THR A 78 11.06 4.01 18.58
N PRO A 79 10.96 4.94 19.55
CA PRO A 79 10.97 6.39 19.37
C PRO A 79 12.36 6.93 19.01
N GLY A 80 12.86 6.57 17.83
CA GLY A 80 14.20 6.96 17.39
C GLY A 80 14.72 6.15 16.23
N THR A 81 14.19 4.93 16.04
CA THR A 81 14.60 4.01 14.98
C THR A 81 13.52 3.93 13.90
N ALA A 82 12.55 4.84 13.93
CA ALA A 82 11.47 4.89 12.95
C ALA A 82 12.01 5.02 11.51
N TYR A 83 13.14 5.73 11.36
CA TYR A 83 13.84 5.86 10.09
C TYR A 83 14.51 4.56 9.66
N GLN A 84 14.92 3.70 10.60
CA GLN A 84 15.56 2.42 10.31
C GLN A 84 14.57 1.48 9.61
N SER A 85 13.36 1.35 10.15
CA SER A 85 12.33 0.54 9.50
C SER A 85 11.92 1.10 8.15
N PHE A 86 11.53 2.36 8.09
CA PHE A 86 11.10 2.99 6.85
C PHE A 86 12.14 2.98 5.74
N GLU A 87 13.38 3.34 6.07
CA GLU A 87 14.49 3.28 5.12
C GLU A 87 14.64 1.88 4.54
N GLN A 88 14.55 0.84 5.39
CA GLN A 88 14.60 -0.55 4.92
C GLN A 88 13.38 -0.93 4.07
N VAL A 89 12.20 -0.46 4.43
CA VAL A 89 10.97 -0.76 3.70
C VAL A 89 11.11 -0.33 2.25
N VAL A 90 11.34 0.97 2.03
CA VAL A 90 11.47 1.54 0.68
C VAL A 90 12.74 1.06 -0.02
N ASN A 91 13.79 0.74 0.74
CA ASN A 91 15.04 0.17 0.21
C ASN A 91 14.81 -1.11 -0.61
N GLU A 92 13.76 -1.84 -0.27
CA GLU A 92 13.40 -3.06 -0.98
C GLU A 92 12.21 -2.81 -1.89
N LEU A 93 11.20 -2.06 -1.44
CA LEU A 93 9.99 -1.77 -2.24
C LEU A 93 10.30 -1.10 -3.57
N PHE A 94 11.43 -0.40 -3.62
CA PHE A 94 11.99 0.25 -4.80
C PHE A 94 12.92 -0.64 -5.62
N ARG A 95 12.86 -1.96 -5.42
CA ARG A 95 13.72 -2.94 -6.11
C ARG A 95 13.53 -2.88 -7.62
N ASP A 96 12.29 -3.10 -8.05
CA ASP A 96 11.91 -3.17 -9.46
C ASP A 96 10.38 -3.26 -9.65
N GLY A 97 9.63 -2.86 -8.62
CA GLY A 97 8.18 -2.90 -8.70
C GLY A 97 7.58 -1.50 -8.63
N VAL A 98 7.36 -1.01 -7.41
CA VAL A 98 6.79 0.33 -7.22
C VAL A 98 5.40 0.47 -7.86
N ASN A 99 4.45 -0.36 -7.46
CA ASN A 99 3.12 -0.40 -8.04
C ASN A 99 2.09 -0.98 -7.07
N TRP A 100 0.96 -1.46 -7.55
CA TRP A 100 -0.08 -2.12 -6.74
C TRP A 100 0.49 -3.08 -5.72
N GLY A 101 1.42 -3.93 -6.12
CA GLY A 101 2.08 -4.87 -5.22
C GLY A 101 2.69 -4.21 -3.98
N ARG A 102 3.46 -3.13 -4.14
CA ARG A 102 3.97 -2.33 -3.02
C ARG A 102 2.86 -1.94 -2.05
N ILE A 103 1.70 -1.55 -2.56
CA ILE A 103 0.54 -1.17 -1.75
C ILE A 103 -0.15 -2.38 -1.12
N VAL A 104 -0.32 -3.46 -1.87
CA VAL A 104 -0.94 -4.70 -1.41
C VAL A 104 -0.16 -5.29 -0.25
N ALA A 105 1.14 -5.45 -0.47
CA ALA A 105 2.04 -6.00 0.52
C ALA A 105 2.21 -5.07 1.72
N PHE A 106 2.19 -3.75 1.48
CA PHE A 106 2.21 -2.73 2.52
C PHE A 106 1.03 -2.85 3.47
N PHE A 107 -0.14 -3.27 2.99
CA PHE A 107 -1.30 -3.47 3.86
C PHE A 107 -1.20 -4.73 4.69
N SER A 108 -0.72 -5.83 4.11
CA SER A 108 -0.53 -7.09 4.82
C SER A 108 0.52 -6.96 5.92
N PHE A 109 1.72 -6.51 5.56
CA PHE A 109 2.82 -6.37 6.52
C PHE A 109 2.66 -5.12 7.38
N GLY A 110 2.52 -3.95 6.75
CA GLY A 110 2.38 -2.66 7.43
C GLY A 110 1.18 -2.64 8.37
N GLY A 111 0.06 -3.22 7.95
CA GLY A 111 -1.10 -3.38 8.82
C GLY A 111 -0.88 -4.35 9.98
N ALA A 112 -0.29 -5.52 9.73
CA ALA A 112 0.06 -6.49 10.78
C ALA A 112 1.12 -5.98 11.76
N LEU A 113 1.98 -5.05 11.33
CA LEU A 113 2.92 -4.35 12.18
C LEU A 113 2.26 -3.15 12.89
N CYS A 114 1.26 -2.54 12.28
CA CYS A 114 0.59 -1.36 12.83
C CYS A 114 -0.22 -1.71 14.06
N VAL A 115 -0.95 -2.82 14.03
CA VAL A 115 -1.75 -3.30 15.17
C VAL A 115 -0.92 -3.50 16.44
N GLU A 116 0.35 -3.89 16.28
CA GLU A 116 1.28 -4.14 17.37
C GLU A 116 2.13 -2.89 17.67
N SER A 117 2.36 -2.05 16.65
CA SER A 117 3.09 -0.80 16.78
C SER A 117 2.26 0.22 17.54
N VAL A 118 0.98 0.39 17.23
CA VAL A 118 0.08 1.34 17.90
C VAL A 118 -0.05 1.04 19.38
N ASP A 119 -0.05 -0.24 19.76
CA ASP A 119 -0.05 -0.66 21.16
C ASP A 119 1.29 -0.39 21.87
N LYS A 120 2.35 -0.14 21.10
CA LYS A 120 3.70 0.15 21.60
C LYS A 120 4.17 1.58 21.33
N GLU A 121 3.33 2.41 20.71
CA GLU A 121 3.65 3.77 20.26
C GLU A 121 2.41 4.67 20.16
N MET A 122 1.36 4.31 20.90
CA MET A 122 0.08 5.00 20.89
C MET A 122 -0.52 5.09 19.47
N GLN A 123 -1.63 5.82 19.35
CA GLN A 123 -2.23 6.08 18.04
C GLN A 123 -1.46 7.13 17.22
N VAL A 124 -0.28 7.56 17.68
CA VAL A 124 0.54 8.55 16.98
C VAL A 124 1.46 7.90 15.94
N LEU A 125 1.71 6.60 16.06
CA LEU A 125 2.59 5.89 15.13
C LEU A 125 1.88 5.65 13.81
N VAL A 126 0.75 4.95 13.85
CA VAL A 126 -0.03 4.65 12.65
C VAL A 126 -0.34 5.89 11.81
N SER A 127 -0.70 6.97 12.49
CA SER A 127 -1.08 8.23 11.89
C SER A 127 0.11 8.85 11.14
N ARG A 128 1.32 8.56 11.65
CA ARG A 128 2.57 8.94 11.02
C ARG A 128 2.91 8.04 9.83
N ILE A 129 2.63 6.74 9.88
CA ILE A 129 2.91 5.79 8.78
C ILE A 129 2.14 6.15 7.51
N ALA A 130 0.84 6.39 7.66
CA ALA A 130 -0.01 6.71 6.52
C ALA A 130 0.44 7.98 5.77
N ALA A 131 0.72 9.04 6.54
CA ALA A 131 1.28 10.27 5.98
C ALA A 131 2.73 10.10 5.49
N TRP A 132 3.52 9.27 6.18
CA TRP A 132 4.88 8.89 5.80
C TRP A 132 4.92 8.22 4.44
N MET A 133 3.91 7.45 4.09
CA MET A 133 3.86 6.81 2.79
C MET A 133 3.66 7.81 1.66
N ALA A 134 2.82 8.83 1.88
CA ALA A 134 2.54 9.87 0.89
C ALA A 134 3.74 10.79 0.65
N THR A 135 4.35 11.29 1.73
CA THR A 135 5.55 12.13 1.64
C THR A 135 6.68 11.41 0.91
N TYR A 136 6.82 10.10 1.12
CA TYR A 136 7.87 9.28 0.50
C TYR A 136 7.57 9.05 -0.98
N LEU A 137 6.32 8.68 -1.28
CA LEU A 137 5.85 8.47 -2.65
C LEU A 137 6.11 9.72 -3.51
N ASN A 138 5.89 10.89 -2.95
CA ASN A 138 6.18 12.14 -3.65
C ASN A 138 7.68 12.46 -3.71
N ASP A 139 8.44 12.10 -2.67
CA ASP A 139 9.88 12.36 -2.59
C ASP A 139 10.63 11.79 -3.80
N HIS A 140 10.39 10.51 -4.11
CA HIS A 140 11.03 9.85 -5.25
C HIS A 140 10.31 8.60 -5.74
N LEU A 141 9.06 8.73 -6.15
CA LEU A 141 8.24 7.58 -6.56
C LEU A 141 7.13 7.97 -7.53
N GLU A 142 6.49 9.12 -7.35
CA GLU A 142 5.50 9.70 -8.26
C GLU A 142 6.00 9.78 -9.70
N PRO A 143 7.13 10.47 -9.96
CA PRO A 143 7.71 10.53 -11.30
C PRO A 143 8.31 9.19 -11.74
N TRP A 144 8.57 8.28 -10.80
CA TRP A 144 9.15 6.97 -11.12
C TRP A 144 8.11 6.00 -11.70
N ILE A 145 7.06 5.70 -10.94
CA ILE A 145 5.97 4.82 -11.39
C ILE A 145 5.21 5.44 -12.57
N GLN A 146 5.01 6.77 -12.54
CA GLN A 146 4.29 7.50 -13.58
C GLN A 146 5.05 7.43 -14.90
N GLU A 147 6.36 7.68 -14.89
CA GLU A 147 7.20 7.59 -16.10
C GLU A 147 7.20 6.18 -16.68
N ASN A 148 7.21 5.16 -15.81
CA ASN A 148 7.15 3.77 -16.23
C ASN A 148 5.78 3.39 -16.84
N GLY A 149 4.71 4.10 -16.44
CA GLY A 149 3.35 3.85 -16.91
C GLY A 149 2.72 2.61 -16.29
N GLY A 150 2.95 2.41 -14.99
CA GLY A 150 2.49 1.21 -14.29
C GLY A 150 1.18 1.39 -13.55
N TRP A 151 1.01 2.53 -12.86
CA TRP A 151 -0.25 2.88 -12.19
C TRP A 151 -1.44 2.92 -13.17
N ASP A 152 -1.17 3.36 -14.42
CA ASP A 152 -2.15 3.43 -15.52
C ASP A 152 -2.53 2.05 -16.07
N THR A 153 -1.66 1.06 -15.90
CA THR A 153 -1.91 -0.32 -16.31
C THR A 153 -2.72 -1.07 -15.27
N PHE A 154 -2.35 -0.98 -13.99
CA PHE A 154 -3.08 -1.64 -12.91
C PHE A 154 -4.52 -1.15 -12.74
N VAL A 155 -4.72 0.16 -12.83
CA VAL A 155 -6.05 0.78 -12.81
C VAL A 155 -6.89 0.31 -14.00
N GLU A 156 -6.33 0.31 -15.22
CA GLU A 156 -7.04 -0.17 -16.41
C GLU A 156 -7.43 -1.64 -16.32
N LEU A 157 -6.67 -2.41 -15.53
CA LEU A 157 -6.99 -3.81 -15.27
C LEU A 157 -8.21 -3.94 -14.36
N TYR A 158 -8.19 -3.30 -13.19
CA TYR A 158 -9.28 -3.44 -12.23
C TYR A 158 -10.62 -2.96 -12.79
N GLY A 159 -10.56 -2.06 -13.77
CA GLY A 159 -11.73 -1.54 -14.47
C GLY A 159 -11.82 -0.03 -14.36
N ASN A 160 -10.70 0.68 -14.50
CA ASN A 160 -10.66 2.14 -14.40
C ASN A 160 -10.51 2.77 -15.78
N ASN A 161 -10.06 2.00 -16.79
CA ASN A 161 -9.89 2.47 -18.17
C ASN A 161 -8.94 3.69 -18.27
N ALA A 162 -7.94 3.77 -17.38
CA ALA A 162 -6.99 4.88 -17.30
C ALA A 162 -5.70 4.59 -18.12
N ALA A 163 -5.79 3.69 -19.09
CA ALA A 163 -4.66 3.38 -19.99
C ALA A 163 -4.59 4.32 -21.20
N ALA A 164 -5.73 4.88 -21.61
CA ALA A 164 -5.80 5.86 -22.70
C ALA A 164 -5.73 7.31 -22.21
N GLU A 165 -5.18 7.53 -21.02
CA GLU A 165 -5.04 8.87 -20.42
C GLU A 165 -3.58 9.34 -20.39
N SER A 166 -2.63 8.39 -20.31
CA SER A 166 -1.19 8.68 -20.22
C SER A 166 -0.35 7.71 -21.06
N ARG A 167 -0.87 7.38 -22.24
CA ARG A 167 -0.22 6.43 -23.15
C ARG A 167 -0.56 6.66 -24.60
N LYS A 168 -1.83 6.91 -24.89
CA LYS A 168 -2.34 7.24 -26.24
C LYS A 168 -2.13 8.70 -26.63
N GLY A 169 -0.93 9.22 -26.41
CA GLY A 169 -0.59 10.60 -26.70
C GLY A 169 0.89 10.84 -26.92
N GLN A 170 1.65 9.78 -27.20
CA GLN A 170 3.09 9.88 -27.46
C GLN A 170 3.42 9.78 -28.94
N GLU A 171 2.57 9.14 -29.76
CA GLU A 171 2.73 8.97 -31.21
C GLU A 171 4.13 8.51 -31.67
N ARG A 172 4.81 7.77 -30.79
CA ARG A 172 6.24 7.43 -30.91
C ARG A 172 6.74 6.50 -29.80
N LEU A 173 6.21 6.66 -28.60
CA LEU A 173 6.54 5.84 -27.41
C LEU A 173 5.41 4.89 -27.02
N GLU A 174 4.18 5.22 -27.39
CA GLU A 174 2.99 4.39 -27.16
C GLU A 174 3.14 2.99 -27.77
N GLU B 1 17.50 0.36 15.17
CA GLU B 1 16.83 -0.92 15.10
C GLU B 1 16.55 -1.34 13.65
N GLU B 2 17.56 -1.26 12.77
CA GLU B 2 17.45 -1.73 11.38
C GLU B 2 17.67 -3.24 11.24
N GLN B 3 17.66 -3.97 12.36
CA GLN B 3 17.96 -5.40 12.35
C GLN B 3 16.81 -6.20 11.76
N TRP B 4 15.63 -6.13 12.39
CA TRP B 4 14.42 -6.81 11.94
C TRP B 4 13.74 -6.07 10.78
N ALA B 5 14.14 -4.81 10.56
CA ALA B 5 13.66 -4.01 9.44
C ALA B 5 13.89 -4.65 8.08
N ARG B 6 14.92 -5.50 7.98
CA ARG B 6 15.17 -6.32 6.79
C ARG B 6 13.92 -7.08 6.37
N GLU B 7 13.23 -7.72 7.29
CA GLU B 7 11.99 -8.42 6.96
C GLU B 7 10.83 -7.49 6.59
N ILE B 8 10.74 -6.32 7.24
CA ILE B 8 9.73 -5.30 6.94
C ILE B 8 9.75 -4.89 5.46
N GLY B 9 10.91 -4.91 4.81
CA GLY B 9 11.03 -4.58 3.40
C GLY B 9 11.20 -5.81 2.51
N ALA B 10 12.01 -6.79 2.92
CA ALA B 10 12.29 -7.98 2.11
C ALA B 10 11.05 -8.89 1.98
N GLN B 11 10.47 -9.29 3.11
CA GLN B 11 9.27 -10.12 3.14
C GLN B 11 8.07 -9.40 2.53
N LEU B 12 8.00 -8.09 2.69
CA LEU B 12 6.99 -7.26 2.04
C LEU B 12 7.20 -7.17 0.53
N ARG B 13 8.47 -7.17 0.10
CA ARG B 13 8.85 -7.16 -1.31
C ARG B 13 8.52 -8.46 -2.01
N ARG B 14 8.44 -9.56 -1.30
CA ARG B 14 8.10 -10.87 -1.89
C ARG B 14 6.79 -10.81 -2.66
N MET B 15 5.73 -10.38 -2.00
CA MET B 15 4.40 -10.29 -2.62
C MET B 15 4.30 -9.03 -3.47
N ALA B 16 4.84 -7.91 -2.99
CA ALA B 16 4.82 -6.69 -3.78
C ALA B 16 5.50 -6.84 -5.14
N ASP B 17 6.62 -7.56 -5.20
CA ASP B 17 7.31 -7.91 -6.45
C ASP B 17 6.41 -8.52 -7.50
N ASP B 18 5.34 -9.21 -7.10
CA ASP B 18 4.36 -9.78 -8.02
C ASP B 18 3.76 -8.71 -8.96
N LEU B 19 3.73 -7.44 -8.53
CA LEU B 19 3.34 -6.34 -9.41
C LEU B 19 4.12 -6.26 -10.73
N ASN B 20 5.38 -6.69 -10.72
CA ASN B 20 6.27 -6.70 -11.87
C ASN B 20 5.65 -7.46 -13.04
N ALA B 21 4.76 -8.44 -12.76
CA ALA B 21 3.96 -9.13 -13.76
C ALA B 21 3.25 -8.19 -14.73
N GLN B 22 2.86 -6.99 -14.25
CA GLN B 22 2.25 -5.94 -15.05
C GLN B 22 0.84 -6.34 -15.47
N TYR B 23 -0.16 -6.09 -14.61
CA TYR B 23 -1.55 -6.51 -14.83
C TYR B 23 -1.66 -8.05 -14.87
N GLU B 24 -2.46 -8.64 -13.98
CA GLU B 24 -2.63 -10.10 -13.93
C GLU B 24 -1.30 -10.83 -13.60
N ARG B 25 -1.23 -11.47 -12.43
CA ARG B 25 -0.03 -12.22 -11.99
C ARG B 25 0.42 -13.37 -12.95
N MET A 1 8.58 17.15 6.77
CA MET A 1 7.85 17.67 5.60
C MET A 1 6.82 16.67 5.14
N SER A 2 5.53 17.02 5.23
CA SER A 2 4.43 16.12 4.87
C SER A 2 3.18 16.94 4.56
N ALA A 3 2.74 16.93 3.30
CA ALA A 3 1.55 17.64 2.84
C ALA A 3 1.03 17.16 1.48
N MET A 4 1.94 16.82 0.57
CA MET A 4 1.61 16.20 -0.73
C MET A 4 0.77 14.93 -0.56
N SER A 5 0.24 14.43 -1.68
CA SER A 5 -0.55 13.18 -1.71
C SER A 5 -1.84 13.31 -0.90
N GLN A 6 -2.72 14.23 -1.30
CA GLN A 6 -3.98 14.49 -0.59
C GLN A 6 -4.99 13.35 -0.75
N SER A 7 -5.33 13.02 -2.01
CA SER A 7 -6.26 11.94 -2.32
C SER A 7 -5.67 10.56 -1.99
N ASN A 8 -4.35 10.42 -2.15
CA ASN A 8 -3.63 9.20 -1.79
C ASN A 8 -3.66 8.91 -0.28
N ARG A 9 -3.65 9.96 0.54
CA ARG A 9 -3.76 9.85 1.99
C ARG A 9 -5.05 9.15 2.40
N GLU A 10 -6.17 9.52 1.80
CA GLU A 10 -7.47 8.87 2.04
C GLU A 10 -7.51 7.43 1.53
N LEU A 11 -6.83 7.15 0.42
CA LEU A 11 -6.77 5.80 -0.16
C LEU A 11 -6.12 4.81 0.80
N VAL A 12 -4.91 5.15 1.28
CA VAL A 12 -4.20 4.26 2.20
C VAL A 12 -5.01 4.07 3.46
N VAL A 13 -5.57 5.14 4.01
CA VAL A 13 -6.41 5.08 5.21
C VAL A 13 -7.63 4.19 5.00
N ASP A 14 -8.16 4.11 3.78
CA ASP A 14 -9.32 3.29 3.44
C ASP A 14 -8.98 1.81 3.60
N PHE A 15 -7.90 1.35 2.97
CA PHE A 15 -7.53 -0.06 3.03
C PHE A 15 -6.86 -0.40 4.35
N LEU A 16 -5.95 0.45 4.82
CA LEU A 16 -5.26 0.26 6.08
C LEU A 16 -6.26 0.11 7.21
N SER A 17 -7.29 0.97 7.25
CA SER A 17 -8.38 0.88 8.21
C SER A 17 -9.08 -0.47 8.19
N TYR A 18 -9.18 -1.10 7.02
CA TYR A 18 -9.79 -2.42 6.88
C TYR A 18 -8.98 -3.52 7.58
N LYS A 19 -7.65 -3.48 7.38
CA LYS A 19 -6.77 -4.48 7.99
C LYS A 19 -6.56 -4.22 9.48
N LEU A 20 -6.24 -2.97 9.83
CA LEU A 20 -6.01 -2.54 11.20
C LEU A 20 -7.25 -2.79 12.06
N SER A 21 -8.46 -2.60 11.51
CA SER A 21 -9.74 -2.89 12.17
C SER A 21 -9.89 -4.34 12.60
N GLN A 22 -9.21 -5.24 11.87
CA GLN A 22 -9.19 -6.66 12.20
C GLN A 22 -8.51 -6.98 13.54
N LYS A 23 -7.75 -6.00 14.08
CA LYS A 23 -7.04 -6.07 15.36
C LYS A 23 -7.14 -4.76 16.18
N GLY A 24 -8.01 -3.83 15.80
CA GLY A 24 -8.19 -2.54 16.50
C GLY A 24 -7.76 -1.34 15.66
N TYR A 25 -8.64 -0.85 14.79
CA TYR A 25 -8.34 0.30 13.95
C TYR A 25 -7.97 1.54 14.78
N SER A 26 -6.73 2.01 14.62
CA SER A 26 -6.20 3.13 15.40
C SER A 26 -6.02 4.35 14.51
N TRP A 27 -7.08 5.16 14.36
CA TRP A 27 -7.04 6.39 13.55
C TRP A 27 -8.35 7.18 13.61
N SER A 28 -9.42 6.59 13.08
CA SER A 28 -10.76 7.19 13.07
C SER A 28 -11.65 6.52 14.10
N GLN A 29 -11.34 5.29 14.54
CA GLN A 29 -12.13 4.54 15.53
C GLN A 29 -13.55 4.16 15.06
N PHE A 30 -13.84 4.39 13.78
CA PHE A 30 -15.17 4.26 13.14
C PHE A 30 -15.14 4.62 11.64
N SER A 31 -14.01 4.35 10.96
CA SER A 31 -13.93 4.61 9.51
C SER A 31 -15.09 4.03 8.70
N ASP A 32 -15.12 4.30 7.40
CA ASP A 32 -16.17 3.80 6.52
C ASP A 32 -15.87 2.41 5.95
N VAL A 33 -14.57 2.14 5.71
CA VAL A 33 -14.07 0.88 5.13
C VAL A 33 -13.16 0.14 6.11
N GLU A 34 -13.65 -0.06 7.32
CA GLU A 34 -12.92 -0.79 8.36
C GLU A 34 -13.33 -2.26 8.45
N GLU A 35 -14.60 -2.58 8.23
CA GLU A 35 -15.11 -3.94 8.40
C GLU A 35 -16.60 -4.03 7.99
N ASN A 36 -16.88 -3.82 6.72
CA ASN A 36 -18.24 -3.80 6.19
C ASN A 36 -18.47 -4.99 5.27
N ARG A 37 -17.69 -5.07 4.19
CA ARG A 37 -17.80 -6.10 3.15
C ARG A 37 -16.74 -5.96 2.07
N THR A 38 -16.56 -4.75 1.52
CA THR A 38 -15.60 -4.43 0.44
C THR A 38 -15.52 -5.52 -0.66
N GLU A 39 -16.65 -6.17 -0.95
CA GLU A 39 -16.68 -7.36 -1.80
C GLU A 39 -16.40 -6.99 -3.25
N ALA A 40 -17.32 -6.23 -3.84
CA ALA A 40 -17.19 -5.75 -5.20
C ALA A 40 -17.03 -4.22 -5.23
N PRO A 41 -16.53 -3.67 -6.35
CA PRO A 41 -16.39 -2.25 -6.57
C PRO A 41 -17.76 -1.55 -6.73
N GLU A 42 -17.74 -0.22 -6.78
CA GLU A 42 -18.96 0.57 -7.00
C GLU A 42 -19.37 0.59 -8.48
N GLY A 43 -18.59 1.29 -9.31
CA GLY A 43 -18.87 1.44 -10.74
C GLY A 43 -18.86 2.89 -11.24
N THR A 44 -18.96 3.87 -10.33
CA THR A 44 -18.90 5.31 -10.66
C THR A 44 -17.62 5.66 -11.39
N GLU A 45 -16.49 5.70 -10.66
CA GLU A 45 -15.16 6.03 -11.18
C GLU A 45 -14.14 5.98 -10.04
N SER A 46 -14.34 6.83 -9.01
CA SER A 46 -13.40 6.94 -7.89
C SER A 46 -13.66 5.87 -6.83
N GLU A 47 -14.92 5.50 -6.65
CA GLU A 47 -15.31 4.42 -5.76
C GLU A 47 -15.00 3.04 -6.33
N ALA A 48 -14.98 2.90 -7.66
CA ALA A 48 -14.63 1.64 -8.31
C ALA A 48 -13.12 1.42 -8.36
N VAL A 49 -12.34 2.43 -8.77
CA VAL A 49 -10.87 2.37 -8.78
C VAL A 49 -10.30 2.19 -7.38
N LYS A 50 -10.86 2.87 -6.37
CA LYS A 50 -10.38 2.69 -4.99
C LYS A 50 -10.73 1.30 -4.45
N GLN A 51 -11.90 0.77 -4.80
CA GLN A 51 -12.36 -0.53 -4.29
C GLN A 51 -11.62 -1.69 -4.96
N ALA A 52 -11.45 -1.63 -6.28
CA ALA A 52 -10.70 -2.62 -7.03
C ALA A 52 -9.25 -2.72 -6.54
N LEU A 53 -8.69 -1.61 -6.02
CA LEU A 53 -7.32 -1.57 -5.52
C LEU A 53 -7.15 -2.44 -4.28
N ARG A 54 -8.16 -2.44 -3.40
CA ARG A 54 -8.19 -3.28 -2.20
C ARG A 54 -8.38 -4.74 -2.52
N GLU A 55 -9.23 -5.06 -3.51
CA GLU A 55 -9.47 -6.42 -3.99
C GLU A 55 -8.18 -7.10 -4.46
N ALA A 56 -7.41 -6.40 -5.30
CA ALA A 56 -6.12 -6.89 -5.77
C ALA A 56 -4.97 -6.60 -4.79
N GLY A 57 -5.22 -5.74 -3.80
CA GLY A 57 -4.29 -5.39 -2.74
C GLY A 57 -3.85 -6.60 -1.92
N ASP A 58 -4.66 -7.67 -1.90
CA ASP A 58 -4.37 -8.95 -1.25
C ASP A 58 -4.12 -10.10 -2.26
N GLU A 59 -4.06 -9.78 -3.55
CA GLU A 59 -3.80 -10.77 -4.60
C GLU A 59 -2.31 -11.05 -4.81
N PHE A 60 -1.44 -10.13 -4.37
CA PHE A 60 0.01 -10.30 -4.42
C PHE A 60 0.50 -11.62 -3.82
N GLU A 61 -0.16 -12.07 -2.75
CA GLU A 61 0.12 -13.36 -2.11
C GLU A 61 -0.85 -14.45 -2.57
N LEU A 62 -2.09 -14.09 -2.91
CA LEU A 62 -3.06 -15.05 -3.43
C LEU A 62 -2.52 -15.85 -4.63
N ARG A 63 -1.63 -15.22 -5.42
CA ARG A 63 -0.93 -15.83 -6.55
C ARG A 63 0.41 -16.50 -6.17
N TYR A 64 0.52 -16.95 -4.92
CA TYR A 64 1.74 -17.58 -4.42
C TYR A 64 1.45 -18.79 -3.55
N ARG A 65 0.47 -18.67 -2.64
CA ARG A 65 0.01 -19.76 -1.75
C ARG A 65 1.12 -20.24 -0.82
N ARG A 66 1.93 -19.30 -0.32
CA ARG A 66 3.05 -19.59 0.57
C ARG A 66 3.53 -18.33 1.26
N ALA A 67 4.14 -17.40 0.51
CA ALA A 67 4.79 -16.20 1.00
C ALA A 67 6.01 -16.49 1.88
N PHE A 68 5.74 -16.83 3.14
CA PHE A 68 6.70 -17.12 4.20
C PHE A 68 6.01 -17.53 5.51
N SER A 69 6.80 -17.69 6.58
CA SER A 69 6.31 -18.09 7.90
C SER A 69 6.65 -17.07 8.99
N ASP A 70 6.67 -15.77 8.63
CA ASP A 70 7.16 -14.68 9.49
C ASP A 70 6.91 -13.30 8.86
N LEU A 71 5.95 -12.53 9.40
CA LEU A 71 5.57 -11.21 8.87
C LEU A 71 4.61 -10.42 9.79
N THR A 72 4.73 -10.65 11.11
CA THR A 72 3.81 -10.08 12.11
C THR A 72 4.25 -10.39 13.55
N SER A 73 4.79 -11.60 13.75
CA SER A 73 5.32 -12.00 15.06
C SER A 73 6.58 -11.21 15.39
N GLN A 74 7.08 -11.38 16.61
CA GLN A 74 8.28 -10.71 17.13
C GLN A 74 8.14 -9.19 17.15
N LEU A 75 8.27 -8.54 15.99
CA LEU A 75 8.17 -7.09 15.81
C LEU A 75 9.04 -6.30 16.82
N HIS A 76 10.30 -6.07 16.44
CA HIS A 76 11.24 -5.38 17.31
C HIS A 76 11.46 -3.96 16.82
N ILE A 77 11.32 -3.00 17.73
CA ILE A 77 11.42 -1.57 17.43
C ILE A 77 11.97 -0.85 18.66
N THR A 78 13.24 -1.11 18.98
CA THR A 78 13.92 -0.39 20.06
C THR A 78 13.78 1.15 19.96
N PRO A 79 13.94 1.87 21.08
CA PRO A 79 13.83 3.34 21.17
C PRO A 79 14.97 4.07 20.46
N GLY A 80 14.88 4.16 19.13
CA GLY A 80 15.93 4.77 18.30
C GLY A 80 16.27 3.97 17.04
N THR A 81 15.67 2.80 16.87
CA THR A 81 15.89 1.92 15.71
C THR A 81 14.63 1.81 14.87
N ALA A 82 13.53 2.43 15.28
CA ALA A 82 12.28 2.44 14.53
C ALA A 82 12.44 3.00 13.11
N TYR A 83 13.27 4.02 12.97
CA TYR A 83 13.61 4.62 11.68
C TYR A 83 14.23 3.61 10.71
N GLN A 84 14.98 2.63 11.25
CA GLN A 84 15.59 1.55 10.49
C GLN A 84 14.52 0.74 9.76
N SER A 85 13.39 0.43 10.43
CA SER A 85 12.29 -0.32 9.81
C SER A 85 11.80 0.35 8.53
N PHE A 86 11.41 1.63 8.62
CA PHE A 86 10.95 2.40 7.47
C PHE A 86 12.00 2.49 6.35
N GLU A 87 13.23 2.86 6.70
CA GLU A 87 14.35 2.95 5.77
C GLU A 87 14.60 1.63 5.03
N GLN A 88 14.48 0.50 5.74
CA GLN A 88 14.60 -0.84 5.18
C GLN A 88 13.42 -1.21 4.30
N VAL A 89 12.21 -0.88 4.73
CA VAL A 89 10.98 -1.15 3.98
C VAL A 89 11.06 -0.50 2.61
N VAL A 90 11.17 0.83 2.58
CA VAL A 90 11.26 1.59 1.34
C VAL A 90 12.42 1.11 0.47
N ASN A 91 13.57 0.78 1.09
CA ASN A 91 14.73 0.25 0.39
C ASN A 91 14.43 -1.05 -0.34
N GLU A 92 13.89 -2.04 0.37
CA GLU A 92 13.54 -3.32 -0.22
C GLU A 92 12.43 -3.17 -1.25
N LEU A 93 11.40 -2.37 -0.97
CA LEU A 93 10.33 -2.07 -1.93
C LEU A 93 10.83 -1.41 -3.22
N PHE A 94 11.99 -0.77 -3.17
CA PHE A 94 12.64 -0.18 -4.32
C PHE A 94 13.63 -1.14 -5.01
N ARG A 95 13.47 -2.45 -4.80
CA ARG A 95 14.33 -3.46 -5.40
C ARG A 95 14.06 -3.63 -6.90
N ASP A 96 12.95 -4.31 -7.23
CA ASP A 96 12.54 -4.56 -8.61
C ASP A 96 11.96 -3.28 -9.26
N GLY A 97 11.60 -2.31 -8.42
CA GLY A 97 11.05 -1.03 -8.86
C GLY A 97 9.74 -0.78 -8.13
N VAL A 98 9.62 0.42 -7.56
CA VAL A 98 8.38 0.88 -6.94
C VAL A 98 7.16 0.68 -7.84
N ASN A 99 6.35 -0.31 -7.51
CA ASN A 99 5.18 -0.64 -8.30
C ASN A 99 4.08 -1.18 -7.39
N TRP A 100 3.12 -1.90 -7.94
CA TRP A 100 2.03 -2.54 -7.19
C TRP A 100 2.48 -3.25 -5.91
N GLY A 101 3.69 -3.80 -5.91
CA GLY A 101 4.32 -4.41 -4.76
C GLY A 101 4.34 -3.51 -3.53
N ARG A 102 4.83 -2.27 -3.68
CA ARG A 102 4.77 -1.30 -2.59
C ARG A 102 3.35 -1.08 -2.06
N ILE A 103 2.34 -1.12 -2.90
CA ILE A 103 0.93 -0.96 -2.51
C ILE A 103 0.42 -2.16 -1.74
N VAL A 104 0.54 -3.37 -2.31
CA VAL A 104 0.08 -4.62 -1.69
C VAL A 104 0.80 -4.91 -0.38
N ALA A 105 2.08 -4.54 -0.32
CA ALA A 105 2.91 -4.75 0.84
C ALA A 105 2.55 -3.75 1.93
N PHE A 106 2.51 -2.46 1.59
CA PHE A 106 2.11 -1.42 2.53
C PHE A 106 0.71 -1.68 3.09
N PHE A 107 -0.16 -2.35 2.35
CA PHE A 107 -1.48 -2.72 2.82
C PHE A 107 -1.46 -3.86 3.84
N SER A 108 -1.12 -5.07 3.38
CA SER A 108 -1.12 -6.28 4.22
C SER A 108 -0.19 -6.13 5.42
N PHE A 109 1.04 -5.69 5.13
CA PHE A 109 2.04 -5.39 6.14
C PHE A 109 1.66 -4.16 6.96
N GLY A 110 0.97 -3.18 6.37
CA GLY A 110 0.54 -1.96 7.05
C GLY A 110 -0.25 -2.25 8.30
N GLY A 111 -1.38 -2.95 8.19
CA GLY A 111 -2.16 -3.33 9.37
C GLY A 111 -1.54 -4.49 10.13
N ALA A 112 -0.74 -5.35 9.50
CA ALA A 112 -0.07 -6.47 10.17
C ALA A 112 1.08 -6.03 11.09
N LEU A 113 1.69 -4.87 10.82
CA LEU A 113 2.73 -4.26 11.62
C LEU A 113 2.17 -3.15 12.48
N CYS A 114 1.30 -2.28 11.95
CA CYS A 114 0.72 -1.15 12.66
C CYS A 114 0.08 -1.57 13.99
N VAL A 115 -0.54 -2.76 14.03
CA VAL A 115 -1.08 -3.39 15.25
C VAL A 115 -0.07 -3.51 16.38
N GLU A 116 1.17 -3.91 16.07
CA GLU A 116 2.27 -3.98 17.02
C GLU A 116 3.05 -2.66 17.09
N SER A 117 3.01 -1.83 16.04
CA SER A 117 3.69 -0.54 16.02
C SER A 117 3.02 0.44 16.98
N VAL A 118 1.69 0.56 16.91
CA VAL A 118 0.93 1.47 17.77
C VAL A 118 0.99 1.02 19.22
N ASP A 119 0.90 -0.28 19.49
CA ASP A 119 1.02 -0.81 20.85
C ASP A 119 2.47 -0.73 21.41
N LYS A 120 3.44 -0.50 20.51
CA LYS A 120 4.86 -0.36 20.85
C LYS A 120 5.37 1.08 20.75
N GLU A 121 4.53 2.00 20.32
CA GLU A 121 4.90 3.40 20.06
C GLU A 121 3.70 4.34 20.19
N MET A 122 2.75 3.98 21.05
CA MET A 122 1.51 4.73 21.24
C MET A 122 0.69 4.92 19.94
N GLN A 123 -0.34 5.75 20.03
CA GLN A 123 -1.10 6.19 18.85
C GLN A 123 -0.39 7.26 18.01
N VAL A 124 0.88 7.55 18.27
CA VAL A 124 1.64 8.56 17.52
C VAL A 124 2.42 7.94 16.36
N LEU A 125 2.58 6.61 16.36
CA LEU A 125 3.38 5.90 15.36
C LEU A 125 2.66 5.83 14.03
N VAL A 126 1.45 5.26 14.03
CA VAL A 126 0.59 5.18 12.84
C VAL A 126 0.36 6.55 12.20
N SER A 127 0.31 7.61 13.02
CA SER A 127 0.13 8.99 12.58
C SER A 127 1.26 9.42 11.65
N ARG A 128 2.47 8.94 11.90
CA ARG A 128 3.63 9.16 11.03
C ARG A 128 3.61 8.28 9.80
N ILE A 129 3.32 6.98 9.92
CA ILE A 129 3.23 6.04 8.79
C ILE A 129 2.28 6.57 7.71
N ALA A 130 1.19 7.22 8.11
CA ALA A 130 0.23 7.79 7.18
C ALA A 130 0.83 8.90 6.30
N ALA A 131 1.63 9.78 6.89
CA ALA A 131 2.36 10.81 6.13
C ALA A 131 3.60 10.27 5.42
N TRP A 132 4.26 9.25 5.97
CA TRP A 132 5.46 8.64 5.38
C TRP A 132 5.22 8.12 3.98
N MET A 133 4.12 7.39 3.79
CA MET A 133 3.73 6.96 2.45
C MET A 133 3.52 8.14 1.50
N ALA A 134 3.05 9.28 1.98
CA ALA A 134 2.78 10.47 1.20
C ALA A 134 4.07 11.07 0.67
N THR A 135 5.03 11.27 1.56
CA THR A 135 6.35 11.80 1.21
C THR A 135 7.13 10.79 0.37
N TYR A 136 6.96 9.49 0.61
CA TYR A 136 7.66 8.44 -0.14
C TYR A 136 7.13 8.31 -1.58
N LEU A 137 5.82 8.15 -1.75
CA LEU A 137 5.19 8.09 -3.07
C LEU A 137 5.54 9.34 -3.90
N ASN A 138 5.60 10.49 -3.25
CA ASN A 138 5.98 11.73 -3.93
C ASN A 138 7.49 11.83 -4.20
N ASP A 139 8.34 11.32 -3.29
CA ASP A 139 9.81 11.34 -3.40
C ASP A 139 10.27 10.77 -4.75
N HIS A 140 9.84 9.53 -5.03
CA HIS A 140 10.21 8.82 -6.26
C HIS A 140 9.24 7.68 -6.56
N LEU A 141 8.00 8.04 -6.88
CA LEU A 141 6.98 7.06 -7.23
C LEU A 141 5.86 7.62 -8.09
N GLU A 142 5.40 8.84 -7.83
CA GLU A 142 4.41 9.58 -8.64
C GLU A 142 4.87 9.76 -10.10
N PRO A 143 6.04 10.39 -10.33
CA PRO A 143 6.56 10.55 -11.69
C PRO A 143 7.06 9.22 -12.29
N TRP A 144 7.37 8.24 -11.44
CA TRP A 144 7.90 6.94 -11.86
C TRP A 144 6.81 5.99 -12.36
N ILE A 145 5.82 5.73 -11.51
CA ILE A 145 4.66 4.90 -11.83
C ILE A 145 3.92 5.43 -13.05
N GLN A 146 3.92 6.76 -13.24
CA GLN A 146 3.27 7.40 -14.39
C GLN A 146 3.79 6.82 -15.70
N GLU A 147 5.10 6.85 -15.91
CA GLU A 147 5.74 6.30 -17.09
C GLU A 147 5.73 4.77 -17.11
N ASN A 148 5.66 4.15 -15.93
CA ASN A 148 5.51 2.70 -15.80
C ASN A 148 4.10 2.21 -16.17
N GLY A 149 3.10 3.10 -16.21
CA GLY A 149 1.70 2.75 -16.40
C GLY A 149 1.15 1.81 -15.32
N GLY A 150 1.78 1.74 -14.14
CA GLY A 150 1.40 0.79 -13.09
C GLY A 150 -0.06 0.91 -12.65
N TRP A 151 -0.53 2.12 -12.38
CA TRP A 151 -1.94 2.39 -12.07
C TRP A 151 -2.89 2.01 -13.22
N ASP A 152 -2.42 2.18 -14.46
CA ASP A 152 -3.14 1.79 -15.69
C ASP A 152 -3.27 0.27 -15.82
N THR A 153 -2.25 -0.47 -15.40
CA THR A 153 -2.26 -1.94 -15.42
C THR A 153 -3.24 -2.51 -14.41
N PHE A 154 -3.49 -1.78 -13.32
CA PHE A 154 -4.45 -2.17 -12.29
C PHE A 154 -5.90 -1.99 -12.76
N VAL A 155 -6.25 -0.78 -13.20
CA VAL A 155 -7.61 -0.49 -13.70
C VAL A 155 -7.99 -1.42 -14.84
N GLU A 156 -7.02 -1.83 -15.65
CA GLU A 156 -7.22 -2.79 -16.73
C GLU A 156 -7.14 -4.24 -16.25
N LEU A 157 -6.44 -4.52 -15.15
CA LEU A 157 -6.35 -5.87 -14.60
C LEU A 157 -7.73 -6.40 -14.18
N TYR A 158 -8.57 -5.51 -13.66
CA TYR A 158 -9.90 -5.87 -13.15
C TYR A 158 -11.02 -5.30 -14.01
N GLY A 159 -10.75 -4.18 -14.69
CA GLY A 159 -11.70 -3.51 -15.56
C GLY A 159 -11.59 -3.93 -17.02
N ASN A 160 -10.46 -4.55 -17.42
CA ASN A 160 -10.17 -4.95 -18.79
C ASN A 160 -10.33 -3.81 -19.81
N ASN A 161 -10.25 -2.54 -19.34
CA ASN A 161 -10.49 -1.37 -20.18
C ASN A 161 -9.44 -1.24 -21.29
N ALA A 162 -8.18 -1.52 -20.95
CA ALA A 162 -7.06 -1.48 -21.88
C ALA A 162 -6.71 -2.88 -22.38
N ALA A 163 -7.69 -3.81 -22.41
CA ALA A 163 -7.47 -5.20 -22.84
C ALA A 163 -7.96 -5.46 -24.27
N ALA A 164 -9.16 -5.00 -24.60
CA ALA A 164 -9.75 -5.10 -25.93
C ALA A 164 -9.80 -3.75 -26.67
N GLU A 165 -8.93 -2.83 -26.28
CA GLU A 165 -8.89 -1.46 -26.84
C GLU A 165 -7.46 -1.10 -27.29
N SER A 166 -6.51 -1.13 -26.34
CA SER A 166 -5.12 -0.73 -26.57
C SER A 166 -4.13 -1.59 -25.78
N ARG A 167 -4.28 -2.92 -25.86
CA ARG A 167 -3.41 -3.87 -25.13
C ARG A 167 -2.22 -4.32 -25.96
N LYS A 168 -2.51 -4.69 -27.20
CA LYS A 168 -1.51 -5.13 -28.20
C LYS A 168 -1.07 -4.00 -29.13
N GLY A 169 -1.30 -2.75 -28.73
CA GLY A 169 -0.99 -1.59 -29.55
C GLY A 169 0.51 -1.42 -29.80
N GLN A 170 1.32 -1.57 -28.76
CA GLN A 170 2.78 -1.53 -28.89
C GLN A 170 3.36 -2.87 -29.36
N GLU A 171 2.84 -3.98 -28.83
CA GLU A 171 3.29 -5.32 -29.19
C GLU A 171 2.31 -6.40 -28.70
N ARG A 172 1.91 -6.30 -27.43
CA ARG A 172 1.01 -7.26 -26.76
C ARG A 172 0.54 -6.82 -25.37
N LEU A 173 1.44 -6.19 -24.61
CA LEU A 173 1.23 -5.69 -23.24
C LEU A 173 2.34 -4.72 -22.79
N GLU A 174 3.12 -4.14 -23.71
CA GLU A 174 4.24 -3.25 -23.34
C GLU A 174 3.75 -2.01 -22.56
N GLU B 1 19.86 1.37 14.54
CA GLU B 1 20.41 0.03 14.35
C GLU B 1 19.41 -1.07 14.74
N GLU B 2 18.55 -1.49 13.81
CA GLU B 2 17.56 -2.54 14.09
C GLU B 2 17.93 -3.84 13.37
N GLN B 3 17.88 -4.95 14.09
CA GLN B 3 18.14 -6.27 13.53
C GLN B 3 16.92 -6.84 12.80
N TRP B 4 15.71 -6.54 13.26
CA TRP B 4 14.45 -6.95 12.65
C TRP B 4 14.07 -6.08 11.45
N ALA B 5 14.79 -4.97 11.23
CA ALA B 5 14.58 -4.10 10.07
C ALA B 5 14.92 -4.84 8.77
N ARG B 6 15.72 -5.90 8.85
CA ARG B 6 15.98 -6.75 7.70
C ARG B 6 14.74 -7.54 7.27
N GLU B 7 13.93 -8.01 8.21
CA GLU B 7 12.74 -8.81 7.91
C GLU B 7 11.54 -7.92 7.60
N ILE B 8 11.37 -6.81 8.32
CA ILE B 8 10.29 -5.87 8.05
C ILE B 8 10.32 -5.32 6.63
N GLY B 9 11.49 -5.25 6.00
CA GLY B 9 11.63 -4.78 4.62
C GLY B 9 11.70 -5.94 3.63
N ALA B 10 12.39 -7.04 4.00
CA ALA B 10 12.51 -8.21 3.13
C ALA B 10 11.18 -8.92 2.92
N GLN B 11 10.40 -9.09 3.99
CA GLN B 11 9.09 -9.72 3.95
C GLN B 11 8.03 -8.82 3.30
N LEU B 12 8.22 -7.50 3.41
CA LEU B 12 7.35 -6.54 2.74
C LEU B 12 7.50 -6.62 1.24
N ARG B 13 8.74 -6.65 0.73
CA ARG B 13 8.99 -6.79 -0.71
C ARG B 13 8.99 -8.26 -1.14
N ARG B 14 8.91 -9.22 -0.24
CA ARG B 14 8.99 -10.66 -0.58
C ARG B 14 7.99 -11.06 -1.64
N MET B 15 6.71 -10.89 -1.33
CA MET B 15 5.62 -11.21 -2.24
C MET B 15 5.32 -10.02 -3.14
N ALA B 16 5.43 -8.80 -2.62
CA ALA B 16 5.27 -7.61 -3.45
C ALA B 16 6.22 -7.55 -4.66
N ASP B 17 7.40 -8.15 -4.57
CA ASP B 17 8.33 -8.33 -5.69
C ASP B 17 7.68 -8.95 -6.93
N ASP B 18 6.59 -9.71 -6.75
CA ASP B 18 5.80 -10.24 -7.86
C ASP B 18 5.16 -9.15 -8.71
N LEU B 19 5.19 -7.88 -8.27
CA LEU B 19 4.80 -6.73 -9.10
C LEU B 19 5.41 -6.71 -10.49
N ASN B 20 6.58 -7.34 -10.67
CA ASN B 20 7.26 -7.45 -11.96
C ASN B 20 6.37 -8.07 -13.04
N ALA B 21 5.42 -8.92 -12.64
CA ALA B 21 4.40 -9.47 -13.51
C ALA B 21 3.59 -8.41 -14.28
N GLN B 22 3.58 -7.18 -13.77
CA GLN B 22 2.93 -6.00 -14.32
C GLN B 22 1.48 -5.91 -13.85
N TYR B 23 0.88 -7.03 -13.45
CA TYR B 23 -0.51 -7.17 -13.04
C TYR B 23 -0.87 -8.64 -12.70
N GLU B 24 -0.29 -9.59 -13.43
CA GLU B 24 -0.58 -11.03 -13.30
C GLU B 24 0.53 -11.76 -12.53
N ARG B 25 0.60 -11.50 -11.22
CA ARG B 25 1.57 -12.15 -10.30
C ARG B 25 1.72 -13.66 -10.56
N MET A 1 -4.25 13.00 -11.27
CA MET A 1 -3.10 13.69 -10.65
C MET A 1 -3.49 14.35 -9.34
N SER A 2 -4.64 15.05 -9.30
CA SER A 2 -5.14 15.75 -8.12
C SER A 2 -4.28 16.97 -7.75
N ALA A 3 -3.10 16.73 -7.19
CA ALA A 3 -2.12 17.76 -6.87
C ALA A 3 -0.71 17.18 -6.71
N MET A 4 -0.56 16.25 -5.77
CA MET A 4 0.72 15.62 -5.43
C MET A 4 0.53 14.41 -4.50
N SER A 5 -0.32 14.57 -3.48
CA SER A 5 -0.54 13.53 -2.46
C SER A 5 -1.91 13.66 -1.80
N GLN A 6 -2.84 14.40 -2.42
CA GLN A 6 -4.18 14.66 -1.88
C GLN A 6 -4.99 13.37 -1.74
N SER A 7 -5.19 12.69 -2.88
CA SER A 7 -5.92 11.42 -2.91
C SER A 7 -5.04 10.26 -2.43
N ASN A 8 -3.71 10.37 -2.59
CA ASN A 8 -2.78 9.34 -2.15
C ASN A 8 -2.81 9.19 -0.63
N ARG A 9 -2.71 10.31 0.11
CA ARG A 9 -2.77 10.28 1.58
C ARG A 9 -4.11 9.76 2.09
N GLU A 10 -5.19 10.24 1.48
CA GLU A 10 -6.54 9.78 1.83
C GLU A 10 -6.75 8.29 1.56
N LEU A 11 -6.14 7.75 0.49
CA LEU A 11 -6.20 6.32 0.17
C LEU A 11 -5.52 5.47 1.25
N VAL A 12 -4.30 5.85 1.64
CA VAL A 12 -3.54 5.04 2.61
C VAL A 12 -4.28 5.05 3.93
N VAL A 13 -4.67 6.24 4.38
CA VAL A 13 -5.42 6.40 5.62
C VAL A 13 -6.76 5.66 5.57
N ASP A 14 -7.46 5.69 4.42
CA ASP A 14 -8.76 5.01 4.25
C ASP A 14 -8.68 3.53 4.61
N PHE A 15 -7.66 2.87 4.06
CA PHE A 15 -7.44 1.46 4.32
C PHE A 15 -6.88 1.20 5.72
N LEU A 16 -5.89 2.01 6.14
CA LEU A 16 -5.29 1.93 7.48
C LEU A 16 -6.34 2.04 8.58
N SER A 17 -7.27 2.97 8.43
CA SER A 17 -8.38 3.16 9.35
C SER A 17 -9.28 1.95 9.44
N TYR A 18 -9.45 1.23 8.34
CA TYR A 18 -10.19 -0.02 8.30
C TYR A 18 -9.44 -1.17 8.97
N LYS A 19 -8.10 -1.20 8.86
CA LYS A 19 -7.25 -2.21 9.52
C LYS A 19 -7.27 -2.12 11.04
N LEU A 20 -7.28 -0.90 11.57
CA LEU A 20 -7.37 -0.67 13.02
C LEU A 20 -8.81 -0.77 13.53
N SER A 21 -9.80 -0.55 12.65
CA SER A 21 -11.22 -0.66 12.99
C SER A 21 -11.60 -2.04 13.51
N GLN A 22 -10.95 -3.08 12.98
CA GLN A 22 -11.16 -4.46 13.40
C GLN A 22 -10.81 -4.67 14.88
N LYS A 23 -9.90 -3.86 15.42
CA LYS A 23 -9.52 -3.86 16.83
C LYS A 23 -10.45 -3.00 17.70
N GLY A 24 -10.93 -1.88 17.16
CA GLY A 24 -11.87 -1.02 17.86
C GLY A 24 -12.29 0.21 17.05
N TYR A 25 -11.33 0.92 16.46
CA TYR A 25 -11.56 2.14 15.68
C TYR A 25 -10.28 2.55 14.95
N SER A 26 -10.35 3.65 14.21
CA SER A 26 -9.18 4.27 13.60
C SER A 26 -8.59 5.40 14.45
N TRP A 27 -7.32 5.75 14.22
CA TRP A 27 -6.66 6.93 14.80
C TRP A 27 -7.40 8.24 14.56
N SER A 28 -8.16 8.34 13.46
CA SER A 28 -8.98 9.51 13.15
C SER A 28 -10.20 9.65 14.08
N GLN A 29 -10.45 8.64 14.92
CA GLN A 29 -11.55 8.62 15.88
C GLN A 29 -12.91 8.63 15.18
N PHE A 30 -13.13 7.67 14.28
CA PHE A 30 -14.38 7.59 13.52
C PHE A 30 -14.51 6.29 12.74
N SER A 31 -13.36 5.77 12.29
CA SER A 31 -13.30 4.56 11.46
C SER A 31 -14.15 4.67 10.18
N ASP A 32 -13.63 5.37 9.19
CA ASP A 32 -14.32 5.56 7.91
C ASP A 32 -13.32 5.69 6.76
N VAL A 33 -12.64 6.83 6.68
CA VAL A 33 -11.70 7.15 5.60
C VAL A 33 -10.52 7.96 6.15
N GLU A 34 -10.75 9.25 6.44
CA GLU A 34 -9.71 10.15 6.91
C GLU A 34 -10.29 11.38 7.61
N GLU A 35 -11.12 12.13 6.89
CA GLU A 35 -11.74 13.37 7.39
C GLU A 35 -13.16 13.55 6.85
N ASN A 36 -13.80 12.45 6.43
CA ASN A 36 -15.15 12.43 5.84
C ASN A 36 -15.25 13.20 4.51
N ARG A 37 -14.28 12.97 3.60
CA ARG A 37 -14.16 13.67 2.32
C ARG A 37 -13.44 12.78 1.30
N THR A 38 -14.06 11.66 0.92
CA THR A 38 -13.51 10.78 -0.15
C THR A 38 -13.16 11.52 -1.45
N GLU A 39 -13.83 12.66 -1.70
CA GLU A 39 -13.62 13.49 -2.88
C GLU A 39 -13.89 12.69 -4.17
N ALA A 40 -15.06 12.05 -4.27
CA ALA A 40 -15.38 11.20 -5.41
C ALA A 40 -15.10 11.92 -6.75
N PRO A 41 -14.07 11.50 -7.52
CA PRO A 41 -13.68 12.19 -8.75
C PRO A 41 -14.69 11.95 -9.87
N GLU A 42 -15.16 10.70 -9.99
CA GLU A 42 -16.14 10.29 -11.00
C GLU A 42 -16.92 9.06 -10.56
N GLY A 43 -16.23 7.94 -10.32
CA GLY A 43 -16.85 6.67 -9.91
C GLY A 43 -16.46 5.48 -10.80
N THR A 44 -16.19 5.72 -12.08
CA THR A 44 -15.76 4.68 -13.06
C THR A 44 -14.24 4.49 -13.11
N GLU A 45 -13.55 4.84 -12.03
CA GLU A 45 -12.08 4.75 -11.97
C GLU A 45 -11.61 4.68 -10.51
N SER A 46 -12.19 5.54 -9.66
CA SER A 46 -11.88 5.60 -8.22
C SER A 46 -12.54 4.50 -7.43
N GLU A 47 -13.81 4.20 -7.72
CA GLU A 47 -14.54 3.13 -7.02
C GLU A 47 -13.97 1.75 -7.38
N ALA A 48 -13.49 1.57 -8.62
CA ALA A 48 -12.87 0.33 -9.07
C ALA A 48 -11.46 0.16 -8.49
N VAL A 49 -10.60 1.18 -8.57
CA VAL A 49 -9.25 1.10 -7.98
C VAL A 49 -9.28 0.88 -6.48
N LYS A 50 -10.25 1.51 -5.80
CA LYS A 50 -10.37 1.45 -4.35
C LYS A 50 -10.87 0.10 -3.89
N GLN A 51 -11.83 -0.47 -4.63
CA GLN A 51 -12.33 -1.80 -4.33
C GLN A 51 -11.32 -2.89 -4.69
N ALA A 52 -10.58 -2.70 -5.77
CA ALA A 52 -9.55 -3.63 -6.22
C ALA A 52 -8.42 -3.74 -5.20
N LEU A 53 -8.06 -2.62 -4.55
CA LEU A 53 -7.01 -2.58 -3.53
C LEU A 53 -7.28 -3.55 -2.40
N ARG A 54 -8.55 -3.70 -2.02
CA ARG A 54 -8.96 -4.67 -1.01
C ARG A 54 -8.94 -6.10 -1.57
N GLU A 55 -9.53 -6.33 -2.74
CA GLU A 55 -9.65 -7.64 -3.39
C GLU A 55 -8.28 -8.28 -3.69
N ALA A 56 -7.44 -7.55 -4.44
CA ALA A 56 -6.08 -8.01 -4.68
C ALA A 56 -5.18 -7.80 -3.45
N GLY A 57 -5.58 -6.95 -2.50
CA GLY A 57 -4.85 -6.69 -1.25
C GLY A 57 -4.75 -7.90 -0.31
N ASP A 58 -5.48 -8.97 -0.62
CA ASP A 58 -5.43 -10.27 0.06
C ASP A 58 -4.87 -11.39 -0.83
N GLU A 59 -5.01 -11.27 -2.14
CA GLU A 59 -4.50 -12.26 -3.09
C GLU A 59 -3.07 -11.96 -3.55
N PHE A 60 -2.58 -10.76 -3.24
CA PHE A 60 -1.23 -10.30 -3.54
C PHE A 60 -0.15 -11.28 -3.05
N GLU A 61 -0.41 -11.94 -1.93
CA GLU A 61 0.44 -12.96 -1.35
C GLU A 61 0.05 -14.37 -1.75
N LEU A 62 -1.25 -14.61 -1.97
CA LEU A 62 -1.81 -15.89 -2.34
C LEU A 62 -1.27 -16.39 -3.67
N ARG A 63 -1.25 -15.50 -4.68
CA ARG A 63 -0.73 -15.79 -6.01
C ARG A 63 0.75 -16.15 -5.96
N TYR A 64 1.52 -15.37 -5.20
CA TYR A 64 2.95 -15.55 -5.05
C TYR A 64 3.28 -16.86 -4.33
N ARG A 65 2.77 -17.01 -3.10
CA ARG A 65 2.93 -18.18 -2.23
C ARG A 65 4.37 -18.67 -2.15
N ARG A 66 5.17 -18.06 -1.28
CA ARG A 66 6.58 -18.41 -1.11
C ARG A 66 7.07 -18.29 0.32
N ALA A 67 6.95 -17.10 0.89
CA ALA A 67 7.44 -16.79 2.23
C ALA A 67 6.39 -15.97 2.97
N PHE A 68 5.22 -16.58 3.22
CA PHE A 68 4.15 -15.94 3.99
C PHE A 68 4.66 -15.35 5.30
N SER A 69 5.54 -16.10 5.97
CA SER A 69 6.07 -15.72 7.28
C SER A 69 4.96 -15.26 8.25
N ASP A 70 5.35 -14.65 9.37
CA ASP A 70 4.42 -14.09 10.36
C ASP A 70 4.05 -12.65 10.04
N LEU A 71 5.04 -11.77 9.86
CA LEU A 71 4.82 -10.34 9.55
C LEU A 71 3.93 -9.61 10.54
N THR A 72 4.16 -9.86 11.84
CA THR A 72 3.33 -9.34 12.94
C THR A 72 3.94 -9.60 14.30
N SER A 73 4.55 -10.77 14.46
CA SER A 73 5.24 -11.10 15.70
C SER A 73 6.45 -10.20 15.90
N GLN A 74 6.97 -10.18 17.14
CA GLN A 74 8.14 -9.38 17.54
C GLN A 74 7.93 -7.88 17.30
N LEU A 75 8.12 -7.42 16.06
CA LEU A 75 7.99 -6.02 15.66
C LEU A 75 8.72 -5.09 16.63
N HIS A 76 10.02 -5.32 16.78
CA HIS A 76 10.85 -4.52 17.69
C HIS A 76 12.13 -4.09 17.00
N ILE A 77 12.48 -2.83 17.20
CA ILE A 77 13.64 -2.20 16.56
C ILE A 77 14.24 -1.17 17.50
N THR A 78 13.62 0.01 17.58
CA THR A 78 14.07 1.10 18.45
C THR A 78 13.14 2.32 18.32
N PRO A 79 13.09 3.19 19.36
CA PRO A 79 12.34 4.44 19.38
C PRO A 79 12.99 5.53 18.50
N GLY A 80 12.85 5.40 17.19
CA GLY A 80 13.42 6.35 16.24
C GLY A 80 13.76 5.75 14.89
N THR A 81 13.83 4.42 14.80
CA THR A 81 14.03 3.72 13.52
C THR A 81 12.72 3.33 12.83
N ALA A 82 11.58 3.72 13.39
CA ALA A 82 10.28 3.48 12.78
C ALA A 82 10.20 3.99 11.33
N TYR A 83 10.79 5.16 11.03
CA TYR A 83 10.85 5.69 9.66
C TYR A 83 11.78 4.88 8.75
N GLN A 84 12.85 4.32 9.32
CA GLN A 84 13.85 3.51 8.61
C GLN A 84 13.24 2.23 8.05
N SER A 85 12.25 1.67 8.76
CA SER A 85 11.47 0.52 8.30
C SER A 85 10.86 0.79 6.93
N PHE A 86 10.10 1.89 6.80
CA PHE A 86 9.48 2.25 5.54
C PHE A 86 10.48 2.56 4.43
N GLU A 87 11.53 3.31 4.76
CA GLU A 87 12.62 3.57 3.81
C GLU A 87 13.26 2.30 3.27
N GLN A 88 13.48 1.31 4.14
CA GLN A 88 14.01 0.01 3.76
C GLN A 88 13.01 -0.80 2.95
N VAL A 89 11.71 -0.65 3.22
CA VAL A 89 10.65 -1.35 2.51
C VAL A 89 10.74 -1.10 1.02
N VAL A 90 10.56 0.16 0.62
CA VAL A 90 10.64 0.59 -0.77
C VAL A 90 12.06 0.45 -1.33
N ASN A 91 13.10 0.58 -0.49
CA ASN A 91 14.50 0.39 -0.88
C ASN A 91 14.88 -1.08 -1.14
N GLU A 92 14.08 -2.03 -0.65
CA GLU A 92 14.29 -3.45 -0.90
C GLU A 92 13.21 -4.02 -1.82
N LEU A 93 12.11 -3.27 -2.02
CA LEU A 93 11.02 -3.63 -2.91
C LEU A 93 11.26 -3.17 -4.34
N PHE A 94 12.01 -2.08 -4.52
CA PHE A 94 12.38 -1.62 -5.84
C PHE A 94 13.51 -2.44 -6.48
N ARG A 95 14.02 -3.46 -5.78
CA ARG A 95 15.07 -4.34 -6.27
C ARG A 95 14.77 -5.01 -7.61
N ASP A 96 13.48 -5.12 -7.94
CA ASP A 96 12.95 -5.66 -9.20
C ASP A 96 12.23 -4.60 -10.04
N GLY A 97 11.76 -3.51 -9.42
CA GLY A 97 11.14 -2.40 -10.15
C GLY A 97 9.92 -1.83 -9.46
N VAL A 98 10.08 -1.06 -8.37
CA VAL A 98 8.96 -0.50 -7.58
C VAL A 98 7.69 -0.24 -8.40
N ASN A 99 6.56 -0.82 -8.00
CA ASN A 99 5.33 -0.64 -8.73
C ASN A 99 4.11 -0.80 -7.83
N TRP A 100 2.93 -1.06 -8.40
CA TRP A 100 1.72 -1.40 -7.65
C TRP A 100 1.93 -2.46 -6.55
N GLY A 101 2.91 -3.36 -6.69
CA GLY A 101 3.22 -4.32 -5.64
C GLY A 101 3.61 -3.66 -4.32
N ARG A 102 4.25 -2.49 -4.31
CA ARG A 102 4.49 -1.74 -3.06
C ARG A 102 3.22 -1.40 -2.30
N ILE A 103 2.11 -1.22 -3.02
CA ILE A 103 0.81 -0.85 -2.51
C ILE A 103 0.19 -2.00 -1.73
N VAL A 104 0.21 -3.21 -2.31
CA VAL A 104 -0.29 -4.41 -1.63
C VAL A 104 0.59 -4.84 -0.47
N ALA A 105 1.89 -4.57 -0.58
CA ALA A 105 2.87 -4.94 0.41
C ALA A 105 2.67 -4.18 1.71
N PHE A 106 2.63 -2.84 1.61
CA PHE A 106 2.35 -2.00 2.76
C PHE A 106 0.89 -2.13 3.21
N PHE A 107 -0.02 -2.59 2.35
CA PHE A 107 -1.43 -2.77 2.69
C PHE A 107 -1.59 -3.77 3.82
N SER A 108 -1.21 -5.02 3.55
CA SER A 108 -1.39 -6.08 4.53
C SER A 108 -0.36 -5.98 5.63
N PHE A 109 0.92 -5.81 5.26
CA PHE A 109 2.02 -5.70 6.20
C PHE A 109 1.87 -4.47 7.09
N GLY A 110 1.63 -3.29 6.50
CA GLY A 110 1.45 -2.04 7.22
C GLY A 110 0.29 -2.11 8.21
N GLY A 111 -0.86 -2.64 7.81
CA GLY A 111 -1.98 -2.87 8.72
C GLY A 111 -1.67 -3.86 9.85
N ALA A 112 -0.96 -4.94 9.54
CA ALA A 112 -0.51 -5.95 10.50
C ALA A 112 0.60 -5.45 11.44
N LEU A 113 1.41 -4.50 11.00
CA LEU A 113 2.42 -3.84 11.83
C LEU A 113 1.81 -2.68 12.62
N CYS A 114 0.71 -2.11 12.15
CA CYS A 114 0.06 -0.97 12.80
C CYS A 114 -0.72 -1.41 14.03
N VAL A 115 -1.44 -2.53 13.96
CA VAL A 115 -2.17 -3.10 15.11
C VAL A 115 -1.27 -3.38 16.31
N GLU A 116 0.00 -3.73 16.07
CA GLU A 116 0.98 -4.00 17.12
C GLU A 116 1.79 -2.75 17.46
N SER A 117 2.00 -1.85 16.49
CA SER A 117 2.72 -0.58 16.67
C SER A 117 1.90 0.41 17.49
N VAL A 118 0.64 0.64 17.14
CA VAL A 118 -0.26 1.54 17.88
C VAL A 118 -0.46 1.10 19.33
N ASP A 119 -0.58 -0.20 19.57
CA ASP A 119 -0.68 -0.76 20.92
C ASP A 119 0.67 -0.73 21.68
N LYS A 120 1.77 -0.46 20.97
CA LYS A 120 3.14 -0.35 21.51
C LYS A 120 3.77 1.03 21.41
N GLU A 121 2.97 2.00 20.97
CA GLU A 121 3.40 3.38 20.73
C GLU A 121 2.23 4.36 20.74
N MET A 122 1.13 4.01 21.42
CA MET A 122 -0.09 4.82 21.45
C MET A 122 -0.70 5.04 20.06
N GLN A 123 -1.78 5.82 20.00
CA GLN A 123 -2.40 6.24 18.73
C GLN A 123 -1.60 7.31 17.96
N VAL A 124 -0.41 7.66 18.43
CA VAL A 124 0.46 8.64 17.78
C VAL A 124 1.34 8.02 16.72
N LEU A 125 1.53 6.70 16.74
CA LEU A 125 2.43 5.99 15.83
C LEU A 125 1.85 5.92 14.43
N VAL A 126 0.67 5.34 14.32
CA VAL A 126 -0.07 5.22 13.05
C VAL A 126 -0.25 6.58 12.38
N SER A 127 -0.49 7.62 13.19
CA SER A 127 -0.66 8.99 12.71
C SER A 127 0.55 9.46 11.90
N ARG A 128 1.74 8.97 12.28
CA ARG A 128 2.99 9.26 11.57
C ARG A 128 3.13 8.40 10.32
N ILE A 129 2.93 7.08 10.44
CA ILE A 129 3.02 6.14 9.32
C ILE A 129 2.12 6.58 8.15
N ALA A 130 0.91 7.03 8.46
CA ALA A 130 -0.05 7.50 7.45
C ALA A 130 0.53 8.59 6.54
N ALA A 131 1.19 9.58 7.16
CA ALA A 131 1.90 10.62 6.43
C ALA A 131 3.19 10.10 5.78
N TRP A 132 3.96 9.25 6.47
CA TRP A 132 5.22 8.68 5.99
C TRP A 132 5.05 7.93 4.69
N MET A 133 3.94 7.21 4.54
CA MET A 133 3.59 6.52 3.30
C MET A 133 3.60 7.46 2.11
N ALA A 134 2.87 8.57 2.22
CA ALA A 134 2.83 9.59 1.18
C ALA A 134 4.14 10.37 1.10
N THR A 135 4.89 10.50 2.20
CA THR A 135 6.18 11.21 2.24
C THR A 135 7.16 10.62 1.24
N TYR A 136 7.38 9.31 1.29
CA TYR A 136 8.30 8.65 0.36
C TYR A 136 7.71 8.53 -1.04
N LEU A 137 6.43 8.12 -1.13
CA LEU A 137 5.73 8.02 -2.40
C LEU A 137 5.77 9.34 -3.18
N ASN A 138 5.59 10.46 -2.49
CA ASN A 138 5.67 11.78 -3.10
C ASN A 138 7.12 12.20 -3.38
N ASP A 139 8.07 11.85 -2.52
CA ASP A 139 9.50 12.18 -2.67
C ASP A 139 10.00 11.82 -4.06
N HIS A 140 9.80 10.55 -4.45
CA HIS A 140 10.25 10.05 -5.74
C HIS A 140 9.55 8.78 -6.19
N LEU A 141 8.22 8.82 -6.35
CA LEU A 141 7.43 7.64 -6.71
C LEU A 141 6.13 7.96 -7.44
N GLU A 142 5.45 9.04 -7.09
CA GLU A 142 4.28 9.61 -7.76
C GLU A 142 4.51 9.85 -9.26
N PRO A 143 5.55 10.62 -9.63
CA PRO A 143 5.88 10.83 -11.04
C PRO A 143 6.52 9.59 -11.68
N TRP A 144 7.03 8.66 -10.88
CA TRP A 144 7.66 7.44 -11.37
C TRP A 144 6.62 6.41 -11.82
N ILE A 145 5.72 6.03 -10.92
CA ILE A 145 4.64 5.07 -11.22
C ILE A 145 3.73 5.57 -12.33
N GLN A 146 3.53 6.89 -12.43
CA GLN A 146 2.70 7.50 -13.45
C GLN A 146 3.15 7.07 -14.85
N GLU A 147 4.43 7.26 -15.16
CA GLU A 147 5.01 6.85 -16.44
C GLU A 147 5.11 5.32 -16.58
N ASN A 148 5.28 4.61 -15.46
CA ASN A 148 5.28 3.15 -15.44
C ASN A 148 3.88 2.57 -15.73
N GLY A 149 2.83 3.39 -15.56
CA GLY A 149 1.44 2.94 -15.69
C GLY A 149 1.01 2.03 -14.54
N GLY A 150 1.70 2.01 -13.39
CA GLY A 150 1.44 1.03 -12.33
C GLY A 150 -0.02 0.99 -11.85
N TRP A 151 -0.58 2.14 -11.48
CA TRP A 151 -2.02 2.26 -11.19
C TRP A 151 -2.93 1.87 -12.35
N ASP A 152 -2.53 2.15 -13.58
CA ASP A 152 -3.20 1.74 -14.83
C ASP A 152 -3.27 0.21 -14.98
N THR A 153 -2.21 -0.50 -14.52
CA THR A 153 -2.20 -1.97 -14.53
C THR A 153 -3.14 -2.57 -13.49
N PHE A 154 -3.36 -1.85 -12.39
CA PHE A 154 -4.22 -2.33 -11.33
C PHE A 154 -5.71 -2.15 -11.63
N VAL A 155 -6.10 -0.95 -12.07
CA VAL A 155 -7.48 -0.68 -12.49
C VAL A 155 -7.92 -1.66 -13.58
N GLU A 156 -7.08 -1.92 -14.58
CA GLU A 156 -7.37 -2.83 -15.67
C GLU A 156 -7.50 -4.28 -15.21
N LEU A 157 -6.80 -4.63 -14.12
CA LEU A 157 -6.79 -5.95 -13.51
C LEU A 157 -8.17 -6.28 -12.94
N TYR A 158 -8.79 -5.31 -12.25
CA TYR A 158 -10.13 -5.48 -11.72
C TYR A 158 -11.21 -5.50 -12.81
N GLY A 159 -10.96 -4.79 -13.92
CA GLY A 159 -11.90 -4.69 -15.05
C GLY A 159 -12.06 -3.27 -15.58
N ASN A 160 -10.99 -2.48 -15.56
CA ASN A 160 -10.99 -1.08 -16.03
C ASN A 160 -10.13 -0.91 -17.29
N ASN A 161 -9.79 -2.01 -17.97
CA ASN A 161 -8.96 -1.98 -19.18
C ASN A 161 -9.66 -1.26 -20.34
N ALA A 162 -11.00 -1.26 -20.32
CA ALA A 162 -11.82 -0.59 -21.32
C ALA A 162 -12.50 0.67 -20.77
N ALA A 163 -12.71 0.73 -19.45
CA ALA A 163 -13.30 1.91 -18.82
C ALA A 163 -12.41 3.17 -18.95
N ALA A 164 -11.09 2.98 -19.14
CA ALA A 164 -10.12 4.05 -19.40
C ALA A 164 -9.95 4.40 -20.90
N GLU A 165 -10.94 4.06 -21.74
CA GLU A 165 -10.89 4.34 -23.18
C GLU A 165 -11.42 5.74 -23.52
N SER A 166 -12.54 6.12 -22.92
CA SER A 166 -13.18 7.44 -23.10
C SER A 166 -12.70 8.47 -22.08
N ARG A 167 -11.54 8.24 -21.46
CA ARG A 167 -10.96 9.13 -20.45
C ARG A 167 -9.99 10.12 -21.06
N LYS A 168 -9.01 9.61 -21.80
CA LYS A 168 -7.96 10.42 -22.44
C LYS A 168 -8.00 10.30 -23.96
N GLY A 169 -8.37 9.12 -24.47
CA GLY A 169 -8.47 8.83 -25.89
C GLY A 169 -7.37 7.91 -26.40
N GLN A 170 -6.75 7.10 -25.52
CA GLN A 170 -5.65 6.19 -25.88
C GLN A 170 -4.42 6.92 -26.45
N GLU A 171 -4.18 8.14 -26.00
CA GLU A 171 -3.16 9.02 -26.59
C GLU A 171 -2.64 10.07 -25.60
N ARG A 172 -2.47 9.66 -24.34
CA ARG A 172 -2.03 10.58 -23.27
C ARG A 172 -1.54 9.85 -22.03
N LEU A 173 -2.45 9.10 -21.41
CA LEU A 173 -2.17 8.32 -20.20
C LEU A 173 -2.30 6.81 -20.44
N GLU A 174 -3.20 6.42 -21.34
CA GLU A 174 -3.35 5.03 -21.75
C GLU A 174 -2.20 4.57 -22.67
N GLU B 1 19.05 -0.16 17.32
CA GLU B 1 19.40 -0.87 16.08
C GLU B 1 18.18 -1.06 15.18
N GLU B 2 18.41 -1.44 13.92
CA GLU B 2 17.36 -1.65 12.93
C GLU B 2 17.58 -2.94 12.13
N GLN B 3 17.70 -4.07 12.81
CA GLN B 3 17.93 -5.33 12.12
C GLN B 3 16.64 -6.00 11.66
N TRP B 4 15.56 -5.86 12.44
CA TRP B 4 14.24 -6.40 12.11
C TRP B 4 13.67 -5.85 10.80
N ALA B 5 14.10 -4.64 10.41
CA ALA B 5 13.75 -4.04 9.12
C ALA B 5 14.14 -4.88 7.91
N ARG B 6 15.12 -5.77 8.07
CA ARG B 6 15.47 -6.76 7.05
C ARG B 6 14.23 -7.48 6.57
N GLU B 7 13.34 -7.91 7.45
CA GLU B 7 12.13 -8.62 7.06
C GLU B 7 11.01 -7.66 6.66
N ILE B 8 10.97 -6.48 7.25
CA ILE B 8 10.00 -5.42 6.93
C ILE B 8 10.05 -5.01 5.46
N GLY B 9 11.22 -5.15 4.81
CA GLY B 9 11.38 -4.86 3.40
C GLY B 9 11.56 -6.11 2.55
N ALA B 10 12.42 -7.06 2.94
CA ALA B 10 12.60 -8.29 2.15
C ALA B 10 11.39 -9.23 2.21
N GLN B 11 10.90 -9.54 3.41
CA GLN B 11 9.73 -10.39 3.60
C GLN B 11 8.45 -9.74 3.08
N LEU B 12 8.37 -8.42 3.11
CA LEU B 12 7.25 -7.66 2.54
C LEU B 12 7.30 -7.67 1.02
N ARG B 13 8.47 -7.37 0.45
CA ARG B 13 8.66 -7.30 -0.99
C ARG B 13 8.53 -8.68 -1.59
N ARG B 14 8.59 -9.73 -0.77
CA ARG B 14 8.51 -11.12 -1.21
C ARG B 14 7.34 -11.32 -2.16
N MET B 15 6.12 -11.10 -1.68
CA MET B 15 4.91 -11.24 -2.47
C MET B 15 4.65 -10.06 -3.39
N ALA B 16 4.88 -8.85 -2.88
CA ALA B 16 4.73 -7.65 -3.67
C ALA B 16 5.65 -7.58 -4.90
N ASP B 17 6.76 -8.32 -4.90
CA ASP B 17 7.65 -8.54 -6.05
C ASP B 17 6.91 -9.03 -7.30
N ASP B 18 5.73 -9.64 -7.12
CA ASP B 18 4.85 -10.00 -8.22
C ASP B 18 4.49 -8.82 -9.12
N LEU B 19 4.65 -7.57 -8.65
CA LEU B 19 4.57 -6.38 -9.49
C LEU B 19 5.28 -6.48 -10.84
N ASN B 20 6.43 -7.16 -10.89
CA ASN B 20 7.22 -7.33 -12.11
C ASN B 20 6.41 -8.03 -13.21
N ALA B 21 5.56 -8.97 -12.80
CA ALA B 21 4.62 -9.64 -13.67
C ALA B 21 3.73 -8.68 -14.47
N GLN B 22 3.51 -7.47 -13.96
CA GLN B 22 2.79 -6.39 -14.65
C GLN B 22 1.36 -6.80 -14.94
N TYR B 23 0.53 -6.93 -13.89
CA TYR B 23 -0.86 -7.41 -13.98
C TYR B 23 -0.95 -8.93 -14.22
N GLU B 24 -0.15 -9.47 -15.15
CA GLU B 24 -0.17 -10.87 -15.59
C GLU B 24 0.07 -11.84 -14.43
N ARG B 25 -0.99 -12.41 -13.86
CA ARG B 25 -0.87 -13.30 -12.71
C ARG B 25 -0.68 -14.77 -13.12
#